data_7ABR
#
_entry.id   7ABR
#
_cell.length_a   1.00
_cell.length_b   1.00
_cell.length_c   1.00
_cell.angle_alpha   90.00
_cell.angle_beta   90.00
_cell.angle_gamma   90.00
#
_symmetry.space_group_name_H-M   'P 1'
#
loop_
_entity.id
_entity.type
_entity.pdbx_description
1 polymer 'Negative regulator of genetic competence ClpC/MecB'
2 polymer 'substrate polypeptide'
3 non-polymer "ADENOSINE-5'-DIPHOSPHATE"
4 non-polymer "ADENOSINE-5'-TRIPHOSPHATE"
#
loop_
_entity_poly.entity_id
_entity_poly.type
_entity_poly.pdbx_seq_one_letter_code
_entity_poly.pdbx_strand_id
1 'polypeptide(L)'
;MMFGRFTERAQKVLALAQEEALRLGHNNIGTEHILLGLVREGEGIAAKALQALGLGSEKIQKEVESLIGRGQEMSQTIHY
TPRAKKVIELSMDEARKLGHSYVGTEHILLGLIREGEGVAARVLNNLGVSLNKARQQVLQLLGSNETGSSAAGTNSNANT
PTLDSLARDLTAIAKEDSLDPVIGRSKEIQRVIEVLSRRTKNNPVLIGEPGVGKTAIAEGLAQQIINNEVPEILRDKRVM
TLDMGTVVAGTKYRGEFEDRLKKVMDEIRQAGNIILFIDALHTLIGAGGAEGAIDASNILKPSLARGELQCIGATTLDEY
RKYIEKDAALERRFQPIQVDQPSVDESIQILQGLRDRYEAHHRVSITDDAIEAAVKLSDRYISDRFLPDKAIDLIDEAGS
KVRLRSFTTPPNLKELEQKLDEVRKEKDAAVQSQEFEKAASLRDTEQRLREQVEDTKKSWKEKQGQENSEVTVDDIAMVV
SSWTGVPVSKIAQTETDKLLNMENILHSRVIGQDEAVVAVAKAVRRARAGLKDPKRPIGSFIFLGPTGVGKTELARALAE
SIFGDEESMIRIDMSEYMEKHSTSRLVGSPPGYVGYDEGGQLTEKVRRKPYSVVLLDAIEKAHPDVFNILLQVLEDGRLT
DSKGRTVDFRNTILIMTSNVGASELKRNKYVGFNVQDETQNHKDMKDKVMGELKRAFRPEFINRIDEIIVFHSLEKKHLT
EIVSLMSDQLTKRLKEQDLSIELTDAAKAKVAEEGVDLEYGARPLRRAIQKHVEDRLSEELLRGNIHKGQHIVLDVEDGE
FVVKTTAKTNLEHHHHHH
;
A,B,C,D,E,F
2 'polypeptide(L)'
;(UNK)(UNK)(UNK)(UNK)(UNK)(UNK)(UNK)(UNK)(UNK)(UNK)(UNK)(UNK)(UNK)(UNK)(UNK)(UNK)
(UNK)(UNK)(UNK)(UNK)(UNK)(UNK)(UNK)(UNK)(UNK)(UNK)
;
S
#
loop_
_chem_comp.id
_chem_comp.type
_chem_comp.name
_chem_comp.formula
ADP non-polymer ADENOSINE-5'-DIPHOSPHATE 'C10 H15 N5 O10 P2'
ATP non-polymer ADENOSINE-5'-TRIPHOSPHATE 'C10 H16 N5 O13 P3'
#
# COMPACT_ATOMS: atom_id res chain seq x y z
N ALA A 158 -17.37 46.17 8.65
CA ALA A 158 -16.36 45.16 8.33
C ALA A 158 -16.32 44.06 9.38
N ASN A 159 -17.46 43.39 9.57
CA ASN A 159 -17.56 42.32 10.54
C ASN A 159 -17.61 40.96 9.85
N THR A 160 -17.53 39.91 10.67
CA THR A 160 -17.38 38.53 10.19
C THR A 160 -18.55 37.72 10.69
N PRO A 161 -19.57 37.51 9.89
CA PRO A 161 -20.68 36.66 10.31
C PRO A 161 -20.26 35.22 10.49
N THR A 162 -19.74 34.60 9.42
CA THR A 162 -19.50 33.17 9.44
C THR A 162 -18.37 32.81 10.39
N LEU A 163 -17.26 33.53 10.30
CA LEU A 163 -16.14 33.21 11.17
C LEU A 163 -16.53 33.32 12.63
N ASP A 164 -17.41 34.27 12.96
CA ASP A 164 -17.92 34.33 14.31
C ASP A 164 -18.93 33.24 14.58
N SER A 165 -19.56 32.71 13.53
CA SER A 165 -20.54 31.66 13.74
C SER A 165 -19.88 30.35 14.07
N LEU A 166 -18.75 30.05 13.44
CA LEU A 166 -18.14 28.73 13.55
C LEU A 166 -16.79 28.72 14.24
N ALA A 167 -16.36 29.83 14.82
CA ALA A 167 -15.06 29.88 15.49
C ALA A 167 -15.18 30.73 16.73
N ARG A 168 -14.78 30.17 17.87
CA ARG A 168 -14.93 30.91 19.12
C ARG A 168 -13.95 32.06 19.19
N ASP A 169 -14.41 33.18 19.71
CA ASP A 169 -13.64 34.42 19.72
C ASP A 169 -12.94 34.53 21.07
N LEU A 170 -11.64 34.23 21.09
CA LEU A 170 -10.92 34.31 22.35
C LEU A 170 -10.91 35.73 22.90
N THR A 171 -10.83 36.72 22.01
CA THR A 171 -10.81 38.10 22.46
C THR A 171 -12.09 38.49 23.15
N ALA A 172 -13.24 38.11 22.58
CA ALA A 172 -14.52 38.50 23.16
C ALA A 172 -14.66 37.96 24.57
N ILE A 173 -14.47 36.65 24.75
CA ILE A 173 -14.61 36.07 26.07
C ILE A 173 -13.44 36.44 26.96
N ALA A 174 -12.38 37.01 26.39
CA ALA A 174 -11.31 37.54 27.23
C ALA A 174 -11.67 38.90 27.80
N LYS A 175 -12.45 39.70 27.07
CA LYS A 175 -12.94 40.94 27.63
C LYS A 175 -13.70 40.71 28.92
N GLU A 176 -14.55 39.69 28.92
CA GLU A 176 -15.42 39.40 30.04
C GLU A 176 -14.71 38.72 31.20
N ASP A 177 -13.39 38.60 31.13
CA ASP A 177 -12.58 37.96 32.15
C ASP A 177 -12.99 36.51 32.39
N SER A 178 -13.73 35.93 31.45
CA SER A 178 -14.16 34.55 31.60
C SER A 178 -13.05 33.55 31.38
N LEU A 179 -11.93 34.00 30.83
CA LEU A 179 -10.82 33.12 30.53
C LEU A 179 -9.99 32.86 31.78
N ASP A 180 -9.58 31.61 31.98
CA ASP A 180 -8.77 31.29 33.13
C ASP A 180 -7.38 31.93 32.97
N PRO A 181 -6.65 32.09 34.07
CA PRO A 181 -5.34 32.74 33.98
C PRO A 181 -4.36 31.90 33.18
N VAL A 182 -3.26 32.54 32.82
CA VAL A 182 -2.14 31.89 32.15
C VAL A 182 -0.88 32.19 32.95
N ILE A 183 -0.24 31.16 33.45
CA ILE A 183 0.89 31.32 34.36
C ILE A 183 2.14 30.78 33.69
N GLY A 184 3.25 31.50 33.87
CA GLY A 184 4.47 31.08 33.22
C GLY A 184 4.43 31.42 31.74
N ARG A 185 5.11 30.61 30.94
CA ARG A 185 5.06 30.69 29.48
C ARG A 185 5.43 32.07 28.96
N SER A 186 6.06 32.90 29.78
CA SER A 186 6.33 34.28 29.38
C SER A 186 7.27 34.32 28.19
N LYS A 187 8.34 33.53 28.22
CA LYS A 187 9.25 33.50 27.09
C LYS A 187 8.53 33.03 25.83
N GLU A 188 7.70 32.01 25.95
CA GLU A 188 7.01 31.48 24.79
C GLU A 188 6.04 32.49 24.22
N ILE A 189 5.28 33.17 25.07
CA ILE A 189 4.32 34.14 24.55
C ILE A 189 5.04 35.32 23.94
N GLN A 190 6.16 35.72 24.52
CA GLN A 190 6.90 36.83 23.94
C GLN A 190 7.44 36.44 22.58
N ARG A 191 7.95 35.22 22.44
CA ARG A 191 8.42 34.76 21.15
C ARG A 191 7.28 34.68 20.15
N VAL A 192 6.10 34.27 20.60
CA VAL A 192 4.94 34.25 19.72
C VAL A 192 4.67 35.64 19.19
N ILE A 193 4.71 36.64 20.06
CA ILE A 193 4.47 38.02 19.62
C ILE A 193 5.55 38.43 18.63
N GLU A 194 6.79 38.06 18.93
CA GLU A 194 7.89 38.41 18.03
C GLU A 194 7.68 37.85 16.64
N VAL A 195 7.18 36.62 16.55
CA VAL A 195 6.91 36.06 15.24
C VAL A 195 5.72 36.77 14.61
N LEU A 196 4.68 37.06 15.39
CA LEU A 196 3.52 37.73 14.83
C LEU A 196 3.84 39.13 14.35
N SER A 197 4.94 39.71 14.79
CA SER A 197 5.24 41.08 14.39
C SER A 197 5.90 41.19 13.02
N ARG A 198 6.36 40.09 12.44
CA ARG A 198 7.03 40.12 11.15
C ARG A 198 6.08 40.62 10.08
N ARG A 199 6.57 40.78 8.86
CA ARG A 199 5.70 41.32 7.83
C ARG A 199 5.23 40.31 6.81
N THR A 200 5.99 39.25 6.55
CA THR A 200 5.64 38.37 5.45
C THR A 200 5.08 37.03 5.91
N LYS A 201 5.73 36.34 6.83
CA LYS A 201 5.20 35.08 7.36
C LYS A 201 5.08 35.26 8.86
N ASN A 202 3.95 35.77 9.31
CA ASN A 202 3.79 36.00 10.72
C ASN A 202 3.40 34.75 11.48
N ASN A 203 3.15 33.64 10.80
CA ASN A 203 2.46 32.52 11.41
C ASN A 203 3.39 31.69 12.29
N PRO A 204 3.15 31.60 13.57
CA PRO A 204 3.90 30.63 14.38
C PRO A 204 3.15 29.33 14.58
N VAL A 205 3.85 28.21 14.62
CA VAL A 205 3.23 26.91 14.87
C VAL A 205 3.78 26.36 16.18
N LEU A 206 2.92 26.25 17.17
CA LEU A 206 3.32 25.80 18.49
C LEU A 206 3.48 24.29 18.46
N ILE A 207 4.69 23.82 18.71
CA ILE A 207 5.00 22.40 18.62
C ILE A 207 5.30 21.88 20.01
N GLY A 208 4.50 20.94 20.47
CA GLY A 208 4.73 20.36 21.77
C GLY A 208 4.13 18.98 21.88
N GLU A 209 3.49 18.69 23.00
CA GLU A 209 2.79 17.45 23.18
C GLU A 209 1.37 17.76 23.63
N PRO A 210 0.42 16.88 23.37
CA PRO A 210 -0.95 17.17 23.77
C PRO A 210 -1.04 17.35 25.27
N GLY A 211 -1.66 18.44 25.70
CA GLY A 211 -1.86 18.71 27.09
C GLY A 211 -0.80 19.57 27.72
N VAL A 212 0.09 20.16 26.92
CA VAL A 212 1.22 20.89 27.47
C VAL A 212 0.89 22.36 27.69
N GLY A 213 -0.06 22.91 26.95
CA GLY A 213 -0.43 24.29 27.16
C GLY A 213 -0.29 25.15 25.94
N LYS A 214 -0.40 24.55 24.75
CA LYS A 214 -0.36 25.35 23.53
C LYS A 214 -1.58 26.26 23.44
N THR A 215 -2.77 25.68 23.54
CA THR A 215 -3.96 26.51 23.61
C THR A 215 -3.89 27.47 24.80
N ALA A 216 -3.19 27.08 25.86
CA ALA A 216 -2.97 28.01 26.95
C ALA A 216 -2.16 29.21 26.50
N ILE A 217 -1.18 28.99 25.62
CA ILE A 217 -0.39 30.10 25.09
C ILE A 217 -1.25 30.99 24.20
N ALA A 218 -2.12 30.38 23.41
CA ALA A 218 -3.06 31.19 22.63
C ALA A 218 -3.95 32.03 23.54
N GLU A 219 -4.47 31.43 24.60
CA GLU A 219 -5.30 32.16 25.53
C GLU A 219 -4.52 33.31 26.15
N GLY A 220 -3.29 33.04 26.59
CA GLY A 220 -2.49 34.09 27.17
C GLY A 220 -2.25 35.22 26.19
N LEU A 221 -2.09 34.89 24.92
CA LEU A 221 -1.92 35.95 23.93
C LEU A 221 -3.19 36.77 23.82
N ALA A 222 -4.34 36.12 23.79
CA ALA A 222 -5.59 36.87 23.76
C ALA A 222 -5.68 37.79 24.97
N GLN A 223 -5.25 37.30 26.12
CA GLN A 223 -5.27 38.10 27.34
C GLN A 223 -4.40 39.32 27.19
N GLN A 224 -3.16 39.12 26.79
CA GLN A 224 -2.23 40.23 26.68
C GLN A 224 -2.65 41.21 25.61
N ILE A 225 -3.46 40.78 24.65
CA ILE A 225 -3.95 41.71 23.64
C ILE A 225 -4.82 42.78 24.27
N ILE A 226 -5.84 42.36 25.03
CA ILE A 226 -6.72 43.33 25.65
C ILE A 226 -6.01 44.07 26.77
N ASN A 227 -5.17 43.36 27.51
CA ASN A 227 -4.45 44.00 28.60
C ASN A 227 -3.22 44.74 28.08
N ASN A 228 -3.43 45.56 27.04
CA ASN A 228 -2.46 46.55 26.55
C ASN A 228 -1.01 46.12 26.73
N GLU A 229 -0.73 44.88 26.37
CA GLU A 229 0.60 44.33 26.51
C GLU A 229 1.35 44.23 25.19
N VAL A 230 0.64 44.22 24.08
CA VAL A 230 1.24 43.99 22.77
C VAL A 230 1.91 45.28 22.29
N PRO A 231 2.90 45.20 21.42
CA PRO A 231 3.63 46.39 20.98
C PRO A 231 2.93 47.21 19.89
N GLU A 232 1.62 47.39 20.06
CA GLU A 232 0.85 48.34 19.27
C GLU A 232 0.79 47.97 17.80
N ILE A 233 1.54 46.95 17.40
CA ILE A 233 1.35 46.41 16.06
C ILE A 233 0.28 45.33 16.09
N LEU A 234 0.02 44.76 17.27
CA LEU A 234 -1.08 43.83 17.47
C LEU A 234 -2.20 44.45 18.28
N ARG A 235 -2.11 45.74 18.57
CA ARG A 235 -3.17 46.37 19.34
C ARG A 235 -4.48 46.20 18.60
N ASP A 236 -5.50 45.75 19.33
CA ASP A 236 -6.83 45.54 18.77
C ASP A 236 -6.76 44.57 17.58
N LYS A 237 -6.47 43.32 17.90
CA LYS A 237 -6.48 42.24 16.93
C LYS A 237 -7.15 41.06 17.60
N ARG A 238 -8.14 40.46 16.94
CA ARG A 238 -8.99 39.45 17.54
C ARG A 238 -8.47 38.07 17.20
N VAL A 239 -8.22 37.26 18.22
CA VAL A 239 -7.75 35.90 18.03
C VAL A 239 -8.96 34.98 18.00
N MET A 240 -9.06 34.16 16.97
CA MET A 240 -10.22 33.28 16.80
C MET A 240 -9.74 31.86 16.63
N THR A 241 -10.07 31.01 17.59
CA THR A 241 -9.77 29.58 17.46
C THR A 241 -10.71 28.95 16.46
N LEU A 242 -10.15 28.11 15.59
CA LEU A 242 -10.94 27.40 14.59
C LEU A 242 -10.41 25.99 14.46
N ASP A 243 -11.29 25.07 14.08
CA ASP A 243 -10.87 23.72 13.77
C ASP A 243 -11.43 23.30 12.41
N MET A 244 -10.57 22.74 11.57
CA MET A 244 -10.99 22.35 10.23
C MET A 244 -12.10 21.32 10.27
N GLY A 245 -12.11 20.45 11.28
CA GLY A 245 -13.18 19.49 11.39
C GLY A 245 -14.55 20.15 11.44
N THR A 246 -14.65 21.26 12.18
CA THR A 246 -15.90 21.99 12.25
C THR A 246 -16.19 22.69 10.93
N VAL A 247 -15.16 22.95 10.14
CA VAL A 247 -15.35 23.65 8.88
C VAL A 247 -15.92 22.71 7.83
N VAL A 248 -15.35 21.50 7.73
CA VAL A 248 -15.69 20.62 6.62
C VAL A 248 -17.17 20.24 6.67
N ALA A 249 -17.55 19.45 7.67
CA ALA A 249 -18.95 19.20 8.01
C ALA A 249 -19.76 18.59 6.87
N GLY A 250 -19.13 18.36 5.73
CA GLY A 250 -19.83 17.78 4.61
C GLY A 250 -18.93 17.55 3.41
N THR A 251 -18.92 16.32 2.90
CA THR A 251 -18.03 15.95 1.82
C THR A 251 -18.75 15.36 0.62
N LYS A 252 -19.98 14.88 0.78
CA LYS A 252 -20.67 14.22 -0.30
C LYS A 252 -21.06 15.17 -1.43
N TYR A 253 -20.62 16.42 -1.40
CA TYR A 253 -21.01 17.38 -2.41
C TYR A 253 -19.80 18.13 -2.93
N ARG A 254 -19.89 18.55 -4.19
CA ARG A 254 -18.72 19.00 -4.93
C ARG A 254 -17.96 20.10 -4.20
N GLY A 255 -18.61 21.23 -3.96
CA GLY A 255 -17.84 22.37 -3.55
C GLY A 255 -18.26 23.06 -2.27
N GLU A 256 -19.02 22.39 -1.42
CA GLU A 256 -19.48 23.05 -0.21
C GLU A 256 -18.32 23.53 0.64
N PHE A 257 -17.33 22.66 0.87
CA PHE A 257 -16.27 22.99 1.81
C PHE A 257 -15.44 24.16 1.32
N GLU A 258 -14.97 24.08 0.08
CA GLU A 258 -14.25 25.20 -0.50
C GLU A 258 -15.08 26.47 -0.44
N ASP A 259 -16.39 26.36 -0.47
CA ASP A 259 -17.23 27.54 -0.34
C ASP A 259 -17.16 28.11 1.06
N ARG A 260 -17.28 27.27 2.08
CA ARG A 260 -17.14 27.76 3.44
C ARG A 260 -15.81 28.48 3.60
N LEU A 261 -14.74 27.88 3.08
CA LEU A 261 -13.43 28.45 3.31
C LEU A 261 -13.22 29.71 2.50
N LYS A 262 -13.81 29.80 1.31
CA LYS A 262 -13.79 31.05 0.56
C LYS A 262 -14.50 32.14 1.32
N LYS A 263 -15.65 31.82 1.90
CA LYS A 263 -16.32 32.81 2.74
C LYS A 263 -15.40 33.29 3.84
N VAL A 264 -14.74 32.35 4.51
CA VAL A 264 -13.88 32.71 5.63
C VAL A 264 -12.75 33.62 5.17
N MET A 265 -12.10 33.28 4.05
CA MET A 265 -11.06 34.16 3.52
C MET A 265 -11.63 35.53 3.20
N ASP A 266 -12.84 35.58 2.66
CA ASP A 266 -13.41 36.87 2.30
C ASP A 266 -13.72 37.71 3.53
N GLU A 267 -13.97 37.06 4.68
CA GLU A 267 -14.07 37.86 5.89
C GLU A 267 -12.71 38.28 6.41
N ILE A 268 -11.69 37.43 6.27
CA ILE A 268 -10.37 37.84 6.73
C ILE A 268 -9.86 39.02 5.92
N ARG A 269 -10.22 39.09 4.64
CA ARG A 269 -9.90 40.27 3.84
C ARG A 269 -10.52 41.52 4.47
N GLN A 270 -11.84 41.54 4.60
CA GLN A 270 -12.53 42.70 5.12
C GLN A 270 -12.37 42.74 6.63
N ALA A 271 -11.12 42.73 7.08
CA ALA A 271 -10.73 42.80 8.47
C ALA A 271 -9.21 42.79 8.50
N GLY A 272 -8.65 43.20 9.62
CA GLY A 272 -7.22 43.12 9.76
C GLY A 272 -6.87 42.57 11.12
N ASN A 273 -7.89 42.44 11.95
CA ASN A 273 -7.71 42.10 13.34
C ASN A 273 -7.90 40.62 13.64
N ILE A 274 -8.14 39.78 12.64
CA ILE A 274 -8.31 38.36 12.89
C ILE A 274 -6.97 37.66 12.69
N ILE A 275 -6.51 36.99 13.73
CA ILE A 275 -5.42 36.03 13.56
C ILE A 275 -5.91 34.64 13.96
N LEU A 276 -6.22 33.85 12.95
CA LEU A 276 -6.96 32.60 13.09
C LEU A 276 -6.08 31.52 13.70
N PHE A 277 -6.41 31.07 14.90
CA PHE A 277 -5.62 30.04 15.58
C PHE A 277 -6.18 28.67 15.26
N ILE A 278 -5.45 27.90 14.47
CA ILE A 278 -5.88 26.57 14.05
C ILE A 278 -5.25 25.55 14.96
N ASP A 279 -6.05 24.70 15.58
CA ASP A 279 -5.51 23.62 16.38
C ASP A 279 -5.29 22.40 15.49
N ALA A 280 -4.13 21.76 15.65
CA ALA A 280 -3.79 20.54 14.92
C ALA A 280 -3.87 20.77 13.41
N LEU A 281 -3.02 21.66 12.93
CA LEU A 281 -3.03 21.92 11.50
C LEU A 281 -2.35 20.83 10.69
N HIS A 282 -1.81 19.79 11.33
CA HIS A 282 -1.42 18.64 10.53
C HIS A 282 -2.61 18.06 9.79
N THR A 283 -3.81 18.48 10.13
CA THR A 283 -5.02 18.14 9.41
C THR A 283 -5.45 19.26 8.48
N LEU A 284 -4.57 20.18 8.16
CA LEU A 284 -4.89 21.24 7.23
C LEU A 284 -4.59 20.86 5.79
N ILE A 285 -3.90 19.74 5.57
CA ILE A 285 -3.54 19.31 4.23
C ILE A 285 -4.48 18.23 3.70
N GLY A 286 -5.32 17.64 4.54
CA GLY A 286 -6.09 16.49 4.16
C GLY A 286 -7.37 16.75 3.40
N ALA A 287 -8.08 17.82 3.77
CA ALA A 287 -9.44 18.06 3.31
C ALA A 287 -9.58 17.86 1.80
N GLY A 288 -10.76 17.43 1.38
CA GLY A 288 -10.99 17.28 -0.05
C GLY A 288 -10.10 16.21 -0.63
N GLY A 289 -9.52 16.50 -1.79
CA GLY A 289 -8.55 15.59 -2.37
C GLY A 289 -7.29 15.50 -1.54
N ALA A 290 -6.67 14.32 -1.53
CA ALA A 290 -5.58 14.05 -0.60
C ALA A 290 -4.39 14.98 -0.83
N GLU A 291 -3.73 14.83 -1.99
CA GLU A 291 -2.56 15.64 -2.26
C GLU A 291 -2.49 16.08 -3.72
N GLY A 292 -3.61 16.09 -4.43
CA GLY A 292 -3.60 16.39 -5.84
C GLY A 292 -4.80 17.19 -6.29
N ALA A 293 -5.54 17.72 -5.32
CA ALA A 293 -6.73 18.50 -5.61
C ALA A 293 -6.80 19.73 -4.71
N ILE A 294 -7.94 20.41 -4.73
CA ILE A 294 -8.11 21.67 -4.02
C ILE A 294 -8.39 21.31 -2.56
N ASP A 295 -7.34 21.06 -1.80
CA ASP A 295 -7.52 20.81 -0.38
C ASP A 295 -7.54 22.15 0.35
N ALA A 296 -7.37 22.12 1.67
CA ALA A 296 -7.33 23.38 2.40
C ALA A 296 -6.01 24.10 2.15
N SER A 297 -4.91 23.36 2.15
CA SER A 297 -3.62 24.01 2.04
C SER A 297 -3.44 24.66 0.69
N ASN A 298 -3.88 24.00 -0.37
CA ASN A 298 -3.65 24.53 -1.71
C ASN A 298 -4.41 25.83 -1.95
N ILE A 299 -5.30 26.21 -1.06
CA ILE A 299 -5.94 27.52 -1.15
C ILE A 299 -5.57 28.43 0.00
N LEU A 300 -4.97 27.91 1.05
CA LEU A 300 -4.46 28.79 2.09
C LEU A 300 -3.10 29.34 1.72
N LYS A 301 -2.23 28.51 1.17
CA LYS A 301 -0.85 28.87 0.91
C LYS A 301 -0.67 30.19 0.16
N PRO A 302 -1.37 30.44 -0.95
CA PRO A 302 -1.15 31.72 -1.64
C PRO A 302 -1.46 32.89 -0.75
N SER A 303 -2.41 32.75 0.16
CA SER A 303 -2.70 33.82 1.08
C SER A 303 -1.71 33.86 2.22
N LEU A 304 -1.21 32.70 2.65
CA LEU A 304 -0.31 32.67 3.79
C LEU A 304 1.04 33.28 3.46
N ALA A 305 1.49 33.10 2.22
CA ALA A 305 2.84 33.55 1.89
C ALA A 305 2.92 35.05 1.70
N ARG A 306 1.82 35.72 1.39
CA ARG A 306 1.80 37.16 1.20
C ARG A 306 1.29 37.91 2.41
N GLY A 307 1.23 37.26 3.57
CA GLY A 307 0.66 37.91 4.72
C GLY A 307 -0.81 38.23 4.59
N GLU A 308 -1.46 37.76 3.53
CA GLU A 308 -2.90 37.94 3.41
C GLU A 308 -3.62 37.40 4.62
N LEU A 309 -3.31 36.17 5.01
CA LEU A 309 -3.87 35.54 6.18
C LEU A 309 -2.82 35.51 7.28
N GLN A 310 -3.26 35.63 8.52
CA GLN A 310 -2.39 35.49 9.67
C GLN A 310 -2.91 34.35 10.53
N CYS A 311 -2.00 33.53 11.05
CA CYS A 311 -2.39 32.27 11.63
C CYS A 311 -1.58 32.01 12.90
N ILE A 312 -2.04 31.05 13.69
CA ILE A 312 -1.27 30.49 14.79
C ILE A 312 -1.60 29.01 14.82
N GLY A 313 -0.71 28.18 14.34
CA GLY A 313 -0.96 26.76 14.31
C GLY A 313 -0.56 26.11 15.60
N ALA A 314 -1.06 24.91 15.86
CA ALA A 314 -0.70 24.20 17.08
C ALA A 314 -0.67 22.71 16.78
N THR A 315 0.52 22.17 16.57
CA THR A 315 0.63 20.78 16.21
C THR A 315 1.25 19.96 17.34
N THR A 316 1.55 18.71 17.03
CA THR A 316 2.34 17.83 17.87
C THR A 316 3.61 17.49 17.14
N LEU A 317 4.69 17.26 17.89
CA LEU A 317 6.01 17.15 17.28
C LEU A 317 6.01 16.15 16.14
N ASP A 318 5.56 14.92 16.41
CA ASP A 318 5.60 13.90 15.36
C ASP A 318 4.70 14.27 14.20
N GLU A 319 3.61 14.98 14.46
CA GLU A 319 2.76 15.41 13.36
C GLU A 319 3.47 16.47 12.52
N TYR A 320 4.20 17.37 13.16
CA TYR A 320 5.00 18.31 12.38
C TYR A 320 5.99 17.56 11.52
N ARG A 321 6.73 16.62 12.11
CA ARG A 321 7.73 15.89 11.35
C ARG A 321 7.10 15.11 10.20
N LYS A 322 5.89 14.62 10.38
CA LYS A 322 5.30 13.80 9.33
C LYS A 322 4.68 14.64 8.24
N TYR A 323 4.02 15.73 8.60
CA TYR A 323 3.24 16.51 7.64
C TYR A 323 3.88 17.88 7.37
N ILE A 324 5.19 17.96 7.53
CA ILE A 324 6.02 18.98 6.89
C ILE A 324 6.96 18.35 5.87
N GLU A 325 6.73 17.08 5.54
CA GLU A 325 7.31 16.53 4.33
C GLU A 325 6.71 17.17 3.10
N LYS A 326 5.51 17.78 3.24
CA LYS A 326 5.02 18.71 2.24
C LYS A 326 5.77 20.03 2.28
N ASP A 327 7.05 20.00 2.66
CA ASP A 327 7.88 21.15 2.98
C ASP A 327 7.53 22.37 2.16
N ALA A 328 7.58 22.21 0.85
CA ALA A 328 7.86 23.29 -0.08
C ALA A 328 7.14 24.52 0.43
N ALA A 329 5.82 24.55 0.45
CA ALA A 329 5.15 25.70 1.00
C ALA A 329 5.03 25.60 2.50
N LEU A 330 4.47 24.49 2.97
CA LEU A 330 3.97 24.43 4.34
C LEU A 330 5.03 24.79 5.37
N GLU A 331 6.24 24.28 5.20
CA GLU A 331 7.29 24.64 6.13
C GLU A 331 7.57 26.13 6.13
N ARG A 332 7.90 26.69 4.96
CA ARG A 332 8.33 28.08 4.93
C ARG A 332 7.19 29.02 5.31
N ARG A 333 5.95 28.59 5.15
CA ARG A 333 4.84 29.42 5.59
C ARG A 333 4.73 29.54 7.11
N PHE A 334 5.38 28.67 7.88
CA PHE A 334 5.17 28.60 9.32
C PHE A 334 6.48 28.50 10.07
N GLN A 335 6.65 29.32 11.10
CA GLN A 335 7.83 29.25 11.95
C GLN A 335 7.55 28.44 13.20
N PRO A 336 8.30 27.37 13.46
CA PRO A 336 8.04 26.58 14.66
C PRO A 336 8.39 27.35 15.92
N ILE A 337 7.59 27.15 16.95
CA ILE A 337 7.89 27.60 18.30
C ILE A 337 7.75 26.37 19.16
N GLN A 338 8.85 25.85 19.64
CA GLN A 338 8.76 24.64 20.45
C GLN A 338 8.30 25.00 21.85
N VAL A 339 7.24 24.34 22.30
CA VAL A 339 6.75 24.48 23.67
C VAL A 339 6.89 23.14 24.36
N ASP A 340 7.59 23.11 25.47
CA ASP A 340 7.87 21.86 26.16
C ASP A 340 6.98 21.76 27.40
N GLN A 341 6.78 20.52 27.84
CA GLN A 341 5.92 20.30 28.99
C GLN A 341 6.60 20.80 30.25
N PRO A 342 5.88 21.47 31.13
CA PRO A 342 6.53 22.09 32.28
C PRO A 342 7.02 21.06 33.27
N SER A 343 8.00 21.47 34.06
CA SER A 343 8.58 20.59 35.06
C SER A 343 7.62 20.44 36.23
N VAL A 344 8.07 19.71 37.25
CA VAL A 344 7.27 19.57 38.46
C VAL A 344 6.96 20.93 39.06
N ASP A 345 8.00 21.65 39.47
CA ASP A 345 7.79 22.90 40.17
C ASP A 345 7.01 23.89 39.32
N GLU A 346 7.35 23.99 38.03
CA GLU A 346 6.59 24.86 37.15
C GLU A 346 5.11 24.52 37.21
N SER A 347 4.79 23.23 37.20
CA SER A 347 3.39 22.81 37.21
C SER A 347 2.74 23.12 38.56
N ILE A 348 3.48 22.96 39.65
CA ILE A 348 2.93 23.32 40.94
C ILE A 348 2.55 24.79 40.96
N GLN A 349 3.41 25.64 40.40
CA GLN A 349 3.08 27.05 40.33
C GLN A 349 1.91 27.30 39.39
N ILE A 350 1.82 26.52 38.31
CA ILE A 350 0.66 26.59 37.44
C ILE A 350 -0.60 26.43 38.28
N LEU A 351 -0.66 25.33 39.02
CA LEU A 351 -1.84 25.05 39.84
C LEU A 351 -2.11 26.17 40.83
N GLN A 352 -1.08 26.57 41.57
CA GLN A 352 -1.26 27.66 42.53
C GLN A 352 -1.73 28.92 41.84
N GLY A 353 -1.60 29.02 40.52
CA GLY A 353 -2.18 30.15 39.82
C GLY A 353 -3.69 30.14 39.85
N LEU A 354 -4.30 28.98 39.57
CA LEU A 354 -5.73 28.91 39.37
C LEU A 354 -6.45 28.03 40.38
N ARG A 355 -5.86 27.84 41.57
CA ARG A 355 -6.60 27.16 42.63
C ARG A 355 -7.85 27.94 43.00
N ASP A 356 -7.80 29.26 42.92
CA ASP A 356 -8.95 30.09 43.22
C ASP A 356 -9.97 30.14 42.09
N ARG A 357 -9.85 29.25 41.10
CA ARG A 357 -10.90 29.07 40.12
C ARG A 357 -11.71 27.81 40.40
N TYR A 358 -11.02 26.69 40.59
CA TYR A 358 -11.73 25.47 40.98
C TYR A 358 -12.27 25.56 42.38
N GLU A 359 -11.58 26.26 43.28
CA GLU A 359 -12.15 26.52 44.60
C GLU A 359 -13.48 27.23 44.48
N ALA A 360 -13.54 28.27 43.67
CA ALA A 360 -14.78 29.03 43.53
C ALA A 360 -15.84 28.24 42.79
N HIS A 361 -15.42 27.35 41.88
CA HIS A 361 -16.42 26.55 41.17
C HIS A 361 -17.02 25.49 42.06
N HIS A 362 -16.20 24.80 42.84
CA HIS A 362 -16.66 23.69 43.66
C HIS A 362 -16.94 24.09 45.11
N ARG A 363 -16.64 25.32 45.50
CA ARG A 363 -16.79 25.79 46.88
C ARG A 363 -16.03 24.89 47.86
N VAL A 364 -15.00 24.21 47.38
CA VAL A 364 -14.18 23.36 48.22
C VAL A 364 -12.83 24.04 48.41
N SER A 365 -12.18 23.71 49.52
CA SER A 365 -10.90 24.30 49.85
C SER A 365 -9.79 23.33 49.49
N ILE A 366 -8.75 23.83 48.82
CA ILE A 366 -7.63 23.03 48.36
C ILE A 366 -6.40 23.45 49.14
N THR A 367 -5.61 22.48 49.56
CA THR A 367 -4.38 22.75 50.28
C THR A 367 -3.19 22.64 49.34
N ASP A 368 -2.04 23.09 49.84
CA ASP A 368 -0.83 23.13 49.01
C ASP A 368 -0.20 21.75 48.90
N ASP A 369 -0.15 21.01 50.01
CA ASP A 369 0.29 19.62 49.94
C ASP A 369 -0.63 18.81 49.06
N ALA A 370 -1.89 19.21 48.95
CA ALA A 370 -2.81 18.55 48.04
C ALA A 370 -2.30 18.63 46.61
N ILE A 371 -1.98 19.83 46.15
CA ILE A 371 -1.54 19.95 44.75
C ILE A 371 -0.15 19.38 44.58
N GLU A 372 0.70 19.48 45.59
CA GLU A 372 1.99 18.81 45.52
C GLU A 372 1.81 17.33 45.26
N ALA A 373 0.92 16.70 46.03
CA ALA A 373 0.65 15.29 45.81
C ALA A 373 0.03 15.05 44.45
N ALA A 374 -0.81 15.97 43.98
CA ALA A 374 -1.40 15.83 42.66
C ALA A 374 -0.32 15.72 41.60
N VAL A 375 0.65 16.63 41.65
CA VAL A 375 1.71 16.62 40.65
C VAL A 375 2.58 15.38 40.80
N LYS A 376 3.02 15.10 42.02
CA LYS A 376 3.87 13.93 42.24
C LYS A 376 3.18 12.65 41.75
N LEU A 377 1.88 12.53 42.01
CA LEU A 377 1.15 11.33 41.67
C LEU A 377 0.98 11.21 40.16
N SER A 378 0.54 12.31 39.53
CA SER A 378 0.39 12.31 38.08
C SER A 378 1.69 11.95 37.39
N ASP A 379 2.83 12.29 37.99
CA ASP A 379 4.10 11.86 37.43
C ASP A 379 4.36 10.38 37.68
N ARG A 380 4.29 9.96 38.94
CA ARG A 380 4.76 8.61 39.29
C ARG A 380 3.86 7.53 38.69
N TYR A 381 2.55 7.67 38.84
CA TYR A 381 1.65 6.55 38.57
C TYR A 381 0.84 6.69 37.31
N ILE A 382 0.99 7.77 36.55
CA ILE A 382 0.31 7.91 35.27
C ILE A 382 1.33 8.26 34.21
N SER A 383 1.20 7.64 33.04
CA SER A 383 2.01 7.94 31.88
C SER A 383 1.07 8.11 30.69
N ASP A 384 1.66 8.45 29.54
CA ASP A 384 0.89 8.79 28.35
C ASP A 384 -0.07 9.93 28.63
N ARG A 385 0.40 10.90 29.40
CA ARG A 385 -0.33 12.14 29.61
C ARG A 385 0.59 13.12 30.31
N PHE A 386 0.47 14.39 29.96
CA PHE A 386 1.47 15.39 30.28
C PHE A 386 0.94 16.39 31.31
N LEU A 387 1.66 17.48 31.47
CA LEU A 387 1.31 18.51 32.41
C LEU A 387 1.08 19.82 31.68
N PRO A 388 0.23 20.72 32.20
CA PRO A 388 -0.52 20.73 33.45
C PRO A 388 -1.83 19.98 33.35
N ASP A 389 -2.05 19.31 32.22
CA ASP A 389 -3.28 18.56 32.02
C ASP A 389 -3.56 17.61 33.17
N LYS A 390 -2.65 16.65 33.39
CA LYS A 390 -2.84 15.65 34.44
C LYS A 390 -3.13 16.29 35.78
N ALA A 391 -2.36 17.31 36.13
CA ALA A 391 -2.50 17.90 37.44
C ALA A 391 -3.87 18.56 37.60
N ILE A 392 -4.23 19.46 36.68
CA ILE A 392 -5.49 20.15 36.87
C ILE A 392 -6.63 19.14 36.81
N ASP A 393 -6.45 18.06 36.06
CA ASP A 393 -7.51 17.07 35.99
C ASP A 393 -7.71 16.36 37.30
N LEU A 394 -6.62 15.91 37.93
CA LEU A 394 -6.76 15.30 39.25
C LEU A 394 -7.40 16.27 40.22
N ILE A 395 -6.96 17.53 40.20
CA ILE A 395 -7.51 18.50 41.14
C ILE A 395 -9.00 18.66 40.92
N ASP A 396 -9.43 18.71 39.67
CA ASP A 396 -10.84 18.94 39.41
C ASP A 396 -11.67 17.71 39.73
N GLU A 397 -11.12 16.53 39.47
CA GLU A 397 -11.81 15.30 39.87
C GLU A 397 -11.98 15.25 41.37
N ALA A 398 -10.95 15.61 42.11
CA ALA A 398 -11.08 15.65 43.56
C ALA A 398 -12.12 16.67 43.98
N GLY A 399 -12.14 17.82 43.33
CA GLY A 399 -13.14 18.82 43.65
C GLY A 399 -14.55 18.29 43.46
N SER A 400 -14.80 17.63 42.33
CA SER A 400 -16.13 17.11 42.07
C SER A 400 -16.50 15.99 43.04
N LYS A 401 -15.55 15.10 43.32
CA LYS A 401 -15.87 13.98 44.20
C LYS A 401 -16.10 14.44 45.63
N VAL A 402 -15.32 15.42 46.09
CA VAL A 402 -15.56 15.97 47.42
C VAL A 402 -16.88 16.70 47.46
N ARG A 403 -17.21 17.43 46.40
CA ARG A 403 -18.52 18.09 46.37
C ARG A 403 -19.64 17.07 46.51
N LEU A 404 -19.51 15.94 45.83
CA LEU A 404 -20.54 14.91 45.94
C LEU A 404 -20.59 14.33 47.35
N ARG A 405 -19.42 13.95 47.89
CA ARG A 405 -19.40 13.40 49.23
C ARG A 405 -19.97 14.37 50.25
N SER A 406 -19.89 15.67 49.96
CA SER A 406 -20.46 16.66 50.86
C SER A 406 -21.99 16.63 50.85
N PHE A 407 -22.59 16.14 49.77
CA PHE A 407 -24.06 16.07 49.72
C PHE A 407 -24.61 14.77 50.27
N THR A 408 -24.16 13.63 49.73
CA THR A 408 -24.60 12.34 50.25
C THR A 408 -23.52 11.28 50.12
N SER A 469 -15.82 19.89 53.08
CA SER A 469 -15.55 21.00 52.20
C SER A 469 -14.07 21.29 52.11
N GLU A 470 -13.27 20.24 51.93
CA GLU A 470 -11.83 20.41 51.80
C GLU A 470 -11.25 19.18 51.13
N VAL A 471 -10.61 19.37 49.99
CA VAL A 471 -9.89 18.29 49.33
C VAL A 471 -8.51 18.17 49.95
N THR A 472 -8.12 16.94 50.28
CA THR A 472 -6.81 16.68 50.84
C THR A 472 -6.18 15.50 50.11
N VAL A 473 -4.92 15.23 50.46
CA VAL A 473 -4.10 14.30 49.70
C VAL A 473 -4.76 12.94 49.58
N ASP A 474 -5.53 12.54 50.57
CA ASP A 474 -6.21 11.26 50.49
C ASP A 474 -7.14 11.20 49.28
N ASP A 475 -7.80 12.32 48.95
CA ASP A 475 -8.70 12.30 47.80
C ASP A 475 -7.91 12.21 46.50
N ILE A 476 -6.77 12.88 46.43
CA ILE A 476 -5.92 12.79 45.25
C ILE A 476 -5.44 11.35 45.07
N ALA A 477 -4.99 10.74 46.15
CA ALA A 477 -4.63 9.33 46.08
C ALA A 477 -5.81 8.51 45.61
N MET A 478 -7.00 8.84 46.09
CA MET A 478 -8.17 8.04 45.76
C MET A 478 -8.48 8.12 44.28
N VAL A 479 -8.38 9.30 43.69
CA VAL A 479 -8.69 9.43 42.27
C VAL A 479 -7.61 8.77 41.42
N VAL A 480 -6.34 8.91 41.80
CA VAL A 480 -5.30 8.25 41.03
C VAL A 480 -5.44 6.75 41.13
N SER A 481 -5.81 6.25 42.31
CA SER A 481 -6.01 4.82 42.48
C SER A 481 -7.14 4.33 41.60
N SER A 482 -8.26 5.06 41.59
CA SER A 482 -9.38 4.67 40.75
C SER A 482 -9.02 4.74 39.28
N TRP A 483 -8.11 5.64 38.91
CA TRP A 483 -7.70 5.70 37.51
C TRP A 483 -6.83 4.50 37.16
N THR A 484 -5.66 4.41 37.78
CA THR A 484 -4.68 3.42 37.35
C THR A 484 -5.02 2.02 37.85
N GLY A 485 -5.44 1.89 39.10
CA GLY A 485 -5.83 0.60 39.64
C GLY A 485 -5.01 0.11 40.81
N VAL A 486 -3.98 0.83 41.24
CA VAL A 486 -3.25 0.45 42.45
C VAL A 486 -4.11 0.88 43.63
N PRO A 487 -4.18 0.10 44.71
CA PRO A 487 -5.00 0.50 45.85
C PRO A 487 -4.42 1.68 46.60
N VAL A 488 -5.30 2.39 47.30
CA VAL A 488 -4.95 3.65 47.92
C VAL A 488 -3.89 3.45 48.99
N SER A 489 -3.96 2.35 49.74
CA SER A 489 -2.96 2.09 50.76
C SER A 489 -1.56 2.07 50.18
N LYS A 490 -1.41 1.57 48.96
CA LYS A 490 -0.08 1.51 48.34
C LYS A 490 0.42 2.90 47.99
N ILE A 491 -0.46 3.75 47.46
CA ILE A 491 -0.04 5.07 47.01
C ILE A 491 0.42 5.92 48.18
N ALA A 492 -0.47 6.15 49.14
CA ALA A 492 -0.24 7.22 50.09
C ALA A 492 0.69 6.80 51.22
N GLN A 493 0.34 5.74 51.93
CA GLN A 493 1.02 5.45 53.19
C GLN A 493 2.43 4.90 53.01
N THR A 494 2.71 4.25 51.87
CA THR A 494 4.03 3.70 51.63
C THR A 494 4.93 4.67 50.87
N GLU A 495 4.49 5.92 50.71
CA GLU A 495 5.20 6.88 49.87
C GLU A 495 6.67 7.02 50.26
N THR A 496 6.98 6.88 51.54
CA THR A 496 8.38 6.86 51.96
C THR A 496 8.64 5.79 53.01
N ASP A 497 7.70 4.88 53.23
CA ASP A 497 7.89 3.80 54.18
C ASP A 497 7.79 2.44 53.53
N LYS A 498 7.60 2.36 52.21
CA LYS A 498 7.60 1.06 51.56
C LYS A 498 8.93 0.36 51.79
N LEU A 499 10.03 1.10 51.68
CA LEU A 499 11.31 0.53 52.05
C LEU A 499 11.39 0.22 53.54
N LEU A 500 10.53 0.83 54.36
CA LEU A 500 10.58 0.58 55.80
C LEU A 500 10.03 -0.79 56.14
N ASN A 501 9.04 -1.28 55.39
CA ASN A 501 8.45 -2.58 55.65
C ASN A 501 8.63 -3.54 54.47
N MET A 502 9.56 -3.23 53.57
CA MET A 502 9.75 -4.09 52.41
C MET A 502 10.31 -5.44 52.82
N GLU A 503 11.14 -5.48 53.86
CA GLU A 503 11.64 -6.76 54.35
C GLU A 503 10.50 -7.59 54.94
N ASN A 504 9.54 -6.92 55.58
CA ASN A 504 8.36 -7.63 56.06
C ASN A 504 7.58 -8.21 54.89
N ILE A 505 7.36 -7.39 53.86
CA ILE A 505 6.68 -7.87 52.66
C ILE A 505 7.40 -9.06 52.07
N LEU A 506 8.73 -8.97 51.95
CA LEU A 506 9.51 -10.05 51.38
C LEU A 506 9.36 -11.32 52.20
N HIS A 507 9.76 -11.27 53.46
CA HIS A 507 9.73 -12.47 54.28
C HIS A 507 8.32 -12.99 54.46
N SER A 508 7.30 -12.20 54.15
CA SER A 508 5.97 -12.78 54.02
C SER A 508 5.86 -13.56 52.73
N ARG A 509 6.06 -12.89 51.59
CA ARG A 509 5.91 -13.55 50.30
C ARG A 509 6.96 -14.64 50.11
N VAL A 510 8.17 -14.43 50.64
CA VAL A 510 9.27 -15.36 50.41
C VAL A 510 9.53 -16.12 51.70
N ILE A 511 9.77 -17.41 51.59
CA ILE A 511 10.11 -18.25 52.74
C ILE A 511 11.38 -19.01 52.44
N GLY A 512 12.37 -18.84 53.29
CA GLY A 512 13.69 -19.41 53.06
C GLY A 512 14.67 -18.38 52.53
N GLN A 513 15.91 -18.82 52.37
CA GLN A 513 16.99 -17.99 51.84
C GLN A 513 17.08 -16.65 52.56
N ASP A 514 16.71 -16.63 53.84
CA ASP A 514 16.60 -15.38 54.58
C ASP A 514 17.86 -14.53 54.48
N GLU A 515 19.03 -15.18 54.44
CA GLU A 515 20.25 -14.39 54.27
C GLU A 515 20.26 -13.65 52.95
N ALA A 516 19.80 -14.32 51.88
CA ALA A 516 19.73 -13.67 50.59
C ALA A 516 18.75 -12.51 50.62
N VAL A 517 17.61 -12.70 51.28
CA VAL A 517 16.59 -11.68 51.24
C VAL A 517 17.00 -10.47 52.08
N VAL A 518 17.70 -10.70 53.19
CA VAL A 518 18.16 -9.56 53.98
C VAL A 518 19.27 -8.84 53.23
N ALA A 519 20.09 -9.58 52.50
CA ALA A 519 21.10 -8.93 51.67
C ALA A 519 20.43 -8.02 50.63
N VAL A 520 19.42 -8.54 49.95
CA VAL A 520 18.73 -7.75 48.94
C VAL A 520 18.09 -6.53 49.58
N ALA A 521 17.42 -6.72 50.70
CA ALA A 521 16.78 -5.61 51.39
C ALA A 521 17.79 -4.53 51.74
N LYS A 522 18.91 -4.94 52.33
CA LYS A 522 19.92 -3.96 52.71
C LYS A 522 20.43 -3.22 51.49
N ALA A 523 20.65 -3.93 50.39
CA ALA A 523 21.17 -3.27 49.19
C ALA A 523 20.16 -2.28 48.64
N VAL A 524 18.88 -2.66 48.59
CA VAL A 524 17.89 -1.81 47.94
C VAL A 524 17.56 -0.61 48.81
N ARG A 525 17.62 -0.77 50.14
CA ARG A 525 17.40 0.40 50.97
C ARG A 525 18.65 1.26 51.04
N ARG A 526 19.82 0.67 50.84
CA ARG A 526 21.05 1.43 50.71
C ARG A 526 21.00 2.33 49.48
N ALA A 527 20.70 1.74 48.33
CA ALA A 527 20.53 2.54 47.12
C ALA A 527 19.31 3.45 47.23
N ARG A 528 18.34 3.08 48.06
CA ARG A 528 17.08 3.81 48.09
C ARG A 528 17.19 5.08 48.93
N ALA A 529 17.57 4.93 50.19
CA ALA A 529 17.81 6.08 51.05
C ALA A 529 19.27 6.48 50.96
N GLY A 530 19.68 6.75 49.73
CA GLY A 530 21.07 7.03 49.45
C GLY A 530 21.20 8.16 48.43
N LEU A 531 22.45 8.45 48.11
CA LEU A 531 22.81 9.55 47.25
C LEU A 531 23.22 9.10 45.86
N LYS A 532 22.98 7.84 45.54
CA LYS A 532 23.45 7.25 44.29
C LYS A 532 22.94 8.05 43.10
N ASP A 533 23.75 8.11 42.06
CA ASP A 533 23.41 8.83 40.85
C ASP A 533 22.04 8.37 40.35
N PRO A 534 21.05 9.26 40.30
CA PRO A 534 19.73 8.84 39.83
C PRO A 534 19.78 8.25 38.43
N LYS A 535 20.73 8.71 37.62
CA LYS A 535 20.79 8.33 36.22
C LYS A 535 20.85 6.83 36.03
N ARG A 536 21.79 6.17 36.66
CA ARG A 536 21.97 4.76 36.40
C ARG A 536 20.95 3.92 37.17
N PRO A 537 20.63 2.71 36.70
CA PRO A 537 19.52 1.95 37.26
C PRO A 537 19.69 1.68 38.75
N ILE A 538 18.55 1.50 39.42
CA ILE A 538 18.54 1.37 40.88
C ILE A 538 19.39 0.20 41.32
N GLY A 539 19.05 -1.00 40.85
CA GLY A 539 19.74 -2.16 41.36
C GLY A 539 20.15 -3.18 40.33
N SER A 540 21.40 -3.61 40.42
CA SER A 540 21.94 -4.62 39.52
C SER A 540 22.32 -5.82 40.38
N PHE A 541 21.44 -6.82 40.41
CA PHE A 541 21.63 -7.99 41.24
C PHE A 541 21.65 -9.22 40.36
N ILE A 542 22.53 -10.16 40.69
CA ILE A 542 22.55 -11.45 40.03
C ILE A 542 22.37 -12.52 41.10
N PHE A 543 21.41 -13.41 40.90
CA PHE A 543 21.17 -14.49 41.83
C PHE A 543 21.91 -15.73 41.39
N LEU A 544 22.90 -16.13 42.19
CA LEU A 544 23.60 -17.39 42.02
C LEU A 544 22.87 -18.46 42.80
N GLY A 545 22.48 -19.54 42.13
CA GLY A 545 21.88 -20.67 42.80
C GLY A 545 21.26 -21.65 41.85
N PRO A 546 20.70 -22.72 42.39
CA PRO A 546 19.92 -23.65 41.56
C PRO A 546 18.61 -23.01 41.11
N THR A 547 17.86 -23.74 40.31
CA THR A 547 16.57 -23.25 39.82
C THR A 547 15.45 -23.82 40.67
N GLY A 548 14.43 -22.99 40.93
CA GLY A 548 13.38 -23.35 41.84
C GLY A 548 13.63 -22.96 43.27
N VAL A 549 14.76 -22.31 43.54
CA VAL A 549 15.11 -21.92 44.89
C VAL A 549 14.38 -20.66 45.32
N GLY A 550 13.76 -19.94 44.38
CA GLY A 550 12.97 -18.77 44.71
C GLY A 550 13.26 -17.55 43.86
N LYS A 551 13.95 -17.75 42.75
CA LYS A 551 14.44 -16.63 41.95
C LYS A 551 13.30 -15.69 41.57
N THR A 552 12.24 -16.25 41.00
CA THR A 552 11.14 -15.40 40.57
C THR A 552 10.34 -14.87 41.75
N GLU A 553 10.13 -15.71 42.77
CA GLU A 553 9.32 -15.27 43.92
C GLU A 553 9.93 -14.07 44.60
N LEU A 554 11.24 -14.08 44.83
CA LEU A 554 11.88 -12.91 45.40
C LEU A 554 11.68 -11.70 44.52
N ALA A 555 11.80 -11.88 43.21
CA ALA A 555 11.63 -10.78 42.28
C ALA A 555 10.22 -10.19 42.38
N ARG A 556 9.22 -11.03 42.23
CA ARG A 556 7.85 -10.54 42.28
C ARG A 556 7.55 -9.91 43.63
N ALA A 557 8.11 -10.47 44.70
CA ALA A 557 7.83 -9.93 46.03
C ALA A 557 8.41 -8.53 46.17
N LEU A 558 9.69 -8.36 45.86
CA LEU A 558 10.29 -7.05 45.98
C LEU A 558 9.58 -6.05 45.08
N ALA A 559 9.27 -6.45 43.84
CA ALA A 559 8.58 -5.54 42.94
C ALA A 559 7.24 -5.14 43.53
N GLU A 560 6.49 -6.11 44.08
CA GLU A 560 5.26 -5.82 44.76
C GLU A 560 5.48 -4.90 45.94
N SER A 561 6.68 -4.87 46.48
CA SER A 561 7.00 -3.98 47.58
C SER A 561 7.64 -2.68 47.14
N ILE A 562 8.33 -2.68 46.00
CA ILE A 562 8.96 -1.48 45.49
C ILE A 562 7.96 -0.73 44.62
N PHE A 563 7.51 -1.37 43.56
CA PHE A 563 6.45 -0.84 42.70
C PHE A 563 5.19 -1.60 43.08
N GLY A 564 4.50 -1.12 44.12
CA GLY A 564 3.39 -1.82 44.71
C GLY A 564 2.44 -2.45 43.70
N ASP A 565 1.95 -3.66 43.99
CA ASP A 565 1.13 -4.40 43.05
C ASP A 565 1.88 -4.59 41.74
N GLU A 566 2.88 -5.47 41.80
CA GLU A 566 3.93 -5.50 40.80
C GLU A 566 3.44 -5.73 39.37
N GLU A 567 2.95 -6.93 39.04
CA GLU A 567 2.68 -7.37 37.67
C GLU A 567 3.72 -6.80 36.70
N SER A 568 4.98 -6.70 37.13
CA SER A 568 5.95 -5.87 36.44
C SER A 568 7.27 -6.56 36.10
N MET A 569 7.47 -7.80 36.50
CA MET A 569 8.72 -8.48 36.20
C MET A 569 8.78 -8.76 34.71
N ILE A 570 9.58 -7.97 33.98
CA ILE A 570 9.74 -8.16 32.53
C ILE A 570 10.74 -9.29 32.33
N ARG A 571 10.24 -10.51 32.23
CA ARG A 571 11.11 -11.68 32.17
C ARG A 571 11.61 -11.88 30.75
N ILE A 572 12.89 -12.19 30.62
CA ILE A 572 13.50 -12.53 29.33
C ILE A 572 14.36 -13.76 29.54
N ASP A 573 14.14 -14.78 28.72
CA ASP A 573 14.93 -16.00 28.76
C ASP A 573 16.09 -15.86 27.78
N MET A 574 17.29 -15.64 28.31
CA MET A 574 18.45 -15.49 27.44
C MET A 574 18.87 -16.81 26.81
N SER A 575 18.47 -17.94 27.38
CA SER A 575 18.74 -19.21 26.72
C SER A 575 18.02 -19.30 25.39
N GLU A 576 16.99 -18.48 25.18
CA GLU A 576 16.36 -18.39 23.87
C GLU A 576 17.21 -17.57 22.91
N TYR A 577 17.86 -16.52 23.40
CA TYR A 577 18.81 -15.73 22.62
C TYR A 577 20.18 -16.39 22.65
N MET A 578 20.24 -17.60 22.11
CA MET A 578 21.43 -18.42 22.22
C MET A 578 22.63 -17.75 21.57
N GLU A 579 22.56 -17.53 20.26
CA GLU A 579 23.76 -17.30 19.46
C GLU A 579 24.00 -15.81 19.24
N LYS A 580 24.91 -15.52 18.30
CA LYS A 580 25.32 -14.15 18.03
C LYS A 580 24.18 -13.33 17.47
N HIS A 581 23.78 -13.62 16.23
CA HIS A 581 22.76 -12.80 15.56
C HIS A 581 21.46 -12.76 16.33
N SER A 582 21.27 -13.69 17.27
CA SER A 582 20.07 -13.69 18.10
C SER A 582 19.90 -12.39 18.87
N THR A 583 20.97 -11.64 19.08
CA THR A 583 20.83 -10.36 19.77
C THR A 583 20.01 -9.35 18.98
N SER A 584 19.96 -9.50 17.66
CA SER A 584 19.08 -8.62 16.88
C SER A 584 17.63 -8.87 17.26
N ARG A 585 17.31 -10.07 17.72
CA ARG A 585 15.97 -10.30 18.26
C ARG A 585 15.73 -9.48 19.52
N LEU A 586 16.77 -9.31 20.34
CA LEU A 586 16.67 -8.48 21.52
C LEU A 586 16.35 -7.04 21.14
N VAL A 587 17.25 -6.42 20.38
CA VAL A 587 17.15 -5.00 20.10
C VAL A 587 16.20 -4.71 18.96
N GLY A 588 16.30 -5.48 17.88
CA GLY A 588 15.54 -5.21 16.68
C GLY A 588 16.38 -5.34 15.42
N SER A 589 15.74 -5.59 14.31
CA SER A 589 16.43 -5.70 13.04
C SER A 589 16.80 -4.31 12.52
N PRO A 590 17.78 -4.21 11.64
CA PRO A 590 18.02 -2.95 10.94
C PRO A 590 16.81 -2.58 10.13
N PRO A 591 16.74 -1.37 9.61
CA PRO A 591 15.62 -1.01 8.75
C PRO A 591 15.43 -1.92 7.55
N GLY A 592 16.42 -2.05 6.69
CA GLY A 592 16.21 -2.81 5.48
C GLY A 592 16.40 -4.30 5.67
N TYR A 593 15.73 -4.90 6.65
CA TYR A 593 15.95 -6.30 6.93
C TYR A 593 14.67 -6.90 7.53
N VAL A 594 14.76 -8.19 7.82
CA VAL A 594 13.59 -8.99 8.14
C VAL A 594 13.07 -8.67 9.52
N GLY A 595 11.76 -8.51 9.63
CA GLY A 595 11.12 -8.31 10.92
C GLY A 595 11.61 -7.07 11.65
N TYR A 596 11.38 -5.90 11.05
CA TYR A 596 11.89 -4.65 11.60
C TYR A 596 10.83 -3.78 12.22
N ASP A 597 9.57 -3.93 11.81
CA ASP A 597 8.53 -2.96 12.19
C ASP A 597 8.41 -2.85 13.70
N GLU A 598 8.05 -3.94 14.36
CA GLU A 598 7.92 -3.84 15.81
C GLU A 598 9.19 -4.36 16.47
N GLY A 599 9.49 -5.65 16.26
CA GLY A 599 10.71 -6.23 16.80
C GLY A 599 10.95 -5.83 18.24
N GLY A 600 12.23 -5.67 18.60
CA GLY A 600 12.61 -5.09 19.87
C GLY A 600 11.97 -5.69 21.10
N GLN A 601 12.07 -7.02 21.26
CA GLN A 601 11.44 -7.73 22.36
C GLN A 601 11.60 -7.01 23.69
N LEU A 602 12.85 -6.95 24.17
CA LEU A 602 13.15 -6.32 25.44
C LEU A 602 13.05 -4.80 25.35
N THR A 603 13.52 -4.23 24.24
CA THR A 603 13.49 -2.79 24.09
C THR A 603 12.06 -2.28 24.04
N GLU A 604 11.21 -2.90 23.23
CA GLU A 604 9.81 -2.48 23.20
C GLU A 604 9.12 -2.77 24.52
N LYS A 605 9.46 -3.90 25.16
CA LYS A 605 8.85 -4.24 26.43
C LYS A 605 9.10 -3.14 27.45
N VAL A 606 10.34 -2.64 27.52
CA VAL A 606 10.62 -1.60 28.50
C VAL A 606 10.10 -0.26 28.01
N ARG A 607 10.13 -0.01 26.70
CA ARG A 607 9.60 1.24 26.17
C ARG A 607 8.14 1.40 26.56
N ARG A 608 7.40 0.30 26.61
CA ARG A 608 6.01 0.35 27.05
C ARG A 608 5.90 0.95 28.44
N LYS A 609 6.35 0.23 29.46
CA LYS A 609 6.34 0.71 30.83
C LYS A 609 7.78 0.83 31.31
N PRO A 610 8.34 2.02 31.31
CA PRO A 610 9.73 2.18 31.76
C PRO A 610 9.80 2.36 33.26
N TYR A 611 9.03 1.56 33.99
CA TYR A 611 9.04 1.61 35.45
C TYR A 611 8.63 0.22 35.96
N SER A 612 9.62 -0.63 36.18
CA SER A 612 9.35 -2.03 36.53
C SER A 612 10.66 -2.66 36.94
N VAL A 613 10.66 -3.99 37.06
CA VAL A 613 11.83 -4.77 37.42
C VAL A 613 12.08 -5.77 36.30
N VAL A 614 13.21 -5.67 35.64
CA VAL A 614 13.57 -6.60 34.59
C VAL A 614 14.25 -7.81 35.20
N LEU A 615 13.78 -9.00 34.87
CA LEU A 615 14.48 -10.23 35.17
C LEU A 615 14.92 -10.88 33.87
N LEU A 616 16.20 -11.19 33.78
CA LEU A 616 16.81 -11.76 32.59
C LEU A 616 17.26 -13.16 32.92
N ASP A 617 16.55 -14.15 32.38
CA ASP A 617 16.78 -15.53 32.77
C ASP A 617 18.01 -16.10 32.09
N ALA A 618 18.74 -16.93 32.82
CA ALA A 618 19.89 -17.67 32.30
C ALA A 618 20.84 -16.74 31.58
N ILE A 619 21.42 -15.81 32.35
CA ILE A 619 22.34 -14.86 31.78
C ILE A 619 23.53 -15.55 31.13
N GLU A 620 23.83 -16.78 31.56
CA GLU A 620 25.03 -17.44 31.05
C GLU A 620 24.92 -17.74 29.57
N LYS A 621 23.74 -18.15 29.11
CA LYS A 621 23.61 -18.67 27.75
C LYS A 621 23.69 -17.59 26.68
N ALA A 622 23.91 -16.34 27.05
CA ALA A 622 24.12 -15.31 26.04
C ALA A 622 25.43 -15.52 25.32
N HIS A 623 25.40 -15.41 24.00
CA HIS A 623 26.65 -15.27 23.27
C HIS A 623 27.33 -13.99 23.75
N PRO A 624 28.65 -13.94 23.75
CA PRO A 624 29.35 -12.74 24.24
C PRO A 624 28.89 -11.45 23.58
N ASP A 625 28.12 -11.59 22.51
CA ASP A 625 27.63 -10.43 21.77
C ASP A 625 26.64 -9.60 22.58
N VAL A 626 26.01 -10.19 23.59
CA VAL A 626 24.97 -9.49 24.32
C VAL A 626 25.53 -8.86 25.59
N PHE A 627 26.54 -9.51 26.17
CA PHE A 627 27.19 -8.94 27.36
C PHE A 627 27.59 -7.50 27.14
N ASN A 628 27.93 -7.15 25.90
CA ASN A 628 28.23 -5.77 25.56
C ASN A 628 27.03 -4.86 25.81
N ILE A 629 25.86 -5.27 25.33
CA ILE A 629 24.66 -4.49 25.55
C ILE A 629 24.35 -4.42 27.04
N LEU A 630 24.55 -5.53 27.75
CA LEU A 630 24.29 -5.54 29.18
C LEU A 630 25.16 -4.54 29.91
N LEU A 631 26.46 -4.50 29.57
CA LEU A 631 27.34 -3.57 30.27
C LEU A 631 27.07 -2.13 29.86
N GLN A 632 26.62 -1.92 28.62
CA GLN A 632 26.18 -0.58 28.26
C GLN A 632 25.03 -0.14 29.14
N VAL A 633 24.06 -1.02 29.35
CA VAL A 633 22.96 -0.73 30.26
C VAL A 633 23.48 -0.45 31.65
N LEU A 634 24.35 -1.31 32.15
CA LEU A 634 24.97 -1.06 33.44
C LEU A 634 25.84 0.18 33.43
N GLU A 635 26.11 0.73 32.24
CA GLU A 635 26.77 2.02 32.13
C GLU A 635 25.68 3.07 31.95
N ASP A 636 25.08 3.48 33.07
CA ASP A 636 24.11 4.55 33.18
C ASP A 636 22.77 4.23 32.53
N GLY A 637 22.56 3.03 32.00
CA GLY A 637 21.29 2.71 31.41
C GLY A 637 20.99 3.59 30.22
N ARG A 638 19.71 3.84 30.01
CA ARG A 638 19.23 4.78 28.99
C ARG A 638 19.87 4.48 27.63
N LEU A 639 19.93 3.20 27.29
CA LEU A 639 20.61 2.79 26.08
C LEU A 639 19.73 3.02 24.87
N THR A 640 20.36 3.32 23.75
CA THR A 640 19.67 3.69 22.52
C THR A 640 19.56 2.50 21.59
N ASP A 641 19.41 1.32 22.16
CA ASP A 641 19.39 0.09 21.39
C ASP A 641 17.95 -0.17 20.92
N SER A 642 17.54 0.60 19.93
CA SER A 642 16.29 0.40 19.21
C SER A 642 16.43 1.11 17.88
N LYS A 643 15.41 0.98 17.04
CA LYS A 643 15.40 1.67 15.75
C LYS A 643 15.18 3.16 16.02
N GLY A 644 16.23 3.81 16.51
CA GLY A 644 16.16 5.22 16.77
C GLY A 644 15.48 5.60 18.06
N ARG A 645 15.22 4.65 18.94
CA ARG A 645 14.60 4.91 20.24
C ARG A 645 15.63 4.69 21.33
N THR A 646 15.77 5.67 22.20
CA THR A 646 16.62 5.53 23.38
C THR A 646 15.73 5.20 24.56
N VAL A 647 15.82 3.99 25.05
CA VAL A 647 15.04 3.56 26.20
C VAL A 647 15.86 3.84 27.45
N ASP A 648 15.15 4.18 28.53
CA ASP A 648 15.78 4.64 29.76
C ASP A 648 15.54 3.63 30.87
N PHE A 649 16.61 3.18 31.50
CA PHE A 649 16.49 2.24 32.60
C PHE A 649 16.98 2.94 33.85
N ARG A 650 16.11 3.77 34.44
CA ARG A 650 16.52 4.59 35.57
C ARG A 650 15.88 4.12 36.87
N ASN A 651 14.55 4.04 36.93
CA ASN A 651 13.89 3.53 38.12
C ASN A 651 13.83 2.02 38.14
N THR A 652 14.23 1.36 37.07
CA THR A 652 14.12 -0.07 36.97
C THR A 652 15.10 -0.76 37.92
N ILE A 653 15.03 -2.09 37.91
CA ILE A 653 15.99 -2.94 38.59
C ILE A 653 16.33 -4.06 37.63
N LEU A 654 17.60 -4.14 37.23
CA LEU A 654 18.04 -5.21 36.34
C LEU A 654 18.52 -6.37 37.20
N ILE A 655 17.88 -7.52 37.02
CA ILE A 655 18.21 -8.73 37.76
C ILE A 655 18.51 -9.84 36.77
N MET A 656 19.51 -10.66 37.05
CA MET A 656 19.90 -11.72 36.14
C MET A 656 19.86 -13.07 36.84
N THR A 657 19.03 -13.96 36.31
CA THR A 657 19.15 -15.36 36.66
C THR A 657 20.46 -15.90 36.11
N SER A 658 21.24 -16.54 36.97
CA SER A 658 22.61 -16.92 36.65
C SER A 658 22.66 -18.37 36.17
N ASN A 659 23.85 -18.96 36.22
CA ASN A 659 24.11 -20.32 35.80
C ASN A 659 23.75 -21.27 36.94
N VAL A 660 24.23 -22.51 36.86
CA VAL A 660 24.03 -23.46 37.95
C VAL A 660 24.58 -22.90 39.26
N GLY A 661 25.91 -22.74 39.35
CA GLY A 661 26.53 -22.28 40.57
C GLY A 661 26.22 -23.14 41.80
N ALA A 662 25.60 -24.29 41.60
CA ALA A 662 25.11 -25.07 42.74
C ALA A 662 26.21 -25.89 43.39
N SER A 663 27.22 -26.30 42.61
CA SER A 663 28.25 -27.19 43.12
C SER A 663 29.01 -26.58 44.29
N GLU A 664 29.24 -25.27 44.24
CA GLU A 664 30.03 -24.61 45.28
C GLU A 664 29.26 -24.52 46.58
N LEU A 665 27.95 -24.40 46.50
CA LEU A 665 27.09 -24.31 47.67
C LEU A 665 26.94 -25.67 48.35
N ASN A 681 32.42 -22.04 55.69
CA ASN A 681 31.12 -22.33 55.11
C ASN A 681 30.67 -21.19 54.19
N HIS A 682 30.26 -20.09 54.81
CA HIS A 682 29.81 -18.92 54.06
C HIS A 682 30.92 -18.39 53.17
N LYS A 683 32.08 -18.06 53.77
CA LYS A 683 33.20 -17.54 53.00
C LYS A 683 33.70 -18.55 51.99
N ASP A 684 33.59 -19.84 52.29
CA ASP A 684 34.05 -20.87 51.37
C ASP A 684 33.23 -20.86 50.09
N MET A 685 31.90 -20.98 50.24
CA MET A 685 31.02 -20.85 49.08
C MET A 685 31.27 -19.54 48.35
N LYS A 686 31.55 -18.47 49.09
CA LYS A 686 31.71 -17.15 48.49
C LYS A 686 32.94 -17.10 47.58
N ASP A 687 34.10 -17.49 48.10
CA ASP A 687 35.29 -17.48 47.27
C ASP A 687 35.14 -18.43 46.10
N LYS A 688 34.48 -19.58 46.33
CA LYS A 688 34.26 -20.53 45.25
C LYS A 688 33.48 -19.88 44.12
N VAL A 689 32.32 -19.28 44.42
CA VAL A 689 31.49 -18.75 43.35
C VAL A 689 32.15 -17.54 42.71
N MET A 690 32.93 -16.76 43.46
CA MET A 690 33.65 -15.66 42.84
C MET A 690 34.61 -16.19 41.79
N GLY A 691 35.36 -17.24 42.13
CA GLY A 691 36.24 -17.85 41.15
C GLY A 691 35.47 -18.43 39.98
N GLU A 692 34.27 -18.95 40.24
CA GLU A 692 33.46 -19.49 39.16
C GLU A 692 32.99 -18.39 38.22
N LEU A 693 32.79 -17.19 38.74
CA LEU A 693 32.45 -16.06 37.90
C LEU A 693 33.66 -15.58 37.12
N LYS A 694 34.84 -15.59 37.76
CA LYS A 694 36.07 -15.27 37.06
C LYS A 694 36.24 -16.18 35.85
N ARG A 695 36.11 -17.49 36.07
CA ARG A 695 36.27 -18.47 35.00
C ARG A 695 35.12 -18.39 34.01
N ALA A 696 33.93 -18.04 34.49
CA ALA A 696 32.74 -18.09 33.66
C ALA A 696 32.71 -16.96 32.64
N PHE A 697 32.82 -15.73 33.13
CA PHE A 697 32.76 -14.56 32.25
C PHE A 697 33.67 -13.49 32.84
N ARG A 698 33.59 -12.29 32.26
CA ARG A 698 34.54 -11.24 32.55
C ARG A 698 34.50 -10.88 34.04
N PRO A 699 35.64 -10.53 34.63
CA PRO A 699 35.60 -9.86 35.93
C PRO A 699 35.00 -8.48 35.83
N GLU A 700 35.30 -7.76 34.74
CA GLU A 700 34.73 -6.44 34.53
C GLU A 700 33.21 -6.48 34.51
N PHE A 701 32.63 -7.52 33.91
CA PHE A 701 31.19 -7.62 33.87
C PHE A 701 30.59 -7.59 35.27
N ILE A 702 31.14 -8.39 36.18
CA ILE A 702 30.60 -8.36 37.52
C ILE A 702 31.06 -7.11 38.26
N ASN A 703 32.16 -6.50 37.83
CA ASN A 703 32.53 -5.19 38.34
C ASN A 703 31.46 -4.17 37.99
N ARG A 704 30.68 -4.43 36.95
CA ARG A 704 29.54 -3.59 36.68
C ARG A 704 28.37 -3.91 37.60
N ILE A 705 28.11 -5.19 37.83
CA ILE A 705 26.92 -5.60 38.57
C ILE A 705 27.10 -5.22 40.03
N ASP A 706 26.00 -4.89 40.69
CA ASP A 706 26.12 -4.52 42.10
C ASP A 706 26.33 -5.75 42.97
N GLU A 707 25.31 -6.59 43.12
CA GLU A 707 25.34 -7.58 44.19
C GLU A 707 25.20 -9.00 43.68
N ILE A 708 25.74 -9.92 44.46
CA ILE A 708 25.76 -11.34 44.18
C ILE A 708 24.89 -11.98 45.25
N ILE A 709 23.63 -12.26 44.92
CA ILE A 709 22.71 -12.83 45.89
C ILE A 709 22.70 -14.34 45.68
N VAL A 710 23.22 -15.08 46.66
CA VAL A 710 23.43 -16.51 46.51
C VAL A 710 22.21 -17.27 47.02
N PHE A 711 21.71 -18.19 46.20
CA PHE A 711 20.57 -19.02 46.56
C PHE A 711 21.10 -20.32 47.14
N HIS A 712 21.02 -20.45 48.46
CA HIS A 712 21.74 -21.49 49.17
C HIS A 712 21.08 -22.84 48.95
N SER A 713 21.47 -23.82 49.77
CA SER A 713 20.98 -25.18 49.67
C SER A 713 19.47 -25.22 49.54
N LEU A 714 18.99 -26.26 48.86
CA LEU A 714 17.56 -26.44 48.66
C LEU A 714 16.84 -26.51 49.99
N GLU A 715 15.52 -26.37 49.92
CA GLU A 715 14.69 -26.35 51.12
C GLU A 715 14.62 -27.74 51.74
N LYS A 716 14.55 -27.77 53.07
CA LYS A 716 14.35 -29.01 53.81
C LYS A 716 13.08 -28.96 54.65
N LYS A 717 12.94 -27.95 55.50
CA LYS A 717 11.67 -27.66 56.14
C LYS A 717 10.89 -26.59 55.37
N HIS A 718 11.60 -25.68 54.71
CA HIS A 718 10.92 -24.73 53.83
C HIS A 718 10.12 -25.46 52.78
N LEU A 719 10.46 -26.71 52.49
CA LEU A 719 9.62 -27.53 51.64
C LEU A 719 8.20 -27.56 52.17
N THR A 720 8.03 -28.12 53.36
CA THR A 720 6.72 -28.17 53.99
C THR A 720 6.14 -26.78 54.16
N GLU A 721 6.98 -25.78 54.38
CA GLU A 721 6.45 -24.43 54.60
C GLU A 721 5.81 -23.88 53.33
N ILE A 722 6.46 -24.06 52.18
CA ILE A 722 5.86 -23.55 50.94
C ILE A 722 4.68 -24.43 50.53
N VAL A 723 4.71 -25.71 50.87
CA VAL A 723 3.50 -26.50 50.71
C VAL A 723 2.37 -25.87 51.50
N SER A 724 2.65 -25.47 52.74
CA SER A 724 1.63 -24.87 53.58
C SER A 724 1.10 -23.60 52.96
N LEU A 725 1.99 -22.79 52.39
CA LEU A 725 1.56 -21.53 51.81
C LEU A 725 0.65 -21.76 50.60
N MET A 726 1.12 -22.57 49.65
CA MET A 726 0.29 -22.86 48.49
C MET A 726 -1.04 -23.45 48.91
N SER A 727 -1.03 -24.33 49.91
CA SER A 727 -2.27 -24.94 50.33
C SER A 727 -3.17 -23.93 51.03
N ASP A 728 -2.60 -22.92 51.66
CA ASP A 728 -3.41 -21.85 52.22
C ASP A 728 -4.12 -21.10 51.09
N GLN A 729 -3.38 -20.80 50.02
CA GLN A 729 -3.99 -20.21 48.84
C GLN A 729 -5.14 -21.07 48.33
N LEU A 730 -4.87 -22.36 48.16
CA LEU A 730 -5.86 -23.25 47.55
C LEU A 730 -7.04 -23.45 48.47
N THR A 731 -6.81 -23.44 49.78
CA THR A 731 -7.91 -23.54 50.73
C THR A 731 -8.78 -22.30 50.69
N LYS A 732 -8.17 -21.13 50.52
CA LYS A 732 -8.97 -19.93 50.32
C LYS A 732 -9.84 -20.06 49.07
N ARG A 733 -9.23 -20.49 47.96
CA ARG A 733 -10.00 -20.64 46.73
C ARG A 733 -11.12 -21.65 46.89
N LEU A 734 -10.85 -22.73 47.62
CA LEU A 734 -11.86 -23.76 47.82
C LEU A 734 -12.93 -23.30 48.81
N LYS A 735 -12.59 -22.36 49.69
CA LYS A 735 -13.56 -21.86 50.64
C LYS A 735 -14.52 -20.88 49.97
N GLU A 736 -14.01 -19.99 49.12
CA GLU A 736 -14.90 -19.08 48.43
C GLU A 736 -15.87 -19.83 47.52
N GLN A 737 -15.56 -21.08 47.17
CA GLN A 737 -16.50 -21.93 46.44
C GLN A 737 -17.37 -22.74 47.37
N ASP A 738 -17.59 -22.28 48.60
CA ASP A 738 -18.45 -22.93 49.58
C ASP A 738 -17.97 -24.34 49.89
N LEU A 739 -16.71 -24.43 50.32
CA LEU A 739 -16.16 -25.67 50.81
C LEU A 739 -15.08 -25.34 51.83
N SER A 740 -14.57 -26.38 52.50
CA SER A 740 -13.49 -26.15 53.45
C SER A 740 -12.68 -27.42 53.58
N ILE A 741 -11.39 -27.32 53.27
CA ILE A 741 -10.47 -28.45 53.34
C ILE A 741 -9.33 -28.08 54.27
N GLU A 742 -8.90 -29.03 55.10
CA GLU A 742 -7.82 -28.81 56.05
C GLU A 742 -6.90 -30.02 56.04
N LEU A 743 -5.77 -29.90 55.37
CA LEU A 743 -4.84 -31.00 55.20
C LEU A 743 -3.78 -30.95 56.30
N THR A 744 -3.66 -32.03 57.06
CA THR A 744 -2.73 -32.04 58.18
C THR A 744 -1.30 -32.13 57.67
N ASP A 745 -0.37 -31.72 58.53
CA ASP A 745 1.02 -31.59 58.13
C ASP A 745 1.65 -32.92 57.74
N ALA A 746 1.06 -34.04 58.15
CA ALA A 746 1.57 -35.34 57.68
C ALA A 746 1.39 -35.47 56.18
N ALA A 747 0.19 -35.14 55.68
CA ALA A 747 -0.05 -35.16 54.25
C ALA A 747 0.82 -34.12 53.54
N LYS A 748 0.98 -32.94 54.14
CA LYS A 748 1.89 -31.97 53.58
C LYS A 748 3.28 -32.56 53.44
N ALA A 749 3.75 -33.28 54.45
CA ALA A 749 5.07 -33.88 54.39
C ALA A 749 5.15 -34.90 53.26
N LYS A 750 4.11 -35.72 53.11
CA LYS A 750 4.12 -36.71 52.04
C LYS A 750 4.18 -36.02 50.68
N VAL A 751 3.37 -34.98 50.49
CA VAL A 751 3.37 -34.25 49.21
C VAL A 751 4.75 -33.66 48.97
N ALA A 752 5.38 -33.14 50.02
CA ALA A 752 6.72 -32.60 49.89
C ALA A 752 7.68 -33.67 49.39
N GLU A 753 7.68 -34.83 50.02
CA GLU A 753 8.62 -35.89 49.66
C GLU A 753 8.39 -36.35 48.23
N GLU A 754 7.12 -36.48 47.83
CA GLU A 754 6.81 -36.94 46.47
C GLU A 754 7.19 -35.90 45.43
N GLY A 755 6.62 -34.71 45.55
CA GLY A 755 6.65 -33.67 44.54
C GLY A 755 8.02 -33.35 43.97
N VAL A 756 8.99 -33.11 44.82
CA VAL A 756 10.28 -32.61 44.40
C VAL A 756 11.37 -33.59 44.84
N ASP A 757 12.26 -33.93 43.91
CA ASP A 757 13.41 -34.75 44.23
C ASP A 757 14.54 -33.87 44.75
N LEU A 758 15.50 -34.51 45.42
CA LEU A 758 16.61 -33.78 46.01
C LEU A 758 17.43 -33.06 44.94
N GLU A 759 17.68 -33.73 43.82
CA GLU A 759 18.37 -33.08 42.71
C GLU A 759 17.49 -32.04 42.04
N TYR A 760 16.19 -32.29 41.94
CA TYR A 760 15.34 -31.48 41.12
C TYR A 760 14.90 -30.22 41.85
N GLY A 761 14.46 -29.22 41.07
CA GLY A 761 13.95 -28.00 41.64
C GLY A 761 12.60 -28.19 42.27
N ALA A 762 12.18 -27.17 43.01
CA ALA A 762 10.94 -27.24 43.79
C ALA A 762 9.71 -26.91 42.99
N ARG A 763 9.81 -26.82 41.67
CA ARG A 763 8.68 -26.41 40.85
C ARG A 763 7.60 -27.48 40.70
N PRO A 764 7.93 -28.78 40.57
CA PRO A 764 6.86 -29.76 40.31
C PRO A 764 5.89 -29.88 41.45
N LEU A 765 6.24 -29.34 42.62
CA LEU A 765 5.35 -29.39 43.76
C LEU A 765 4.00 -28.76 43.44
N ARG A 766 4.01 -27.65 42.70
CA ARG A 766 2.77 -27.08 42.20
C ARG A 766 1.92 -28.14 41.54
N ARG A 767 2.51 -28.83 40.55
CA ARG A 767 1.81 -29.90 39.87
C ARG A 767 1.36 -30.99 40.82
N ALA A 768 2.21 -31.33 41.80
CA ALA A 768 1.89 -32.42 42.71
C ALA A 768 0.64 -32.11 43.52
N ILE A 769 0.59 -30.92 44.10
CA ILE A 769 -0.57 -30.56 44.88
C ILE A 769 -1.78 -30.40 43.98
N GLN A 770 -1.57 -29.95 42.75
CA GLN A 770 -2.70 -29.83 41.84
C GLN A 770 -3.29 -31.20 41.55
N LYS A 771 -2.44 -32.20 41.31
CA LYS A 771 -2.93 -33.53 41.00
C LYS A 771 -3.65 -34.15 42.18
N HIS A 772 -3.08 -33.99 43.39
CA HIS A 772 -3.75 -34.53 44.56
C HIS A 772 -5.10 -33.87 44.80
N VAL A 773 -5.18 -32.55 44.69
CA VAL A 773 -6.45 -31.87 44.93
C VAL A 773 -7.47 -32.21 43.83
N GLU A 774 -7.02 -32.29 42.58
CA GLU A 774 -7.96 -32.64 41.51
C GLU A 774 -8.45 -34.07 41.66
N ASP A 775 -7.59 -34.96 42.15
CA ASP A 775 -8.03 -36.34 42.41
C ASP A 775 -9.09 -36.36 43.49
N ARG A 776 -8.83 -35.68 44.61
CA ARG A 776 -9.80 -35.70 45.70
C ARG A 776 -11.11 -35.05 45.28
N LEU A 777 -11.07 -33.92 44.59
CA LEU A 777 -12.30 -33.30 44.12
C LEU A 777 -13.00 -34.20 43.10
N SER A 778 -12.24 -34.79 42.19
CA SER A 778 -12.82 -35.68 41.20
C SER A 778 -13.51 -36.85 41.87
N GLU A 779 -12.78 -37.58 42.72
CA GLU A 779 -13.38 -38.74 43.37
C GLU A 779 -14.54 -38.33 44.25
N GLU A 780 -14.34 -37.35 45.12
CA GLU A 780 -15.34 -37.07 46.14
C GLU A 780 -16.60 -36.47 45.54
N LEU A 781 -16.46 -35.65 44.49
CA LEU A 781 -17.65 -35.15 43.82
C LEU A 781 -18.28 -36.22 42.93
N LEU A 782 -17.45 -37.04 42.29
CA LEU A 782 -17.97 -38.13 41.47
C LEU A 782 -18.61 -39.21 42.33
N ARG A 783 -17.84 -39.77 43.28
CA ARG A 783 -18.38 -40.78 44.18
C ARG A 783 -19.57 -40.23 44.97
N GLY A 784 -19.47 -38.98 45.40
CA GLY A 784 -20.48 -38.43 46.27
C GLY A 784 -20.29 -38.82 47.72
N ASN A 785 -19.14 -39.40 48.07
CA ASN A 785 -18.90 -39.82 49.44
C ASN A 785 -18.99 -38.64 50.38
N ILE A 786 -18.58 -37.46 49.92
CA ILE A 786 -18.61 -36.28 50.76
C ILE A 786 -19.79 -35.42 50.33
N HIS A 787 -20.20 -34.55 51.24
CA HIS A 787 -21.26 -33.58 51.02
C HIS A 787 -20.70 -32.18 51.16
N LYS A 788 -21.08 -31.30 50.25
CA LYS A 788 -20.63 -29.92 50.27
C LYS A 788 -20.91 -29.28 51.63
N GLY A 789 -20.01 -28.41 52.07
CA GLY A 789 -20.15 -27.74 53.34
C GLY A 789 -19.54 -28.47 54.51
N GLN A 790 -19.20 -29.75 54.35
CA GLN A 790 -18.56 -30.51 55.41
C GLN A 790 -17.05 -30.41 55.26
N HIS A 791 -16.39 -29.94 56.32
CA HIS A 791 -14.96 -29.70 56.28
C HIS A 791 -14.24 -30.97 55.86
N ILE A 792 -13.16 -30.82 55.12
CA ILE A 792 -12.46 -31.95 54.53
C ILE A 792 -11.03 -31.96 55.08
N VAL A 793 -10.67 -33.05 55.75
CA VAL A 793 -9.33 -33.20 56.30
C VAL A 793 -8.67 -34.40 55.63
N LEU A 794 -7.43 -34.23 55.20
CA LEU A 794 -6.64 -35.28 54.58
C LEU A 794 -5.50 -35.65 55.50
N ASP A 795 -5.21 -36.95 55.59
CA ASP A 795 -4.07 -37.41 56.38
C ASP A 795 -3.45 -38.62 55.70
N VAL A 796 -2.34 -39.08 56.27
CA VAL A 796 -1.56 -40.19 55.73
C VAL A 796 -1.65 -41.34 56.72
N GLU A 797 -2.77 -41.39 57.45
CA GLU A 797 -2.90 -42.35 58.55
C GLU A 797 -2.76 -43.78 58.08
N ASP A 798 -3.23 -44.09 56.88
CA ASP A 798 -3.02 -45.41 56.32
C ASP A 798 -1.75 -45.50 55.49
N GLY A 799 -0.88 -44.50 55.55
CA GLY A 799 0.24 -44.40 54.65
C GLY A 799 -0.10 -43.72 53.33
N GLU A 800 -1.38 -43.45 53.10
CA GLU A 800 -1.87 -42.83 51.88
C GLU A 800 -2.80 -41.70 52.29
N PHE A 801 -3.28 -40.93 51.33
CA PHE A 801 -4.16 -39.81 51.65
C PHE A 801 -5.54 -40.32 52.03
N VAL A 802 -5.93 -40.03 53.27
CA VAL A 802 -7.22 -40.47 53.81
C VAL A 802 -8.04 -39.24 54.11
N VAL A 803 -9.28 -39.24 53.65
CA VAL A 803 -10.14 -38.07 53.70
C VAL A 803 -11.25 -38.33 54.70
N LYS A 804 -11.28 -37.54 55.77
CA LYS A 804 -12.25 -37.71 56.85
C LYS A 804 -13.22 -36.53 56.83
N THR A 805 -14.29 -36.68 56.06
CA THR A 805 -15.31 -35.65 55.93
C THR A 805 -16.45 -35.91 56.90
N THR A 806 -16.77 -34.91 57.72
CA THR A 806 -17.87 -35.02 58.66
C THR A 806 -18.21 -33.66 59.23
N ALA B 158 -15.28 43.50 -25.03
CA ALA B 158 -16.33 43.05 -24.13
C ALA B 158 -15.87 43.18 -22.69
N ASN B 159 -16.79 42.97 -21.74
CA ASN B 159 -16.46 43.08 -20.33
C ASN B 159 -16.64 41.73 -19.64
N THR B 160 -15.89 41.54 -18.54
CA THR B 160 -15.81 40.27 -17.84
C THR B 160 -16.34 40.38 -16.41
N PRO B 161 -17.62 40.13 -16.19
CA PRO B 161 -18.12 40.11 -14.81
C PRO B 161 -17.76 38.82 -14.08
N THR B 162 -17.95 37.68 -14.75
CA THR B 162 -17.79 36.39 -14.11
C THR B 162 -16.37 36.22 -13.57
N LEU B 163 -15.38 36.37 -14.44
CA LEU B 163 -14.00 36.20 -14.01
C LEU B 163 -13.65 37.20 -12.93
N ASP B 164 -13.98 38.48 -13.13
CA ASP B 164 -13.64 39.48 -12.15
C ASP B 164 -14.28 39.21 -10.80
N SER B 165 -15.35 38.44 -10.77
CA SER B 165 -15.88 37.98 -9.50
C SER B 165 -15.13 36.76 -8.99
N LEU B 166 -14.62 35.92 -9.88
CA LEU B 166 -13.97 34.68 -9.47
C LEU B 166 -12.48 34.81 -9.23
N ALA B 167 -11.86 35.93 -9.61
CA ALA B 167 -10.41 35.96 -9.64
C ALA B 167 -9.90 37.36 -9.44
N ARG B 168 -8.81 37.46 -8.70
CA ARG B 168 -8.15 38.74 -8.50
C ARG B 168 -7.54 39.22 -9.80
N ASP B 169 -7.08 40.47 -9.80
CA ASP B 169 -6.35 41.01 -10.95
C ASP B 169 -5.11 41.71 -10.42
N LEU B 170 -3.94 41.12 -10.68
CA LEU B 170 -2.72 41.74 -10.20
C LEU B 170 -2.48 43.08 -10.89
N THR B 171 -2.96 43.25 -12.12
CA THR B 171 -2.79 44.54 -12.77
C THR B 171 -3.39 45.65 -11.92
N ALA B 172 -4.54 45.41 -11.33
CA ALA B 172 -5.12 46.40 -10.44
C ALA B 172 -4.27 46.59 -9.20
N ILE B 173 -3.89 45.47 -8.55
CA ILE B 173 -3.23 45.58 -7.26
C ILE B 173 -1.87 46.24 -7.38
N ALA B 174 -1.23 46.11 -8.54
CA ALA B 174 0.09 46.71 -8.70
C ALA B 174 0.03 48.21 -8.87
N LYS B 175 -1.08 48.76 -9.34
CA LYS B 175 -1.25 50.21 -9.34
C LYS B 175 -1.22 50.75 -7.92
N GLU B 176 -1.98 50.11 -7.02
CA GLU B 176 -1.93 50.46 -5.61
C GLU B 176 -0.61 50.05 -4.97
N ASP B 177 0.23 49.33 -5.69
CA ASP B 177 1.58 49.01 -5.27
C ASP B 177 1.60 48.28 -3.94
N SER B 178 0.58 47.48 -3.67
CA SER B 178 0.72 46.53 -2.58
C SER B 178 1.81 45.51 -2.85
N LEU B 179 2.15 45.32 -4.12
CA LEU B 179 3.07 44.27 -4.51
C LEU B 179 4.50 44.63 -4.16
N ASP B 180 5.31 43.63 -4.05
CA ASP B 180 6.71 43.86 -3.78
C ASP B 180 7.45 44.18 -5.08
N PRO B 181 8.48 45.02 -5.01
CA PRO B 181 9.30 45.22 -6.21
C PRO B 181 10.02 43.93 -6.55
N VAL B 182 10.17 43.67 -7.83
CA VAL B 182 10.84 42.47 -8.30
C VAL B 182 12.17 42.88 -8.90
N ILE B 183 13.26 42.55 -8.21
CA ILE B 183 14.57 43.00 -8.64
C ILE B 183 15.19 41.99 -9.60
N GLY B 184 15.98 42.50 -10.52
CA GLY B 184 16.69 41.63 -11.45
C GLY B 184 15.76 40.67 -12.13
N ARG B 185 16.18 39.41 -12.24
CA ARG B 185 15.34 38.35 -12.75
C ARG B 185 14.83 38.68 -14.15
N SER B 186 15.69 39.26 -14.98
CA SER B 186 15.26 39.57 -16.33
C SER B 186 15.48 38.43 -17.30
N LYS B 187 16.40 37.52 -17.01
CA LYS B 187 16.61 36.37 -17.87
C LYS B 187 15.37 35.51 -17.93
N GLU B 188 14.67 35.39 -16.81
CA GLU B 188 13.44 34.60 -16.76
C GLU B 188 12.26 35.38 -17.33
N ILE B 189 12.07 36.63 -16.88
CA ILE B 189 10.91 37.39 -17.33
C ILE B 189 10.93 37.56 -18.83
N GLN B 190 12.10 37.81 -19.42
CA GLN B 190 12.11 37.96 -20.86
C GLN B 190 11.66 36.68 -21.53
N ARG B 191 12.21 35.54 -21.12
CA ARG B 191 11.76 34.27 -21.66
C ARG B 191 10.26 34.12 -21.49
N VAL B 192 9.72 34.62 -20.39
CA VAL B 192 8.28 34.54 -20.19
C VAL B 192 7.56 35.35 -21.24
N ILE B 193 8.08 36.53 -21.58
CA ILE B 193 7.42 37.33 -22.60
C ILE B 193 7.50 36.63 -23.94
N GLU B 194 8.63 36.01 -24.24
CA GLU B 194 8.78 35.31 -25.50
C GLU B 194 7.82 34.15 -25.60
N VAL B 195 7.70 33.37 -24.53
CA VAL B 195 6.74 32.27 -24.52
C VAL B 195 5.32 32.78 -24.52
N LEU B 196 5.10 33.96 -23.95
CA LEU B 196 3.75 34.47 -23.76
C LEU B 196 3.22 35.18 -24.99
N SER B 197 4.10 35.70 -25.82
CA SER B 197 3.68 36.40 -27.04
C SER B 197 3.88 35.53 -28.27
N ARG B 198 3.36 34.31 -28.25
CA ARG B 198 3.51 33.41 -29.38
C ARG B 198 2.16 32.81 -29.73
N ARG B 199 2.14 32.06 -30.82
CA ARG B 199 0.90 31.75 -31.50
C ARG B 199 0.26 30.43 -31.07
N THR B 200 1.06 29.38 -30.95
CA THR B 200 0.51 28.05 -30.75
C THR B 200 -0.06 27.92 -29.34
N LYS B 201 0.82 27.86 -28.35
CA LYS B 201 0.43 27.63 -26.97
C LYS B 201 1.42 28.44 -26.14
N ASN B 202 0.98 29.61 -25.72
CA ASN B 202 1.84 30.58 -25.10
C ASN B 202 1.89 30.46 -23.59
N ASN B 203 1.69 29.27 -23.05
CA ASN B 203 1.57 29.10 -21.63
C ASN B 203 2.92 28.82 -21.00
N PRO B 204 3.39 29.64 -20.08
CA PRO B 204 4.61 29.32 -19.33
C PRO B 204 4.29 28.60 -18.03
N VAL B 205 5.26 27.82 -17.57
CA VAL B 205 5.14 27.14 -16.30
C VAL B 205 6.43 27.33 -15.56
N LEU B 206 6.37 27.96 -14.39
CA LEU B 206 7.58 28.34 -13.68
C LEU B 206 7.97 27.25 -12.69
N ILE B 207 8.41 26.13 -13.24
CA ILE B 207 8.82 25.01 -12.38
C ILE B 207 10.05 25.43 -11.61
N GLY B 208 10.00 25.30 -10.30
CA GLY B 208 11.18 25.55 -9.48
C GLY B 208 10.91 25.15 -8.04
N GLU B 209 11.94 25.29 -7.23
CA GLU B 209 11.83 24.97 -5.82
C GLU B 209 10.92 25.99 -5.14
N PRO B 210 10.51 25.73 -3.90
CA PRO B 210 9.45 26.58 -3.32
C PRO B 210 9.83 28.02 -3.06
N GLY B 211 10.90 28.27 -2.33
CA GLY B 211 11.11 29.64 -1.89
C GLY B 211 11.84 30.50 -2.88
N VAL B 212 11.58 30.32 -4.17
CA VAL B 212 12.41 30.92 -5.20
C VAL B 212 11.79 32.18 -5.79
N GLY B 213 10.47 32.31 -5.76
CA GLY B 213 9.87 33.52 -6.28
C GLY B 213 9.12 33.35 -7.58
N LYS B 214 8.40 32.24 -7.75
CA LYS B 214 7.52 32.12 -8.92
C LYS B 214 6.46 33.20 -8.91
N THR B 215 5.63 33.19 -7.86
CA THR B 215 4.62 34.21 -7.70
C THR B 215 5.24 35.59 -7.81
N ALA B 216 6.44 35.77 -7.25
CA ALA B 216 7.12 37.04 -7.38
C ALA B 216 7.41 37.36 -8.84
N ILE B 217 7.73 36.35 -9.64
CA ILE B 217 7.98 36.59 -11.06
C ILE B 217 6.71 37.04 -11.76
N ALA B 218 5.60 36.36 -11.49
CA ALA B 218 4.36 36.78 -12.12
C ALA B 218 4.02 38.21 -11.74
N GLU B 219 4.14 38.53 -10.45
CA GLU B 219 3.89 39.91 -10.03
C GLU B 219 4.81 40.87 -10.75
N GLY B 220 6.08 40.50 -10.91
CA GLY B 220 6.98 41.34 -11.67
C GLY B 220 6.47 41.55 -13.08
N LEU B 221 5.78 40.56 -13.62
CA LEU B 221 5.22 40.73 -14.96
C LEU B 221 4.10 41.76 -14.96
N ALA B 222 3.21 41.72 -13.97
CA ALA B 222 2.17 42.73 -13.89
C ALA B 222 2.77 44.11 -13.71
N GLN B 223 3.75 44.22 -12.82
CA GLN B 223 4.38 45.51 -12.59
C GLN B 223 5.00 46.04 -13.87
N GLN B 224 5.62 45.17 -14.65
CA GLN B 224 6.15 45.61 -15.93
C GLN B 224 5.03 46.04 -16.86
N ILE B 225 3.89 45.38 -16.78
CA ILE B 225 2.75 45.78 -17.61
C ILE B 225 2.33 47.20 -17.28
N ILE B 226 2.28 47.55 -16.00
CA ILE B 226 1.88 48.92 -15.65
C ILE B 226 2.97 49.90 -16.01
N ASN B 227 4.22 49.52 -15.79
CA ASN B 227 5.33 50.44 -16.04
C ASN B 227 5.54 50.72 -17.52
N ASN B 228 4.88 49.95 -18.40
CA ASN B 228 4.92 50.05 -19.85
C ASN B 228 6.20 49.47 -20.43
N GLU B 229 7.04 48.84 -19.62
CA GLU B 229 8.27 48.26 -20.12
C GLU B 229 8.04 47.10 -21.07
N VAL B 230 6.86 46.52 -21.06
CA VAL B 230 6.56 45.32 -21.85
C VAL B 230 6.47 45.70 -23.33
N PRO B 231 6.55 44.75 -24.25
CA PRO B 231 6.38 45.08 -25.65
C PRO B 231 4.98 45.56 -25.96
N GLU B 232 4.84 46.15 -27.16
CA GLU B 232 3.56 46.71 -27.56
C GLU B 232 2.49 45.63 -27.63
N ILE B 233 2.83 44.45 -28.14
CA ILE B 233 1.85 43.38 -28.26
C ILE B 233 1.35 42.96 -26.88
N LEU B 234 2.24 42.95 -25.90
CA LEU B 234 1.87 42.64 -24.53
C LEU B 234 1.37 43.87 -23.79
N ARG B 235 1.37 45.03 -24.42
CA ARG B 235 0.96 46.25 -23.74
C ARG B 235 -0.54 46.22 -23.45
N ASP B 236 -0.90 46.62 -22.24
CA ASP B 236 -2.29 46.71 -21.81
C ASP B 236 -2.99 45.35 -21.85
N LYS B 237 -2.53 44.46 -20.99
CA LYS B 237 -3.22 43.21 -20.72
C LYS B 237 -3.36 43.06 -19.22
N ARG B 238 -4.38 42.32 -18.79
CA ARG B 238 -4.69 42.17 -17.39
C ARG B 238 -4.34 40.78 -16.92
N VAL B 239 -3.37 40.69 -16.02
CA VAL B 239 -3.02 39.42 -15.39
C VAL B 239 -4.06 39.12 -14.33
N MET B 240 -4.64 37.93 -14.41
CA MET B 240 -5.63 37.49 -13.44
C MET B 240 -5.08 36.31 -12.67
N THR B 241 -5.45 36.21 -11.42
CA THR B 241 -5.01 35.11 -10.57
C THR B 241 -6.19 34.16 -10.40
N LEU B 242 -6.33 33.24 -11.34
CA LEU B 242 -7.45 32.32 -11.33
C LEU B 242 -7.18 31.22 -10.33
N ASP B 243 -7.76 31.36 -9.14
CA ASP B 243 -7.67 30.32 -8.15
C ASP B 243 -8.70 29.24 -8.44
N MET B 244 -8.35 27.99 -8.15
CA MET B 244 -9.33 26.93 -8.28
C MET B 244 -10.24 26.85 -7.06
N GLY B 245 -9.72 27.17 -5.87
CA GLY B 245 -10.58 27.18 -4.71
C GLY B 245 -11.75 28.13 -4.86
N THR B 246 -11.50 29.32 -5.43
CA THR B 246 -12.59 30.25 -5.66
C THR B 246 -13.43 29.88 -6.86
N VAL B 247 -13.02 28.90 -7.66
CA VAL B 247 -13.83 28.50 -8.80
C VAL B 247 -14.78 27.37 -8.44
N VAL B 248 -14.24 26.28 -7.90
CA VAL B 248 -15.04 25.08 -7.66
C VAL B 248 -15.97 25.24 -6.47
N ALA B 249 -16.09 26.45 -5.92
CA ALA B 249 -16.77 26.59 -4.64
C ALA B 249 -18.25 26.23 -4.72
N GLY B 250 -19.07 27.10 -5.28
CA GLY B 250 -20.47 26.99 -4.99
C GLY B 250 -21.28 26.04 -5.84
N THR B 251 -20.67 25.01 -6.41
CA THR B 251 -21.40 24.21 -7.39
C THR B 251 -22.33 23.18 -6.75
N LYS B 252 -21.76 22.17 -6.11
CA LYS B 252 -22.46 21.06 -5.47
C LYS B 252 -23.58 20.45 -6.31
N TYR B 253 -23.56 20.63 -7.62
CA TYR B 253 -24.60 20.11 -8.50
C TYR B 253 -23.95 19.49 -9.72
N ARG B 254 -24.75 19.23 -10.75
CA ARG B 254 -24.22 18.51 -11.90
C ARG B 254 -23.60 19.42 -12.93
N GLY B 255 -24.22 20.55 -13.20
CA GLY B 255 -23.77 21.36 -14.30
C GLY B 255 -23.40 22.76 -13.90
N GLU B 256 -22.66 22.93 -12.81
CA GLU B 256 -22.35 24.30 -12.45
C GLU B 256 -20.87 24.63 -12.52
N PHE B 257 -20.00 23.71 -12.10
CA PHE B 257 -18.56 23.96 -12.20
C PHE B 257 -18.15 24.16 -13.65
N GLU B 258 -18.35 23.14 -14.49
CA GLU B 258 -18.02 23.30 -15.89
C GLU B 258 -18.82 24.42 -16.52
N ASP B 259 -19.94 24.79 -15.93
CA ASP B 259 -20.65 25.96 -16.43
C ASP B 259 -19.83 27.22 -16.18
N ARG B 260 -19.38 27.41 -14.94
CA ARG B 260 -18.53 28.55 -14.65
C ARG B 260 -17.32 28.57 -15.56
N LEU B 261 -16.71 27.42 -15.79
CA LEU B 261 -15.50 27.40 -16.61
C LEU B 261 -15.81 27.69 -18.07
N LYS B 262 -16.94 27.19 -18.58
CA LYS B 262 -17.33 27.56 -19.93
C LYS B 262 -17.49 29.06 -20.05
N LYS B 263 -18.17 29.68 -19.10
CA LYS B 263 -18.37 31.12 -19.18
C LYS B 263 -17.05 31.87 -19.06
N VAL B 264 -16.17 31.40 -18.17
CA VAL B 264 -14.87 32.04 -18.03
C VAL B 264 -14.10 31.96 -19.34
N MET B 265 -14.12 30.80 -19.97
CA MET B 265 -13.39 30.65 -21.22
C MET B 265 -13.97 31.52 -22.30
N ASP B 266 -15.30 31.62 -22.36
CA ASP B 266 -15.92 32.43 -23.39
C ASP B 266 -15.60 33.91 -23.18
N GLU B 267 -15.59 34.34 -21.92
CA GLU B 267 -15.16 35.71 -21.64
C GLU B 267 -13.74 35.93 -22.12
N ILE B 268 -12.82 35.05 -21.72
CA ILE B 268 -11.42 35.20 -22.10
C ILE B 268 -11.28 35.29 -23.61
N ARG B 269 -11.93 34.37 -24.33
CA ARG B 269 -11.84 34.38 -25.77
C ARG B 269 -12.38 35.69 -26.34
N GLN B 270 -13.50 36.16 -25.80
CA GLN B 270 -14.08 37.39 -26.34
C GLN B 270 -13.34 38.62 -25.84
N ALA B 271 -12.97 38.64 -24.58
CA ALA B 271 -12.19 39.76 -24.07
C ALA B 271 -10.83 39.81 -24.77
N GLY B 272 -10.44 41.00 -25.20
CA GLY B 272 -9.27 41.11 -26.05
C GLY B 272 -7.98 40.77 -25.32
N ASN B 273 -7.75 41.42 -24.19
CA ASN B 273 -6.44 41.45 -23.55
C ASN B 273 -6.55 40.89 -22.14
N ILE B 274 -6.26 39.60 -21.98
CA ILE B 274 -6.30 39.06 -20.63
C ILE B 274 -5.38 37.85 -20.46
N ILE B 275 -4.40 37.99 -19.59
CA ILE B 275 -3.50 36.91 -19.22
C ILE B 275 -4.00 36.29 -17.94
N LEU B 276 -3.84 34.99 -17.80
CA LEU B 276 -4.42 34.26 -16.68
C LEU B 276 -3.30 33.55 -15.94
N PHE B 277 -2.96 34.02 -14.74
CA PHE B 277 -1.90 33.40 -13.96
C PHE B 277 -2.47 32.45 -12.95
N ILE B 278 -1.98 31.22 -12.95
CA ILE B 278 -2.50 30.15 -12.12
C ILE B 278 -1.42 29.69 -11.16
N ASP B 279 -1.60 29.99 -9.88
CA ASP B 279 -0.77 29.36 -8.88
C ASP B 279 -1.12 27.89 -8.73
N ALA B 280 -0.11 27.08 -8.45
CA ALA B 280 -0.30 25.64 -8.26
C ALA B 280 -1.06 25.06 -9.45
N LEU B 281 -0.41 25.12 -10.61
CA LEU B 281 -1.01 24.60 -11.82
C LEU B 281 -1.46 23.17 -11.64
N HIS B 282 -0.75 22.39 -10.82
CA HIS B 282 -1.09 20.99 -10.66
C HIS B 282 -2.49 20.75 -10.12
N THR B 283 -3.26 21.79 -9.82
CA THR B 283 -4.63 21.59 -9.38
C THR B 283 -5.62 21.61 -10.52
N LEU B 284 -5.22 22.03 -11.73
CA LEU B 284 -6.11 21.92 -12.88
C LEU B 284 -6.57 20.49 -13.04
N ILE B 285 -5.68 19.54 -12.80
CA ILE B 285 -5.98 18.13 -12.99
C ILE B 285 -6.80 17.64 -11.80
N GLY B 286 -7.99 17.14 -12.09
CA GLY B 286 -8.83 16.63 -11.02
C GLY B 286 -9.60 17.67 -10.24
N ALA B 287 -9.72 18.89 -10.75
CA ALA B 287 -10.42 19.95 -10.03
C ALA B 287 -11.87 19.62 -9.77
N GLY B 288 -12.67 19.51 -10.82
CA GLY B 288 -14.09 19.28 -10.62
C GLY B 288 -14.39 17.83 -10.42
N GLY B 289 -13.83 17.26 -9.37
CA GLY B 289 -13.91 15.83 -9.17
C GLY B 289 -15.22 15.38 -8.55
N ALA B 290 -16.01 14.64 -9.31
CA ALA B 290 -17.33 14.22 -8.88
C ALA B 290 -17.75 13.04 -9.73
N GLU B 291 -19.05 12.74 -9.68
CA GLU B 291 -19.61 11.80 -10.65
C GLU B 291 -19.49 12.33 -12.06
N GLY B 292 -19.75 13.63 -12.24
CA GLY B 292 -19.57 14.24 -13.55
C GLY B 292 -18.15 14.14 -14.05
N ALA B 293 -17.18 14.44 -13.18
CA ALA B 293 -15.76 14.13 -13.42
C ALA B 293 -15.27 14.69 -14.76
N ILE B 294 -15.75 15.86 -15.13
CA ILE B 294 -15.10 16.60 -16.18
C ILE B 294 -14.39 17.76 -15.50
N ASP B 295 -13.14 17.54 -15.13
CA ASP B 295 -12.37 18.45 -14.31
C ASP B 295 -11.90 19.63 -15.15
N ALA B 296 -11.34 20.63 -14.47
CA ALA B 296 -10.92 21.83 -15.16
C ALA B 296 -9.87 21.52 -16.21
N SER B 297 -9.06 20.50 -15.98
CA SER B 297 -7.95 20.24 -16.89
C SER B 297 -8.45 19.86 -18.27
N ASN B 298 -9.60 19.21 -18.35
CA ASN B 298 -10.12 18.79 -19.65
C ASN B 298 -10.91 19.87 -20.34
N ILE B 299 -11.60 20.72 -19.58
CA ILE B 299 -12.35 21.79 -20.21
C ILE B 299 -11.41 22.76 -20.88
N LEU B 300 -10.23 22.96 -20.32
CA LEU B 300 -9.28 23.92 -20.86
C LEU B 300 -8.38 23.33 -21.92
N LYS B 301 -8.22 22.02 -21.94
CA LYS B 301 -7.19 21.41 -22.78
C LYS B 301 -7.28 21.87 -24.23
N PRO B 302 -8.40 21.72 -24.93
CA PRO B 302 -8.38 22.13 -26.34
C PRO B 302 -8.17 23.61 -26.50
N SER B 303 -8.79 24.41 -25.64
CA SER B 303 -8.59 25.85 -25.73
C SER B 303 -7.15 26.22 -25.39
N LEU B 304 -6.54 25.51 -24.45
CA LEU B 304 -5.14 25.79 -24.15
C LEU B 304 -4.27 25.49 -25.34
N ALA B 305 -4.50 24.36 -26.01
CA ALA B 305 -3.62 24.01 -27.11
C ALA B 305 -3.83 24.93 -28.30
N ARG B 306 -5.08 25.31 -28.57
CA ARG B 306 -5.33 26.19 -29.71
C ARG B 306 -4.71 27.56 -29.49
N GLY B 307 -4.57 27.98 -28.25
CA GLY B 307 -3.83 29.19 -27.93
C GLY B 307 -4.66 30.36 -27.51
N GLU B 308 -5.99 30.26 -27.50
CA GLU B 308 -6.82 31.40 -27.12
C GLU B 308 -6.65 31.72 -25.65
N LEU B 309 -6.82 30.73 -24.79
CA LEU B 309 -6.65 30.93 -23.37
C LEU B 309 -5.16 31.08 -23.07
N GLN B 310 -4.77 32.24 -22.58
CA GLN B 310 -3.37 32.61 -22.44
C GLN B 310 -2.97 32.45 -20.98
N CYS B 311 -2.42 31.29 -20.63
CA CYS B 311 -2.18 30.98 -19.24
C CYS B 311 -0.74 31.35 -18.88
N ILE B 312 -0.48 31.30 -17.57
CA ILE B 312 0.85 31.41 -17.00
C ILE B 312 0.83 30.55 -15.75
N GLY B 313 1.43 29.37 -15.83
CA GLY B 313 1.34 28.42 -14.73
C GLY B 313 2.53 28.60 -13.82
N ALA B 314 2.30 28.41 -12.52
CA ALA B 314 3.39 28.36 -11.56
C ALA B 314 3.21 27.12 -10.72
N THR B 315 4.25 26.30 -10.64
CA THR B 315 4.17 25.04 -9.93
C THR B 315 5.44 24.86 -9.14
N THR B 316 5.59 23.69 -8.53
CA THR B 316 6.77 23.34 -7.77
C THR B 316 7.35 22.08 -8.36
N LEU B 317 8.67 22.07 -8.56
CA LEU B 317 9.28 21.00 -9.32
C LEU B 317 8.83 19.63 -8.86
N ASP B 318 8.69 19.45 -7.56
CA ASP B 318 8.21 18.17 -7.04
C ASP B 318 6.78 17.91 -7.47
N GLU B 319 5.91 18.91 -7.34
CA GLU B 319 4.56 18.75 -7.87
C GLU B 319 4.58 18.54 -9.37
N TYR B 320 5.57 19.09 -10.07
CA TYR B 320 5.66 18.85 -11.49
C TYR B 320 5.87 17.37 -11.74
N ARG B 321 6.92 16.80 -11.16
CA ARG B 321 7.18 15.40 -11.46
C ARG B 321 6.13 14.48 -10.88
N LYS B 322 5.45 14.88 -9.81
CA LYS B 322 4.50 13.97 -9.17
C LYS B 322 3.24 13.80 -9.99
N TYR B 323 2.50 14.89 -10.23
CA TYR B 323 1.23 14.75 -10.91
C TYR B 323 0.94 15.90 -11.86
N ILE B 324 1.93 16.33 -12.64
CA ILE B 324 1.62 16.98 -13.90
C ILE B 324 2.53 16.38 -14.95
N GLU B 325 3.59 15.71 -14.53
CA GLU B 325 4.54 15.12 -15.46
C GLU B 325 4.19 13.69 -15.80
N LYS B 326 3.95 12.87 -14.81
CA LYS B 326 3.66 11.47 -15.09
C LYS B 326 2.19 11.24 -15.38
N ASP B 327 1.34 12.03 -14.76
CA ASP B 327 -0.06 11.67 -14.64
C ASP B 327 -0.96 12.50 -15.54
N ALA B 328 -0.42 13.49 -16.25
CA ALA B 328 -1.24 14.40 -17.04
C ALA B 328 -1.12 14.17 -18.54
N ALA B 329 0.09 14.11 -19.08
CA ALA B 329 0.29 14.37 -20.51
C ALA B 329 -0.31 15.71 -20.88
N LEU B 330 -0.18 16.65 -19.95
CA LEU B 330 -0.47 18.06 -20.13
C LEU B 330 0.80 18.90 -20.10
N GLU B 331 1.96 18.30 -19.92
CA GLU B 331 3.15 19.10 -20.15
C GLU B 331 3.40 19.12 -21.64
N ARG B 332 2.34 19.31 -22.40
CA ARG B 332 2.40 19.66 -23.79
C ARG B 332 1.92 21.08 -24.00
N ARG B 333 0.83 21.46 -23.35
CA ARG B 333 0.28 22.79 -23.51
C ARG B 333 0.99 23.80 -22.63
N PHE B 334 2.16 23.49 -22.10
CA PHE B 334 2.80 24.35 -21.12
C PHE B 334 4.30 24.31 -21.32
N GLN B 335 4.91 25.47 -21.51
CA GLN B 335 6.35 25.54 -21.68
C GLN B 335 7.03 25.65 -20.32
N PRO B 336 7.88 24.72 -19.97
CA PRO B 336 8.47 24.65 -18.64
C PRO B 336 9.75 25.46 -18.54
N ILE B 337 9.61 26.73 -18.17
CA ILE B 337 10.76 27.61 -18.04
C ILE B 337 11.19 27.63 -16.59
N GLN B 338 12.21 26.85 -16.26
CA GLN B 338 12.53 26.63 -14.87
C GLN B 338 13.12 27.87 -14.24
N VAL B 339 12.93 27.99 -12.93
CA VAL B 339 13.40 29.12 -12.15
C VAL B 339 14.12 28.56 -10.95
N ASP B 340 15.31 29.08 -10.66
CA ASP B 340 16.13 28.51 -9.61
C ASP B 340 16.85 29.60 -8.85
N GLN B 341 17.38 29.22 -7.69
CA GLN B 341 18.01 30.10 -6.71
C GLN B 341 18.82 31.20 -7.35
N PRO B 342 18.64 32.45 -6.93
CA PRO B 342 19.60 33.47 -7.31
C PRO B 342 20.96 33.15 -6.71
N SER B 343 22.00 33.64 -7.38
CA SER B 343 23.34 33.47 -6.88
C SER B 343 23.50 34.20 -5.55
N VAL B 344 24.66 34.01 -4.91
CA VAL B 344 24.92 34.70 -3.66
C VAL B 344 24.87 36.21 -3.85
N ASP B 345 25.26 36.69 -5.03
CA ASP B 345 25.28 38.12 -5.29
C ASP B 345 23.92 38.62 -5.75
N GLU B 346 23.27 37.84 -6.61
CA GLU B 346 21.94 38.23 -7.06
C GLU B 346 20.98 38.34 -5.90
N SER B 347 21.13 37.48 -4.90
CA SER B 347 20.29 37.58 -3.73
C SER B 347 20.56 38.87 -2.98
N ILE B 348 21.82 39.30 -2.91
CA ILE B 348 22.12 40.55 -2.25
C ILE B 348 21.44 41.69 -2.96
N GLN B 349 21.54 41.72 -4.29
CA GLN B 349 20.88 42.79 -5.04
C GLN B 349 19.37 42.76 -4.85
N ILE B 350 18.78 41.56 -4.89
CA ILE B 350 17.37 41.40 -4.58
C ILE B 350 17.05 42.08 -3.27
N LEU B 351 17.63 41.55 -2.20
CA LEU B 351 17.25 41.96 -0.86
C LEU B 351 17.49 43.44 -0.65
N GLN B 352 18.58 43.97 -1.18
CA GLN B 352 18.85 45.37 -1.01
C GLN B 352 17.83 46.22 -1.77
N GLY B 353 17.40 45.75 -2.94
CA GLY B 353 16.31 46.45 -3.59
C GLY B 353 15.02 46.36 -2.81
N LEU B 354 14.88 45.36 -1.95
CA LEU B 354 13.66 45.14 -1.20
C LEU B 354 13.72 45.71 0.21
N ARG B 355 14.82 46.35 0.58
CA ARG B 355 15.05 46.71 1.97
C ARG B 355 14.12 47.82 2.46
N ASP B 356 13.57 48.63 1.57
CA ASP B 356 12.80 49.78 2.02
C ASP B 356 11.50 49.35 2.68
N ARG B 357 10.85 48.32 2.14
CA ARG B 357 9.57 47.88 2.68
C ARG B 357 9.73 47.34 4.08
N TYR B 358 10.80 46.61 4.34
CA TYR B 358 11.00 46.04 5.66
C TYR B 358 11.39 47.11 6.67
N GLU B 359 12.18 48.09 6.23
CA GLU B 359 12.34 49.30 7.02
C GLU B 359 11.01 49.89 7.42
N ALA B 360 10.16 50.16 6.43
CA ALA B 360 8.87 50.75 6.71
C ALA B 360 8.10 49.94 7.73
N HIS B 361 8.07 48.61 7.57
CA HIS B 361 7.23 47.81 8.42
C HIS B 361 7.77 47.74 9.85
N HIS B 362 9.06 47.51 10.00
CA HIS B 362 9.61 47.47 11.34
C HIS B 362 9.98 48.84 11.87
N ARG B 363 9.96 49.87 11.04
CA ARG B 363 10.28 51.23 11.44
C ARG B 363 11.66 51.31 12.07
N VAL B 364 12.63 50.69 11.39
CA VAL B 364 14.03 50.73 11.77
C VAL B 364 14.84 51.01 10.51
N SER B 365 16.16 50.99 10.64
CA SER B 365 17.04 51.17 9.50
C SER B 365 18.01 50.00 9.43
N ILE B 366 18.16 49.44 8.24
CA ILE B 366 18.92 48.21 8.02
C ILE B 366 20.22 48.56 7.32
N THR B 367 21.34 48.35 7.99
CA THR B 367 22.63 48.66 7.40
C THR B 367 22.98 47.60 6.37
N ASP B 368 23.57 48.05 5.26
CA ASP B 368 23.70 47.17 4.10
C ASP B 368 24.68 46.03 4.38
N ASP B 369 25.68 46.27 5.21
CA ASP B 369 26.52 45.19 5.67
C ASP B 369 25.71 44.09 6.32
N ALA B 370 24.63 44.46 7.00
CA ALA B 370 23.76 43.45 7.59
C ALA B 370 23.08 42.62 6.52
N ILE B 371 22.70 43.24 5.41
CA ILE B 371 22.08 42.49 4.32
C ILE B 371 23.08 41.51 3.72
N GLU B 372 24.27 42.00 3.42
CA GLU B 372 25.32 41.11 2.93
C GLU B 372 25.51 39.94 3.89
N ALA B 373 25.62 40.24 5.17
CA ALA B 373 25.87 39.19 6.15
C ALA B 373 24.72 38.21 6.23
N ALA B 374 23.49 38.71 6.14
CA ALA B 374 22.34 37.81 6.20
C ALA B 374 22.38 36.83 5.04
N VAL B 375 22.66 37.32 3.84
CA VAL B 375 22.68 36.42 2.70
C VAL B 375 23.83 35.44 2.80
N LYS B 376 25.01 35.91 3.20
CA LYS B 376 26.16 35.01 3.26
C LYS B 376 25.98 33.95 4.34
N LEU B 377 25.39 34.32 5.48
CA LEU B 377 25.15 33.34 6.52
C LEU B 377 24.07 32.36 6.11
N SER B 378 22.95 32.87 5.58
CA SER B 378 21.89 31.99 5.13
C SER B 378 22.41 30.97 4.16
N ASP B 379 23.36 31.34 3.31
CA ASP B 379 23.93 30.38 2.38
C ASP B 379 24.65 29.26 3.12
N ARG B 380 25.49 29.62 4.09
CA ARG B 380 26.33 28.62 4.71
C ARG B 380 25.50 27.56 5.43
N TYR B 381 24.75 27.94 6.45
CA TYR B 381 23.96 26.98 7.23
C TYR B 381 22.53 27.45 7.45
N ILE B 382 21.68 27.29 6.43
CA ILE B 382 20.24 27.18 6.56
C ILE B 382 19.78 26.08 5.62
N SER B 383 20.67 25.14 5.32
CA SER B 383 20.60 24.31 4.11
C SER B 383 19.22 23.94 3.59
N ASP B 384 18.23 23.80 4.48
CA ASP B 384 16.94 23.25 4.06
C ASP B 384 16.20 24.17 3.11
N ARG B 385 16.27 25.48 3.32
CA ARG B 385 15.45 26.42 2.54
C ARG B 385 16.21 26.96 1.35
N PHE B 386 15.65 27.98 0.69
CA PHE B 386 16.23 28.55 -0.51
C PHE B 386 16.22 30.07 -0.47
N LEU B 387 17.08 30.68 -1.29
CA LEU B 387 17.12 32.11 -1.39
C LEU B 387 16.12 32.59 -2.43
N PRO B 388 15.66 33.84 -2.33
CA PRO B 388 15.99 34.86 -1.35
C PRO B 388 15.09 34.74 -0.16
N ASP B 389 14.30 33.67 -0.15
CA ASP B 389 13.31 33.51 0.89
C ASP B 389 13.94 33.45 2.26
N LYS B 390 14.94 32.59 2.43
CA LYS B 390 15.52 32.41 3.76
C LYS B 390 16.32 33.63 4.20
N ALA B 391 17.01 34.28 3.28
CA ALA B 391 17.67 35.53 3.63
C ALA B 391 16.67 36.57 4.11
N ILE B 392 15.58 36.74 3.36
CA ILE B 392 14.57 37.70 3.78
C ILE B 392 14.03 37.32 5.14
N ASP B 393 13.88 36.03 5.40
CA ASP B 393 13.41 35.60 6.71
C ASP B 393 14.34 36.08 7.82
N LEU B 394 15.65 35.95 7.61
CA LEU B 394 16.56 36.44 8.64
C LEU B 394 16.41 37.93 8.84
N ILE B 395 16.41 38.69 7.76
CA ILE B 395 16.28 40.14 7.89
C ILE B 395 15.00 40.50 8.61
N ASP B 396 13.92 39.79 8.30
CA ASP B 396 12.63 40.14 8.86
C ASP B 396 12.57 39.82 10.34
N GLU B 397 13.10 38.66 10.73
CA GLU B 397 13.06 38.34 12.15
C GLU B 397 13.96 39.26 12.94
N ALA B 398 15.09 39.65 12.37
CA ALA B 398 15.95 40.60 13.07
C ALA B 398 15.25 41.93 13.23
N GLY B 399 14.56 42.39 12.19
CA GLY B 399 13.81 43.61 12.31
C GLY B 399 12.76 43.54 13.40
N SER B 400 12.06 42.41 13.48
CA SER B 400 11.08 42.23 14.54
C SER B 400 11.73 42.27 15.91
N LYS B 401 12.85 41.57 16.07
CA LYS B 401 13.53 41.54 17.35
C LYS B 401 14.00 42.92 17.76
N VAL B 402 14.57 43.68 16.83
CA VAL B 402 15.07 45.00 17.16
C VAL B 402 13.93 45.94 17.50
N ARG B 403 12.86 45.92 16.72
CA ARG B 403 11.73 46.77 17.07
C ARG B 403 11.19 46.42 18.44
N LEU B 404 11.13 45.13 18.76
CA LEU B 404 10.58 44.74 20.04
C LEU B 404 11.51 45.13 21.17
N ARG B 405 12.83 45.12 20.94
CA ARG B 405 13.77 45.63 21.93
C ARG B 405 13.57 47.12 22.14
N SER B 406 13.41 47.86 21.05
CA SER B 406 13.19 49.30 21.15
C SER B 406 11.91 49.60 21.91
N PHE B 407 10.90 48.75 21.76
CA PHE B 407 9.66 48.93 22.52
C PHE B 407 9.95 48.88 24.02
N THR B 408 10.42 47.74 24.50
CA THR B 408 10.79 47.62 25.90
C THR B 408 12.24 48.02 26.07
N GLU B 467 19.61 50.37 18.38
CA GLU B 467 18.26 50.91 18.25
C GLU B 467 17.71 50.76 16.85
N ASN B 468 16.69 51.56 16.54
CA ASN B 468 16.11 51.54 15.20
C ASN B 468 17.14 51.97 14.15
N SER B 469 18.06 52.85 14.53
CA SER B 469 19.03 53.38 13.58
C SER B 469 19.88 52.28 12.95
N GLU B 470 19.81 51.06 13.49
CA GLU B 470 20.61 49.97 12.93
C GLU B 470 19.98 48.64 13.27
N VAL B 471 19.88 47.78 12.28
CA VAL B 471 19.80 46.34 12.47
C VAL B 471 21.18 45.81 12.10
N THR B 472 22.01 45.56 13.10
CA THR B 472 23.41 45.30 12.82
C THR B 472 23.64 43.83 12.49
N VAL B 473 24.83 43.56 11.95
CA VAL B 473 25.20 42.20 11.59
C VAL B 473 25.07 41.28 12.78
N ASP B 474 25.38 41.78 13.97
CA ASP B 474 25.31 40.92 15.15
C ASP B 474 23.89 40.41 15.36
N ASP B 475 22.90 41.22 15.03
CA ASP B 475 21.52 40.78 15.20
C ASP B 475 21.20 39.62 14.28
N ILE B 476 21.67 39.68 13.04
CA ILE B 476 21.45 38.57 12.11
C ILE B 476 22.23 37.35 12.56
N ALA B 477 23.45 37.56 13.05
CA ALA B 477 24.20 36.43 13.58
C ALA B 477 23.44 35.77 14.70
N MET B 478 22.80 36.58 15.54
CA MET B 478 22.07 36.03 16.68
C MET B 478 20.80 35.31 16.21
N VAL B 479 20.13 35.83 15.19
CA VAL B 479 18.93 35.15 14.74
C VAL B 479 19.27 33.84 14.02
N VAL B 480 20.39 33.78 13.32
CA VAL B 480 20.80 32.49 12.75
C VAL B 480 21.21 31.54 13.86
N SER B 481 21.89 32.06 14.88
CA SER B 481 22.22 31.21 16.01
C SER B 481 20.96 30.72 16.70
N SER B 482 19.86 31.46 16.58
CA SER B 482 18.60 30.98 17.12
C SER B 482 18.02 29.87 16.27
N TRP B 483 17.89 30.10 14.95
CA TRP B 483 17.33 29.09 14.07
C TRP B 483 18.03 27.75 14.26
N THR B 484 19.30 27.71 13.95
CA THR B 484 20.11 26.51 14.06
C THR B 484 21.06 26.67 15.24
N GLY B 485 21.32 25.58 15.94
CA GLY B 485 22.07 25.70 17.17
C GLY B 485 23.53 25.99 16.93
N VAL B 486 23.82 26.87 15.99
CA VAL B 486 25.18 27.21 15.60
C VAL B 486 25.55 28.51 16.29
N PRO B 487 26.67 28.57 17.02
CA PRO B 487 26.97 29.73 17.86
C PRO B 487 27.69 30.88 17.17
N VAL B 488 27.52 31.08 15.86
CA VAL B 488 28.24 32.17 15.20
C VAL B 488 27.71 33.52 15.65
N SER B 489 28.61 34.37 16.14
CA SER B 489 28.32 35.75 16.48
C SER B 489 29.64 36.42 16.84
N LYS B 490 29.55 37.65 17.34
CA LYS B 490 30.69 38.36 17.90
C LYS B 490 30.90 37.89 19.33
N ILE B 491 31.80 36.92 19.48
CA ILE B 491 32.09 36.38 20.80
C ILE B 491 32.69 37.47 21.69
N ALA B 492 32.20 37.55 22.92
CA ALA B 492 32.62 38.58 23.85
C ALA B 492 33.82 38.09 24.65
N GLN B 493 34.24 38.86 25.65
CA GLN B 493 35.37 38.46 26.48
C GLN B 493 35.05 37.16 27.22
N THR B 494 33.82 37.03 27.70
CA THR B 494 33.43 35.81 28.41
C THR B 494 33.74 34.59 27.59
N GLU B 495 33.19 34.53 26.37
CA GLU B 495 33.50 33.41 25.48
C GLU B 495 34.97 33.38 25.15
N THR B 496 35.57 34.55 24.95
CA THR B 496 37.00 34.59 24.65
C THR B 496 37.78 33.88 25.73
N ASP B 497 37.43 34.15 26.98
CA ASP B 497 38.11 33.50 28.09
C ASP B 497 37.82 32.01 28.10
N LYS B 498 36.54 31.65 27.88
CA LYS B 498 36.17 30.24 27.90
C LYS B 498 36.98 29.46 26.88
N LEU B 499 37.21 30.05 25.71
CA LEU B 499 37.97 29.36 24.69
C LEU B 499 39.44 29.34 25.03
N LEU B 500 39.99 30.49 25.44
CA LEU B 500 41.42 30.56 25.69
C LEU B 500 41.85 29.69 26.86
N ASN B 501 40.97 29.50 27.83
CA ASN B 501 41.25 28.64 28.96
C ASN B 501 40.58 27.27 28.86
N MET B 502 40.04 26.93 27.70
CA MET B 502 39.33 25.67 27.58
C MET B 502 40.22 24.50 27.91
N GLU B 503 41.48 24.56 27.53
CA GLU B 503 42.40 23.49 27.88
C GLU B 503 42.44 23.29 29.39
N ASN B 504 42.45 24.38 30.15
CA ASN B 504 42.41 24.26 31.60
C ASN B 504 41.06 23.74 32.06
N ILE B 505 39.99 24.17 31.39
CA ILE B 505 38.65 23.73 31.76
C ILE B 505 38.57 22.21 31.71
N LEU B 506 38.91 21.64 30.55
CA LEU B 506 38.90 20.20 30.43
C LEU B 506 39.91 19.58 31.38
N HIS B 507 41.06 20.22 31.54
CA HIS B 507 42.08 19.69 32.45
C HIS B 507 41.55 19.58 33.86
N SER B 508 40.60 20.44 34.24
CA SER B 508 39.96 20.32 35.54
C SER B 508 38.97 19.17 35.59
N ARG B 509 38.64 18.57 34.45
CA ARG B 509 37.79 17.41 34.39
C ARG B 509 38.57 16.17 33.96
N VAL B 510 39.32 16.28 32.86
CA VAL B 510 40.17 15.19 32.41
C VAL B 510 41.60 15.50 32.83
N ILE B 511 42.29 14.50 33.34
CA ILE B 511 43.65 14.65 33.81
C ILE B 511 44.61 14.15 32.75
N GLY B 512 45.71 14.86 32.58
CA GLY B 512 46.68 14.41 31.62
C GLY B 512 46.18 14.63 30.20
N GLN B 513 46.77 13.90 29.27
CA GLN B 513 46.46 14.02 27.84
C GLN B 513 46.48 15.46 27.39
N ASP B 514 47.48 16.21 27.85
CA ASP B 514 47.65 17.60 27.44
C ASP B 514 47.66 17.72 25.94
N GLU B 515 48.26 16.75 25.25
CA GLU B 515 48.31 16.78 23.80
C GLU B 515 46.91 16.72 23.20
N ALA B 516 46.13 15.71 23.59
CA ALA B 516 44.78 15.58 23.08
C ALA B 516 43.96 16.82 23.43
N VAL B 517 44.06 17.28 24.67
CA VAL B 517 43.24 18.41 25.10
C VAL B 517 43.57 19.64 24.29
N VAL B 518 44.86 19.93 24.11
CA VAL B 518 45.21 21.13 23.36
C VAL B 518 44.81 20.97 21.90
N ALA B 519 44.88 19.76 21.36
CA ALA B 519 44.45 19.58 19.98
C ALA B 519 42.98 19.89 19.82
N VAL B 520 42.17 19.34 20.71
CA VAL B 520 40.74 19.59 20.68
C VAL B 520 40.44 21.07 20.86
N ALA B 521 41.13 21.71 21.81
CA ALA B 521 40.86 23.12 22.05
C ALA B 521 41.23 23.97 20.85
N LYS B 522 42.36 23.67 20.21
CA LYS B 522 42.72 24.38 19.00
C LYS B 522 41.65 24.21 17.95
N ALA B 523 41.13 22.99 17.81
CA ALA B 523 40.09 22.77 16.82
C ALA B 523 38.86 23.64 17.11
N VAL B 524 38.43 23.65 18.37
CA VAL B 524 37.19 24.35 18.68
C VAL B 524 37.37 25.84 18.57
N ARG B 525 38.59 26.35 18.80
CA ARG B 525 38.74 27.79 18.66
C ARG B 525 38.96 28.20 17.21
N ARG B 526 39.58 27.34 16.40
CA ARG B 526 39.52 27.55 14.96
C ARG B 526 38.07 27.69 14.52
N ALA B 527 37.23 26.76 14.94
CA ALA B 527 35.83 26.81 14.56
C ALA B 527 35.17 28.09 15.04
N ARG B 528 35.31 28.41 16.32
CA ARG B 528 34.57 29.54 16.87
C ARG B 528 35.18 30.87 16.50
N ALA B 529 36.47 30.92 16.18
CA ALA B 529 36.95 32.11 15.51
C ALA B 529 36.59 32.02 14.04
N GLY B 530 36.75 33.13 13.34
CA GLY B 530 36.28 33.18 11.97
C GLY B 530 37.30 32.67 11.00
N LEU B 531 37.76 31.44 11.17
CA LEU B 531 38.88 30.94 10.38
C LEU B 531 38.69 29.53 9.84
N LYS B 532 37.72 28.77 10.31
CA LYS B 532 37.59 27.37 9.95
C LYS B 532 37.21 27.21 8.48
N ASP B 533 37.66 26.11 7.89
CA ASP B 533 37.34 25.83 6.50
C ASP B 533 35.85 25.59 6.31
N PRO B 534 35.14 26.43 5.56
CA PRO B 534 33.69 26.29 5.50
C PRO B 534 33.20 25.06 4.75
N LYS B 535 34.10 24.25 4.20
CA LYS B 535 33.63 23.11 3.43
C LYS B 535 33.49 21.86 4.29
N ARG B 536 34.51 21.53 5.07
CA ARG B 536 34.57 20.24 5.74
C ARG B 536 34.51 20.41 7.26
N PRO B 537 34.31 19.33 8.03
CA PRO B 537 33.81 19.47 9.40
C PRO B 537 34.75 20.26 10.28
N ILE B 538 34.26 20.55 11.49
CA ILE B 538 35.05 21.30 12.45
C ILE B 538 36.34 20.58 12.75
N GLY B 539 36.26 19.29 13.05
CA GLY B 539 37.46 18.55 13.35
C GLY B 539 37.24 17.06 13.38
N SER B 540 38.25 16.29 13.01
CA SER B 540 38.15 14.84 13.00
C SER B 540 39.30 14.24 13.79
N PHE B 541 39.00 13.26 14.62
CA PHE B 541 40.00 12.69 15.51
C PHE B 541 39.77 11.20 15.66
N ILE B 542 40.87 10.48 15.84
CA ILE B 542 40.83 9.08 16.19
C ILE B 542 41.61 8.92 17.48
N PHE B 543 40.95 8.40 18.50
CA PHE B 543 41.51 8.35 19.85
C PHE B 543 41.98 6.94 20.16
N LEU B 544 43.24 6.68 19.88
CA LEU B 544 43.80 5.36 20.12
C LEU B 544 44.31 5.28 21.54
N GLY B 545 44.35 4.06 22.08
CA GLY B 545 44.93 3.88 23.39
C GLY B 545 44.28 2.79 24.20
N PRO B 546 44.86 2.50 25.35
CA PRO B 546 44.41 1.34 26.15
C PRO B 546 43.03 1.56 26.73
N THR B 547 42.49 0.48 27.28
CA THR B 547 41.15 0.51 27.84
C THR B 547 41.15 1.21 29.18
N GLY B 548 40.33 2.23 29.32
CA GLY B 548 40.14 2.90 30.59
C GLY B 548 40.97 4.15 30.79
N VAL B 549 41.56 4.70 29.73
CA VAL B 549 42.43 5.83 29.87
C VAL B 549 41.68 7.16 29.88
N GLY B 550 40.43 7.17 29.45
CA GLY B 550 39.62 8.37 29.55
C GLY B 550 39.28 8.97 28.21
N LYS B 551 39.60 8.24 27.14
CA LYS B 551 39.37 8.73 25.79
C LYS B 551 37.89 8.84 25.44
N THR B 552 37.00 8.31 26.27
CA THR B 552 35.57 8.60 26.13
C THR B 552 35.14 9.75 27.02
N GLU B 553 35.81 9.95 28.16
CA GLU B 553 35.46 11.06 29.04
C GLU B 553 35.85 12.40 28.45
N LEU B 554 36.80 12.43 27.54
CA LEU B 554 37.12 13.66 26.83
C LEU B 554 35.93 14.11 25.98
N ALA B 555 35.20 13.18 25.39
CA ALA B 555 34.06 13.55 24.56
C ALA B 555 32.98 14.22 25.39
N ARG B 556 32.64 13.62 26.54
CA ARG B 556 31.68 14.26 27.43
C ARG B 556 32.21 15.60 27.91
N ALA B 557 33.49 15.66 28.25
CA ALA B 557 34.06 16.92 28.71
C ALA B 557 33.87 17.99 27.66
N LEU B 558 34.08 17.64 26.39
CA LEU B 558 34.00 18.61 25.32
C LEU B 558 32.58 19.07 25.11
N ALA B 559 31.64 18.12 25.05
CA ALA B 559 30.24 18.50 24.84
C ALA B 559 29.74 19.36 25.98
N GLU B 560 30.14 19.04 27.20
CA GLU B 560 29.76 19.85 28.35
C GLU B 560 30.36 21.25 28.26
N SER B 561 31.64 21.35 27.92
CA SER B 561 32.26 22.66 27.82
C SER B 561 31.67 23.48 26.68
N ILE B 562 31.12 22.83 25.65
CA ILE B 562 30.60 23.52 24.49
C ILE B 562 29.09 23.66 24.49
N PHE B 563 28.38 22.76 25.18
CA PHE B 563 26.94 22.83 25.23
C PHE B 563 26.50 22.77 26.69
N GLY B 564 25.23 22.46 26.91
CA GLY B 564 24.68 22.31 28.23
C GLY B 564 24.58 20.85 28.59
N ASP B 565 23.38 20.28 28.42
CA ASP B 565 23.02 18.99 28.99
C ASP B 565 24.06 17.90 28.77
N GLU B 566 25.00 18.08 27.86
CA GLU B 566 26.02 17.09 27.54
C GLU B 566 25.38 15.85 26.93
N GLU B 567 24.07 15.82 26.79
CA GLU B 567 23.40 14.78 26.04
C GLU B 567 23.17 15.18 24.60
N SER B 568 23.60 16.36 24.19
CA SER B 568 23.62 16.68 22.77
C SER B 568 24.64 15.82 22.03
N MET B 569 25.54 15.15 22.74
CA MET B 569 26.50 14.26 22.12
C MET B 569 25.81 13.11 21.41
N ILE B 570 25.89 13.08 20.09
CA ILE B 570 25.33 11.99 19.30
C ILE B 570 26.31 10.84 19.32
N ARG B 571 25.93 9.75 19.97
CA ARG B 571 26.87 8.65 20.18
C ARG B 571 26.42 7.43 19.43
N ILE B 572 27.34 6.82 18.68
CA ILE B 572 27.14 5.54 18.02
C ILE B 572 28.11 4.54 18.62
N ASP B 573 27.68 3.30 18.72
CA ASP B 573 28.46 2.27 19.39
C ASP B 573 28.84 1.22 18.35
N MET B 574 30.00 1.39 17.73
CA MET B 574 30.39 0.51 16.64
C MET B 574 30.59 -0.92 17.07
N SER B 575 30.25 -1.30 18.29
CA SER B 575 30.25 -2.71 18.63
C SER B 575 29.05 -3.42 18.06
N GLU B 576 28.02 -2.68 17.66
CA GLU B 576 26.81 -3.27 17.11
C GLU B 576 26.79 -3.24 15.60
N TYR B 577 27.64 -2.44 14.96
CA TYR B 577 27.69 -2.37 13.51
C TYR B 577 28.71 -3.35 12.95
N MET B 578 28.85 -4.50 13.57
CA MET B 578 29.85 -5.44 13.10
C MET B 578 29.35 -6.28 11.94
N GLU B 579 28.04 -6.48 11.84
CA GLU B 579 27.51 -7.41 10.83
C GLU B 579 27.49 -6.81 9.43
N LYS B 580 28.05 -5.62 9.24
CA LYS B 580 28.47 -5.17 7.91
C LYS B 580 27.30 -4.87 6.99
N HIS B 581 26.10 -5.29 7.39
CA HIS B 581 24.89 -4.90 6.70
C HIS B 581 24.07 -3.95 7.51
N SER B 582 24.41 -3.77 8.78
CA SER B 582 23.80 -2.75 9.59
C SER B 582 24.11 -1.35 9.09
N THR B 583 25.05 -1.22 8.16
CA THR B 583 25.35 0.10 7.60
C THR B 583 24.11 0.77 7.02
N SER B 584 23.06 0.01 6.75
CA SER B 584 21.80 0.57 6.32
C SER B 584 21.01 1.10 7.48
N ARG B 585 21.65 1.23 8.63
CA ARG B 585 21.03 1.87 9.78
C ARG B 585 21.56 3.27 10.01
N LEU B 586 22.78 3.56 9.55
CA LEU B 586 23.27 4.93 9.53
C LEU B 586 22.46 5.77 8.56
N VAL B 587 22.54 5.43 7.29
CA VAL B 587 21.63 5.96 6.31
C VAL B 587 20.48 4.98 6.19
N GLY B 588 19.31 5.47 5.79
CA GLY B 588 18.14 4.62 5.73
C GLY B 588 18.32 3.48 4.74
N SER B 589 17.39 2.53 4.79
CA SER B 589 17.33 1.48 3.79
C SER B 589 16.92 2.09 2.44
N PRO B 590 17.09 1.35 1.34
CA PRO B 590 16.78 1.88 0.03
C PRO B 590 15.30 2.21 -0.09
N PRO B 591 14.86 2.66 -1.24
CA PRO B 591 13.43 2.94 -1.37
C PRO B 591 12.49 1.76 -1.12
N GLY B 592 12.49 0.73 -1.95
CA GLY B 592 11.43 -0.23 -1.79
C GLY B 592 11.63 -1.24 -0.69
N TYR B 593 12.26 -0.85 0.41
CA TYR B 593 12.59 -1.80 1.44
C TYR B 593 12.02 -1.32 2.77
N VAL B 594 11.95 -2.24 3.73
CA VAL B 594 11.31 -1.91 5.00
C VAL B 594 12.11 -0.82 5.68
N GLY B 595 11.41 0.03 6.41
CA GLY B 595 12.09 1.09 7.12
C GLY B 595 12.69 2.11 6.20
N TYR B 596 12.06 2.35 5.06
CA TYR B 596 12.55 3.37 4.16
C TYR B 596 12.10 4.75 4.59
N ASP B 597 10.90 4.85 5.17
CA ASP B 597 10.35 6.14 5.51
C ASP B 597 11.07 6.77 6.69
N GLU B 598 11.24 6.02 7.77
CA GLU B 598 12.04 6.46 8.90
C GLU B 598 13.45 5.96 8.67
N GLY B 599 14.24 6.73 7.94
CA GLY B 599 15.58 6.31 7.58
C GLY B 599 16.59 7.32 8.04
N GLY B 600 17.72 6.82 8.54
CA GLY B 600 18.74 7.71 9.02
C GLY B 600 18.80 7.86 10.52
N GLN B 601 18.92 6.73 11.23
CA GLN B 601 19.20 6.78 12.66
C GLN B 601 20.32 7.76 12.99
N LEU B 602 21.37 7.77 12.18
CA LEU B 602 22.42 8.77 12.35
C LEU B 602 22.14 10.04 11.58
N THR B 603 21.69 9.88 10.34
CA THR B 603 21.53 11.02 9.47
C THR B 603 20.49 12.01 10.01
N GLU B 604 19.33 11.51 10.43
CA GLU B 604 18.34 12.44 10.96
C GLU B 604 18.78 13.04 12.27
N LYS B 605 19.38 12.24 13.15
CA LYS B 605 19.91 12.77 14.40
C LYS B 605 20.79 13.97 14.14
N VAL B 606 21.67 13.87 13.14
CA VAL B 606 22.57 14.98 12.87
C VAL B 606 21.85 16.09 12.14
N ARG B 607 20.85 15.75 11.33
CA ARG B 607 20.12 16.79 10.62
C ARG B 607 19.40 17.71 11.58
N ARG B 608 18.90 17.16 12.67
CA ARG B 608 18.20 17.99 13.65
C ARG B 608 19.13 19.05 14.22
N LYS B 609 20.20 18.62 14.90
CA LYS B 609 21.10 19.48 15.66
C LYS B 609 22.45 19.54 14.97
N PRO B 610 22.67 20.46 14.03
CA PRO B 610 23.89 20.41 13.23
C PRO B 610 25.12 20.87 13.96
N TYR B 611 25.01 21.40 15.17
CA TYR B 611 26.18 21.82 15.94
C TYR B 611 26.31 20.87 17.12
N SER B 612 27.00 19.76 16.90
CA SER B 612 26.98 18.66 17.84
C SER B 612 28.28 17.88 17.71
N VAL B 613 28.47 16.94 18.61
CA VAL B 613 29.67 16.13 18.67
C VAL B 613 29.27 14.70 18.39
N VAL B 614 29.73 14.17 17.31
CA VAL B 614 29.50 12.76 17.03
C VAL B 614 30.59 11.97 17.71
N LEU B 615 30.24 10.81 18.25
CA LEU B 615 31.20 9.98 18.96
C LEU B 615 30.96 8.53 18.59
N LEU B 616 31.89 7.94 17.85
CA LEU B 616 31.81 6.54 17.47
C LEU B 616 32.71 5.74 18.40
N ASP B 617 32.17 4.68 18.98
CA ASP B 617 32.88 3.92 19.99
C ASP B 617 33.40 2.59 19.46
N ALA B 618 34.64 2.27 19.81
CA ALA B 618 35.24 0.96 19.56
C ALA B 618 35.26 0.64 18.08
N ILE B 619 35.78 1.58 17.30
CA ILE B 619 35.81 1.44 15.85
C ILE B 619 36.62 0.23 15.40
N GLU B 620 37.51 -0.28 16.23
CA GLU B 620 38.23 -1.49 15.85
C GLU B 620 37.30 -2.65 15.54
N LYS B 621 36.07 -2.63 16.05
CA LYS B 621 35.16 -3.75 15.88
C LYS B 621 34.24 -3.60 14.67
N ALA B 622 33.96 -2.38 14.23
CA ALA B 622 33.04 -2.18 13.13
C ALA B 622 33.64 -2.72 11.83
N HIS B 623 32.78 -3.28 11.00
CA HIS B 623 33.24 -3.78 9.71
C HIS B 623 33.60 -2.60 8.81
N PRO B 624 34.68 -2.71 8.04
CA PRO B 624 35.19 -1.55 7.29
C PRO B 624 34.16 -0.83 6.44
N ASP B 625 33.08 -1.50 6.04
CA ASP B 625 32.10 -0.83 5.22
C ASP B 625 31.50 0.38 5.94
N VAL B 626 31.37 0.31 7.26
CA VAL B 626 30.95 1.47 8.00
C VAL B 626 31.92 2.63 7.79
N PHE B 627 33.20 2.31 7.73
CA PHE B 627 34.16 3.37 7.50
C PHE B 627 34.05 3.92 6.10
N ASN B 628 33.80 3.05 5.12
CA ASN B 628 33.62 3.56 3.78
C ASN B 628 32.38 4.42 3.70
N ILE B 629 31.46 4.28 4.65
CA ILE B 629 30.39 5.25 4.77
C ILE B 629 30.94 6.58 5.26
N LEU B 630 31.64 6.56 6.40
CA LEU B 630 32.13 7.80 7.01
C LEU B 630 33.15 8.52 6.16
N LEU B 631 33.65 7.87 5.13
CA LEU B 631 34.74 8.43 4.35
C LEU B 631 34.30 9.74 3.68
N GLN B 632 33.11 9.74 3.10
CA GLN B 632 32.60 10.97 2.52
C GLN B 632 32.35 12.03 3.57
N VAL B 633 31.87 11.63 4.74
CA VAL B 633 31.63 12.60 5.82
C VAL B 633 32.89 13.35 6.14
N LEU B 634 33.97 12.62 6.37
CA LEU B 634 35.23 13.24 6.72
C LEU B 634 35.75 14.08 5.58
N GLU B 635 35.61 13.61 4.35
CA GLU B 635 36.23 14.30 3.23
C GLU B 635 35.53 15.62 2.94
N ASP B 636 34.21 15.58 2.81
CA ASP B 636 33.46 16.73 2.33
C ASP B 636 32.43 17.24 3.33
N GLY B 637 32.21 16.54 4.43
CA GLY B 637 31.30 17.04 5.43
C GLY B 637 29.84 16.98 5.06
N ARG B 638 29.44 15.99 4.27
CA ARG B 638 28.05 15.85 3.86
C ARG B 638 27.74 14.38 3.67
N LEU B 639 26.61 13.95 4.22
CA LEU B 639 26.05 12.63 4.00
C LEU B 639 24.73 12.76 3.28
N THR B 640 24.46 11.83 2.38
CA THR B 640 23.16 11.72 1.74
C THR B 640 22.56 10.38 2.04
N ASP B 641 21.43 10.35 2.72
CA ASP B 641 20.77 9.09 3.00
C ASP B 641 19.77 8.80 1.89
N SER B 642 19.14 7.64 1.97
CA SER B 642 18.02 7.37 1.08
C SER B 642 17.00 8.48 1.24
N LYS B 643 16.18 8.66 0.22
CA LYS B 643 15.31 9.81 0.02
C LYS B 643 16.14 11.01 -0.40
N GLY B 644 17.46 10.91 -0.43
CA GLY B 644 18.28 11.97 -0.98
C GLY B 644 18.52 13.15 -0.06
N ARG B 645 18.02 13.11 1.17
CA ARG B 645 18.32 14.16 2.12
C ARG B 645 19.82 14.28 2.26
N THR B 646 20.40 15.40 1.85
CA THR B 646 21.82 15.65 2.09
C THR B 646 21.94 16.40 3.39
N VAL B 647 22.59 15.81 4.38
CA VAL B 647 22.77 16.41 5.69
C VAL B 647 24.21 16.86 5.84
N ASP B 648 24.40 18.04 6.42
CA ASP B 648 25.71 18.65 6.46
C ASP B 648 26.39 18.33 7.78
N PHE B 649 27.46 17.57 7.71
CA PHE B 649 28.34 17.39 8.85
C PHE B 649 29.40 18.46 8.90
N ARG B 650 29.18 19.57 8.19
CA ARG B 650 30.18 20.62 8.12
C ARG B 650 30.44 21.24 9.48
N ASN B 651 29.44 21.27 10.35
CA ASN B 651 29.57 21.97 11.63
C ASN B 651 29.49 21.02 12.81
N THR B 652 30.06 19.83 12.69
CA THR B 652 30.07 18.86 13.77
C THR B 652 31.49 18.46 14.11
N ILE B 653 31.77 18.33 15.40
CA ILE B 653 33.04 17.81 15.86
C ILE B 653 32.91 16.30 15.92
N LEU B 654 33.79 15.59 15.23
CA LEU B 654 33.63 14.17 15.07
C LEU B 654 34.76 13.45 15.76
N ILE B 655 34.43 12.48 16.60
CA ILE B 655 35.42 11.80 17.43
C ILE B 655 35.20 10.30 17.34
N MET B 656 36.28 9.57 17.16
CA MET B 656 36.26 8.13 17.08
C MET B 656 37.16 7.55 18.17
N THR B 657 36.80 6.37 18.65
CA THR B 657 37.62 5.71 19.65
C THR B 657 38.22 4.45 19.06
N SER B 658 39.01 3.75 19.88
CA SER B 658 39.58 2.46 19.54
C SER B 658 40.36 1.97 20.74
N ASN B 659 40.95 0.78 20.60
CA ASN B 659 42.08 0.43 21.45
C ASN B 659 43.12 -0.37 20.69
N VAL B 660 43.15 -0.24 19.38
CA VAL B 660 43.99 -1.10 18.55
C VAL B 660 45.46 -1.02 18.91
N THR B 679 59.04 6.70 29.76
CA THR B 679 59.03 7.89 28.91
C THR B 679 58.87 7.50 27.45
N GLN B 680 60.02 7.28 26.78
CA GLN B 680 60.00 6.99 25.35
C GLN B 680 59.25 5.70 25.04
N ASN B 681 58.98 4.86 26.05
CA ASN B 681 58.12 3.71 25.84
C ASN B 681 56.78 4.14 25.25
N HIS B 682 56.29 5.30 25.69
CA HIS B 682 55.08 5.84 25.09
C HIS B 682 55.30 6.14 23.60
N LYS B 683 56.50 6.60 23.24
CA LYS B 683 56.79 6.88 21.84
C LYS B 683 56.84 5.60 21.01
N ASP B 684 57.45 4.56 21.57
CA ASP B 684 57.49 3.28 20.89
C ASP B 684 56.09 2.71 20.69
N MET B 685 55.29 2.73 21.75
CA MET B 685 53.90 2.30 21.63
C MET B 685 53.16 3.16 20.60
N LYS B 686 53.50 4.44 20.54
CA LYS B 686 52.87 5.33 19.58
C LYS B 686 53.10 4.86 18.16
N ASP B 687 54.37 4.70 17.78
CA ASP B 687 54.65 4.23 16.43
C ASP B 687 54.09 2.83 16.21
N LYS B 688 54.07 2.01 17.27
CA LYS B 688 53.55 0.65 17.16
C LYS B 688 52.10 0.66 16.76
N VAL B 689 51.28 1.44 17.46
CA VAL B 689 49.86 1.46 17.14
C VAL B 689 49.58 2.26 15.89
N MET B 690 50.42 3.22 15.53
CA MET B 690 50.30 3.83 14.21
C MET B 690 50.45 2.78 13.12
N GLY B 691 51.44 1.90 13.26
CA GLY B 691 51.60 0.83 12.29
C GLY B 691 50.41 -0.12 12.29
N GLU B 692 49.94 -0.49 13.48
CA GLU B 692 48.77 -1.36 13.56
C GLU B 692 47.55 -0.71 12.94
N LEU B 693 47.46 0.61 13.01
CA LEU B 693 46.36 1.33 12.38
C LEU B 693 46.48 1.28 10.87
N LYS B 694 47.65 1.66 10.34
CA LYS B 694 47.87 1.59 8.91
C LYS B 694 47.55 0.20 8.37
N ARG B 695 47.88 -0.84 9.14
CA ARG B 695 47.50 -2.20 8.80
C ARG B 695 46.00 -2.44 9.03
N ALA B 696 45.37 -1.64 9.89
CA ALA B 696 43.97 -1.89 10.23
C ALA B 696 43.07 -1.64 9.03
N PHE B 697 43.06 -0.41 8.52
CA PHE B 697 42.23 -0.11 7.37
C PHE B 697 42.97 0.81 6.41
N ARG B 698 42.25 1.23 5.38
CA ARG B 698 42.84 1.79 4.19
C ARG B 698 43.53 3.14 4.47
N PRO B 699 44.46 3.54 3.61
CA PRO B 699 45.09 4.86 3.78
C PRO B 699 44.19 6.01 3.39
N GLU B 700 43.34 5.80 2.38
CA GLU B 700 42.43 6.86 1.96
C GLU B 700 41.51 7.29 3.09
N PHE B 701 41.34 6.43 4.09
CA PHE B 701 40.61 6.82 5.28
C PHE B 701 41.46 7.71 6.17
N ILE B 702 42.70 7.28 6.44
CA ILE B 702 43.54 8.03 7.36
C ILE B 702 43.83 9.41 6.84
N ASN B 703 43.83 9.60 5.52
CA ASN B 703 44.09 10.94 5.00
C ASN B 703 43.04 11.93 5.44
N ARG B 704 41.85 11.46 5.76
CA ARG B 704 40.76 12.37 6.06
C ARG B 704 40.91 13.00 7.44
N ILE B 705 41.46 12.27 8.40
CA ILE B 705 41.39 12.66 9.80
C ILE B 705 42.43 13.72 10.09
N ASP B 706 42.03 14.75 10.82
CA ASP B 706 42.96 15.78 11.26
C ASP B 706 43.95 15.22 12.28
N GLU B 707 43.47 14.62 13.35
CA GLU B 707 44.39 14.14 14.38
C GLU B 707 44.16 12.69 14.75
N ILE B 708 45.25 11.93 14.74
CA ILE B 708 45.33 10.62 15.36
C ILE B 708 45.98 10.86 16.71
N ILE B 709 45.19 10.86 17.77
CA ILE B 709 45.71 11.12 19.11
C ILE B 709 45.90 9.80 19.81
N VAL B 710 47.09 9.58 20.36
CA VAL B 710 47.38 8.40 21.16
C VAL B 710 47.33 8.78 22.64
N PHE B 711 46.61 8.00 23.43
CA PHE B 711 46.42 8.28 24.84
C PHE B 711 47.40 7.46 25.66
N HIS B 712 48.31 8.15 26.34
CA HIS B 712 49.31 7.47 27.16
C HIS B 712 48.64 6.77 28.32
N SER B 713 49.25 5.67 28.75
CA SER B 713 48.72 4.93 29.89
C SER B 713 48.61 5.85 31.11
N LEU B 714 47.56 5.66 31.89
CA LEU B 714 47.41 6.45 33.10
C LEU B 714 48.54 6.14 34.05
N GLU B 715 49.14 7.18 34.61
CA GLU B 715 50.24 6.98 35.54
C GLU B 715 49.77 7.10 36.98
N LYS B 716 50.55 6.50 37.89
CA LYS B 716 50.14 6.41 39.28
C LYS B 716 50.02 7.79 39.91
N LYS B 717 50.90 8.72 39.52
CA LYS B 717 50.72 10.10 39.94
C LYS B 717 49.40 10.64 39.43
N HIS B 718 49.17 10.51 38.12
CA HIS B 718 47.88 10.85 37.54
C HIS B 718 46.77 10.08 38.20
N LEU B 719 47.07 8.90 38.72
CA LEU B 719 46.02 8.10 39.36
C LEU B 719 45.60 8.74 40.67
N THR B 720 46.54 9.12 41.53
CA THR B 720 46.16 9.84 42.73
C THR B 720 45.47 11.15 42.38
N GLU B 721 45.94 11.79 41.30
CA GLU B 721 45.32 13.03 40.88
C GLU B 721 43.85 12.81 40.55
N ILE B 722 43.55 11.73 39.83
CA ILE B 722 42.17 11.49 39.46
C ILE B 722 41.36 10.99 40.65
N VAL B 723 41.99 10.38 41.64
CA VAL B 723 41.28 10.12 42.89
C VAL B 723 40.80 11.43 43.49
N SER B 724 41.72 12.40 43.60
CA SER B 724 41.35 13.71 44.09
C SER B 724 40.21 14.28 43.26
N LEU B 725 40.30 14.15 41.95
CA LEU B 725 39.29 14.75 41.08
C LEU B 725 37.94 14.08 41.26
N MET B 726 37.93 12.76 41.34
CA MET B 726 36.67 12.04 41.51
C MET B 726 36.04 12.38 42.85
N SER B 727 36.86 12.49 43.90
CA SER B 727 36.31 12.89 45.18
C SER B 727 35.71 14.28 45.10
N ASP B 728 36.37 15.18 44.37
CA ASP B 728 35.81 16.52 44.20
C ASP B 728 34.47 16.45 43.48
N GLN B 729 34.40 15.67 42.41
CA GLN B 729 33.15 15.55 41.67
C GLN B 729 32.06 14.94 42.54
N LEU B 730 32.44 13.97 43.37
CA LEU B 730 31.48 13.31 44.23
C LEU B 730 30.90 14.27 45.24
N THR B 731 31.76 15.04 45.91
CA THR B 731 31.26 16.06 46.82
C THR B 731 30.39 17.05 46.07
N LYS B 732 30.79 17.42 44.85
CA LYS B 732 29.99 18.32 44.03
C LYS B 732 28.57 17.81 43.88
N ARG B 733 28.44 16.53 43.50
CA ARG B 733 27.09 15.99 43.30
C ARG B 733 26.36 15.83 44.61
N LEU B 734 27.07 15.50 45.69
CA LEU B 734 26.40 15.36 46.98
C LEU B 734 25.87 16.68 47.47
N LYS B 735 26.45 17.79 47.01
CA LYS B 735 25.91 19.10 47.33
C LYS B 735 24.48 19.28 46.83
N GLU B 736 24.00 18.40 45.96
CA GLU B 736 22.60 18.45 45.57
C GLU B 736 21.69 18.22 46.76
N GLN B 737 22.13 17.42 47.71
CA GLN B 737 21.34 17.09 48.90
C GLN B 737 21.75 17.91 50.10
N ASP B 738 22.58 18.94 49.89
CA ASP B 738 23.11 19.77 50.96
C ASP B 738 23.78 18.90 52.03
N LEU B 739 24.77 18.13 51.59
CA LEU B 739 25.61 17.38 52.50
C LEU B 739 27.04 17.90 52.39
N SER B 740 27.68 18.07 53.53
CA SER B 740 29.04 18.60 53.60
C SER B 740 29.97 17.46 53.97
N ILE B 741 30.91 17.18 53.08
CA ILE B 741 31.76 15.99 53.16
C ILE B 741 33.17 16.37 52.75
N GLU B 742 34.15 15.66 53.31
CA GLU B 742 35.54 15.83 52.92
C GLU B 742 36.20 14.46 52.89
N LEU B 743 37.25 14.36 52.08
CA LEU B 743 38.08 13.16 52.02
C LEU B 743 39.49 13.53 52.41
N THR B 744 40.03 12.86 53.42
CA THR B 744 41.44 13.05 53.71
C THR B 744 42.28 12.51 52.58
N ASP B 745 43.46 13.09 52.41
CA ASP B 745 44.36 12.63 51.37
C ASP B 745 44.83 11.21 51.64
N ALA B 746 44.91 10.82 52.92
CA ALA B 746 45.29 9.46 53.26
C ALA B 746 44.27 8.47 52.71
N ALA B 747 42.99 8.79 52.83
CA ALA B 747 41.97 7.96 52.22
C ALA B 747 42.15 7.90 50.72
N LYS B 748 42.54 9.02 50.11
CA LYS B 748 42.74 9.04 48.67
C LYS B 748 43.86 8.11 48.25
N ALA B 749 44.99 8.17 48.96
CA ALA B 749 46.10 7.27 48.67
C ALA B 749 45.70 5.81 48.89
N LYS B 750 44.97 5.53 49.97
CA LYS B 750 44.55 4.16 50.20
C LYS B 750 43.60 3.68 49.10
N VAL B 751 42.68 4.55 48.66
CA VAL B 751 41.75 4.16 47.61
C VAL B 751 42.49 3.85 46.32
N ALA B 752 43.40 4.74 45.94
CA ALA B 752 44.19 4.50 44.74
C ALA B 752 45.06 3.26 44.90
N GLU B 753 45.38 2.89 46.13
CA GLU B 753 46.25 1.75 46.36
C GLU B 753 45.64 0.47 45.79
N GLU B 754 44.32 0.39 45.75
CA GLU B 754 43.68 -0.77 45.14
C GLU B 754 43.76 -0.69 43.63
N GLY B 755 43.43 0.47 43.06
CA GLY B 755 43.58 0.62 41.62
C GLY B 755 45.03 0.45 41.23
N VAL B 756 45.27 -0.35 40.19
CA VAL B 756 46.60 -0.56 39.65
C VAL B 756 46.54 -0.34 38.14
N ASP B 757 47.66 0.07 37.58
CA ASP B 757 47.75 0.29 36.16
C ASP B 757 48.21 -0.95 35.40
N LEU B 758 48.49 -2.03 36.12
CA LEU B 758 49.05 -3.22 35.50
C LEU B 758 48.14 -3.77 34.42
N GLU B 759 46.84 -3.85 34.71
CA GLU B 759 45.89 -4.36 33.74
C GLU B 759 45.16 -3.21 33.05
N TYR B 760 44.51 -2.35 33.81
CA TYR B 760 43.85 -1.18 33.26
C TYR B 760 43.56 -0.20 34.39
N GLY B 761 43.18 1.01 34.01
CA GLY B 761 43.09 2.09 34.96
C GLY B 761 41.73 2.74 34.94
N ALA B 762 41.42 3.37 36.07
CA ALA B 762 40.34 4.34 36.22
C ALA B 762 38.95 3.72 36.15
N ARG B 763 38.86 2.46 35.78
CA ARG B 763 37.57 1.81 36.00
C ARG B 763 37.54 1.33 37.45
N PRO B 764 38.50 0.50 37.89
CA PRO B 764 38.44 0.03 39.28
C PRO B 764 38.46 1.16 40.26
N LEU B 765 39.10 2.27 39.90
CA LEU B 765 39.21 3.39 40.81
C LEU B 765 37.86 4.05 41.05
N ARG B 766 37.10 4.29 39.99
CA ARG B 766 35.81 4.95 40.14
C ARG B 766 34.85 4.05 40.91
N ARG B 767 34.79 2.78 40.55
CA ARG B 767 33.95 1.87 41.30
C ARG B 767 34.39 1.79 42.75
N ALA B 768 35.70 1.90 43.01
CA ALA B 768 36.20 1.77 44.37
C ALA B 768 35.82 2.97 45.21
N ILE B 769 36.02 4.19 44.68
CA ILE B 769 35.59 5.36 45.43
C ILE B 769 34.09 5.30 45.68
N GLN B 770 33.33 5.01 44.62
CA GLN B 770 31.89 4.87 44.80
C GLN B 770 31.57 3.92 45.94
N LYS B 771 32.01 2.68 45.80
CA LYS B 771 31.72 1.67 46.81
C LYS B 771 32.11 2.14 48.20
N HIS B 772 33.40 2.31 48.44
CA HIS B 772 33.84 2.59 49.79
C HIS B 772 33.20 3.84 50.34
N VAL B 773 33.47 4.99 49.72
CA VAL B 773 32.98 6.24 50.28
C VAL B 773 31.46 6.23 50.36
N GLU B 774 30.77 6.12 49.22
CA GLU B 774 29.33 6.32 49.24
C GLU B 774 28.62 5.25 50.06
N ASP B 775 28.95 3.98 49.87
CA ASP B 775 28.28 2.94 50.63
C ASP B 775 28.54 3.10 52.12
N ARG B 776 29.76 3.45 52.51
CA ARG B 776 30.03 3.62 53.93
C ARG B 776 29.24 4.77 54.50
N LEU B 777 29.14 5.88 53.77
CA LEU B 777 28.31 6.98 54.24
C LEU B 777 26.85 6.58 54.33
N SER B 778 26.37 5.80 53.37
CA SER B 778 24.99 5.33 53.45
C SER B 778 24.80 4.44 54.67
N GLU B 779 25.81 3.65 55.00
CA GLU B 779 25.71 2.81 56.20
C GLU B 779 25.64 3.66 57.46
N GLU B 780 26.48 4.68 57.55
CA GLU B 780 26.47 5.54 58.72
C GLU B 780 25.37 6.59 58.64
N LEU B 781 24.56 6.55 57.60
CA LEU B 781 23.38 7.40 57.49
C LEU B 781 22.10 6.67 57.85
N LEU B 782 21.93 5.45 57.35
CA LEU B 782 20.77 4.67 57.74
C LEU B 782 20.91 4.12 59.14
N ARG B 783 22.14 4.05 59.65
CA ARG B 783 22.34 3.86 61.09
C ARG B 783 22.03 5.13 61.86
N GLY B 784 21.75 6.23 61.17
CA GLY B 784 21.21 7.44 61.77
C GLY B 784 22.24 8.42 62.26
N ASN B 785 23.53 8.15 62.06
CA ASN B 785 24.57 8.90 62.75
C ASN B 785 24.63 10.35 62.28
N ILE B 786 24.39 10.58 60.99
CA ILE B 786 24.61 11.89 60.38
C ILE B 786 23.37 12.34 59.65
N HIS B 787 23.07 13.63 59.74
CA HIS B 787 22.08 14.27 58.89
C HIS B 787 22.73 15.41 58.12
N LYS B 788 21.96 16.03 57.23
CA LYS B 788 22.45 17.11 56.39
C LYS B 788 22.93 18.29 57.24
N GLY B 789 23.75 19.13 56.62
CA GLY B 789 24.39 20.23 57.32
C GLY B 789 25.57 19.83 58.17
N GLN B 790 25.72 18.54 58.47
CA GLN B 790 26.87 18.11 59.25
C GLN B 790 28.10 17.98 58.39
N HIS B 791 29.26 18.04 59.02
CA HIS B 791 30.54 17.86 58.36
C HIS B 791 30.99 16.42 58.56
N ILE B 792 31.42 15.79 57.48
CA ILE B 792 31.85 14.39 57.55
C ILE B 792 33.16 14.25 56.80
N VAL B 793 34.04 13.42 57.33
CA VAL B 793 35.24 12.98 56.64
C VAL B 793 35.33 11.48 56.78
N LEU B 794 35.75 10.82 55.71
CA LEU B 794 36.15 9.42 55.78
C LEU B 794 37.66 9.40 55.83
N ASP B 795 38.21 8.89 56.93
CA ASP B 795 39.64 8.91 57.13
C ASP B 795 40.15 7.50 57.33
N VAL B 796 41.45 7.34 57.16
CA VAL B 796 42.07 6.07 57.44
C VAL B 796 42.94 6.27 58.67
N GLU B 797 42.37 5.99 59.84
CA GLU B 797 43.06 6.22 61.10
C GLU B 797 43.88 5.04 61.55
N ASP B 798 43.59 3.86 61.03
CA ASP B 798 44.24 2.63 61.46
C ASP B 798 44.71 1.77 60.29
N GLY B 799 44.84 2.35 59.10
CA GLY B 799 45.18 1.59 57.93
C GLY B 799 44.00 1.11 57.12
N GLU B 800 42.78 1.49 57.50
CA GLU B 800 41.59 1.04 56.80
C GLU B 800 40.49 2.07 56.99
N PHE B 801 39.50 2.01 56.09
CA PHE B 801 38.44 3.01 56.08
C PHE B 801 37.79 3.12 57.45
N VAL B 802 37.59 4.35 57.90
CA VAL B 802 36.87 4.62 59.13
C VAL B 802 36.27 6.01 58.97
N VAL B 803 35.30 6.32 59.82
CA VAL B 803 34.55 7.56 59.71
C VAL B 803 34.83 8.40 60.95
N LYS B 804 35.31 9.62 60.74
CA LYS B 804 35.59 10.51 61.86
C LYS B 804 34.45 11.47 62.16
N THR B 805 33.74 11.94 61.13
CA THR B 805 32.51 12.70 61.29
C THR B 805 32.70 13.90 62.21
N THR B 806 33.50 14.85 61.72
CA THR B 806 33.74 16.07 62.46
C THR B 806 32.45 16.82 62.77
N ALA B 807 31.34 16.52 62.08
CA ALA B 807 30.05 17.13 62.32
C ALA B 807 30.11 18.65 62.22
N ALA C 158 -33.82 20.27 -41.81
CA ALA C 158 -32.98 19.41 -40.98
C ALA C 158 -32.04 20.25 -40.14
N ASN C 159 -32.51 21.42 -39.73
CA ASN C 159 -31.67 22.31 -38.95
C ASN C 159 -31.38 21.72 -37.58
N THR C 160 -30.20 22.05 -37.08
CA THR C 160 -29.67 21.49 -35.84
C THR C 160 -29.79 22.51 -34.73
N PRO C 161 -30.92 22.56 -34.04
CA PRO C 161 -31.14 23.63 -33.07
C PRO C 161 -30.22 23.52 -31.88
N THR C 162 -30.22 22.34 -31.26
CA THR C 162 -29.40 22.14 -30.08
C THR C 162 -27.95 21.86 -30.46
N LEU C 163 -27.74 21.11 -31.54
CA LEU C 163 -26.40 20.68 -31.87
C LEU C 163 -25.47 21.85 -32.10
N ASP C 164 -25.90 22.82 -32.92
CA ASP C 164 -24.99 23.90 -33.29
C ASP C 164 -24.52 24.67 -32.06
N SER C 165 -25.34 24.74 -31.02
CA SER C 165 -24.91 25.45 -29.81
C SER C 165 -23.85 24.66 -29.07
N LEU C 166 -23.93 23.33 -29.08
CA LEU C 166 -22.98 22.52 -28.34
C LEU C 166 -21.75 22.16 -29.15
N ALA C 167 -21.73 22.47 -30.44
CA ALA C 167 -20.70 21.97 -31.33
C ALA C 167 -20.08 23.11 -32.11
N ARG C 168 -18.90 22.85 -32.62
CA ARG C 168 -18.11 23.85 -33.34
C ARG C 168 -17.67 23.25 -34.66
N ASP C 169 -18.48 23.40 -35.69
CA ASP C 169 -18.22 22.71 -36.95
C ASP C 169 -16.88 23.13 -37.53
N LEU C 170 -15.98 22.16 -37.64
CA LEU C 170 -14.71 22.44 -38.30
C LEU C 170 -14.93 22.84 -39.74
N THR C 171 -16.01 22.38 -40.35
CA THR C 171 -16.23 22.68 -41.76
C THR C 171 -16.42 24.18 -41.96
N ALA C 172 -17.28 24.80 -41.16
CA ALA C 172 -17.47 26.24 -41.32
C ALA C 172 -16.19 27.00 -40.99
N ILE C 173 -15.36 26.46 -40.10
CA ILE C 173 -14.12 27.13 -39.77
C ILE C 173 -13.15 27.06 -40.95
N ALA C 174 -13.01 25.89 -41.55
CA ALA C 174 -12.12 25.76 -42.69
C ALA C 174 -12.63 26.56 -43.87
N LYS C 175 -13.94 26.73 -43.97
CA LYS C 175 -14.48 27.70 -44.91
C LYS C 175 -13.97 29.09 -44.57
N GLU C 176 -14.13 29.50 -43.32
CA GLU C 176 -13.60 30.78 -42.90
C GLU C 176 -12.08 30.79 -42.88
N ASP C 177 -11.44 29.63 -43.04
CA ASP C 177 -9.99 29.52 -43.16
C ASP C 177 -9.27 30.06 -41.94
N SER C 178 -9.75 29.68 -40.76
CA SER C 178 -9.02 29.91 -39.54
C SER C 178 -8.35 28.64 -39.05
N LEU C 179 -8.21 27.66 -39.93
CA LEU C 179 -7.74 26.32 -39.57
C LEU C 179 -6.51 26.00 -40.39
N ASP C 180 -5.43 25.67 -39.70
CA ASP C 180 -4.14 25.52 -40.36
C ASP C 180 -4.15 24.34 -41.32
N PRO C 181 -3.32 24.38 -42.36
CA PRO C 181 -3.26 23.27 -43.30
C PRO C 181 -2.64 22.05 -42.65
N VAL C 182 -2.97 20.87 -43.19
CA VAL C 182 -2.46 19.61 -42.69
C VAL C 182 -1.69 18.94 -43.79
N ILE C 183 -0.48 18.49 -43.47
CA ILE C 183 0.48 18.05 -44.47
C ILE C 183 0.88 16.63 -44.18
N GLY C 184 1.05 15.84 -45.24
CA GLY C 184 1.38 14.45 -45.07
C GLY C 184 0.17 13.65 -44.62
N ARG C 185 0.43 12.51 -43.99
CA ARG C 185 -0.61 11.71 -43.37
C ARG C 185 -1.64 11.20 -44.36
N SER C 186 -1.31 11.17 -45.65
CA SER C 186 -2.30 10.67 -46.61
C SER C 186 -2.70 9.25 -46.26
N LYS C 187 -1.77 8.47 -45.72
CA LYS C 187 -2.11 7.12 -45.30
C LYS C 187 -3.17 7.13 -44.21
N GLU C 188 -2.94 7.87 -43.13
CA GLU C 188 -3.86 7.83 -42.00
C GLU C 188 -5.20 8.44 -42.37
N ILE C 189 -5.20 9.55 -43.11
CA ILE C 189 -6.48 10.15 -43.49
C ILE C 189 -7.24 9.22 -44.42
N GLN C 190 -6.53 8.53 -45.30
CA GLN C 190 -7.22 7.58 -46.15
C GLN C 190 -7.83 6.46 -45.33
N ARG C 191 -7.09 5.89 -44.39
CA ARG C 191 -7.67 4.84 -43.58
C ARG C 191 -8.85 5.35 -42.77
N VAL C 192 -8.82 6.61 -42.34
CA VAL C 192 -10.00 7.15 -41.70
C VAL C 192 -11.16 7.14 -42.67
N ILE C 193 -10.90 7.44 -43.94
CA ILE C 193 -12.00 7.41 -44.91
C ILE C 193 -12.54 5.99 -45.07
N GLU C 194 -11.66 4.99 -45.00
CA GLU C 194 -12.14 3.61 -45.08
C GLU C 194 -13.13 3.30 -43.97
N VAL C 195 -12.68 3.42 -42.72
CA VAL C 195 -13.51 3.05 -41.60
C VAL C 195 -14.68 4.00 -41.45
N LEU C 196 -14.52 5.25 -41.86
CA LEU C 196 -15.64 6.18 -41.73
C LEU C 196 -16.73 5.93 -42.74
N SER C 197 -16.62 4.89 -43.55
CA SER C 197 -17.62 4.62 -44.57
C SER C 197 -18.13 3.19 -44.55
N ARG C 198 -17.78 2.41 -43.54
CA ARG C 198 -18.38 1.10 -43.42
C ARG C 198 -19.78 1.24 -42.83
N ARG C 199 -20.49 0.13 -42.73
CA ARG C 199 -21.89 0.26 -42.35
C ARG C 199 -22.20 -0.11 -40.92
N THR C 200 -21.44 -1.00 -40.28
CA THR C 200 -21.76 -1.30 -38.89
C THR C 200 -21.15 -0.29 -37.93
N LYS C 201 -19.84 -0.29 -37.78
CA LYS C 201 -19.18 0.60 -36.83
C LYS C 201 -18.33 1.55 -37.65
N ASN C 202 -18.96 2.59 -38.17
CA ASN C 202 -18.21 3.62 -38.85
C ASN C 202 -17.69 4.64 -37.84
N ASN C 203 -16.91 4.17 -36.88
CA ASN C 203 -16.37 5.02 -35.83
C ASN C 203 -14.88 4.75 -35.68
N PRO C 204 -14.02 5.60 -36.22
CA PRO C 204 -12.60 5.49 -35.98
C PRO C 204 -12.19 6.23 -34.72
N VAL C 205 -11.14 5.73 -34.10
CA VAL C 205 -10.50 6.42 -32.98
C VAL C 205 -9.03 6.52 -33.31
N LEU C 206 -8.45 7.70 -33.12
CA LEU C 206 -7.07 7.97 -33.50
C LEU C 206 -6.21 7.94 -32.25
N ILE C 207 -5.60 6.81 -31.96
CA ILE C 207 -4.76 6.70 -30.78
C ILE C 207 -3.32 6.94 -31.20
N GLY C 208 -2.57 7.60 -30.33
CA GLY C 208 -1.18 7.93 -30.60
C GLY C 208 -0.68 8.89 -29.56
N GLU C 209 0.64 9.03 -29.45
CA GLU C 209 1.22 9.78 -28.34
C GLU C 209 0.75 11.22 -28.35
N PRO C 210 0.90 11.94 -27.24
CA PRO C 210 0.37 13.30 -27.17
C PRO C 210 1.17 14.24 -28.05
N GLY C 211 0.46 14.92 -28.94
CA GLY C 211 1.06 15.89 -29.83
C GLY C 211 1.34 15.39 -31.21
N VAL C 212 1.19 14.09 -31.46
CA VAL C 212 1.61 13.51 -32.72
C VAL C 212 0.80 14.08 -33.88
N GLY C 213 -0.38 14.63 -33.63
CA GLY C 213 -1.15 15.25 -34.68
C GLY C 213 -2.52 14.67 -34.88
N LYS C 214 -3.15 14.20 -33.81
CA LYS C 214 -4.45 13.55 -33.94
C LYS C 214 -5.53 14.55 -34.35
N THR C 215 -5.71 15.62 -33.57
CA THR C 215 -6.68 16.61 -34.00
C THR C 215 -6.24 17.32 -35.26
N ALA C 216 -4.96 17.22 -35.61
CA ALA C 216 -4.52 17.69 -36.90
C ALA C 216 -5.13 16.85 -38.01
N ILE C 217 -5.13 15.53 -37.85
CA ILE C 217 -5.83 14.68 -38.80
C ILE C 217 -7.31 14.98 -38.81
N ALA C 218 -7.88 15.30 -37.65
CA ALA C 218 -9.31 15.60 -37.64
C ALA C 218 -9.60 16.85 -38.44
N GLU C 219 -8.76 17.87 -38.33
CA GLU C 219 -8.99 19.07 -39.12
C GLU C 219 -8.64 18.85 -40.58
N GLY C 220 -7.62 18.03 -40.85
CA GLY C 220 -7.29 17.73 -42.23
C GLY C 220 -8.44 17.08 -42.96
N LEU C 221 -9.15 16.21 -42.26
CA LEU C 221 -10.34 15.61 -42.86
C LEU C 221 -11.36 16.67 -43.21
N ALA C 222 -11.58 17.63 -42.33
CA ALA C 222 -12.55 18.68 -42.61
C ALA C 222 -12.14 19.47 -43.83
N GLN C 223 -10.88 19.87 -43.89
CA GLN C 223 -10.43 20.65 -45.03
C GLN C 223 -10.59 19.86 -46.31
N GLN C 224 -10.30 18.57 -46.27
CA GLN C 224 -10.45 17.77 -47.47
C GLN C 224 -11.91 17.67 -47.87
N ILE C 225 -12.81 17.55 -46.90
CA ILE C 225 -14.24 17.52 -47.23
C ILE C 225 -14.64 18.81 -47.92
N ILE C 226 -14.12 19.94 -47.47
CA ILE C 226 -14.49 21.20 -48.10
C ILE C 226 -13.96 21.24 -49.52
N ASN C 227 -12.66 21.10 -49.69
CA ASN C 227 -12.10 21.19 -51.03
C ASN C 227 -12.37 19.95 -51.87
N ASN C 228 -13.13 19.00 -51.33
CA ASN C 228 -13.73 17.93 -52.10
C ASN C 228 -12.70 16.93 -52.61
N GLU C 229 -11.63 16.70 -51.86
CA GLU C 229 -10.73 15.61 -52.21
C GLU C 229 -11.28 14.25 -51.78
N VAL C 230 -12.28 14.23 -50.91
CA VAL C 230 -12.82 13.00 -50.34
C VAL C 230 -13.64 12.29 -51.41
N PRO C 231 -13.91 10.99 -51.27
CA PRO C 231 -14.80 10.33 -52.23
C PRO C 231 -16.19 10.93 -52.18
N GLU C 232 -16.98 10.58 -53.19
CA GLU C 232 -18.27 11.21 -53.37
C GLU C 232 -19.18 11.03 -52.18
N ILE C 233 -18.95 9.99 -51.38
CA ILE C 233 -19.84 9.69 -50.26
C ILE C 233 -19.84 10.82 -49.26
N LEU C 234 -18.65 11.22 -48.82
CA LEU C 234 -18.50 12.20 -47.75
C LEU C 234 -18.61 13.63 -48.24
N ARG C 235 -18.85 13.82 -49.53
CA ARG C 235 -19.00 15.17 -50.07
C ARG C 235 -20.12 15.89 -49.33
N ASP C 236 -19.96 17.20 -49.16
CA ASP C 236 -20.98 18.05 -48.56
C ASP C 236 -21.45 17.53 -47.22
N LYS C 237 -20.62 16.75 -46.55
CA LYS C 237 -20.89 16.37 -45.18
C LYS C 237 -20.48 17.51 -44.28
N ARG C 238 -21.02 17.50 -43.07
CA ARG C 238 -20.61 18.46 -42.05
C ARG C 238 -19.88 17.71 -40.95
N VAL C 239 -18.76 18.26 -40.51
CA VAL C 239 -17.98 17.70 -39.42
C VAL C 239 -18.17 18.58 -38.21
N MET C 240 -18.54 17.97 -37.10
CA MET C 240 -18.81 18.71 -35.87
C MET C 240 -17.97 18.15 -34.74
N THR C 241 -17.56 19.02 -33.84
CA THR C 241 -16.78 18.62 -32.69
C THR C 241 -17.63 18.76 -31.44
N LEU C 242 -17.71 17.68 -30.67
CA LEU C 242 -18.45 17.70 -29.42
C LEU C 242 -17.50 17.91 -28.27
N ASP C 243 -17.99 18.53 -27.22
CA ASP C 243 -17.21 18.74 -26.00
C ASP C 243 -18.06 18.26 -24.84
N MET C 244 -17.74 17.08 -24.30
CA MET C 244 -18.51 16.60 -23.16
C MET C 244 -18.52 17.61 -22.03
N GLY C 245 -17.53 18.49 -21.99
CA GLY C 245 -17.57 19.57 -21.03
C GLY C 245 -18.72 20.52 -21.28
N THR C 246 -19.09 20.75 -22.53
CA THR C 246 -20.16 21.70 -22.81
C THR C 246 -21.51 21.04 -22.99
N VAL C 247 -21.57 19.72 -23.14
CA VAL C 247 -22.87 19.06 -23.14
C VAL C 247 -23.40 18.94 -21.73
N VAL C 248 -22.51 18.82 -20.76
CA VAL C 248 -22.89 18.82 -19.35
C VAL C 248 -22.84 20.24 -18.79
N ALA C 249 -22.99 21.24 -19.65
CA ALA C 249 -22.84 22.61 -19.21
C ALA C 249 -23.82 22.95 -18.12
N GLY C 250 -25.10 23.00 -18.44
CA GLY C 250 -26.09 23.57 -17.53
C GLY C 250 -27.30 22.71 -17.27
N THR C 251 -27.09 21.41 -17.06
CA THR C 251 -28.22 20.52 -16.85
C THR C 251 -28.84 20.71 -15.48
N LYS C 252 -28.12 20.33 -14.43
CA LYS C 252 -28.48 20.59 -13.03
C LYS C 252 -29.71 19.84 -12.55
N TYR C 253 -30.44 19.18 -13.44
CA TYR C 253 -31.72 18.58 -13.08
C TYR C 253 -31.69 17.11 -13.41
N ARG C 254 -32.77 16.40 -13.05
CA ARG C 254 -32.79 14.95 -13.23
C ARG C 254 -32.48 14.57 -14.66
N GLY C 255 -33.39 14.87 -15.57
CA GLY C 255 -33.05 14.71 -16.95
C GLY C 255 -32.97 16.05 -17.64
N GLU C 256 -31.77 16.57 -17.84
CA GLU C 256 -31.60 17.55 -18.89
C GLU C 256 -30.43 17.14 -19.75
N PHE C 257 -29.39 16.60 -19.11
CA PHE C 257 -28.24 16.12 -19.83
C PHE C 257 -28.61 14.97 -20.74
N GLU C 258 -29.23 13.94 -20.17
CA GLU C 258 -29.80 12.89 -20.98
C GLU C 258 -30.72 13.46 -22.04
N ASP C 259 -31.46 14.51 -21.67
CA ASP C 259 -32.37 15.13 -22.62
C ASP C 259 -31.61 15.80 -23.77
N ARG C 260 -30.62 16.63 -23.43
CA ARG C 260 -29.82 17.27 -24.47
C ARG C 260 -29.25 16.23 -25.40
N LEU C 261 -28.66 15.19 -24.84
CA LEU C 261 -27.92 14.25 -25.65
C LEU C 261 -28.85 13.38 -26.47
N LYS C 262 -30.04 13.10 -25.96
CA LYS C 262 -31.05 12.41 -26.76
C LYS C 262 -31.47 13.28 -27.92
N LYS C 263 -31.70 14.57 -27.68
CA LYS C 263 -32.06 15.47 -28.77
C LYS C 263 -30.97 15.51 -29.81
N VAL C 264 -29.72 15.53 -29.37
CA VAL C 264 -28.60 15.55 -30.29
C VAL C 264 -28.60 14.30 -31.15
N MET C 265 -28.76 13.16 -30.51
CA MET C 265 -28.74 11.89 -31.23
C MET C 265 -29.85 11.85 -32.27
N ASP C 266 -31.03 12.31 -31.90
CA ASP C 266 -32.15 12.28 -32.84
C ASP C 266 -31.91 13.22 -34.00
N GLU C 267 -31.43 14.43 -33.71
CA GLU C 267 -31.13 15.38 -34.77
C GLU C 267 -30.11 14.81 -35.74
N ILE C 268 -29.09 14.14 -35.22
CA ILE C 268 -28.03 13.63 -36.07
C ILE C 268 -28.53 12.46 -36.91
N ARG C 269 -29.13 11.46 -36.27
CA ARG C 269 -29.67 10.34 -37.02
C ARG C 269 -30.66 10.81 -38.05
N GLN C 270 -31.40 11.85 -37.74
CA GLN C 270 -32.26 12.49 -38.73
C GLN C 270 -31.46 13.17 -39.82
N ALA C 271 -30.63 14.14 -39.44
CA ALA C 271 -30.10 15.10 -40.41
C ALA C 271 -28.99 14.53 -41.28
N GLY C 272 -28.80 13.22 -41.29
CA GLY C 272 -27.94 12.64 -42.30
C GLY C 272 -26.48 13.03 -42.21
N ASN C 273 -26.04 13.93 -43.10
CA ASN C 273 -24.63 14.18 -43.31
C ASN C 273 -23.98 14.86 -42.12
N ILE C 274 -23.56 14.07 -41.14
CA ILE C 274 -22.91 14.68 -40.00
C ILE C 274 -21.90 13.73 -39.35
N ILE C 275 -20.65 14.08 -39.45
CA ILE C 275 -19.59 13.40 -38.71
C ILE C 275 -19.50 14.07 -37.36
N LEU C 276 -19.15 13.31 -36.34
CA LEU C 276 -19.11 13.84 -34.99
C LEU C 276 -17.75 13.54 -34.39
N PHE C 277 -16.85 14.49 -34.44
CA PHE C 277 -15.49 14.27 -33.98
C PHE C 277 -15.37 14.70 -32.53
N ILE C 278 -14.98 13.77 -31.67
CA ILE C 278 -14.88 14.03 -30.24
C ILE C 278 -13.41 14.14 -29.88
N ASP C 279 -13.01 15.30 -29.40
CA ASP C 279 -11.70 15.41 -28.76
C ASP C 279 -11.70 14.59 -27.49
N ALA C 280 -10.59 13.91 -27.23
CA ALA C 280 -10.37 13.23 -25.96
C ALA C 280 -11.56 12.34 -25.61
N LEU C 281 -11.75 11.34 -26.46
CA LEU C 281 -12.89 10.45 -26.30
C LEU C 281 -12.95 9.79 -24.94
N HIS C 282 -11.85 9.74 -24.19
CA HIS C 282 -11.90 9.15 -22.86
C HIS C 282 -12.77 9.96 -21.91
N THR C 283 -13.07 11.22 -22.23
CA THR C 283 -13.98 12.00 -21.40
C THR C 283 -15.42 11.57 -21.59
N LEU C 284 -15.65 10.61 -22.46
CA LEU C 284 -16.99 10.14 -22.74
C LEU C 284 -17.49 9.19 -21.67
N ILE C 285 -16.60 8.67 -20.84
CA ILE C 285 -16.93 7.52 -20.00
C ILE C 285 -17.91 7.92 -18.92
N GLY C 286 -17.62 8.97 -18.17
CA GLY C 286 -18.45 9.26 -17.02
C GLY C 286 -19.09 10.62 -16.99
N ALA C 287 -19.55 11.11 -18.14
CA ALA C 287 -20.01 12.48 -18.20
C ALA C 287 -21.23 12.71 -17.32
N GLY C 288 -22.30 11.97 -17.55
CA GLY C 288 -23.52 12.19 -16.80
C GLY C 288 -23.38 11.80 -15.34
N GLY C 289 -22.50 10.86 -15.06
CA GLY C 289 -22.21 10.43 -13.72
C GLY C 289 -22.31 8.93 -13.56
N ALA C 290 -21.59 8.44 -12.55
CA ALA C 290 -21.62 7.10 -11.99
C ALA C 290 -20.93 6.06 -12.87
N GLU C 291 -20.52 6.40 -14.10
CA GLU C 291 -19.57 5.60 -14.86
C GLU C 291 -20.13 4.25 -15.29
N GLY C 292 -21.19 3.79 -14.63
CA GLY C 292 -21.81 2.52 -14.92
C GLY C 292 -23.30 2.67 -15.10
N ALA C 293 -23.78 3.88 -15.28
CA ALA C 293 -25.19 4.24 -15.18
C ALA C 293 -25.52 5.14 -16.35
N ILE C 294 -26.64 5.83 -16.22
CA ILE C 294 -27.26 6.69 -17.22
C ILE C 294 -26.31 7.58 -18.01
N ASP C 295 -25.02 7.56 -17.73
CA ASP C 295 -24.09 8.56 -18.26
C ASP C 295 -23.98 8.50 -19.77
N ALA C 296 -23.09 9.35 -20.30
CA ALA C 296 -23.02 9.60 -21.73
C ALA C 296 -22.69 8.34 -22.52
N SER C 297 -21.74 7.56 -22.04
CA SER C 297 -21.33 6.39 -22.81
C SER C 297 -22.50 5.41 -22.94
N ASN C 298 -23.26 5.20 -21.87
CA ASN C 298 -24.40 4.29 -21.95
C ASN C 298 -25.44 4.79 -22.93
N ILE C 299 -25.82 6.06 -22.81
CA ILE C 299 -26.89 6.53 -23.68
C ILE C 299 -26.40 6.77 -25.09
N LEU C 300 -25.11 6.63 -25.34
CA LEU C 300 -24.61 6.74 -26.70
C LEU C 300 -24.34 5.41 -27.36
N LYS C 301 -24.05 4.37 -26.59
CA LYS C 301 -23.49 3.16 -27.20
C LYS C 301 -24.40 2.52 -28.24
N PRO C 302 -25.64 2.13 -27.95
CA PRO C 302 -26.40 1.39 -28.95
C PRO C 302 -26.53 2.12 -30.27
N SER C 303 -26.73 3.43 -30.22
CA SER C 303 -26.74 4.21 -31.44
C SER C 303 -25.43 4.07 -32.20
N LEU C 304 -24.32 3.91 -31.50
CA LEU C 304 -23.05 3.72 -32.18
C LEU C 304 -22.97 2.36 -32.82
N ALA C 305 -23.29 1.31 -32.06
CA ALA C 305 -23.13 -0.03 -32.58
C ALA C 305 -24.03 -0.27 -33.77
N ARG C 306 -25.20 0.38 -33.82
CA ARG C 306 -26.05 0.24 -34.98
C ARG C 306 -25.45 0.94 -36.19
N GLY C 307 -24.80 2.07 -35.97
CA GLY C 307 -24.18 2.81 -37.05
C GLY C 307 -24.90 4.06 -37.46
N GLU C 308 -26.01 4.41 -36.80
CA GLU C 308 -26.65 5.68 -37.11
C GLU C 308 -25.70 6.82 -36.87
N LEU C 309 -25.01 6.80 -35.74
CA LEU C 309 -24.13 7.87 -35.34
C LEU C 309 -22.75 7.61 -35.89
N GLN C 310 -22.18 8.61 -36.54
CA GLN C 310 -20.90 8.48 -37.21
C GLN C 310 -19.90 9.34 -36.46
N CYS C 311 -19.03 8.71 -35.70
CA CYS C 311 -18.18 9.42 -34.76
C CYS C 311 -16.75 9.39 -35.24
N ILE C 312 -15.90 10.12 -34.54
CA ILE C 312 -14.46 10.11 -34.74
C ILE C 312 -13.82 10.31 -33.38
N GLY C 313 -12.82 9.50 -33.07
CA GLY C 313 -12.20 9.52 -31.76
C GLY C 313 -10.76 9.96 -31.83
N ALA C 314 -10.29 10.56 -30.74
CA ALA C 314 -8.88 10.92 -30.63
C ALA C 314 -8.51 10.86 -29.16
N THR C 315 -7.68 9.90 -28.77
CA THR C 315 -7.21 9.81 -27.40
C THR C 315 -5.75 9.41 -27.39
N THR C 316 -5.00 9.99 -26.45
CA THR C 316 -3.66 9.50 -26.18
C THR C 316 -3.70 8.01 -25.93
N LEU C 317 -2.72 7.29 -26.45
CA LEU C 317 -2.78 5.84 -26.22
C LEU C 317 -2.61 5.51 -24.75
N ASP C 318 -2.00 6.40 -23.97
CA ASP C 318 -2.03 6.24 -22.52
C ASP C 318 -3.47 6.31 -21.99
N GLU C 319 -4.10 7.47 -22.14
CA GLU C 319 -5.50 7.59 -21.78
C GLU C 319 -6.33 6.50 -22.42
N TYR C 320 -5.99 6.11 -23.64
CA TYR C 320 -6.71 5.01 -24.25
C TYR C 320 -6.50 3.71 -23.50
N ARG C 321 -5.40 3.57 -22.78
CA ARG C 321 -5.17 2.35 -22.07
C ARG C 321 -5.69 2.39 -20.66
N LYS C 322 -5.93 3.57 -20.12
CA LYS C 322 -6.34 3.68 -18.73
C LYS C 322 -7.86 3.68 -18.63
N TYR C 323 -8.52 4.64 -19.27
CA TYR C 323 -9.92 4.86 -18.99
C TYR C 323 -10.87 4.13 -19.91
N ILE C 324 -10.43 3.69 -21.08
CA ILE C 324 -11.38 3.12 -22.03
C ILE C 324 -11.07 1.68 -22.37
N GLU C 325 -9.88 1.44 -22.93
CA GLU C 325 -9.52 0.07 -23.29
C GLU C 325 -9.61 -0.85 -22.08
N LYS C 326 -9.33 -0.31 -20.90
CA LYS C 326 -9.47 -1.12 -19.69
C LYS C 326 -10.90 -1.61 -19.55
N ASP C 327 -11.85 -0.70 -19.53
CA ASP C 327 -13.21 -1.09 -19.16
C ASP C 327 -14.21 -0.11 -19.77
N ALA C 328 -14.72 -0.43 -20.96
CA ALA C 328 -15.88 0.32 -21.41
C ALA C 328 -16.90 -0.47 -22.21
N ALA C 329 -16.57 -1.64 -22.78
CA ALA C 329 -17.42 -2.27 -23.79
C ALA C 329 -17.75 -1.28 -24.89
N LEU C 330 -17.06 -0.15 -24.87
CA LEU C 330 -17.10 0.88 -25.90
C LEU C 330 -15.82 0.93 -26.70
N GLU C 331 -14.71 0.45 -26.13
CA GLU C 331 -13.54 0.18 -26.93
C GLU C 331 -13.97 -0.50 -28.21
N ARG C 332 -14.91 -1.44 -28.09
CA ARG C 332 -15.30 -2.26 -29.22
C ARG C 332 -16.00 -1.44 -30.30
N ARG C 333 -16.76 -0.43 -29.90
CA ARG C 333 -17.53 0.33 -30.87
C ARG C 333 -16.61 1.06 -31.84
N PHE C 334 -15.46 1.53 -31.37
CA PHE C 334 -14.54 2.29 -32.18
C PHE C 334 -13.41 1.42 -32.72
N GLN C 335 -12.92 1.75 -33.90
CA GLN C 335 -11.79 1.02 -34.46
C GLN C 335 -10.53 1.85 -34.37
N PRO C 336 -9.46 1.33 -33.79
CA PRO C 336 -8.28 2.16 -33.55
C PRO C 336 -7.48 2.39 -34.82
N ILE C 337 -6.87 3.56 -34.88
CA ILE C 337 -6.03 3.96 -36.01
C ILE C 337 -4.75 4.54 -35.41
N GLN C 338 -3.76 3.69 -35.18
CA GLN C 338 -2.51 4.10 -34.57
C GLN C 338 -1.90 5.24 -35.35
N VAL C 339 -1.79 6.39 -34.72
CA VAL C 339 -1.23 7.60 -35.34
C VAL C 339 0.09 7.88 -34.67
N ASP C 340 1.18 7.57 -35.35
CA ASP C 340 2.50 7.58 -34.76
C ASP C 340 3.34 8.73 -35.31
N GLN C 341 4.27 9.20 -34.49
CA GLN C 341 4.97 10.44 -34.77
C GLN C 341 5.77 10.32 -36.06
N PRO C 342 5.79 11.34 -36.89
CA PRO C 342 6.51 11.25 -38.16
C PRO C 342 7.99 11.12 -37.96
N SER C 343 8.74 10.89 -39.03
CA SER C 343 10.19 10.89 -38.94
C SER C 343 10.68 12.32 -39.10
N VAL C 344 11.99 12.48 -39.30
CA VAL C 344 12.54 13.83 -39.35
C VAL C 344 12.08 14.55 -40.61
N ASP C 345 12.24 13.91 -41.76
CA ASP C 345 12.06 14.62 -43.03
C ASP C 345 10.62 15.03 -43.26
N GLU C 346 9.69 14.13 -43.00
CA GLU C 346 8.29 14.51 -43.09
C GLU C 346 7.94 15.57 -42.08
N SER C 347 8.61 15.57 -40.93
CA SER C 347 8.44 16.68 -40.00
C SER C 347 8.92 17.97 -40.63
N ILE C 348 9.96 17.90 -41.45
CA ILE C 348 10.44 19.08 -42.15
C ILE C 348 9.39 19.58 -43.11
N GLN C 349 8.75 18.67 -43.83
CA GLN C 349 7.69 19.08 -44.75
C GLN C 349 6.56 19.76 -44.00
N ILE C 350 6.09 19.12 -42.92
CA ILE C 350 5.05 19.72 -42.10
C ILE C 350 5.47 21.11 -41.66
N LEU C 351 6.71 21.24 -41.22
CA LEU C 351 7.18 22.51 -40.70
C LEU C 351 7.22 23.57 -41.77
N GLN C 352 7.51 23.20 -43.00
CA GLN C 352 7.44 24.20 -44.06
C GLN C 352 6.00 24.64 -44.28
N GLY C 353 5.11 23.65 -44.39
CA GLY C 353 3.70 23.97 -44.57
C GLY C 353 3.19 24.92 -43.51
N LEU C 354 3.69 24.79 -42.29
CA LEU C 354 3.23 25.70 -41.24
C LEU C 354 4.05 26.97 -41.17
N ARG C 355 5.31 26.92 -41.59
CA ARG C 355 6.10 28.13 -41.68
C ARG C 355 5.38 29.16 -42.50
N ASP C 356 4.69 28.70 -43.55
CA ASP C 356 3.91 29.64 -44.35
C ASP C 356 2.93 30.45 -43.51
N ARG C 357 2.57 29.96 -42.33
CA ARG C 357 1.71 30.71 -41.41
C ARG C 357 2.48 31.47 -40.36
N TYR C 358 3.49 30.84 -39.78
CA TYR C 358 4.23 31.46 -38.69
C TYR C 358 5.00 32.69 -39.17
N GLU C 359 5.52 32.65 -40.39
CA GLU C 359 6.07 33.87 -40.97
C GLU C 359 5.09 35.02 -40.80
N ALA C 360 3.85 34.80 -41.24
CA ALA C 360 2.88 35.88 -41.26
C ALA C 360 2.54 36.34 -39.85
N HIS C 361 2.41 35.40 -38.91
CA HIS C 361 1.99 35.82 -37.58
C HIS C 361 3.10 36.59 -36.87
N HIS C 362 4.34 36.14 -37.00
CA HIS C 362 5.45 36.78 -36.31
C HIS C 362 6.11 37.87 -37.15
N ARG C 363 5.60 38.14 -38.35
CA ARG C 363 6.10 39.25 -39.18
C ARG C 363 7.59 39.10 -39.47
N VAL C 364 8.02 37.88 -39.77
CA VAL C 364 9.42 37.58 -40.02
C VAL C 364 9.49 36.66 -41.24
N SER C 365 10.68 36.13 -41.48
CA SER C 365 10.89 35.16 -42.55
C SER C 365 11.80 34.07 -42.03
N ILE C 366 11.38 32.83 -42.18
CA ILE C 366 12.05 31.69 -41.56
C ILE C 366 12.83 30.94 -42.62
N THR C 367 14.12 30.75 -42.37
CA THR C 367 14.97 30.10 -43.34
C THR C 367 14.73 28.59 -43.32
N ASP C 368 14.89 27.96 -44.48
CA ASP C 368 14.73 26.51 -44.53
C ASP C 368 15.81 25.80 -43.73
N ASP C 369 17.01 26.37 -43.70
CA ASP C 369 18.02 25.87 -42.78
C ASP C 369 17.50 25.89 -41.36
N ALA C 370 16.81 26.98 -40.99
CA ALA C 370 16.27 27.07 -39.64
C ALA C 370 15.30 25.94 -39.37
N ILE C 371 14.46 25.61 -40.35
CA ILE C 371 13.46 24.58 -40.14
C ILE C 371 14.10 23.21 -39.98
N GLU C 372 14.98 22.84 -40.90
CA GLU C 372 15.59 21.53 -40.76
C GLU C 372 16.41 21.44 -39.49
N ALA C 373 17.03 22.55 -39.08
CA ALA C 373 17.79 22.52 -37.85
C ALA C 373 16.87 22.40 -36.64
N ALA C 374 15.72 23.08 -36.68
CA ALA C 374 14.75 22.93 -35.61
C ALA C 374 14.38 21.49 -35.45
N VAL C 375 14.04 20.82 -36.54
CA VAL C 375 13.65 19.41 -36.46
C VAL C 375 14.77 18.58 -35.88
N LYS C 376 15.99 18.75 -36.40
CA LYS C 376 17.06 17.86 -35.97
C LYS C 376 17.42 18.06 -34.51
N LEU C 377 17.52 19.31 -34.07
CA LEU C 377 17.87 19.58 -32.67
C LEU C 377 16.76 19.13 -31.73
N SER C 378 15.51 19.49 -32.02
CA SER C 378 14.40 19.01 -31.22
C SER C 378 14.27 17.50 -31.28
N ASP C 379 14.91 16.85 -32.24
CA ASP C 379 14.87 15.41 -32.24
C ASP C 379 15.92 14.83 -31.31
N ARG C 380 17.11 15.39 -31.29
CA ARG C 380 18.17 14.75 -30.51
C ARG C 380 18.36 15.34 -29.13
N TYR C 381 17.73 16.45 -28.80
CA TYR C 381 17.98 17.07 -27.51
C TYR C 381 16.76 17.10 -26.61
N ILE C 382 15.62 17.54 -27.11
CA ILE C 382 14.41 17.61 -26.30
C ILE C 382 13.81 16.22 -26.26
N SER C 383 14.01 15.51 -25.16
CA SER C 383 13.58 14.11 -25.05
C SER C 383 12.21 13.96 -24.43
N ASP C 384 11.57 15.05 -24.04
CA ASP C 384 10.31 14.91 -23.32
C ASP C 384 9.14 14.66 -24.26
N ARG C 385 9.07 15.39 -25.36
CA ARG C 385 7.89 15.47 -26.19
C ARG C 385 8.11 14.74 -27.50
N PHE C 386 7.11 14.82 -28.38
CA PHE C 386 7.15 14.13 -29.65
C PHE C 386 7.07 15.11 -30.81
N LEU C 387 7.56 14.68 -31.97
CA LEU C 387 7.46 15.47 -33.17
C LEU C 387 6.03 15.46 -33.66
N PRO C 388 5.60 16.51 -34.37
CA PRO C 388 6.29 17.77 -34.67
C PRO C 388 5.99 18.80 -33.63
N ASP C 389 5.26 18.40 -32.60
CA ASP C 389 4.89 19.28 -31.51
C ASP C 389 6.05 20.05 -30.92
N LYS C 390 7.18 19.39 -30.69
CA LYS C 390 8.33 20.13 -30.18
C LYS C 390 8.96 20.99 -31.26
N ALA C 391 8.96 20.52 -32.50
CA ALA C 391 9.58 21.28 -33.57
C ALA C 391 8.89 22.63 -33.75
N ILE C 392 7.60 22.60 -34.12
CA ILE C 392 6.93 23.86 -34.40
C ILE C 392 6.97 24.74 -33.17
N ASP C 393 7.16 24.14 -32.00
CA ASP C 393 7.37 24.94 -30.81
C ASP C 393 8.68 25.70 -30.88
N LEU C 394 9.77 25.02 -31.24
CA LEU C 394 11.03 25.73 -31.36
C LEU C 394 10.90 26.88 -32.34
N ILE C 395 10.22 26.64 -33.45
CA ILE C 395 10.09 27.68 -34.47
C ILE C 395 9.27 28.85 -33.96
N ASP C 396 8.14 28.57 -33.31
CA ASP C 396 7.32 29.64 -32.80
C ASP C 396 8.10 30.49 -31.81
N GLU C 397 8.87 29.83 -30.96
CA GLU C 397 9.66 30.57 -29.97
C GLU C 397 10.72 31.41 -30.64
N ALA C 398 11.35 30.90 -31.69
CA ALA C 398 12.33 31.70 -32.43
C ALA C 398 11.68 32.94 -33.02
N GLY C 399 10.52 32.76 -33.66
CA GLY C 399 9.83 33.90 -34.21
C GLY C 399 9.47 34.95 -33.17
N SER C 400 8.98 34.51 -32.02
CA SER C 400 8.67 35.46 -30.97
C SER C 400 9.93 36.18 -30.50
N LYS C 401 11.02 35.44 -30.32
CA LYS C 401 12.27 36.04 -29.86
C LYS C 401 12.75 37.11 -30.82
N VAL C 402 12.69 36.83 -32.12
CA VAL C 402 13.22 37.78 -33.09
C VAL C 402 12.29 38.97 -33.25
N ARG C 403 10.99 38.73 -33.25
CA ARG C 403 10.08 39.87 -33.20
C ARG C 403 10.41 40.78 -32.03
N LEU C 404 10.73 40.19 -30.88
CA LEU C 404 11.14 40.97 -29.73
C LEU C 404 12.39 41.78 -30.02
N ARG C 405 13.42 41.13 -30.55
CA ARG C 405 14.63 41.84 -30.90
C ARG C 405 14.37 42.96 -31.89
N SER C 406 13.30 42.85 -32.68
CA SER C 406 13.06 43.84 -33.73
C SER C 406 12.75 45.21 -33.14
N PHE C 407 11.96 45.27 -32.09
CA PHE C 407 11.61 46.55 -31.47
C PHE C 407 11.93 46.52 -29.98
N THR C 408 13.19 46.19 -29.68
CA THR C 408 13.68 46.26 -28.30
C THR C 408 13.44 47.63 -27.68
N GLU C 462 16.64 49.87 -40.39
CA GLU C 462 17.48 48.77 -40.81
C GLU C 462 17.20 47.54 -39.97
N LYS C 463 16.77 47.77 -38.73
CA LYS C 463 16.44 46.66 -37.84
C LYS C 463 15.42 45.72 -38.48
N GLN C 464 14.45 46.28 -39.18
CA GLN C 464 13.45 45.48 -39.88
C GLN C 464 14.07 44.67 -41.00
N GLY C 465 14.79 45.34 -41.90
CA GLY C 465 15.36 44.66 -43.05
C GLY C 465 16.33 43.57 -42.67
N GLN C 466 16.90 43.65 -41.47
CA GLN C 466 17.81 42.62 -41.02
C GLN C 466 17.08 41.50 -40.30
N GLU C 467 16.20 41.83 -39.35
CA GLU C 467 15.60 40.82 -38.49
C GLU C 467 14.54 39.98 -39.19
N ASN C 468 14.07 40.38 -40.37
CA ASN C 468 13.06 39.59 -41.04
C ASN C 468 13.54 38.18 -41.28
N SER C 469 14.80 38.02 -41.63
CA SER C 469 15.39 36.70 -41.86
C SER C 469 16.41 36.33 -40.80
N GLU C 470 16.34 36.95 -39.62
CA GLU C 470 17.32 36.64 -38.59
C GLU C 470 16.93 35.43 -37.76
N VAL C 471 15.87 34.73 -38.12
CA VAL C 471 15.40 33.60 -37.33
C VAL C 471 16.22 32.38 -37.69
N THR C 472 17.46 32.61 -38.12
CA THR C 472 18.37 31.57 -38.56
C THR C 472 18.62 30.53 -37.48
N VAL C 473 19.40 29.52 -37.85
CA VAL C 473 19.78 28.42 -36.99
C VAL C 473 20.28 28.89 -35.64
N ASP C 474 20.90 30.07 -35.59
CA ASP C 474 21.40 30.55 -34.31
C ASP C 474 20.27 30.68 -33.30
N ASP C 475 19.14 31.26 -33.69
CA ASP C 475 18.09 31.49 -32.72
C ASP C 475 17.47 30.19 -32.26
N ILE C 476 17.24 29.26 -33.18
CA ILE C 476 16.76 27.94 -32.77
C ILE C 476 17.74 27.30 -31.82
N ALA C 477 19.03 27.43 -32.09
CA ALA C 477 20.02 26.88 -31.19
C ALA C 477 19.87 27.49 -29.81
N MET C 478 19.68 28.79 -29.73
CA MET C 478 19.62 29.41 -28.42
C MET C 478 18.32 29.08 -27.72
N VAL C 479 17.26 28.84 -28.47
CA VAL C 479 16.01 28.42 -27.86
C VAL C 479 16.13 27.03 -27.27
N VAL C 480 16.79 26.13 -28.00
CA VAL C 480 17.04 24.80 -27.44
C VAL C 480 17.89 24.91 -26.19
N SER C 481 18.92 25.75 -26.22
CA SER C 481 19.75 25.91 -25.04
C SER C 481 18.93 26.39 -23.87
N SER C 482 18.09 27.39 -24.09
CA SER C 482 17.26 27.92 -23.02
C SER C 482 16.31 26.84 -22.49
N TRP C 483 15.73 26.06 -23.40
CA TRP C 483 14.69 25.13 -23.04
C TRP C 483 15.26 23.94 -22.27
N THR C 484 16.21 23.24 -22.87
CA THR C 484 16.79 22.08 -22.19
C THR C 484 17.84 22.51 -21.18
N GLY C 485 18.82 23.27 -21.63
CA GLY C 485 19.99 23.61 -20.86
C GLY C 485 21.29 23.25 -21.54
N VAL C 486 21.25 22.35 -22.51
CA VAL C 486 22.45 21.87 -23.17
C VAL C 486 22.94 22.93 -24.16
N PRO C 487 24.09 23.50 -23.96
CA PRO C 487 24.47 24.70 -24.71
C PRO C 487 24.89 24.38 -26.14
N VAL C 488 23.91 24.28 -27.01
CA VAL C 488 24.16 24.15 -28.44
C VAL C 488 23.96 25.52 -29.06
N SER C 489 25.06 26.17 -29.40
CA SER C 489 25.00 27.48 -30.03
C SER C 489 26.29 27.72 -30.81
N LYS C 490 26.34 28.88 -31.45
CA LYS C 490 27.51 29.34 -32.19
C LYS C 490 28.46 29.97 -31.18
N ILE C 491 29.47 29.20 -30.78
CA ILE C 491 30.42 29.68 -29.77
C ILE C 491 31.09 30.94 -30.27
N ALA C 492 31.15 31.95 -29.41
CA ALA C 492 31.88 33.16 -29.74
C ALA C 492 33.37 32.91 -29.64
N GLN C 493 34.16 33.76 -30.30
CA GLN C 493 35.59 33.62 -30.23
C GLN C 493 36.07 33.57 -28.78
N THR C 494 35.44 34.37 -27.93
CA THR C 494 35.83 34.36 -26.52
C THR C 494 35.67 32.99 -25.92
N GLU C 495 34.64 32.26 -26.32
CA GLU C 495 34.43 30.92 -25.77
C GLU C 495 35.49 29.94 -26.25
N THR C 496 35.96 30.08 -27.48
CA THR C 496 37.01 29.20 -27.97
C THR C 496 38.33 29.47 -27.25
N ASP C 497 38.67 30.76 -27.16
CA ASP C 497 39.82 31.13 -26.34
C ASP C 497 39.67 30.60 -24.93
N LYS C 498 38.44 30.61 -24.42
CA LYS C 498 38.17 30.09 -23.10
C LYS C 498 38.37 28.60 -23.05
N LEU C 499 38.13 27.88 -24.14
CA LEU C 499 38.38 26.45 -24.14
C LEU C 499 39.87 26.14 -24.06
N LEU C 500 40.68 26.83 -24.85
CA LEU C 500 42.10 26.52 -24.83
C LEU C 500 42.74 27.00 -23.52
N ASN C 501 42.58 28.29 -23.23
CA ASN C 501 42.94 28.77 -21.91
C ASN C 501 42.25 27.98 -20.80
N MET C 502 41.23 27.18 -21.11
CA MET C 502 40.58 26.37 -20.10
C MET C 502 41.36 25.11 -19.84
N GLU C 503 41.93 24.52 -20.88
CA GLU C 503 42.94 23.51 -20.61
C GLU C 503 43.97 24.07 -19.65
N ASN C 504 44.43 25.29 -19.91
CA ASN C 504 45.36 25.92 -18.99
C ASN C 504 44.76 26.11 -17.60
N ILE C 505 43.48 26.46 -17.54
CA ILE C 505 42.82 26.74 -16.27
C ILE C 505 42.76 25.49 -15.41
N LEU C 506 42.16 24.44 -15.95
CA LEU C 506 42.18 23.15 -15.30
C LEU C 506 43.57 22.85 -14.79
N HIS C 507 44.58 23.04 -15.62
CA HIS C 507 45.94 22.77 -15.17
C HIS C 507 46.36 23.72 -14.05
N SER C 508 45.70 24.88 -13.93
CA SER C 508 46.02 25.79 -12.85
C SER C 508 45.45 25.33 -11.52
N ARG C 509 44.26 24.74 -11.55
CA ARG C 509 43.67 24.30 -10.29
C ARG C 509 44.27 22.97 -9.83
N VAL C 510 44.26 21.97 -10.70
CA VAL C 510 44.99 20.72 -10.47
C VAL C 510 46.33 20.86 -11.16
N ILE C 511 47.39 21.01 -10.37
CA ILE C 511 48.72 21.04 -10.96
C ILE C 511 49.17 19.61 -11.23
N GLY C 512 50.15 19.47 -12.09
CA GLY C 512 50.53 18.13 -12.45
C GLY C 512 49.47 17.46 -13.30
N GLN C 513 49.52 16.12 -13.33
CA GLN C 513 48.53 15.29 -14.02
C GLN C 513 48.27 15.80 -15.43
N ASP C 514 49.35 16.08 -16.16
CA ASP C 514 49.21 16.71 -17.47
C ASP C 514 48.40 15.86 -18.43
N GLU C 515 48.61 14.54 -18.40
CA GLU C 515 47.85 13.68 -19.28
C GLU C 515 46.36 13.75 -18.96
N ALA C 516 46.02 13.73 -17.69
CA ALA C 516 44.60 13.70 -17.30
C ALA C 516 43.92 15.00 -17.66
N VAL C 517 44.58 16.13 -17.40
CA VAL C 517 44.01 17.41 -17.75
C VAL C 517 43.87 17.54 -19.26
N VAL C 518 44.85 17.02 -20.00
CA VAL C 518 44.75 17.06 -21.46
C VAL C 518 43.56 16.24 -21.93
N ALA C 519 43.37 15.05 -21.36
CA ALA C 519 42.27 14.19 -21.78
C ALA C 519 40.93 14.86 -21.51
N VAL C 520 40.76 15.36 -20.30
CA VAL C 520 39.52 16.06 -19.96
C VAL C 520 39.29 17.23 -20.90
N ALA C 521 40.34 17.99 -21.21
CA ALA C 521 40.18 19.12 -22.11
C ALA C 521 39.72 18.67 -23.47
N LYS C 522 40.31 17.59 -23.98
CA LYS C 522 39.89 17.07 -25.29
C LYS C 522 38.42 16.73 -25.27
N ALA C 523 37.96 16.09 -24.20
CA ALA C 523 36.56 15.72 -24.10
C ALA C 523 35.67 16.95 -24.15
N VAL C 524 35.99 17.96 -23.33
CA VAL C 524 35.17 19.15 -23.31
C VAL C 524 35.12 19.79 -24.69
N ARG C 525 36.25 19.83 -25.38
CA ARG C 525 36.28 20.50 -26.67
C ARG C 525 35.43 19.75 -27.69
N ARG C 526 35.70 18.46 -27.88
CA ARG C 526 34.94 17.75 -28.91
C ARG C 526 33.48 17.63 -28.55
N ALA C 527 33.12 17.81 -27.28
CA ALA C 527 31.71 18.02 -26.98
C ALA C 527 31.25 19.35 -27.55
N ARG C 528 31.98 20.43 -27.26
CA ARG C 528 31.56 21.73 -27.71
C ARG C 528 31.75 21.91 -29.20
N ALA C 529 32.71 21.21 -29.79
CA ALA C 529 32.75 21.14 -31.24
C ALA C 529 31.59 20.27 -31.72
N GLY C 530 31.46 20.15 -33.03
CA GLY C 530 30.33 19.39 -33.52
C GLY C 530 30.57 17.91 -33.69
N LEU C 531 31.67 17.37 -33.19
CA LEU C 531 32.10 16.04 -33.59
C LEU C 531 31.66 14.93 -32.65
N LYS C 532 30.98 15.24 -31.55
CA LYS C 532 30.54 14.20 -30.63
C LYS C 532 29.42 13.38 -31.26
N ASP C 533 29.51 12.05 -31.14
CA ASP C 533 28.52 11.22 -31.80
C ASP C 533 27.24 11.21 -30.98
N PRO C 534 26.10 11.54 -31.59
CA PRO C 534 24.88 11.75 -30.80
C PRO C 534 24.36 10.50 -30.11
N LYS C 535 25.13 9.43 -30.07
CA LYS C 535 24.67 8.19 -29.47
C LYS C 535 25.20 7.96 -28.07
N ARG C 536 26.31 8.57 -27.69
CA ARG C 536 26.99 8.21 -26.47
C ARG C 536 27.21 9.42 -25.57
N PRO C 537 27.38 9.21 -24.27
CA PRO C 537 27.68 10.34 -23.39
C PRO C 537 29.01 10.97 -23.76
N ILE C 538 29.25 12.17 -23.22
CA ILE C 538 30.39 12.95 -23.65
C ILE C 538 31.68 12.17 -23.44
N GLY C 539 31.87 11.68 -22.23
CA GLY C 539 33.06 10.93 -21.92
C GLY C 539 32.83 10.16 -20.65
N SER C 540 33.57 9.07 -20.48
CA SER C 540 33.39 8.21 -19.32
C SER C 540 34.77 7.84 -18.78
N PHE C 541 35.22 8.54 -17.76
CA PHE C 541 36.60 8.42 -17.34
C PHE C 541 36.69 7.75 -15.98
N ILE C 542 37.63 6.84 -15.84
CA ILE C 542 37.98 6.25 -14.56
C ILE C 542 39.29 6.84 -14.13
N PHE C 543 39.27 7.63 -13.07
CA PHE C 543 40.47 8.30 -12.59
C PHE C 543 41.10 7.45 -11.51
N LEU C 544 42.05 6.63 -11.89
CA LEU C 544 42.71 5.77 -10.92
C LEU C 544 43.84 6.53 -10.25
N GLY C 545 44.60 5.86 -9.40
CA GLY C 545 45.75 6.47 -8.82
C GLY C 545 45.92 6.16 -7.37
N PRO C 546 46.75 6.91 -6.70
CA PRO C 546 46.92 6.75 -5.26
C PRO C 546 45.89 7.54 -4.51
N THR C 547 46.12 7.76 -3.22
CA THR C 547 45.27 8.64 -2.44
C THR C 547 45.69 10.09 -2.57
N GLY C 548 44.72 11.00 -2.48
CA GLY C 548 44.95 12.43 -2.47
C GLY C 548 45.86 12.98 -3.55
N VAL C 549 45.64 12.59 -4.79
CA VAL C 549 46.46 13.06 -5.90
C VAL C 549 45.70 14.04 -6.78
N GLY C 550 44.52 14.49 -6.34
CA GLY C 550 43.76 15.40 -7.14
C GLY C 550 42.70 14.76 -8.01
N LYS C 551 42.37 13.50 -7.79
CA LYS C 551 41.38 12.83 -8.63
C LYS C 551 40.01 13.45 -8.47
N THR C 552 39.53 13.60 -7.24
CA THR C 552 38.29 14.33 -7.05
C THR C 552 38.48 15.80 -7.42
N GLU C 553 39.65 16.35 -7.11
CA GLU C 553 39.91 17.76 -7.32
C GLU C 553 39.84 18.12 -8.80
N LEU C 554 40.39 17.28 -9.66
CA LEU C 554 40.32 17.55 -11.09
C LEU C 554 38.88 17.64 -11.56
N ALA C 555 38.04 16.70 -11.14
CA ALA C 555 36.64 16.74 -11.54
C ALA C 555 35.98 18.00 -11.04
N ARG C 556 36.27 18.38 -9.80
CA ARG C 556 35.62 19.57 -9.26
C ARG C 556 36.10 20.81 -10.00
N ALA C 557 37.37 20.83 -10.40
CA ALA C 557 37.88 21.94 -11.20
C ALA C 557 37.20 22.00 -12.55
N LEU C 558 36.96 20.84 -13.14
CA LEU C 558 36.22 20.78 -14.39
C LEU C 558 34.86 21.43 -14.23
N ALA C 559 34.10 20.98 -13.24
CA ALA C 559 32.76 21.52 -13.05
C ALA C 559 32.83 23.01 -12.80
N GLU C 560 33.86 23.48 -12.11
CA GLU C 560 34.00 24.90 -11.89
C GLU C 560 34.19 25.64 -13.21
N SER C 561 35.12 25.17 -14.03
CA SER C 561 35.44 25.89 -15.25
C SER C 561 34.28 25.87 -16.24
N ILE C 562 33.49 24.79 -16.24
CA ILE C 562 32.37 24.69 -17.18
C ILE C 562 31.17 25.48 -16.68
N PHE C 563 30.87 25.37 -15.40
CA PHE C 563 29.65 25.88 -14.79
C PHE C 563 29.88 27.05 -13.87
N GLY C 564 30.91 27.00 -13.04
CA GLY C 564 31.03 27.95 -11.96
C GLY C 564 30.45 27.37 -10.70
N ASP C 565 31.10 27.67 -9.58
CA ASP C 565 30.62 27.39 -8.24
C ASP C 565 30.69 25.92 -7.88
N GLU C 566 30.94 25.05 -8.87
CA GLU C 566 31.26 23.63 -8.66
C GLU C 566 30.24 22.92 -7.77
N GLU C 567 29.11 23.57 -7.52
CA GLU C 567 28.00 22.93 -6.82
C GLU C 567 27.12 22.16 -7.77
N SER C 568 27.00 22.63 -9.01
CA SER C 568 26.08 22.04 -9.97
C SER C 568 26.48 20.62 -10.35
N MET C 569 27.69 20.20 -10.02
CA MET C 569 28.09 18.84 -10.32
C MET C 569 27.17 17.85 -9.63
N ILE C 570 26.59 16.94 -10.40
CA ILE C 570 25.84 15.84 -9.82
C ILE C 570 26.85 14.89 -9.19
N ARG C 571 26.95 14.91 -7.87
CA ARG C 571 27.95 14.13 -7.17
C ARG C 571 27.28 12.93 -6.54
N ILE C 572 27.64 11.74 -6.99
CA ILE C 572 27.21 10.50 -6.36
C ILE C 572 28.42 9.94 -5.63
N ASP C 573 28.21 9.51 -4.40
CA ASP C 573 29.26 8.85 -3.64
C ASP C 573 28.98 7.37 -3.65
N MET C 574 29.74 6.62 -4.46
CA MET C 574 29.54 5.19 -4.52
C MET C 574 29.82 4.51 -3.19
N SER C 575 30.22 5.26 -2.16
CA SER C 575 30.39 4.66 -0.85
C SER C 575 29.07 4.25 -0.24
N GLU C 576 28.00 5.00 -0.51
CA GLU C 576 26.69 4.65 0.04
C GLU C 576 26.22 3.31 -0.47
N TYR C 577 26.60 2.96 -1.70
CA TYR C 577 26.05 1.79 -2.40
C TYR C 577 26.85 0.55 -2.04
N MET C 578 26.86 0.26 -0.75
CA MET C 578 27.66 -0.84 -0.28
C MET C 578 27.05 -2.19 -0.61
N GLU C 579 25.76 -2.24 -0.90
CA GLU C 579 25.10 -3.51 -1.13
C GLU C 579 24.29 -3.50 -2.41
N LYS C 580 24.16 -4.70 -2.98
CA LYS C 580 23.52 -4.85 -4.28
C LYS C 580 22.13 -4.28 -4.29
N HIS C 581 21.39 -4.46 -3.21
CA HIS C 581 20.02 -4.00 -3.20
C HIS C 581 19.89 -2.49 -3.08
N SER C 582 20.98 -1.74 -3.14
CA SER C 582 20.87 -0.29 -3.11
C SER C 582 20.66 0.31 -4.48
N THR C 583 20.80 -0.49 -5.53
CA THR C 583 20.48 -0.05 -6.88
C THR C 583 19.21 0.78 -6.94
N SER C 584 18.23 0.47 -6.09
CA SER C 584 16.96 1.15 -6.14
C SER C 584 17.12 2.66 -6.12
N ARG C 585 18.09 3.16 -5.38
CA ARG C 585 18.27 4.61 -5.31
C ARG C 585 18.52 5.19 -6.70
N LEU C 586 19.38 4.56 -7.48
CA LEU C 586 19.67 5.11 -8.78
C LEU C 586 18.44 5.17 -9.66
N VAL C 587 17.42 4.37 -9.40
CA VAL C 587 16.31 4.33 -10.34
C VAL C 587 15.00 4.55 -9.62
N GLY C 588 14.80 3.87 -8.49
CA GLY C 588 13.52 3.85 -7.81
C GLY C 588 12.99 2.43 -7.71
N SER C 589 12.04 2.27 -6.83
CA SER C 589 11.61 0.91 -6.59
C SER C 589 10.52 0.52 -7.55
N PRO C 590 10.41 -0.77 -7.87
CA PRO C 590 9.52 -1.19 -8.92
C PRO C 590 8.09 -0.88 -8.57
N PRO C 591 7.17 -0.89 -9.53
CA PRO C 591 5.79 -0.55 -9.22
C PRO C 591 5.22 -1.48 -8.17
N GLY C 592 4.48 -0.90 -7.24
CA GLY C 592 3.94 -1.64 -6.14
C GLY C 592 4.71 -1.53 -4.84
N TYR C 593 5.73 -0.69 -4.76
CA TYR C 593 6.59 -0.70 -3.58
C TYR C 593 6.70 0.67 -2.97
N VAL C 594 7.31 0.71 -1.78
CA VAL C 594 7.47 1.95 -1.03
C VAL C 594 8.43 2.85 -1.78
N GLY C 595 8.14 4.13 -1.82
CA GLY C 595 9.04 5.00 -2.52
C GLY C 595 9.05 4.66 -3.99
N TYR C 596 7.90 4.30 -4.53
CA TYR C 596 7.78 4.14 -5.97
C TYR C 596 7.56 5.48 -6.63
N ASP C 597 6.89 6.40 -5.96
CA ASP C 597 6.62 7.70 -6.55
C ASP C 597 7.91 8.48 -6.76
N GLU C 598 8.69 8.71 -5.71
CA GLU C 598 9.94 9.42 -5.85
C GLU C 598 10.90 8.52 -6.61
N GLY C 599 10.78 8.56 -7.93
CA GLY C 599 11.40 7.56 -8.77
C GLY C 599 12.81 7.88 -9.23
N GLY C 600 13.72 8.16 -8.31
CA GLY C 600 15.12 8.13 -8.67
C GLY C 600 15.97 9.16 -7.97
N GLN C 601 17.15 8.75 -7.51
CA GLN C 601 18.10 9.72 -6.99
C GLN C 601 18.90 10.34 -8.11
N LEU C 602 19.46 9.49 -8.98
CA LEU C 602 20.29 9.95 -10.07
C LEU C 602 19.43 10.39 -11.24
N THR C 603 18.52 9.53 -11.65
CA THR C 603 17.69 9.80 -12.82
C THR C 603 17.02 11.15 -12.72
N GLU C 604 16.52 11.52 -11.55
CA GLU C 604 15.83 12.79 -11.44
C GLU C 604 16.78 13.95 -11.62
N LYS C 605 17.90 13.94 -10.89
CA LYS C 605 18.86 15.01 -11.02
C LYS C 605 19.26 15.20 -12.47
N VAL C 606 19.50 14.10 -13.18
CA VAL C 606 19.88 14.22 -14.57
C VAL C 606 18.75 14.83 -15.38
N ARG C 607 17.55 14.27 -15.28
CA ARG C 607 16.40 14.79 -16.02
C ARG C 607 16.25 16.29 -15.83
N ARG C 608 16.62 16.80 -14.66
CA ARG C 608 16.44 18.23 -14.43
C ARG C 608 17.58 19.04 -15.01
N LYS C 609 18.79 18.50 -15.01
CA LYS C 609 19.96 19.20 -15.53
C LYS C 609 20.72 18.22 -16.40
N PRO C 610 20.40 18.16 -17.70
CA PRO C 610 20.94 17.10 -18.56
C PRO C 610 22.38 17.32 -19.00
N TYR C 611 23.05 18.36 -18.53
CA TYR C 611 24.38 18.70 -19.04
C TYR C 611 25.40 18.78 -17.92
N SER C 612 25.39 17.84 -17.00
CA SER C 612 26.10 18.04 -15.74
C SER C 612 27.12 16.95 -15.50
N VAL C 613 28.26 17.34 -14.95
CA VAL C 613 29.36 16.41 -14.68
C VAL C 613 28.87 15.40 -13.65
N VAL C 614 28.72 14.15 -14.05
CA VAL C 614 28.34 13.11 -13.12
C VAL C 614 29.60 12.55 -12.49
N LEU C 615 29.76 12.73 -11.20
CA LEU C 615 30.98 12.33 -10.51
C LEU C 615 30.66 11.19 -9.56
N LEU C 616 31.08 9.99 -9.94
CA LEU C 616 30.85 8.81 -9.12
C LEU C 616 32.12 8.57 -8.32
N ASP C 617 32.11 8.93 -7.06
CA ASP C 617 33.32 8.85 -6.26
C ASP C 617 33.54 7.44 -5.76
N ALA C 618 34.76 6.95 -5.95
CA ALA C 618 35.19 5.68 -5.39
C ALA C 618 34.29 4.54 -5.85
N ILE C 619 34.26 4.31 -7.16
CA ILE C 619 33.51 3.16 -7.65
C ILE C 619 34.10 1.88 -7.10
N GLU C 620 35.40 1.88 -6.82
CA GLU C 620 36.05 0.69 -6.26
C GLU C 620 35.22 0.08 -5.14
N LYS C 621 34.67 0.91 -4.26
CA LYS C 621 33.99 0.43 -3.06
C LYS C 621 32.48 0.55 -3.28
N ALA C 622 31.96 -0.36 -4.08
CA ALA C 622 30.54 -0.54 -4.29
C ALA C 622 30.35 -1.97 -4.73
N HIS C 623 29.22 -2.54 -4.40
CA HIS C 623 29.02 -3.96 -4.67
C HIS C 623 29.19 -4.20 -6.16
N PRO C 624 30.06 -5.13 -6.56
CA PRO C 624 30.35 -5.35 -7.98
C PRO C 624 29.11 -5.44 -8.85
N ASP C 625 27.96 -5.64 -8.24
CA ASP C 625 26.73 -5.70 -9.01
C ASP C 625 26.22 -4.32 -9.39
N VAL C 626 26.57 -3.28 -8.63
CA VAL C 626 26.01 -1.98 -8.93
C VAL C 626 26.56 -1.44 -10.23
N PHE C 627 27.62 -2.03 -10.77
CA PHE C 627 28.22 -1.52 -11.99
C PHE C 627 27.40 -1.81 -13.24
N ASN C 628 26.41 -2.68 -13.16
CA ASN C 628 25.72 -3.08 -14.37
C ASN C 628 24.82 -1.97 -14.88
N ILE C 629 24.15 -1.27 -13.98
CA ILE C 629 23.47 -0.05 -14.38
C ILE C 629 24.43 0.89 -15.09
N LEU C 630 25.63 1.04 -14.54
CA LEU C 630 26.58 1.94 -15.16
C LEU C 630 26.93 1.49 -16.58
N LEU C 631 27.02 0.19 -16.82
CA LEU C 631 27.41 -0.23 -18.16
C LEU C 631 26.28 0.02 -19.16
N GLN C 632 25.06 -0.24 -18.73
CA GLN C 632 23.90 0.20 -19.50
C GLN C 632 23.98 1.68 -19.85
N VAL C 633 24.49 2.48 -18.92
CA VAL C 633 24.61 3.92 -19.15
C VAL C 633 25.70 4.22 -20.15
N LEU C 634 26.85 3.58 -20.01
CA LEU C 634 28.02 3.98 -20.76
C LEU C 634 27.89 3.60 -22.23
N GLU C 635 27.35 2.43 -22.53
CA GLU C 635 27.32 2.05 -23.95
C GLU C 635 26.41 2.95 -24.75
N ASP C 636 25.20 3.19 -24.26
CA ASP C 636 24.17 3.86 -25.02
C ASP C 636 23.81 5.22 -24.47
N GLY C 637 23.95 5.45 -23.18
CA GLY C 637 23.72 6.75 -22.62
C GLY C 637 22.34 6.99 -22.07
N ARG C 638 21.69 5.96 -21.54
CA ARG C 638 20.33 6.12 -21.05
C ARG C 638 20.05 5.14 -19.94
N LEU C 639 19.23 5.58 -18.99
CA LEU C 639 18.67 4.69 -17.99
C LEU C 639 17.16 4.63 -18.16
N THR C 640 16.55 3.71 -17.45
CA THR C 640 15.10 3.68 -17.35
C THR C 640 14.73 3.49 -15.89
N ASP C 641 14.00 4.44 -15.34
CA ASP C 641 13.58 4.35 -13.97
C ASP C 641 12.26 3.60 -13.90
N SER C 642 11.86 3.23 -12.69
CA SER C 642 10.72 2.33 -12.53
C SER C 642 9.48 2.86 -13.22
N LYS C 643 9.25 4.16 -13.13
CA LYS C 643 8.13 4.76 -13.86
C LYS C 643 8.21 4.39 -15.34
N GLY C 644 9.39 4.46 -15.93
CA GLY C 644 9.56 4.09 -17.31
C GLY C 644 10.24 5.16 -18.14
N ARG C 645 10.36 6.36 -17.59
CA ARG C 645 10.97 7.47 -18.32
C ARG C 645 12.41 7.17 -18.65
N THR C 646 12.71 6.94 -19.92
CA THR C 646 14.09 6.66 -20.31
C THR C 646 14.87 7.94 -20.22
N VAL C 647 15.61 8.10 -19.13
CA VAL C 647 16.42 9.30 -18.96
C VAL C 647 17.63 9.23 -19.88
N ASP C 648 18.05 10.39 -20.39
CA ASP C 648 19.07 10.50 -21.42
C ASP C 648 20.35 11.06 -20.83
N PHE C 649 21.38 10.24 -20.76
CA PHE C 649 22.66 10.64 -20.21
C PHE C 649 23.61 11.16 -21.26
N ARG C 650 23.14 11.38 -22.48
CA ARG C 650 24.00 11.62 -23.61
C ARG C 650 24.48 13.04 -23.74
N ASN C 651 24.39 13.86 -22.70
CA ASN C 651 25.01 15.17 -22.70
C ASN C 651 25.80 15.39 -21.43
N THR C 652 26.36 14.34 -20.85
CA THR C 652 26.87 14.38 -19.49
C THR C 652 28.29 13.88 -19.46
N ILE C 653 29.24 14.75 -19.16
CA ILE C 653 30.59 14.28 -18.94
C ILE C 653 30.61 13.47 -17.67
N LEU C 654 31.06 12.24 -17.75
CA LEU C 654 30.90 11.30 -16.67
C LEU C 654 32.28 10.94 -16.14
N ILE C 655 32.41 10.79 -14.83
CA ILE C 655 33.71 10.60 -14.21
C ILE C 655 33.60 9.56 -13.11
N MET C 656 34.62 8.73 -12.96
CA MET C 656 34.68 7.75 -11.87
C MET C 656 36.06 7.79 -11.27
N THR C 657 36.13 7.86 -9.94
CA THR C 657 37.41 8.17 -9.28
C THR C 657 37.73 7.09 -8.25
N SER C 658 38.45 6.06 -8.66
CA SER C 658 38.72 4.92 -7.79
C SER C 658 40.20 4.66 -7.73
N ASN C 659 40.77 4.69 -6.53
CA ASN C 659 42.20 4.47 -6.35
C ASN C 659 42.42 2.99 -6.08
N VAL C 660 42.58 2.21 -7.16
CA VAL C 660 42.79 0.79 -7.02
C VAL C 660 44.27 0.40 -7.12
N GLY C 661 45.09 1.19 -7.80
CA GLY C 661 46.50 0.89 -7.89
C GLY C 661 47.27 1.52 -6.74
N ALA C 662 46.60 1.64 -5.59
CA ALA C 662 47.19 2.33 -4.45
C ALA C 662 48.57 1.79 -4.12
N SER C 663 48.79 0.50 -4.36
CA SER C 663 50.12 -0.07 -4.14
C SER C 663 51.17 0.69 -4.93
N GLU C 664 51.08 0.63 -6.25
CA GLU C 664 51.92 1.44 -7.13
C GLU C 664 51.48 1.28 -8.57
N LYS C 683 56.07 4.16 -16.53
CA LYS C 683 55.03 3.64 -17.40
C LYS C 683 54.62 2.22 -17.01
N ASP C 684 55.49 1.52 -16.28
CA ASP C 684 55.10 0.21 -15.76
C ASP C 684 53.93 0.34 -14.78
N MET C 685 53.82 1.50 -14.15
CA MET C 685 52.69 1.76 -13.27
C MET C 685 51.36 1.58 -14.00
N LYS C 686 51.28 2.08 -15.24
CA LYS C 686 50.08 1.84 -16.03
C LYS C 686 49.81 0.35 -16.18
N ASP C 687 50.87 -0.43 -16.39
CA ASP C 687 50.69 -1.85 -16.64
C ASP C 687 50.13 -2.55 -15.42
N LYS C 688 50.75 -2.31 -14.26
CA LYS C 688 50.27 -2.95 -13.06
C LYS C 688 48.86 -2.50 -12.71
N VAL C 689 48.57 -1.21 -12.88
CA VAL C 689 47.24 -0.73 -12.54
C VAL C 689 46.20 -1.34 -13.47
N MET C 690 46.52 -1.45 -14.75
CA MET C 690 45.59 -2.06 -15.68
C MET C 690 45.36 -3.51 -15.30
N GLY C 691 46.40 -4.20 -14.82
CA GLY C 691 46.20 -5.56 -14.35
C GLY C 691 45.26 -5.62 -13.17
N GLU C 692 45.47 -4.73 -12.20
CA GLU C 692 44.61 -4.72 -11.03
C GLU C 692 43.20 -4.32 -11.39
N LEU C 693 43.02 -3.58 -12.48
CA LEU C 693 41.69 -3.24 -12.94
C LEU C 693 41.02 -4.45 -13.57
N LYS C 694 41.72 -5.11 -14.50
CA LYS C 694 41.18 -6.32 -15.11
C LYS C 694 40.75 -7.31 -14.04
N ARG C 695 41.53 -7.41 -12.98
CA ARG C 695 41.12 -8.26 -11.86
C ARG C 695 40.02 -7.63 -11.03
N ALA C 696 39.90 -6.31 -11.06
CA ALA C 696 38.99 -5.63 -10.14
C ALA C 696 37.54 -5.88 -10.52
N PHE C 697 37.20 -5.77 -11.80
CA PHE C 697 35.82 -6.04 -12.20
C PHE C 697 35.77 -6.38 -13.68
N ARG C 698 34.54 -6.61 -14.15
CA ARG C 698 34.31 -7.33 -15.39
C ARG C 698 34.97 -6.63 -16.57
N PRO C 699 35.40 -7.39 -17.58
CA PRO C 699 35.88 -6.75 -18.81
C PRO C 699 34.80 -6.01 -19.53
N GLU C 700 33.55 -6.44 -19.39
CA GLU C 700 32.46 -5.71 -20.02
C GLU C 700 32.35 -4.30 -19.46
N PHE C 701 32.55 -4.13 -18.17
CA PHE C 701 32.52 -2.78 -17.62
C PHE C 701 33.66 -1.94 -18.15
N ILE C 702 34.86 -2.53 -18.25
CA ILE C 702 35.99 -1.74 -18.69
C ILE C 702 35.86 -1.34 -20.13
N ASN C 703 35.26 -2.19 -20.96
CA ASN C 703 35.27 -1.90 -22.38
C ASN C 703 34.51 -0.63 -22.71
N ARG C 704 33.44 -0.34 -21.98
CA ARG C 704 32.74 0.92 -22.16
C ARG C 704 33.44 1.97 -21.33
N ILE C 705 34.44 2.62 -21.91
CA ILE C 705 35.14 3.67 -21.19
C ILE C 705 35.91 4.46 -22.23
N ASP C 706 36.02 5.76 -22.02
CA ASP C 706 36.73 6.54 -23.00
C ASP C 706 38.21 6.59 -22.70
N GLU C 707 38.56 6.93 -21.47
CA GLU C 707 39.97 7.06 -21.14
C GLU C 707 40.18 6.56 -19.72
N ILE C 708 40.82 5.41 -19.60
CA ILE C 708 41.41 5.00 -18.35
C ILE C 708 42.60 5.90 -18.09
N ILE C 709 42.60 6.60 -16.97
CA ILE C 709 43.61 7.58 -16.65
C ILE C 709 44.25 7.20 -15.34
N VAL C 710 45.56 7.03 -15.34
CA VAL C 710 46.30 6.64 -14.15
C VAL C 710 47.02 7.86 -13.64
N PHE C 711 46.52 8.42 -12.54
CA PHE C 711 47.17 9.56 -11.93
C PHE C 711 48.46 9.11 -11.27
N HIS C 712 49.54 9.85 -11.50
CA HIS C 712 50.80 9.49 -10.87
C HIS C 712 50.98 10.27 -9.58
N SER C 713 51.78 9.70 -8.68
CA SER C 713 51.96 10.29 -7.37
C SER C 713 52.64 11.65 -7.50
N LEU C 714 52.74 12.35 -6.38
CA LEU C 714 53.27 13.70 -6.41
C LEU C 714 54.74 13.73 -6.00
N GLU C 715 55.41 14.82 -6.38
CA GLU C 715 56.83 15.00 -6.14
C GLU C 715 57.09 16.39 -5.57
N LYS C 716 58.21 16.50 -4.86
CA LYS C 716 58.63 17.72 -4.20
C LYS C 716 58.27 19.01 -4.94
N LYS C 717 58.59 19.07 -6.24
CA LYS C 717 58.31 20.29 -7.00
C LYS C 717 56.82 20.58 -7.03
N HIS C 718 56.02 19.55 -7.34
CA HIS C 718 54.59 19.69 -7.22
C HIS C 718 54.21 20.19 -5.85
N LEU C 719 54.91 19.73 -4.82
CA LEU C 719 54.51 20.07 -3.46
C LEU C 719 54.74 21.56 -3.19
N THR C 720 55.87 22.10 -3.65
CA THR C 720 56.07 23.53 -3.48
C THR C 720 54.99 24.32 -4.22
N GLU C 721 54.69 23.92 -5.45
CA GLU C 721 53.63 24.60 -6.17
C GLU C 721 52.32 24.52 -5.42
N ILE C 722 52.06 23.38 -4.79
CA ILE C 722 50.76 23.18 -4.15
C ILE C 722 50.67 23.99 -2.87
N VAL C 723 51.76 24.12 -2.13
CA VAL C 723 51.73 25.01 -0.98
C VAL C 723 51.40 26.41 -1.43
N SER C 724 52.03 26.85 -2.52
CA SER C 724 51.69 28.17 -3.04
C SER C 724 50.20 28.26 -3.33
N LEU C 725 49.67 27.27 -4.04
CA LEU C 725 48.28 27.29 -4.45
C LEU C 725 47.33 27.28 -3.26
N MET C 726 47.59 26.44 -2.27
CA MET C 726 46.71 26.36 -1.11
C MET C 726 46.77 27.64 -0.32
N SER C 727 47.95 28.27 -0.24
CA SER C 727 48.04 29.54 0.46
C SER C 727 47.22 30.60 -0.26
N ASP C 728 47.23 30.58 -1.59
CA ASP C 728 46.39 31.52 -2.33
C ASP C 728 44.92 31.25 -2.06
N GLN C 729 44.52 29.98 -2.08
CA GLN C 729 43.12 29.63 -1.83
C GLN C 729 42.69 30.10 -0.45
N LEU C 730 43.52 29.85 0.57
CA LEU C 730 43.18 30.32 1.92
C LEU C 730 43.08 31.83 1.98
N THR C 731 44.06 32.53 1.39
CA THR C 731 44.05 33.99 1.48
C THR C 731 42.86 34.59 0.76
N LYS C 732 42.41 33.96 -0.33
CA LYS C 732 41.19 34.43 -0.97
C LYS C 732 39.98 34.10 -0.12
N ARG C 733 39.98 32.93 0.52
CA ARG C 733 38.87 32.54 1.36
C ARG C 733 38.70 33.50 2.52
N LEU C 734 39.81 34.03 3.03
CA LEU C 734 39.77 34.99 4.11
C LEU C 734 39.81 36.43 3.65
N LYS C 735 40.19 36.68 2.39
CA LYS C 735 40.23 38.05 1.91
C LYS C 735 38.87 38.72 2.02
N GLU C 736 37.81 37.96 1.78
CA GLU C 736 36.46 38.48 1.90
C GLU C 736 35.98 38.51 3.34
N GLN C 737 36.70 37.87 4.26
CA GLN C 737 36.32 37.89 5.65
C GLN C 737 36.88 39.09 6.39
N ASP C 738 37.49 40.03 5.65
CA ASP C 738 38.13 41.24 6.15
C ASP C 738 39.44 40.93 6.87
N LEU C 739 39.94 39.70 6.78
CA LEU C 739 41.28 39.40 7.28
C LEU C 739 42.23 39.50 6.10
N SER C 740 42.59 40.73 5.75
CA SER C 740 43.61 40.90 4.73
C SER C 740 44.87 40.19 5.20
N ILE C 741 45.21 39.09 4.54
CA ILE C 741 46.20 38.14 5.01
C ILE C 741 47.23 37.93 3.92
N GLU C 742 48.46 37.64 4.31
CA GLU C 742 49.51 37.37 3.35
C GLU C 742 50.49 36.38 3.96
N LEU C 743 50.98 35.47 3.13
CA LEU C 743 51.97 34.48 3.53
C LEU C 743 53.23 34.70 2.71
N THR C 744 54.31 35.11 3.35
CA THR C 744 55.53 35.34 2.60
C THR C 744 56.18 34.02 2.19
N ASP C 745 57.04 34.10 1.18
CA ASP C 745 57.53 32.89 0.54
C ASP C 745 58.37 32.05 1.49
N ALA C 746 58.99 32.66 2.50
CA ALA C 746 59.68 31.85 3.49
C ALA C 746 58.69 30.94 4.20
N ALA C 747 57.47 31.43 4.43
CA ALA C 747 56.47 30.60 5.11
C ALA C 747 56.08 29.43 4.25
N LYS C 748 55.83 29.66 2.96
CA LYS C 748 55.55 28.55 2.07
C LYS C 748 56.71 27.57 2.07
N ALA C 749 57.94 28.09 2.10
CA ALA C 749 59.10 27.23 2.12
C ALA C 749 59.07 26.31 3.33
N LYS C 750 58.84 26.87 4.51
CA LYS C 750 58.84 26.04 5.71
C LYS C 750 57.67 25.06 5.72
N VAL C 751 56.48 25.54 5.38
CA VAL C 751 55.31 24.68 5.34
C VAL C 751 55.57 23.48 4.45
N ALA C 752 56.18 23.73 3.29
CA ALA C 752 56.55 22.61 2.42
C ALA C 752 57.60 21.74 3.08
N GLU C 753 58.57 22.35 3.74
CA GLU C 753 59.62 21.57 4.38
C GLU C 753 59.08 20.64 5.45
N GLU C 754 57.87 20.89 5.94
CA GLU C 754 57.36 20.04 7.01
C GLU C 754 56.16 19.19 6.61
N GLY C 755 55.39 19.62 5.62
CA GLY C 755 54.18 18.91 5.33
C GLY C 755 54.31 17.69 4.44
N VAL C 756 55.48 17.46 3.84
CA VAL C 756 55.58 16.44 2.81
C VAL C 756 55.41 15.06 3.42
N ASP C 757 54.51 14.27 2.84
CA ASP C 757 54.38 12.83 3.11
C ASP C 757 54.01 12.17 1.79
N LEU C 758 55.01 11.77 1.02
CA LEU C 758 54.73 11.19 -0.28
C LEU C 758 53.97 9.89 -0.20
N GLU C 759 53.92 9.26 0.98
CA GLU C 759 53.04 8.10 1.17
C GLU C 759 51.60 8.47 0.85
N TYR C 760 51.24 9.72 1.04
CA TYR C 760 50.01 10.31 0.56
C TYR C 760 50.39 11.40 -0.43
N GLY C 761 49.42 12.19 -0.81
CA GLY C 761 49.72 13.30 -1.69
C GLY C 761 49.02 14.56 -1.29
N ALA C 762 49.76 15.64 -1.04
CA ALA C 762 49.18 16.96 -1.08
C ALA C 762 48.10 17.18 -0.03
N ARG C 763 47.70 16.13 0.64
CA ARG C 763 46.76 16.28 1.74
C ARG C 763 47.54 16.71 2.98
N PRO C 764 48.63 16.02 3.35
CA PRO C 764 49.35 16.42 4.56
C PRO C 764 49.77 17.86 4.52
N LEU C 765 49.92 18.45 3.34
CA LEU C 765 50.13 19.88 3.26
C LEU C 765 48.92 20.63 3.77
N ARG C 766 47.72 20.17 3.45
CA ARG C 766 46.54 20.84 3.94
C ARG C 766 46.51 20.79 5.46
N ARG C 767 46.91 19.66 6.02
CA ARG C 767 47.01 19.55 7.47
C ARG C 767 48.08 20.49 8.02
N ALA C 768 49.20 20.61 7.31
CA ALA C 768 50.27 21.46 7.79
C ALA C 768 49.86 22.92 7.78
N ILE C 769 49.27 23.37 6.68
CA ILE C 769 48.83 24.75 6.61
C ILE C 769 47.79 25.01 7.69
N GLN C 770 46.78 24.16 7.77
CA GLN C 770 45.79 24.26 8.84
C GLN C 770 46.49 24.47 10.17
N LYS C 771 47.31 23.50 10.58
CA LYS C 771 47.97 23.57 11.87
C LYS C 771 48.72 24.88 12.02
N HIS C 772 49.80 25.06 11.26
CA HIS C 772 50.67 26.21 11.45
C HIS C 772 49.92 27.52 11.30
N VAL C 773 49.47 27.81 10.09
CA VAL C 773 48.93 29.14 9.83
C VAL C 773 47.62 29.34 10.58
N GLU C 774 46.69 28.41 10.42
CA GLU C 774 45.36 28.58 10.98
C GLU C 774 45.40 28.68 12.50
N ASP C 775 46.13 27.78 13.17
CA ASP C 775 46.20 27.85 14.62
C ASP C 775 46.89 29.13 15.07
N ARG C 776 48.03 29.44 14.46
CA ARG C 776 48.71 30.68 14.82
C ARG C 776 47.75 31.85 14.76
N LEU C 777 47.01 31.95 13.67
CA LEU C 777 46.16 33.13 13.49
C LEU C 777 44.97 33.11 14.44
N SER C 778 44.37 31.94 14.64
CA SER C 778 43.22 31.88 15.54
C SER C 778 43.64 32.27 16.96
N GLU C 779 44.82 31.84 17.39
CA GLU C 779 45.36 32.34 18.65
C GLU C 779 45.49 33.85 18.59
N GLU C 780 46.39 34.34 17.74
CA GLU C 780 46.77 35.75 17.71
C GLU C 780 45.60 36.66 17.37
N LEU C 781 44.44 36.10 17.06
CA LEU C 781 43.24 36.88 16.80
C LEU C 781 42.22 36.78 17.92
N LEU C 782 42.07 35.60 18.52
CA LEU C 782 41.16 35.48 19.65
C LEU C 782 41.60 36.38 20.80
N ARG C 783 42.91 36.44 21.06
CA ARG C 783 43.40 37.30 22.11
C ARG C 783 43.18 38.77 21.80
N GLY C 784 42.91 39.10 20.54
CA GLY C 784 42.71 40.47 20.13
C GLY C 784 43.94 41.15 19.60
N ASN C 785 45.10 40.49 19.64
CA ASN C 785 46.33 41.12 19.18
C ASN C 785 46.23 41.55 17.72
N ILE C 786 45.44 40.85 16.93
CA ILE C 786 45.32 41.12 15.52
C ILE C 786 43.93 41.66 15.27
N HIS C 787 43.80 42.97 15.26
CA HIS C 787 42.52 43.59 14.95
C HIS C 787 42.19 43.36 13.48
N LYS C 788 40.98 42.88 13.21
CA LYS C 788 40.56 42.67 11.83
C LYS C 788 40.56 43.98 11.06
N GLY C 789 41.03 43.92 9.82
CA GLY C 789 41.25 45.10 9.01
C GLY C 789 42.71 45.44 8.84
N GLN C 790 43.56 44.97 9.73
CA GLN C 790 45.00 45.09 9.55
C GLN C 790 45.48 44.10 8.51
N HIS C 791 46.61 44.45 7.88
CA HIS C 791 47.19 43.58 6.87
C HIS C 791 48.20 42.66 7.53
N ILE C 792 47.79 41.44 7.80
CA ILE C 792 48.67 40.46 8.41
C ILE C 792 49.63 39.92 7.36
N VAL C 793 50.90 39.79 7.73
CA VAL C 793 51.93 39.29 6.83
C VAL C 793 52.78 38.32 7.63
N LEU C 794 52.63 37.03 7.36
CA LEU C 794 53.36 36.02 8.10
C LEU C 794 54.72 35.77 7.45
N ASP C 795 55.71 35.39 8.27
CA ASP C 795 57.02 35.05 7.75
C ASP C 795 57.77 34.16 8.73
N VAL C 796 58.94 33.73 8.31
CA VAL C 796 59.81 32.83 9.08
C VAL C 796 61.13 33.56 9.31
N GLU C 797 61.04 34.86 9.53
CA GLU C 797 62.22 35.71 9.64
C GLU C 797 63.28 35.11 10.56
N ASP C 798 62.85 34.60 11.71
CA ASP C 798 63.76 34.13 12.73
C ASP C 798 64.01 32.63 12.67
N GLY C 799 63.49 31.96 11.64
CA GLY C 799 63.50 30.51 11.63
C GLY C 799 62.24 29.88 12.18
N GLU C 800 61.28 30.69 12.62
CA GLU C 800 59.99 30.21 13.07
C GLU C 800 58.91 31.16 12.58
N PHE C 801 57.67 30.72 12.66
CA PHE C 801 56.57 31.52 12.15
C PHE C 801 56.31 32.73 13.04
N VAL C 802 56.25 33.90 12.43
CA VAL C 802 55.99 35.14 13.14
C VAL C 802 55.02 35.98 12.32
N VAL C 803 54.22 36.75 13.02
CA VAL C 803 53.24 37.62 12.40
C VAL C 803 53.81 39.02 12.33
N LYS C 804 53.43 39.76 11.29
CA LYS C 804 53.93 41.11 11.07
C LYS C 804 52.76 41.95 10.57
N THR C 805 52.00 42.53 11.49
CA THR C 805 50.78 43.23 11.12
C THR C 805 51.10 44.61 10.54
N THR C 806 50.05 45.38 10.29
CA THR C 806 50.19 46.77 9.85
C THR C 806 49.26 47.67 10.63
N ALA D 158 -53.84 -3.22 -24.51
CA ALA D 158 -54.22 -3.04 -25.90
C ALA D 158 -53.21 -2.15 -26.61
N ASN D 159 -53.63 -0.94 -26.98
CA ASN D 159 -52.71 0.07 -27.48
C ASN D 159 -52.19 0.88 -26.31
N THR D 160 -50.87 0.86 -26.11
CA THR D 160 -50.22 1.46 -24.95
C THR D 160 -49.35 2.64 -25.40
N PRO D 161 -49.91 3.84 -25.47
CA PRO D 161 -49.15 4.94 -26.08
C PRO D 161 -47.96 5.38 -25.27
N THR D 162 -48.11 5.51 -23.94
CA THR D 162 -47.01 6.00 -23.13
C THR D 162 -45.79 5.10 -23.21
N LEU D 163 -45.97 3.83 -23.53
CA LEU D 163 -44.81 2.99 -23.72
C LEU D 163 -44.30 3.06 -25.15
N ASP D 164 -45.19 3.06 -26.13
CA ASP D 164 -44.77 3.15 -27.51
C ASP D 164 -43.94 4.39 -27.77
N SER D 165 -44.13 5.42 -26.95
CA SER D 165 -43.44 6.68 -27.12
C SER D 165 -42.11 6.75 -26.37
N LEU D 166 -41.63 5.62 -25.86
CA LEU D 166 -40.37 5.58 -25.14
C LEU D 166 -39.44 4.48 -25.61
N ALA D 167 -39.89 3.55 -26.42
CA ALA D 167 -39.14 2.37 -26.77
C ALA D 167 -39.18 2.18 -28.28
N ARG D 168 -38.26 1.38 -28.80
CA ARG D 168 -38.32 0.98 -30.19
C ARG D 168 -38.89 -0.43 -30.27
N ASP D 169 -39.89 -0.61 -31.13
CA ASP D 169 -40.42 -1.95 -31.36
C ASP D 169 -39.42 -2.70 -32.22
N LEU D 170 -38.80 -3.74 -31.67
CA LEU D 170 -37.96 -4.58 -32.51
C LEU D 170 -38.78 -5.31 -33.55
N THR D 171 -39.95 -5.82 -33.16
CA THR D 171 -40.80 -6.54 -34.09
C THR D 171 -41.17 -5.65 -35.26
N ALA D 172 -41.61 -4.42 -34.99
CA ALA D 172 -41.91 -3.50 -36.07
C ALA D 172 -40.70 -3.32 -36.96
N ILE D 173 -39.52 -3.26 -36.37
CA ILE D 173 -38.31 -3.07 -37.17
C ILE D 173 -38.13 -4.23 -38.12
N ALA D 174 -38.21 -5.46 -37.61
CA ALA D 174 -37.96 -6.58 -38.50
C ALA D 174 -39.07 -6.73 -39.53
N LYS D 175 -40.25 -6.17 -39.26
CA LYS D 175 -41.27 -6.11 -40.30
C LYS D 175 -40.87 -5.12 -41.38
N GLU D 176 -40.27 -3.99 -40.99
CA GLU D 176 -39.65 -3.12 -41.99
C GLU D 176 -38.38 -3.73 -42.56
N ASP D 177 -37.94 -4.86 -42.03
CA ASP D 177 -36.78 -5.59 -42.55
C ASP D 177 -35.51 -4.76 -42.44
N SER D 178 -35.41 -3.96 -41.39
CA SER D 178 -34.21 -3.20 -41.07
C SER D 178 -33.41 -3.86 -39.97
N LEU D 179 -33.32 -5.19 -40.01
CA LEU D 179 -32.70 -5.96 -38.95
C LEU D 179 -31.78 -6.99 -39.59
N ASP D 180 -30.68 -7.29 -38.91
CA ASP D 180 -29.77 -8.16 -39.64
C ASP D 180 -30.00 -9.62 -39.29
N PRO D 181 -29.88 -10.51 -40.27
CA PRO D 181 -30.14 -11.93 -40.04
C PRO D 181 -29.28 -12.47 -38.91
N VAL D 182 -29.83 -13.43 -38.19
CA VAL D 182 -29.15 -14.03 -37.04
C VAL D 182 -28.99 -15.51 -37.33
N ILE D 183 -27.79 -15.91 -37.65
CA ILE D 183 -27.51 -17.28 -38.02
C ILE D 183 -27.02 -18.02 -36.80
N GLY D 184 -27.32 -19.31 -36.73
CA GLY D 184 -26.87 -20.09 -35.61
C GLY D 184 -27.60 -19.69 -34.35
N ARG D 185 -26.95 -19.91 -33.23
CA ARG D 185 -27.46 -19.51 -31.92
C ARG D 185 -28.81 -20.13 -31.60
N SER D 186 -29.19 -21.22 -32.27
CA SER D 186 -30.52 -21.74 -32.04
C SER D 186 -30.67 -22.25 -30.62
N LYS D 187 -29.59 -22.71 -30.01
CA LYS D 187 -29.70 -23.23 -28.66
C LYS D 187 -30.03 -22.13 -27.66
N GLU D 188 -29.29 -21.03 -27.72
CA GLU D 188 -29.56 -19.94 -26.78
C GLU D 188 -30.92 -19.33 -27.04
N ILE D 189 -31.37 -19.31 -28.30
CA ILE D 189 -32.70 -18.80 -28.58
C ILE D 189 -33.76 -19.71 -27.98
N GLN D 190 -33.59 -21.02 -28.11
CA GLN D 190 -34.56 -21.92 -27.50
C GLN D 190 -34.57 -21.76 -25.98
N ARG D 191 -33.41 -21.55 -25.38
CA ARG D 191 -33.39 -21.40 -23.93
C ARG D 191 -34.01 -20.08 -23.49
N VAL D 192 -33.84 -19.03 -24.27
CA VAL D 192 -34.53 -17.78 -23.96
C VAL D 192 -36.02 -17.99 -24.09
N ILE D 193 -36.44 -18.81 -25.04
CA ILE D 193 -37.86 -19.11 -25.20
C ILE D 193 -38.39 -19.83 -23.96
N GLU D 194 -37.65 -20.83 -23.49
CA GLU D 194 -38.04 -21.52 -22.27
C GLU D 194 -38.19 -20.52 -21.13
N VAL D 195 -37.09 -19.87 -20.74
CA VAL D 195 -37.14 -18.97 -19.59
C VAL D 195 -38.12 -17.83 -19.80
N LEU D 196 -38.52 -17.58 -21.04
CA LEU D 196 -39.47 -16.53 -21.35
C LEU D 196 -40.90 -17.02 -21.33
N SER D 197 -41.12 -18.28 -20.94
CA SER D 197 -42.46 -18.83 -20.83
C SER D 197 -42.66 -19.54 -19.51
N ARG D 198 -41.89 -19.20 -18.49
CA ARG D 198 -42.05 -19.78 -17.17
C ARG D 198 -42.83 -18.81 -16.29
N ARG D 199 -43.26 -19.30 -15.13
CA ARG D 199 -44.29 -18.60 -14.38
C ARG D 199 -43.73 -17.55 -13.42
N THR D 200 -42.72 -17.89 -12.61
CA THR D 200 -42.26 -16.97 -11.59
C THR D 200 -41.44 -15.82 -12.18
N LYS D 201 -40.21 -16.11 -12.60
CA LYS D 201 -39.33 -15.08 -13.17
C LYS D 201 -39.26 -15.38 -14.66
N ASN D 202 -40.23 -14.89 -15.39
CA ASN D 202 -40.31 -15.20 -16.81
C ASN D 202 -39.28 -14.43 -17.63
N ASN D 203 -38.25 -13.87 -17.02
CA ASN D 203 -37.32 -12.97 -17.71
C ASN D 203 -35.88 -13.44 -17.66
N PRO D 204 -35.27 -13.77 -18.80
CA PRO D 204 -33.86 -14.16 -18.80
C PRO D 204 -32.93 -13.02 -19.15
N VAL D 205 -31.80 -12.94 -18.47
CA VAL D 205 -30.75 -12.01 -18.85
C VAL D 205 -29.67 -12.84 -19.52
N LEU D 206 -29.30 -12.46 -20.73
CA LEU D 206 -28.26 -13.18 -21.45
C LEU D 206 -26.97 -12.37 -21.36
N ILE D 207 -25.94 -13.00 -20.81
CA ILE D 207 -24.69 -12.33 -20.51
C ILE D 207 -23.55 -13.09 -21.19
N GLY D 208 -22.43 -12.41 -21.30
CA GLY D 208 -21.27 -12.99 -21.96
C GLY D 208 -20.36 -11.87 -22.42
N GLU D 209 -19.34 -12.25 -23.18
CA GLU D 209 -18.30 -11.32 -23.56
C GLU D 209 -18.87 -10.17 -24.36
N PRO D 210 -18.17 -9.04 -24.42
CA PRO D 210 -18.66 -7.90 -25.19
C PRO D 210 -18.37 -8.08 -26.67
N GLY D 211 -19.37 -7.84 -27.50
CA GLY D 211 -19.22 -8.01 -28.92
C GLY D 211 -19.41 -9.42 -29.40
N VAL D 212 -20.11 -10.24 -28.63
CA VAL D 212 -20.33 -11.61 -29.04
C VAL D 212 -21.73 -11.82 -29.59
N GLY D 213 -22.64 -10.85 -29.41
CA GLY D 213 -23.91 -10.97 -30.10
C GLY D 213 -25.13 -11.15 -29.23
N LYS D 214 -25.11 -10.61 -28.02
CA LYS D 214 -26.27 -10.71 -27.14
C LYS D 214 -27.44 -9.91 -27.68
N THR D 215 -27.21 -8.63 -27.98
CA THR D 215 -28.20 -7.85 -28.69
C THR D 215 -28.57 -8.50 -30.01
N ALA D 216 -27.64 -9.24 -30.61
CA ALA D 216 -27.97 -9.99 -31.82
C ALA D 216 -28.95 -11.10 -31.52
N ILE D 217 -28.83 -11.76 -30.37
CA ILE D 217 -29.81 -12.79 -30.06
C ILE D 217 -31.16 -12.17 -29.79
N ALA D 218 -31.21 -10.99 -29.18
CA ALA D 218 -32.52 -10.37 -28.99
C ALA D 218 -33.17 -10.01 -30.33
N GLU D 219 -32.41 -9.40 -31.23
CA GLU D 219 -32.99 -9.11 -32.53
C GLU D 219 -33.36 -10.41 -33.26
N GLY D 220 -32.61 -11.48 -33.03
CA GLY D 220 -32.93 -12.73 -33.70
C GLY D 220 -34.22 -13.33 -33.18
N LEU D 221 -34.45 -13.19 -31.88
CA LEU D 221 -35.72 -13.67 -31.36
C LEU D 221 -36.87 -12.83 -31.88
N ALA D 222 -36.66 -11.53 -32.07
CA ALA D 222 -37.70 -10.74 -32.71
C ALA D 222 -38.01 -11.30 -34.10
N GLN D 223 -36.96 -11.57 -34.87
CA GLN D 223 -37.18 -12.10 -36.22
C GLN D 223 -37.91 -13.44 -36.15
N GLN D 224 -37.61 -14.25 -35.15
CA GLN D 224 -38.32 -15.50 -35.01
C GLN D 224 -39.78 -15.27 -34.68
N ILE D 225 -40.07 -14.20 -33.92
CA ILE D 225 -41.45 -13.92 -33.56
C ILE D 225 -42.27 -13.51 -34.78
N ILE D 226 -41.72 -12.65 -35.63
CA ILE D 226 -42.47 -12.25 -36.81
C ILE D 226 -42.80 -13.46 -37.66
N ASN D 227 -41.81 -14.27 -37.95
CA ASN D 227 -42.05 -15.51 -38.67
C ASN D 227 -42.70 -16.48 -37.68
N ASN D 228 -42.77 -17.75 -38.01
CA ASN D 228 -43.49 -18.68 -37.15
C ASN D 228 -42.60 -19.78 -36.61
N GLU D 229 -41.32 -19.49 -36.38
CA GLU D 229 -40.48 -20.45 -35.70
C GLU D 229 -40.84 -20.54 -34.23
N VAL D 230 -41.29 -19.44 -33.66
CA VAL D 230 -41.67 -19.45 -32.24
C VAL D 230 -42.96 -20.25 -32.09
N PRO D 231 -43.11 -21.02 -31.01
CA PRO D 231 -44.37 -21.73 -30.80
C PRO D 231 -45.49 -20.74 -30.51
N GLU D 232 -46.72 -21.26 -30.54
CA GLU D 232 -47.90 -20.40 -30.36
C GLU D 232 -47.84 -19.63 -29.06
N ILE D 233 -47.22 -20.21 -28.03
CA ILE D 233 -47.20 -19.61 -26.70
C ILE D 233 -46.75 -18.17 -26.78
N LEU D 234 -45.77 -17.88 -27.62
CA LEU D 234 -45.35 -16.52 -27.90
C LEU D 234 -45.75 -16.08 -29.30
N ARG D 235 -46.73 -16.74 -29.91
CA ARG D 235 -47.25 -16.26 -31.17
C ARG D 235 -47.88 -14.89 -30.96
N ASP D 236 -47.65 -13.99 -31.90
CA ASP D 236 -48.19 -12.63 -31.82
C ASP D 236 -47.82 -11.96 -30.50
N LYS D 237 -46.59 -12.16 -30.06
CA LYS D 237 -46.08 -11.49 -28.86
C LYS D 237 -45.09 -10.42 -29.29
N ARG D 238 -45.28 -9.21 -28.78
CA ARG D 238 -44.59 -8.04 -29.30
C ARG D 238 -43.37 -7.72 -28.45
N VAL D 239 -42.21 -7.64 -29.08
CA VAL D 239 -40.98 -7.28 -28.39
C VAL D 239 -40.76 -5.79 -28.51
N MET D 240 -40.22 -5.18 -27.46
CA MET D 240 -39.94 -3.75 -27.49
C MET D 240 -38.74 -3.45 -26.62
N THR D 241 -37.65 -3.01 -27.23
CA THR D 241 -36.45 -2.67 -26.48
C THR D 241 -36.57 -1.30 -25.85
N LEU D 242 -35.94 -1.14 -24.70
CA LEU D 242 -36.16 0.02 -23.84
C LEU D 242 -34.88 0.83 -23.70
N ASP D 243 -34.95 2.10 -24.06
CA ASP D 243 -33.82 3.02 -23.93
C ASP D 243 -33.96 3.75 -22.60
N MET D 244 -33.03 3.52 -21.68
CA MET D 244 -33.15 4.13 -20.37
C MET D 244 -32.95 5.63 -20.43
N GLY D 245 -32.06 6.10 -21.29
CA GLY D 245 -31.95 7.53 -21.49
C GLY D 245 -33.28 8.16 -21.84
N THR D 246 -34.06 7.48 -22.68
CA THR D 246 -35.35 8.03 -23.06
C THR D 246 -36.29 8.11 -21.88
N VAL D 247 -36.35 7.05 -21.06
CA VAL D 247 -37.31 7.08 -19.97
C VAL D 247 -36.88 8.08 -18.92
N VAL D 248 -35.59 8.41 -18.82
CA VAL D 248 -35.13 9.43 -17.91
C VAL D 248 -35.02 10.80 -18.58
N ALA D 249 -35.33 10.89 -19.87
CA ALA D 249 -35.00 12.07 -20.66
C ALA D 249 -35.47 13.37 -20.01
N GLY D 250 -36.77 13.59 -19.94
CA GLY D 250 -37.26 14.92 -19.64
C GLY D 250 -37.87 15.15 -18.28
N THR D 251 -37.71 14.22 -17.36
CA THR D 251 -38.47 14.23 -16.11
C THR D 251 -38.40 15.57 -15.39
N LYS D 252 -37.23 15.93 -14.88
CA LYS D 252 -36.95 17.27 -14.37
C LYS D 252 -37.78 17.68 -13.15
N TYR D 253 -38.63 16.79 -12.63
CA TYR D 253 -39.45 17.16 -11.49
C TYR D 253 -39.57 15.99 -10.54
N ARG D 254 -40.16 16.24 -9.37
CA ARG D 254 -40.12 15.30 -8.27
C ARG D 254 -40.83 13.98 -8.60
N GLY D 255 -42.12 14.05 -8.87
CA GLY D 255 -42.84 12.84 -9.19
C GLY D 255 -43.02 12.64 -10.68
N GLU D 256 -41.92 12.55 -11.41
CA GLU D 256 -42.00 12.38 -12.86
C GLU D 256 -41.51 11.02 -13.31
N PHE D 257 -40.30 10.66 -12.96
CA PHE D 257 -39.73 9.41 -13.46
C PHE D 257 -40.48 8.21 -12.93
N GLU D 258 -40.63 8.13 -11.61
CA GLU D 258 -41.32 7.00 -11.01
C GLU D 258 -42.74 6.91 -11.55
N ASP D 259 -43.35 8.05 -11.85
CA ASP D 259 -44.64 8.04 -12.52
C ASP D 259 -44.53 7.40 -13.89
N ARG D 260 -43.46 7.71 -14.62
CA ARG D 260 -43.28 7.11 -15.94
C ARG D 260 -43.24 5.59 -15.82
N LEU D 261 -42.38 5.08 -14.95
CA LEU D 261 -42.32 3.62 -14.84
C LEU D 261 -43.58 3.02 -14.25
N LYS D 262 -44.31 3.77 -13.44
CA LYS D 262 -45.58 3.27 -12.95
C LYS D 262 -46.54 3.05 -14.12
N LYS D 263 -46.67 4.07 -14.98
CA LYS D 263 -47.54 3.93 -16.13
C LYS D 263 -47.05 2.82 -17.06
N VAL D 264 -45.73 2.69 -17.20
CA VAL D 264 -45.19 1.69 -18.09
C VAL D 264 -45.49 0.29 -17.57
N MET D 265 -45.29 0.06 -16.27
CA MET D 265 -45.65 -1.22 -15.69
C MET D 265 -47.15 -1.47 -15.82
N ASP D 266 -47.95 -0.42 -15.68
CA ASP D 266 -49.38 -0.55 -15.89
C ASP D 266 -49.68 -1.08 -17.29
N GLU D 267 -49.12 -0.41 -18.29
CA GLU D 267 -49.42 -0.79 -19.67
C GLU D 267 -48.93 -2.19 -19.97
N ILE D 268 -47.75 -2.54 -19.47
CA ILE D 268 -47.24 -3.89 -19.71
C ILE D 268 -48.05 -4.94 -18.97
N ARG D 269 -48.74 -4.56 -17.89
CA ARG D 269 -49.72 -5.47 -17.31
C ARG D 269 -50.95 -5.57 -18.19
N GLN D 270 -51.36 -4.46 -18.81
CA GLN D 270 -52.57 -4.44 -19.61
C GLN D 270 -52.54 -5.52 -20.69
N ALA D 271 -51.67 -5.35 -21.67
CA ALA D 271 -51.58 -6.27 -22.79
C ALA D 271 -50.45 -7.25 -22.55
N GLY D 272 -50.77 -8.53 -22.53
CA GLY D 272 -49.78 -9.56 -22.26
C GLY D 272 -48.88 -9.91 -23.42
N ASN D 273 -49.08 -9.29 -24.57
CA ASN D 273 -48.30 -9.62 -25.75
C ASN D 273 -46.93 -8.96 -25.79
N ILE D 274 -46.59 -8.13 -24.82
CA ILE D 274 -45.38 -7.32 -24.87
C ILE D 274 -44.25 -8.03 -24.15
N ILE D 275 -43.09 -8.09 -24.81
CA ILE D 275 -41.83 -8.55 -24.23
C ILE D 275 -40.90 -7.36 -24.16
N LEU D 276 -40.26 -7.17 -23.02
CA LEU D 276 -39.47 -5.97 -22.78
C LEU D 276 -38.00 -6.35 -22.66
N PHE D 277 -37.22 -6.03 -23.68
CA PHE D 277 -35.80 -6.34 -23.73
C PHE D 277 -35.03 -5.08 -23.36
N ILE D 278 -34.35 -5.12 -22.23
CA ILE D 278 -33.65 -3.96 -21.71
C ILE D 278 -32.16 -4.23 -21.89
N ASP D 279 -31.59 -3.69 -22.95
CA ASP D 279 -30.14 -3.75 -23.11
C ASP D 279 -29.49 -2.94 -22.01
N ALA D 280 -28.28 -3.35 -21.63
CA ALA D 280 -27.57 -2.71 -20.53
C ALA D 280 -28.43 -2.73 -19.27
N LEU D 281 -28.71 -3.96 -18.84
CA LEU D 281 -29.49 -4.15 -17.62
C LEU D 281 -28.82 -3.50 -16.43
N HIS D 282 -27.49 -3.41 -16.43
CA HIS D 282 -26.80 -2.78 -15.33
C HIS D 282 -27.17 -1.32 -15.20
N THR D 283 -27.46 -0.64 -16.30
CA THR D 283 -27.92 0.74 -16.26
C THR D 283 -29.23 0.87 -15.50
N LEU D 284 -30.00 -0.20 -15.43
CA LEU D 284 -31.33 -0.14 -14.84
C LEU D 284 -31.31 0.45 -13.44
N ILE D 285 -30.21 0.27 -12.70
CA ILE D 285 -30.17 0.67 -11.29
C ILE D 285 -29.70 2.12 -11.26
N GLY D 286 -30.61 3.03 -11.56
CA GLY D 286 -30.37 4.44 -11.37
C GLY D 286 -31.50 5.32 -11.87
N ALA D 287 -31.95 6.20 -11.02
CA ALA D 287 -32.91 7.27 -11.33
C ALA D 287 -32.40 8.63 -10.89
N GLY D 288 -31.75 8.71 -9.74
CA GLY D 288 -31.06 9.91 -9.33
C GLY D 288 -31.89 10.79 -8.43
N GLY D 289 -31.44 12.03 -8.33
CA GLY D 289 -32.16 13.05 -7.60
C GLY D 289 -32.07 12.87 -6.10
N ALA D 290 -32.17 13.97 -5.36
CA ALA D 290 -32.32 13.87 -3.91
C ALA D 290 -33.77 13.62 -3.54
N GLU D 291 -34.68 14.37 -4.14
CA GLU D 291 -36.11 14.06 -4.08
C GLU D 291 -36.55 13.21 -5.27
N GLY D 292 -35.77 12.18 -5.56
CA GLY D 292 -36.22 11.11 -6.43
C GLY D 292 -36.31 9.88 -5.57
N ALA D 293 -35.31 9.74 -4.68
CA ALA D 293 -35.44 8.92 -3.50
C ALA D 293 -35.64 7.44 -3.79
N ILE D 294 -35.79 7.09 -5.07
CA ILE D 294 -36.04 5.70 -5.42
C ILE D 294 -35.64 5.52 -6.88
N ASP D 295 -34.90 4.45 -7.14
CA ASP D 295 -34.29 4.24 -8.45
C ASP D 295 -35.23 3.47 -9.37
N ALA D 296 -34.82 3.36 -10.63
CA ALA D 296 -35.61 2.61 -11.59
C ALA D 296 -35.64 1.13 -11.29
N SER D 297 -34.84 0.67 -10.33
CA SER D 297 -34.85 -0.74 -9.98
C SER D 297 -35.85 -1.06 -8.88
N ASN D 298 -35.81 -0.31 -7.78
CA ASN D 298 -36.64 -0.65 -6.63
C ASN D 298 -38.11 -0.62 -6.97
N ILE D 299 -38.52 0.30 -7.85
CA ILE D 299 -39.91 0.31 -8.30
C ILE D 299 -40.17 -0.89 -9.18
N LEU D 300 -39.18 -1.28 -9.97
CA LEU D 300 -39.30 -2.39 -10.90
C LEU D 300 -38.93 -3.71 -10.25
N LYS D 301 -38.45 -3.68 -9.01
CA LYS D 301 -38.02 -4.89 -8.34
C LYS D 301 -39.15 -5.88 -8.07
N PRO D 302 -40.28 -5.49 -7.48
CA PRO D 302 -41.26 -6.50 -7.10
C PRO D 302 -41.98 -7.11 -8.29
N SER D 303 -42.34 -6.28 -9.27
CA SER D 303 -43.04 -6.78 -10.44
C SER D 303 -42.29 -7.92 -11.08
N LEU D 304 -40.98 -7.77 -11.24
CA LEU D 304 -40.18 -8.85 -11.79
C LEU D 304 -40.38 -10.14 -10.99
N ALA D 305 -40.30 -10.04 -9.66
CA ALA D 305 -40.42 -11.23 -8.84
C ALA D 305 -41.77 -11.89 -9.02
N ARG D 306 -42.83 -11.08 -9.14
CA ARG D 306 -44.15 -11.63 -9.42
C ARG D 306 -44.22 -12.21 -10.82
N GLY D 307 -43.42 -11.68 -11.74
CA GLY D 307 -43.38 -12.16 -13.10
C GLY D 307 -44.33 -11.49 -14.04
N GLU D 308 -44.93 -10.37 -13.65
CA GLU D 308 -45.96 -9.74 -14.45
C GLU D 308 -45.41 -9.17 -15.76
N LEU D 309 -44.30 -8.47 -15.70
CA LEU D 309 -43.67 -7.94 -16.90
C LEU D 309 -42.53 -8.86 -17.31
N GLN D 310 -42.56 -9.29 -18.57
CA GLN D 310 -41.54 -10.17 -19.12
C GLN D 310 -40.38 -9.32 -19.60
N CYS D 311 -39.17 -9.67 -19.21
CA CYS D 311 -38.02 -8.89 -19.60
C CYS D 311 -36.93 -9.78 -20.20
N ILE D 312 -35.97 -9.15 -20.84
CA ILE D 312 -34.79 -9.81 -21.41
C ILE D 312 -33.61 -8.87 -21.24
N GLY D 313 -32.73 -9.19 -20.32
CA GLY D 313 -31.61 -8.32 -20.06
C GLY D 313 -30.37 -8.73 -20.82
N ALA D 314 -29.42 -7.82 -20.91
CA ALA D 314 -28.20 -8.12 -21.66
C ALA D 314 -27.06 -7.26 -21.12
N THR D 315 -26.17 -7.88 -20.35
CA THR D 315 -24.99 -7.19 -19.85
C THR D 315 -23.76 -8.02 -20.17
N THR D 316 -22.60 -7.38 -20.14
CA THR D 316 -21.38 -8.12 -20.36
C THR D 316 -21.00 -8.78 -19.06
N LEU D 317 -20.06 -9.72 -19.15
CA LEU D 317 -19.53 -10.31 -17.93
C LEU D 317 -19.01 -9.23 -16.99
N ASP D 318 -18.32 -8.23 -17.54
CA ASP D 318 -17.70 -7.20 -16.70
C ASP D 318 -18.75 -6.43 -15.92
N GLU D 319 -19.73 -5.86 -16.61
CA GLU D 319 -20.78 -5.15 -15.90
C GLU D 319 -21.54 -6.08 -14.97
N TYR D 320 -21.65 -7.35 -15.33
CA TYR D 320 -22.32 -8.26 -14.43
C TYR D 320 -21.61 -8.31 -13.10
N ARG D 321 -20.36 -8.75 -13.11
CA ARG D 321 -19.62 -8.86 -11.86
C ARG D 321 -19.57 -7.53 -11.12
N LYS D 322 -19.38 -6.44 -11.84
CA LYS D 322 -19.18 -5.16 -11.17
C LYS D 322 -20.48 -4.60 -10.61
N TYR D 323 -21.58 -4.72 -11.35
CA TYR D 323 -22.78 -3.97 -11.02
C TYR D 323 -23.94 -4.86 -10.59
N ILE D 324 -24.36 -5.82 -11.43
CA ILE D 324 -25.51 -6.65 -11.07
C ILE D 324 -25.18 -7.55 -9.89
N GLU D 325 -24.07 -8.27 -9.97
CA GLU D 325 -23.66 -9.12 -8.87
C GLU D 325 -23.61 -8.35 -7.57
N LYS D 326 -23.28 -7.06 -7.65
CA LYS D 326 -23.21 -6.22 -6.46
C LYS D 326 -24.59 -6.06 -5.83
N ASP D 327 -25.64 -6.03 -6.64
CA ASP D 327 -26.98 -5.75 -6.13
C ASP D 327 -27.51 -6.91 -5.31
N ALA D 328 -27.36 -8.13 -5.83
CA ALA D 328 -27.64 -9.40 -5.17
C ALA D 328 -29.10 -9.69 -4.97
N ALA D 329 -29.99 -8.73 -5.21
CA ALA D 329 -31.42 -8.97 -5.15
C ALA D 329 -32.05 -8.92 -6.53
N LEU D 330 -31.84 -7.82 -7.26
CA LEU D 330 -32.29 -7.76 -8.63
C LEU D 330 -31.66 -8.88 -9.45
N GLU D 331 -30.40 -9.19 -9.18
CA GLU D 331 -29.77 -10.33 -9.84
C GLU D 331 -30.66 -11.56 -9.72
N ARG D 332 -31.12 -11.84 -8.50
CA ARG D 332 -31.94 -13.02 -8.26
C ARG D 332 -33.15 -13.02 -9.16
N ARG D 333 -33.71 -11.85 -9.43
CA ARG D 333 -34.94 -11.77 -10.22
C ARG D 333 -34.72 -12.31 -11.62
N PHE D 334 -33.59 -11.98 -12.23
CA PHE D 334 -33.33 -12.35 -13.60
C PHE D 334 -32.78 -13.77 -13.69
N GLN D 335 -32.66 -14.25 -14.92
CA GLN D 335 -32.14 -15.58 -15.17
C GLN D 335 -30.94 -15.50 -16.11
N PRO D 336 -29.76 -15.97 -15.72
CA PRO D 336 -28.60 -15.82 -16.60
C PRO D 336 -28.57 -16.85 -17.68
N ILE D 337 -28.01 -16.45 -18.82
CA ILE D 337 -27.77 -17.33 -19.96
C ILE D 337 -26.45 -16.95 -20.59
N GLN D 338 -25.48 -17.86 -20.52
CA GLN D 338 -24.18 -17.59 -21.10
C GLN D 338 -24.24 -17.74 -22.61
N VAL D 339 -23.75 -16.73 -23.32
CA VAL D 339 -23.63 -16.80 -24.78
C VAL D 339 -22.14 -16.83 -25.12
N ASP D 340 -21.68 -17.96 -25.63
CA ASP D 340 -20.26 -18.16 -25.88
C ASP D 340 -19.91 -17.67 -27.28
N GLN D 341 -18.66 -17.30 -27.46
CA GLN D 341 -18.25 -16.83 -28.76
C GLN D 341 -18.25 -17.99 -29.73
N PRO D 342 -18.70 -17.78 -30.96
CA PRO D 342 -18.73 -18.87 -31.93
C PRO D 342 -17.32 -19.40 -32.21
N SER D 343 -17.26 -20.68 -32.55
CA SER D 343 -16.01 -21.23 -33.05
C SER D 343 -15.76 -20.71 -34.46
N VAL D 344 -14.69 -21.20 -35.09
CA VAL D 344 -14.34 -20.68 -36.41
C VAL D 344 -15.44 -20.99 -37.41
N ASP D 345 -15.96 -22.22 -37.40
CA ASP D 345 -16.90 -22.62 -38.44
C ASP D 345 -18.22 -21.89 -38.31
N GLU D 346 -18.80 -21.91 -37.11
CA GLU D 346 -20.01 -21.14 -36.88
C GLU D 346 -19.80 -19.70 -37.29
N SER D 347 -18.62 -19.16 -37.03
CA SER D 347 -18.34 -17.80 -37.44
C SER D 347 -18.38 -17.68 -38.95
N ILE D 348 -17.89 -18.69 -39.66
CA ILE D 348 -17.94 -18.63 -41.11
C ILE D 348 -19.37 -18.55 -41.59
N GLN D 349 -20.24 -19.37 -41.01
CA GLN D 349 -21.63 -19.38 -41.47
C GLN D 349 -22.32 -18.06 -41.17
N ILE D 350 -22.10 -17.52 -39.97
CA ILE D 350 -22.59 -16.19 -39.65
C ILE D 350 -22.10 -15.19 -40.66
N LEU D 351 -20.82 -15.29 -41.01
CA LEU D 351 -20.25 -14.32 -41.92
C LEU D 351 -20.88 -14.41 -43.29
N GLN D 352 -21.29 -15.60 -43.73
CA GLN D 352 -21.91 -15.70 -45.06
C GLN D 352 -23.30 -15.08 -45.05
N GLY D 353 -24.10 -15.48 -44.06
CA GLY D 353 -25.41 -14.88 -43.91
C GLY D 353 -25.35 -13.37 -43.93
N LEU D 354 -24.33 -12.79 -43.32
CA LEU D 354 -24.22 -11.34 -43.34
C LEU D 354 -23.56 -10.82 -44.61
N ARG D 355 -22.71 -11.64 -45.23
CA ARG D 355 -22.08 -11.29 -46.49
C ARG D 355 -23.10 -10.81 -47.48
N ASP D 356 -24.26 -11.46 -47.50
CA ASP D 356 -25.32 -10.99 -48.41
C ASP D 356 -25.50 -9.47 -48.30
N ARG D 357 -25.82 -8.99 -47.09
CA ARG D 357 -26.12 -7.58 -46.90
C ARG D 357 -24.89 -6.71 -47.14
N TYR D 358 -23.73 -7.18 -46.74
CA TYR D 358 -22.55 -6.33 -46.89
C TYR D 358 -22.20 -6.13 -48.35
N GLU D 359 -22.33 -7.19 -49.15
CA GLU D 359 -22.22 -7.06 -50.58
C GLU D 359 -23.20 -6.03 -51.09
N ALA D 360 -24.47 -6.16 -50.69
CA ALA D 360 -25.48 -5.23 -51.19
C ALA D 360 -25.19 -3.79 -50.81
N HIS D 361 -24.51 -3.58 -49.69
CA HIS D 361 -24.28 -2.20 -49.25
C HIS D 361 -23.04 -1.58 -49.89
N HIS D 362 -21.95 -2.35 -49.97
CA HIS D 362 -20.77 -1.87 -50.67
C HIS D 362 -20.84 -2.07 -52.17
N ARG D 363 -21.69 -2.98 -52.63
CA ARG D 363 -21.81 -3.31 -54.05
C ARG D 363 -20.52 -3.95 -54.57
N VAL D 364 -20.00 -4.90 -53.80
CA VAL D 364 -18.91 -5.76 -54.20
C VAL D 364 -19.29 -7.19 -53.85
N SER D 365 -18.49 -8.15 -54.29
CA SER D 365 -18.77 -9.55 -54.01
C SER D 365 -17.62 -10.18 -53.24
N ILE D 366 -17.94 -10.75 -52.10
CA ILE D 366 -16.96 -11.20 -51.12
C ILE D 366 -16.81 -12.71 -51.26
N THR D 367 -15.61 -13.15 -51.65
CA THR D 367 -15.37 -14.56 -51.91
C THR D 367 -15.57 -15.39 -50.64
N ASP D 368 -15.97 -16.65 -50.84
CA ASP D 368 -16.09 -17.56 -49.71
C ASP D 368 -14.76 -17.74 -49.01
N ASP D 369 -13.70 -17.99 -49.78
CA ASP D 369 -12.39 -18.12 -49.16
C ASP D 369 -11.92 -16.81 -48.57
N ALA D 370 -12.38 -15.69 -49.12
CA ALA D 370 -12.12 -14.42 -48.46
C ALA D 370 -12.67 -14.45 -47.04
N ILE D 371 -13.88 -14.98 -46.88
CA ILE D 371 -14.48 -15.02 -45.55
C ILE D 371 -13.77 -16.02 -44.66
N GLU D 372 -13.39 -17.18 -45.20
CA GLU D 372 -12.64 -18.13 -44.37
C GLU D 372 -11.36 -17.48 -43.87
N ALA D 373 -10.66 -16.77 -44.75
CA ALA D 373 -9.45 -16.11 -44.32
C ALA D 373 -9.74 -15.04 -43.29
N ALA D 374 -10.84 -14.30 -43.46
CA ALA D 374 -11.16 -13.27 -42.49
C ALA D 374 -11.35 -13.88 -41.11
N VAL D 375 -12.15 -14.94 -41.05
CA VAL D 375 -12.39 -15.63 -39.78
C VAL D 375 -11.07 -16.09 -39.18
N LYS D 376 -10.25 -16.80 -39.95
CA LYS D 376 -9.09 -17.43 -39.34
C LYS D 376 -8.00 -16.42 -39.00
N LEU D 377 -7.68 -15.52 -39.92
CA LEU D 377 -6.79 -14.41 -39.64
C LEU D 377 -7.21 -13.70 -38.37
N SER D 378 -8.44 -13.18 -38.35
CA SER D 378 -8.87 -12.38 -37.23
C SER D 378 -8.98 -13.19 -35.95
N ASP D 379 -9.10 -14.51 -36.06
CA ASP D 379 -8.95 -15.32 -34.86
C ASP D 379 -7.51 -15.26 -34.38
N ARG D 380 -6.58 -15.25 -35.33
CA ARG D 380 -5.18 -15.41 -34.96
C ARG D 380 -4.49 -14.08 -34.65
N TYR D 381 -4.63 -13.07 -35.50
CA TYR D 381 -3.82 -11.87 -35.40
C TYR D 381 -4.60 -10.68 -34.88
N ILE D 382 -5.59 -10.88 -34.02
CA ILE D 382 -6.18 -9.71 -33.38
C ILE D 382 -6.21 -9.88 -31.87
N SER D 383 -6.78 -10.97 -31.39
CA SER D 383 -6.61 -11.41 -30.01
C SER D 383 -6.74 -10.27 -29.02
N ASP D 384 -7.68 -9.38 -29.27
CA ASP D 384 -8.07 -8.40 -28.26
C ASP D 384 -9.57 -8.16 -28.25
N ARG D 385 -10.31 -8.75 -29.17
CA ARG D 385 -11.76 -8.67 -29.18
C ARG D 385 -12.28 -9.97 -29.78
N PHE D 386 -13.59 -10.17 -29.75
CA PHE D 386 -14.13 -11.49 -29.95
C PHE D 386 -14.80 -11.64 -31.30
N LEU D 387 -15.13 -12.89 -31.64
CA LEU D 387 -15.83 -13.15 -32.89
C LEU D 387 -17.32 -13.04 -32.66
N PRO D 388 -18.13 -12.81 -33.69
CA PRO D 388 -17.78 -12.59 -35.08
C PRO D 388 -17.70 -11.13 -35.35
N ASP D 389 -17.73 -10.33 -34.29
CA ASP D 389 -17.54 -8.90 -34.44
C ASP D 389 -16.24 -8.61 -35.17
N LYS D 390 -15.15 -9.21 -34.72
CA LYS D 390 -13.87 -9.08 -35.42
C LYS D 390 -14.02 -9.34 -36.91
N ALA D 391 -14.58 -10.50 -37.26
CA ALA D 391 -14.60 -10.90 -38.65
C ALA D 391 -15.41 -9.94 -39.48
N ILE D 392 -16.63 -9.61 -39.03
CA ILE D 392 -17.44 -8.73 -39.86
C ILE D 392 -16.83 -7.34 -39.89
N ASP D 393 -16.06 -6.98 -38.87
CA ASP D 393 -15.36 -5.70 -38.93
C ASP D 393 -14.34 -5.71 -40.05
N LEU D 394 -13.58 -6.79 -40.15
CA LEU D 394 -12.65 -6.91 -41.27
C LEU D 394 -13.38 -6.89 -42.60
N ILE D 395 -14.51 -7.57 -42.67
CA ILE D 395 -15.24 -7.67 -43.92
C ILE D 395 -15.71 -6.30 -44.35
N ASP D 396 -16.25 -5.52 -43.43
CA ASP D 396 -16.74 -4.20 -43.78
C ASP D 396 -15.58 -3.24 -44.08
N GLU D 397 -14.49 -3.35 -43.33
CA GLU D 397 -13.28 -2.62 -43.70
C GLU D 397 -12.91 -2.87 -45.14
N ALA D 398 -12.78 -4.15 -45.51
CA ALA D 398 -12.36 -4.49 -46.86
C ALA D 398 -13.36 -3.98 -47.87
N GLY D 399 -14.65 -4.08 -47.57
CA GLY D 399 -15.65 -3.59 -48.50
C GLY D 399 -15.50 -2.10 -48.75
N SER D 400 -15.39 -1.32 -47.68
CA SER D 400 -15.21 0.11 -47.87
C SER D 400 -13.93 0.41 -48.62
N LYS D 401 -12.87 -0.34 -48.32
CA LYS D 401 -11.59 -0.11 -48.98
C LYS D 401 -11.69 -0.37 -50.46
N VAL D 402 -12.39 -1.43 -50.85
CA VAL D 402 -12.51 -1.76 -52.27
C VAL D 402 -13.39 -0.75 -52.98
N ARG D 403 -14.51 -0.37 -52.36
CA ARG D 403 -15.35 0.65 -52.98
C ARG D 403 -14.59 1.95 -53.18
N LEU D 404 -13.79 2.35 -52.18
CA LEU D 404 -12.96 3.53 -52.37
C LEU D 404 -11.95 3.32 -53.47
N ARG D 405 -11.40 2.11 -53.57
CA ARG D 405 -10.44 1.80 -54.62
C ARG D 405 -11.08 1.92 -55.99
N SER D 406 -12.41 1.72 -56.07
CA SER D 406 -13.11 2.03 -57.31
C SER D 406 -12.88 3.47 -57.74
N PHE D 407 -12.60 4.34 -56.79
CA PHE D 407 -12.26 5.72 -57.11
C PHE D 407 -10.79 5.99 -56.85
N LYS D 461 -14.94 4.16 -65.16
CA LYS D 461 -14.26 3.41 -66.22
C LYS D 461 -14.32 1.91 -65.95
N GLU D 462 -13.63 1.14 -66.78
CA GLU D 462 -13.70 -0.32 -66.70
C GLU D 462 -12.98 -0.86 -65.47
N LYS D 463 -12.01 -0.10 -64.94
CA LYS D 463 -11.37 -0.50 -63.69
C LYS D 463 -12.39 -0.64 -62.56
N GLN D 464 -13.49 0.12 -62.62
CA GLN D 464 -14.54 0.03 -61.62
C GLN D 464 -15.17 -1.35 -61.61
N GLY D 465 -15.72 -1.78 -62.74
CA GLY D 465 -16.30 -3.11 -62.83
C GLY D 465 -15.29 -4.24 -62.83
N GLN D 466 -14.00 -3.92 -62.94
CA GLN D 466 -12.97 -4.95 -62.99
C GLN D 466 -12.48 -5.38 -61.61
N GLU D 467 -12.63 -4.55 -60.59
CA GLU D 467 -12.15 -4.86 -59.25
C GLU D 467 -13.24 -4.92 -58.19
N ASN D 468 -14.33 -4.18 -58.35
CA ASN D 468 -15.32 -4.08 -57.31
C ASN D 468 -15.84 -5.45 -56.96
N SER D 469 -16.48 -6.11 -57.91
CA SER D 469 -17.08 -7.40 -57.63
C SER D 469 -16.00 -8.48 -57.51
N GLU D 470 -14.98 -8.24 -56.69
CA GLU D 470 -13.84 -9.14 -56.66
C GLU D 470 -13.13 -9.29 -55.33
N VAL D 471 -13.63 -8.75 -54.22
CA VAL D 471 -12.87 -8.70 -52.96
C VAL D 471 -12.19 -10.02 -52.62
N THR D 472 -10.88 -9.98 -52.39
CA THR D 472 -10.06 -11.19 -52.31
C THR D 472 -9.38 -11.29 -50.95
N VAL D 473 -8.68 -12.42 -50.76
CA VAL D 473 -8.06 -12.73 -49.48
C VAL D 473 -6.97 -11.74 -49.15
N ASP D 474 -6.09 -11.46 -50.12
CA ASP D 474 -5.01 -10.51 -49.89
C ASP D 474 -5.53 -9.17 -49.39
N ASP D 475 -6.76 -8.83 -49.73
CA ASP D 475 -7.29 -7.53 -49.35
C ASP D 475 -7.63 -7.47 -47.87
N ILE D 476 -8.35 -8.47 -47.37
CA ILE D 476 -8.57 -8.50 -45.93
C ILE D 476 -7.25 -8.70 -45.20
N ALA D 477 -6.32 -9.43 -45.79
CA ALA D 477 -5.01 -9.55 -45.15
C ALA D 477 -4.37 -8.18 -45.03
N MET D 478 -4.59 -7.32 -46.02
CA MET D 478 -4.03 -5.98 -45.98
C MET D 478 -4.68 -5.16 -44.89
N VAL D 479 -6.00 -5.24 -44.75
CA VAL D 479 -6.61 -4.43 -43.70
C VAL D 479 -6.29 -4.98 -42.32
N VAL D 480 -6.02 -6.28 -42.21
CA VAL D 480 -5.49 -6.77 -40.93
C VAL D 480 -4.12 -6.17 -40.68
N SER D 481 -3.22 -6.28 -41.65
CA SER D 481 -1.89 -5.72 -41.47
C SER D 481 -1.94 -4.27 -41.07
N SER D 482 -2.92 -3.53 -41.57
CA SER D 482 -3.03 -2.13 -41.16
C SER D 482 -3.61 -2.01 -39.75
N TRP D 483 -4.61 -2.82 -39.43
CA TRP D 483 -5.20 -2.80 -38.10
C TRP D 483 -4.18 -3.19 -37.06
N THR D 484 -3.72 -4.43 -37.11
CA THR D 484 -2.71 -4.93 -36.20
C THR D 484 -1.36 -4.90 -36.89
N GLY D 485 -0.37 -4.32 -36.23
CA GLY D 485 0.87 -3.98 -36.91
C GLY D 485 1.46 -5.12 -37.70
N VAL D 486 1.19 -6.36 -37.30
CA VAL D 486 1.85 -7.50 -37.93
C VAL D 486 1.50 -7.54 -39.40
N PRO D 487 2.44 -7.67 -40.28
CA PRO D 487 2.10 -7.75 -41.69
C PRO D 487 1.77 -9.17 -42.06
N VAL D 488 0.59 -9.36 -42.63
CA VAL D 488 0.22 -10.63 -43.25
C VAL D 488 -0.33 -10.27 -44.61
N SER D 489 0.43 -10.57 -45.65
CA SER D 489 -0.03 -10.24 -46.99
C SER D 489 0.86 -10.97 -47.99
N LYS D 490 0.62 -10.71 -49.26
CA LYS D 490 1.41 -11.29 -50.33
C LYS D 490 2.64 -10.42 -50.56
N ILE D 491 3.78 -10.89 -50.07
CA ILE D 491 5.04 -10.25 -50.39
C ILE D 491 5.22 -10.17 -51.89
N ALA D 492 5.55 -8.96 -52.37
CA ALA D 492 5.39 -8.59 -53.78
C ALA D 492 6.64 -8.80 -54.60
N GLN D 493 7.48 -9.76 -54.26
CA GLN D 493 8.71 -10.11 -54.96
C GLN D 493 9.75 -9.02 -54.93
N THR D 494 9.47 -7.88 -54.30
CA THR D 494 10.55 -7.01 -53.86
C THR D 494 10.99 -7.39 -52.47
N GLU D 495 10.04 -7.67 -51.59
CA GLU D 495 10.37 -8.27 -50.30
C GLU D 495 10.99 -9.65 -50.49
N THR D 496 10.53 -10.39 -51.49
CA THR D 496 11.01 -11.76 -51.67
C THR D 496 12.50 -11.78 -51.93
N ASP D 497 12.97 -10.93 -52.83
CA ASP D 497 14.41 -10.80 -53.01
C ASP D 497 15.04 -10.05 -51.84
N LYS D 498 14.27 -9.18 -51.20
CA LYS D 498 14.80 -8.40 -50.10
C LYS D 498 15.22 -9.29 -48.96
N LEU D 499 14.62 -10.46 -48.80
CA LEU D 499 15.03 -11.31 -47.68
C LEU D 499 16.41 -11.91 -47.93
N LEU D 500 16.67 -12.37 -49.13
CA LEU D 500 18.00 -12.87 -49.44
C LEU D 500 19.02 -11.75 -49.36
N ASN D 501 18.73 -10.65 -50.05
CA ASN D 501 19.56 -9.46 -49.88
C ASN D 501 19.59 -8.99 -48.44
N MET D 502 18.69 -9.49 -47.59
CA MET D 502 18.69 -9.10 -46.19
C MET D 502 19.72 -9.89 -45.43
N GLU D 503 19.86 -11.17 -45.74
CA GLU D 503 21.02 -11.87 -45.24
C GLU D 503 22.28 -11.10 -45.60
N ASN D 504 22.32 -10.62 -46.85
CA ASN D 504 23.44 -9.77 -47.26
C ASN D 504 23.51 -8.49 -46.43
N ILE D 505 22.37 -7.88 -46.14
CA ILE D 505 22.33 -6.59 -45.45
C ILE D 505 22.88 -6.73 -44.05
N LEU D 506 22.34 -7.68 -43.30
CA LEU D 506 22.85 -7.97 -41.98
C LEU D 506 24.33 -8.30 -42.05
N HIS D 507 24.77 -8.98 -43.10
CA HIS D 507 26.20 -9.26 -43.16
C HIS D 507 27.01 -8.09 -43.68
N SER D 508 26.35 -7.00 -44.05
CA SER D 508 27.07 -5.77 -44.38
C SER D 508 27.24 -4.88 -43.17
N ARG D 509 26.16 -4.62 -42.43
CA ARG D 509 26.29 -3.82 -41.23
C ARG D 509 27.00 -4.58 -40.12
N VAL D 510 27.23 -5.87 -40.30
CA VAL D 510 27.91 -6.71 -39.33
C VAL D 510 28.96 -7.53 -40.07
N ILE D 511 30.17 -7.52 -39.56
CA ILE D 511 31.28 -8.24 -40.18
C ILE D 511 31.54 -9.50 -39.40
N GLY D 512 31.99 -10.54 -40.09
CA GLY D 512 32.24 -11.77 -39.39
C GLY D 512 30.95 -12.33 -38.85
N GLN D 513 31.09 -13.36 -38.01
CA GLN D 513 29.94 -13.98 -37.37
C GLN D 513 28.90 -14.40 -38.40
N ASP D 514 29.32 -15.23 -39.34
CA ASP D 514 28.43 -15.62 -40.42
C ASP D 514 27.23 -16.38 -39.89
N GLU D 515 27.47 -17.30 -38.97
CA GLU D 515 26.43 -18.24 -38.55
C GLU D 515 25.27 -17.51 -37.86
N ALA D 516 25.59 -16.52 -37.03
CA ALA D 516 24.54 -15.77 -36.35
C ALA D 516 23.61 -15.13 -37.37
N VAL D 517 24.19 -14.44 -38.35
CA VAL D 517 23.38 -13.77 -39.36
C VAL D 517 22.59 -14.79 -40.15
N VAL D 518 23.20 -15.93 -40.45
CA VAL D 518 22.51 -16.97 -41.20
C VAL D 518 21.27 -17.42 -40.46
N ALA D 519 21.42 -17.72 -39.17
CA ALA D 519 20.29 -18.21 -38.40
C ALA D 519 19.21 -17.14 -38.23
N VAL D 520 19.62 -15.92 -37.94
CA VAL D 520 18.66 -14.83 -37.79
C VAL D 520 17.85 -14.66 -39.07
N ALA D 521 18.54 -14.63 -40.21
CA ALA D 521 17.84 -14.46 -41.47
C ALA D 521 16.94 -15.64 -41.77
N LYS D 522 17.39 -16.85 -41.45
CA LYS D 522 16.54 -18.01 -41.62
C LYS D 522 15.23 -17.82 -40.90
N ALA D 523 15.30 -17.39 -39.64
CA ALA D 523 14.09 -17.22 -38.86
C ALA D 523 13.21 -16.11 -39.43
N VAL D 524 13.81 -15.00 -39.85
CA VAL D 524 13.00 -13.94 -40.43
C VAL D 524 12.27 -14.45 -41.66
N ARG D 525 12.93 -15.31 -42.45
CA ARG D 525 12.30 -15.81 -43.65
C ARG D 525 11.15 -16.75 -43.31
N ARG D 526 11.40 -17.72 -42.44
CA ARG D 526 10.35 -18.68 -42.12
C ARG D 526 9.18 -18.01 -41.45
N ALA D 527 9.39 -16.87 -40.78
CA ALA D 527 8.25 -16.13 -40.31
C ALA D 527 7.54 -15.43 -41.45
N ARG D 528 8.32 -14.78 -42.31
CA ARG D 528 7.75 -14.05 -43.44
C ARG D 528 7.11 -14.99 -44.44
N ALA D 529 7.75 -16.13 -44.71
CA ALA D 529 7.09 -17.15 -45.52
C ALA D 529 5.89 -17.67 -44.76
N GLY D 530 5.09 -18.49 -45.44
CA GLY D 530 3.82 -18.89 -44.86
C GLY D 530 3.97 -19.71 -43.60
N LEU D 531 4.79 -20.74 -43.65
CA LEU D 531 4.79 -21.73 -42.59
C LEU D 531 5.40 -21.15 -41.32
N LYS D 532 4.94 -21.65 -40.18
CA LYS D 532 5.30 -21.16 -38.86
C LYS D 532 4.53 -22.02 -37.87
N ASP D 533 4.81 -21.80 -36.59
CA ASP D 533 4.06 -22.44 -35.52
C ASP D 533 3.20 -21.38 -34.86
N PRO D 534 1.90 -21.34 -35.13
CA PRO D 534 1.10 -20.20 -34.69
C PRO D 534 1.11 -19.98 -33.19
N LYS D 535 1.43 -21.00 -32.40
CA LYS D 535 1.47 -20.81 -30.97
C LYS D 535 2.72 -20.06 -30.54
N ARG D 536 3.89 -20.65 -30.76
CA ARG D 536 5.13 -20.10 -30.25
C ARG D 536 5.50 -18.83 -31.01
N PRO D 537 6.36 -17.98 -30.43
CA PRO D 537 6.75 -16.74 -31.11
C PRO D 537 7.54 -17.01 -32.38
N ILE D 538 7.99 -15.97 -33.08
CA ILE D 538 8.76 -16.19 -34.30
C ILE D 538 10.09 -16.86 -33.98
N GLY D 539 10.82 -16.31 -33.04
CA GLY D 539 12.09 -16.90 -32.76
C GLY D 539 12.69 -16.40 -31.48
N SER D 540 13.45 -17.27 -30.81
CA SER D 540 14.07 -16.92 -29.55
C SER D 540 15.54 -17.29 -29.64
N PHE D 541 16.40 -16.30 -29.65
CA PHE D 541 17.82 -16.52 -29.80
C PHE D 541 18.54 -16.00 -28.58
N ILE D 542 19.55 -16.72 -28.15
CA ILE D 542 20.42 -16.23 -27.09
C ILE D 542 21.81 -16.09 -27.69
N PHE D 543 22.35 -14.89 -27.64
CA PHE D 543 23.65 -14.58 -28.23
C PHE D 543 24.70 -14.60 -27.14
N LEU D 544 25.74 -15.41 -27.31
CA LEU D 544 26.82 -15.47 -26.34
C LEU D 544 28.16 -15.18 -27.01
N GLY D 545 29.08 -14.61 -26.25
CA GLY D 545 30.36 -14.26 -26.82
C GLY D 545 31.20 -13.35 -25.94
N PRO D 546 32.30 -12.89 -26.47
CA PRO D 546 33.19 -12.05 -25.67
C PRO D 546 32.77 -10.59 -25.61
N THR D 547 33.62 -9.77 -24.99
CA THR D 547 33.26 -8.43 -24.55
C THR D 547 32.80 -7.53 -25.68
N GLY D 548 33.13 -7.84 -26.92
CA GLY D 548 32.54 -7.07 -27.98
C GLY D 548 32.56 -7.78 -29.31
N VAL D 549 31.37 -8.01 -29.84
CA VAL D 549 31.18 -8.59 -31.16
C VAL D 549 29.83 -8.04 -31.58
N GLY D 550 29.33 -8.45 -32.72
CA GLY D 550 28.11 -7.88 -33.22
C GLY D 550 26.86 -7.96 -32.37
N LYS D 551 26.82 -8.83 -31.35
CA LYS D 551 25.54 -9.30 -30.83
C LYS D 551 24.52 -8.20 -30.53
N THR D 552 24.78 -7.31 -29.59
CA THR D 552 23.85 -6.21 -29.40
C THR D 552 23.70 -5.41 -30.69
N GLU D 553 24.81 -5.18 -31.39
CA GLU D 553 24.75 -4.46 -32.64
C GLU D 553 24.14 -5.31 -33.75
N LEU D 554 24.21 -6.63 -33.65
CA LEU D 554 23.50 -7.48 -34.59
C LEU D 554 21.99 -7.33 -34.41
N ALA D 555 21.53 -7.29 -33.17
CA ALA D 555 20.11 -7.02 -32.95
C ALA D 555 19.74 -5.65 -33.50
N ARG D 556 20.60 -4.65 -33.33
CA ARG D 556 20.33 -3.36 -33.94
C ARG D 556 20.21 -3.48 -35.44
N ALA D 557 21.12 -4.22 -36.07
CA ALA D 557 21.09 -4.38 -37.51
C ALA D 557 19.80 -5.04 -37.96
N LEU D 558 19.38 -6.06 -37.23
CA LEU D 558 18.12 -6.73 -37.52
C LEU D 558 16.97 -5.75 -37.49
N ALA D 559 16.86 -5.01 -36.39
CA ALA D 559 15.76 -4.07 -36.27
C ALA D 559 15.78 -3.08 -37.41
N GLU D 560 16.96 -2.61 -37.78
CA GLU D 560 17.06 -1.61 -38.83
C GLU D 560 16.60 -2.19 -40.16
N SER D 561 16.99 -3.43 -40.45
CA SER D 561 16.62 -4.01 -41.74
C SER D 561 15.13 -4.28 -41.79
N ILE D 562 14.57 -4.85 -40.73
CA ILE D 562 13.15 -5.16 -40.71
C ILE D 562 12.31 -3.89 -40.82
N PHE D 563 12.58 -2.94 -39.94
CA PHE D 563 11.81 -1.70 -39.81
C PHE D 563 12.55 -0.49 -40.34
N GLY D 564 13.71 -0.22 -39.76
CA GLY D 564 14.38 1.04 -39.97
C GLY D 564 14.60 1.75 -38.66
N ASP D 565 15.76 2.39 -38.53
CA ASP D 565 16.08 3.34 -37.49
C ASP D 565 16.32 2.66 -36.14
N GLU D 566 16.13 1.34 -36.04
CA GLU D 566 16.36 0.57 -34.82
C GLU D 566 15.85 1.28 -33.58
N GLU D 567 14.80 2.08 -33.73
CA GLU D 567 14.11 2.65 -32.59
C GLU D 567 12.78 1.97 -32.35
N SER D 568 12.21 1.31 -33.35
CA SER D 568 11.08 0.45 -33.14
C SER D 568 11.46 -0.84 -32.43
N MET D 569 12.68 -0.93 -31.95
CA MET D 569 13.12 -2.07 -31.16
C MET D 569 12.69 -1.90 -29.71
N ILE D 570 12.28 -2.99 -29.09
CA ILE D 570 12.03 -3.01 -27.66
C ILE D 570 13.33 -3.44 -27.00
N ARG D 571 13.94 -2.55 -26.24
CA ARG D 571 15.17 -2.90 -25.53
C ARG D 571 14.89 -2.93 -24.04
N ILE D 572 15.12 -4.07 -23.42
CA ILE D 572 15.05 -4.22 -21.99
C ILE D 572 16.47 -4.50 -21.53
N ASP D 573 17.07 -3.58 -20.82
CA ASP D 573 18.41 -3.76 -20.30
C ASP D 573 18.28 -4.49 -18.97
N MET D 574 18.46 -5.80 -18.99
CA MET D 574 18.22 -6.62 -17.80
C MET D 574 19.10 -6.25 -16.63
N SER D 575 20.12 -5.42 -16.84
CA SER D 575 20.93 -5.00 -15.71
C SER D 575 20.10 -4.31 -14.66
N GLU D 576 18.96 -3.73 -15.05
CA GLU D 576 18.12 -3.04 -14.09
C GLU D 576 17.30 -3.98 -13.22
N TYR D 577 17.20 -5.25 -13.60
CA TYR D 577 16.35 -6.21 -12.92
C TYR D 577 17.17 -7.11 -12.01
N MET D 578 18.08 -6.52 -11.24
CA MET D 578 18.96 -7.34 -10.43
C MET D 578 18.24 -7.87 -9.20
N GLU D 579 17.49 -7.03 -8.50
CA GLU D 579 16.76 -7.46 -7.33
C GLU D 579 15.46 -8.13 -7.74
N LYS D 580 15.12 -9.21 -7.03
CA LYS D 580 14.14 -10.17 -7.53
C LYS D 580 12.75 -9.56 -7.67
N HIS D 581 12.38 -8.62 -6.81
CA HIS D 581 11.04 -8.07 -6.91
C HIS D 581 10.89 -7.10 -8.04
N SER D 582 11.81 -7.08 -8.98
CA SER D 582 11.73 -6.17 -10.10
C SER D 582 10.90 -6.69 -11.25
N THR D 583 10.52 -7.97 -11.23
CA THR D 583 9.68 -8.49 -12.30
C THR D 583 8.38 -7.73 -12.40
N SER D 584 7.99 -7.04 -11.35
CA SER D 584 6.75 -6.29 -11.43
C SER D 584 6.91 -5.03 -12.21
N ARG D 585 8.02 -4.89 -12.92
CA ARG D 585 8.13 -3.90 -13.98
C ARG D 585 7.65 -4.47 -15.30
N LEU D 586 7.96 -5.74 -15.55
CA LEU D 586 7.55 -6.34 -16.81
C LEU D 586 6.05 -6.52 -16.83
N VAL D 587 5.47 -6.82 -15.69
CA VAL D 587 4.10 -7.28 -15.58
C VAL D 587 3.20 -6.21 -15.00
N GLY D 588 3.59 -5.63 -13.88
CA GLY D 588 2.83 -4.59 -13.22
C GLY D 588 2.54 -4.95 -11.78
N SER D 589 2.08 -4.00 -11.06
CA SER D 589 1.83 -4.24 -9.65
C SER D 589 0.45 -4.83 -9.44
N PRO D 590 0.31 -5.76 -8.50
CA PRO D 590 -0.93 -6.52 -8.36
C PRO D 590 -2.10 -5.63 -8.02
N PRO D 591 -3.32 -6.15 -8.09
CA PRO D 591 -4.48 -5.31 -7.77
C PRO D 591 -4.47 -4.93 -6.30
N GLY D 592 -4.56 -3.64 -6.04
CA GLY D 592 -4.53 -3.13 -4.70
C GLY D 592 -3.28 -2.37 -4.34
N TYR D 593 -2.21 -2.50 -5.11
CA TYR D 593 -0.93 -1.92 -4.73
C TYR D 593 -0.59 -0.74 -5.62
N VAL D 594 0.32 0.10 -5.12
CA VAL D 594 0.57 1.38 -5.74
C VAL D 594 1.07 1.18 -7.17
N GLY D 595 0.80 2.17 -8.01
CA GLY D 595 1.19 2.04 -9.39
C GLY D 595 0.50 0.92 -10.13
N TYR D 596 -0.66 0.49 -9.64
CA TYR D 596 -1.40 -0.58 -10.29
C TYR D 596 -1.95 -0.20 -11.64
N ASP D 597 -1.99 1.09 -11.97
CA ASP D 597 -2.51 1.54 -13.25
C ASP D 597 -1.38 1.87 -14.21
N GLU D 598 -1.62 1.59 -15.49
CA GLU D 598 -0.60 1.65 -16.52
C GLU D 598 0.62 0.83 -16.12
N GLY D 599 0.38 -0.45 -15.88
CA GLY D 599 1.38 -1.33 -15.33
C GLY D 599 2.05 -2.15 -16.41
N GLY D 600 3.30 -2.51 -16.15
CA GLY D 600 4.02 -3.35 -17.08
C GLY D 600 4.70 -2.50 -18.11
N GLN D 601 6.02 -2.43 -18.09
CA GLN D 601 6.72 -1.78 -19.19
C GLN D 601 6.72 -2.68 -20.40
N LEU D 602 7.24 -3.90 -20.25
CA LEU D 602 7.35 -4.81 -21.37
C LEU D 602 6.00 -5.14 -21.95
N THR D 603 5.07 -5.54 -21.09
CA THR D 603 3.73 -5.91 -21.54
C THR D 603 3.09 -4.80 -22.33
N GLU D 604 3.08 -3.59 -21.81
CA GLU D 604 2.44 -2.50 -22.51
C GLU D 604 3.16 -2.20 -23.82
N LYS D 605 4.49 -2.17 -23.79
CA LYS D 605 5.24 -1.84 -25.00
C LYS D 605 4.94 -2.83 -26.11
N VAL D 606 4.79 -4.11 -25.77
CA VAL D 606 4.40 -5.07 -26.79
C VAL D 606 2.97 -4.81 -27.24
N ARG D 607 2.02 -4.81 -26.30
CA ARG D 607 0.61 -4.60 -26.65
C ARG D 607 0.44 -3.46 -27.62
N ARG D 608 1.32 -2.47 -27.55
CA ARG D 608 1.22 -1.33 -28.45
C ARG D 608 1.81 -1.63 -29.82
N LYS D 609 2.72 -2.60 -29.92
CA LYS D 609 3.33 -2.97 -31.20
C LYS D 609 3.54 -4.47 -31.24
N PRO D 610 2.60 -5.23 -31.80
CA PRO D 610 2.73 -6.68 -31.75
C PRO D 610 3.93 -7.19 -32.51
N TYR D 611 4.36 -6.51 -33.55
CA TYR D 611 5.45 -6.97 -34.40
C TYR D 611 6.69 -6.15 -34.06
N SER D 612 7.58 -6.71 -33.25
CA SER D 612 8.72 -5.97 -32.78
C SER D 612 9.88 -6.92 -32.57
N VAL D 613 10.99 -6.38 -32.12
CA VAL D 613 12.20 -7.15 -31.86
C VAL D 613 12.52 -6.98 -30.38
N VAL D 614 11.96 -7.82 -29.54
CA VAL D 614 12.26 -7.72 -28.13
C VAL D 614 13.71 -8.11 -27.92
N LEU D 615 14.45 -7.29 -27.21
CA LEU D 615 15.88 -7.50 -27.01
C LEU D 615 16.21 -7.36 -25.54
N LEU D 616 16.56 -8.46 -24.91
CA LEU D 616 16.90 -8.47 -23.49
C LEU D 616 18.42 -8.44 -23.38
N ASP D 617 18.97 -7.26 -23.16
CA ASP D 617 20.41 -7.14 -23.08
C ASP D 617 20.93 -7.62 -21.74
N ALA D 618 22.06 -8.32 -21.78
CA ALA D 618 22.74 -8.76 -20.58
C ALA D 618 21.80 -9.57 -19.70
N ILE D 619 21.25 -10.63 -20.27
CA ILE D 619 20.34 -11.46 -19.50
C ILE D 619 21.06 -12.08 -18.32
N GLU D 620 22.37 -12.29 -18.44
CA GLU D 620 23.11 -13.00 -17.40
C GLU D 620 22.94 -12.35 -16.05
N LYS D 621 22.67 -11.05 -16.01
CA LYS D 621 22.76 -10.26 -14.79
C LYS D 621 21.48 -10.25 -13.99
N ALA D 622 20.36 -10.63 -14.57
CA ALA D 622 19.10 -10.51 -13.86
C ALA D 622 19.01 -11.54 -12.74
N HIS D 623 18.03 -11.37 -11.89
CA HIS D 623 17.76 -12.39 -10.90
C HIS D 623 16.91 -13.48 -11.53
N PRO D 624 17.32 -14.75 -11.39
CA PRO D 624 16.68 -15.81 -12.19
C PRO D 624 15.17 -15.85 -12.14
N ASP D 625 14.53 -15.09 -11.26
CA ASP D 625 13.07 -15.09 -11.28
C ASP D 625 12.52 -14.34 -12.49
N VAL D 626 13.22 -13.31 -12.93
CA VAL D 626 12.89 -12.73 -14.22
C VAL D 626 13.00 -13.80 -15.30
N PHE D 627 13.95 -14.71 -15.15
CA PHE D 627 14.02 -15.81 -16.10
C PHE D 627 12.79 -16.68 -16.02
N ASN D 628 12.22 -16.83 -14.83
CA ASN D 628 11.00 -17.62 -14.72
C ASN D 628 9.87 -16.98 -15.53
N ILE D 629 9.70 -15.67 -15.38
CA ILE D 629 8.72 -14.98 -16.21
C ILE D 629 9.00 -15.24 -17.68
N LEU D 630 10.26 -15.13 -18.08
CA LEU D 630 10.55 -15.26 -19.49
C LEU D 630 10.37 -16.68 -20.00
N LEU D 631 10.45 -17.69 -19.14
CA LEU D 631 10.20 -19.03 -19.66
C LEU D 631 8.72 -19.25 -19.88
N GLN D 632 7.91 -18.71 -18.98
CA GLN D 632 6.49 -18.65 -19.24
C GLN D 632 6.22 -18.05 -20.61
N VAL D 633 6.95 -17.00 -20.95
CA VAL D 633 6.82 -16.39 -22.28
C VAL D 633 7.24 -17.36 -23.37
N LEU D 634 8.45 -17.91 -23.24
CA LEU D 634 9.11 -18.54 -24.36
C LEU D 634 8.37 -19.76 -24.84
N GLU D 635 7.84 -20.56 -23.94
CA GLU D 635 7.20 -21.78 -24.42
C GLU D 635 5.98 -21.46 -25.28
N ASP D 636 5.22 -20.44 -24.90
CA ASP D 636 3.94 -20.17 -25.54
C ASP D 636 3.75 -18.76 -26.05
N GLY D 637 4.63 -17.82 -25.71
CA GLY D 637 4.38 -16.47 -26.16
C GLY D 637 3.11 -15.87 -25.58
N ARG D 638 2.98 -15.93 -24.26
CA ARG D 638 1.89 -15.26 -23.58
C ARG D 638 2.38 -14.75 -22.23
N LEU D 639 2.12 -13.49 -21.96
CA LEU D 639 2.25 -12.94 -20.62
C LEU D 639 0.87 -12.51 -20.15
N THR D 640 0.76 -12.26 -18.86
CA THR D 640 -0.48 -11.79 -18.28
C THR D 640 -0.15 -10.77 -17.21
N ASP D 641 -0.33 -9.49 -17.53
CA ASP D 641 -0.11 -8.46 -16.53
C ASP D 641 -1.16 -8.59 -15.42
N SER D 642 -1.12 -7.67 -14.47
CA SER D 642 -2.03 -7.79 -13.34
C SER D 642 -3.44 -7.39 -13.72
N LYS D 643 -3.59 -6.53 -14.72
CA LYS D 643 -4.92 -6.24 -15.23
C LYS D 643 -5.58 -7.46 -15.86
N GLY D 644 -4.86 -8.56 -16.00
CA GLY D 644 -5.39 -9.76 -16.59
C GLY D 644 -5.27 -9.85 -18.10
N ARG D 645 -4.94 -8.77 -18.77
CA ARG D 645 -4.85 -8.75 -20.23
C ARG D 645 -3.73 -9.68 -20.66
N THR D 646 -4.08 -10.84 -21.20
CA THR D 646 -3.04 -11.68 -21.78
C THR D 646 -2.40 -10.95 -22.94
N VAL D 647 -1.15 -10.52 -22.77
CA VAL D 647 -0.46 -9.76 -23.79
C VAL D 647 0.36 -10.74 -24.62
N ASP D 648 -0.12 -11.06 -25.80
CA ASP D 648 0.47 -12.11 -26.62
C ASP D 648 1.48 -11.52 -27.57
N PHE D 649 2.70 -12.03 -27.50
CA PHE D 649 3.73 -11.66 -28.47
C PHE D 649 4.27 -12.92 -29.12
N ARG D 650 3.35 -13.68 -29.70
CA ARG D 650 3.66 -14.75 -30.63
C ARG D 650 4.31 -14.27 -31.91
N ASN D 651 4.43 -12.96 -32.08
CA ASN D 651 5.04 -12.40 -33.28
C ASN D 651 6.38 -11.72 -33.05
N THR D 652 6.77 -11.48 -31.81
CA THR D 652 8.00 -10.73 -31.57
C THR D 652 9.22 -11.63 -31.61
N ILE D 653 10.21 -11.25 -32.42
CA ILE D 653 11.50 -11.91 -32.38
C ILE D 653 12.17 -11.58 -31.08
N LEU D 654 12.57 -12.59 -30.32
CA LEU D 654 13.00 -12.39 -28.95
C LEU D 654 14.46 -12.76 -28.86
N ILE D 655 15.31 -11.80 -28.54
CA ILE D 655 16.75 -11.97 -28.63
C ILE D 655 17.37 -11.61 -27.30
N MET D 656 18.00 -12.56 -26.65
CA MET D 656 18.65 -12.32 -25.38
C MET D 656 20.15 -12.33 -25.60
N THR D 657 20.85 -11.36 -25.02
CA THR D 657 22.30 -11.33 -25.17
C THR D 657 22.97 -11.53 -23.83
N SER D 658 24.16 -12.10 -23.85
CA SER D 658 24.89 -12.38 -22.63
C SER D 658 26.35 -12.63 -22.96
N ASN D 659 27.20 -12.49 -21.94
CA ASN D 659 28.62 -12.77 -22.09
C ASN D 659 28.94 -13.88 -21.10
N VAL D 660 28.64 -15.12 -21.48
CA VAL D 660 28.92 -16.27 -20.65
C VAL D 660 29.88 -17.17 -21.39
N GLY D 661 30.81 -17.77 -20.67
CA GLY D 661 31.90 -18.44 -21.34
C GLY D 661 32.72 -17.49 -22.18
N ALA D 662 32.86 -16.25 -21.74
CA ALA D 662 33.73 -15.32 -22.46
C ALA D 662 35.17 -15.79 -22.43
N SER D 663 35.62 -16.30 -21.27
CA SER D 663 36.99 -16.74 -21.13
C SER D 663 37.31 -17.86 -22.12
N GLU D 664 36.43 -18.85 -22.20
CA GLU D 664 36.70 -20.00 -23.06
C GLU D 664 36.41 -19.72 -24.53
N LEU D 665 35.83 -18.56 -24.85
CA LEU D 665 35.78 -18.14 -26.24
C LEU D 665 37.01 -17.34 -26.64
N LYS D 666 37.57 -16.56 -25.72
CA LYS D 666 38.81 -15.87 -26.03
C LYS D 666 39.96 -16.86 -26.17
N ARG D 667 40.18 -17.66 -25.13
CA ARG D 667 41.31 -18.57 -25.08
C ARG D 667 41.17 -19.71 -26.06
N THR D 679 37.82 -28.15 -36.87
CA THR D 679 38.89 -27.63 -36.04
C THR D 679 38.54 -27.76 -34.56
N GLN D 680 39.52 -27.47 -33.70
CA GLN D 680 39.24 -27.45 -32.27
C GLN D 680 38.30 -26.33 -31.88
N ASN D 681 38.22 -25.27 -32.70
CA ASN D 681 37.46 -24.09 -32.30
C ASN D 681 35.98 -24.41 -32.08
N HIS D 682 35.32 -24.97 -33.10
CA HIS D 682 33.90 -25.27 -32.97
C HIS D 682 33.65 -26.24 -31.82
N LYS D 683 34.50 -27.27 -31.71
CA LYS D 683 34.37 -28.20 -30.60
C LYS D 683 34.34 -27.45 -29.29
N ASP D 684 35.42 -26.74 -28.97
CA ASP D 684 35.52 -26.09 -27.67
C ASP D 684 34.39 -25.08 -27.48
N MET D 685 34.09 -24.29 -28.50
CA MET D 685 33.05 -23.28 -28.37
C MET D 685 31.74 -23.93 -27.97
N LYS D 686 31.14 -24.70 -28.88
CA LYS D 686 29.81 -25.22 -28.60
C LYS D 686 29.81 -26.29 -27.52
N ASP D 687 30.97 -26.70 -27.00
CA ASP D 687 30.99 -27.73 -25.97
C ASP D 687 31.32 -27.20 -24.59
N LYS D 688 31.95 -26.03 -24.49
CA LYS D 688 32.21 -25.43 -23.20
C LYS D 688 31.28 -24.27 -22.91
N VAL D 689 30.96 -23.46 -23.91
CA VAL D 689 29.96 -22.41 -23.71
C VAL D 689 28.64 -23.03 -23.28
N MET D 690 28.27 -24.15 -23.90
CA MET D 690 27.03 -24.81 -23.52
C MET D 690 27.07 -25.28 -22.08
N GLY D 691 28.21 -25.82 -21.65
CA GLY D 691 28.31 -26.25 -20.27
C GLY D 691 28.20 -25.09 -19.31
N GLU D 692 28.83 -23.97 -19.64
CA GLU D 692 28.73 -22.80 -18.79
C GLU D 692 27.29 -22.30 -18.72
N LEU D 693 26.59 -22.35 -19.85
CA LEU D 693 25.19 -21.97 -19.84
C LEU D 693 24.38 -22.90 -18.92
N LYS D 694 24.56 -24.20 -19.08
CA LYS D 694 23.91 -25.15 -18.17
C LYS D 694 24.15 -24.75 -16.73
N ARG D 695 25.39 -24.37 -16.42
CA ARG D 695 25.71 -23.95 -15.07
C ARG D 695 25.11 -22.59 -14.72
N ALA D 696 24.65 -21.83 -15.72
CA ALA D 696 24.19 -20.49 -15.43
C ALA D 696 22.75 -20.46 -14.94
N PHE D 697 21.89 -21.32 -15.50
CA PHE D 697 20.50 -21.32 -15.09
C PHE D 697 19.82 -22.60 -15.54
N ARG D 698 18.61 -22.82 -15.00
CA ARG D 698 17.99 -24.13 -15.04
C ARG D 698 17.78 -24.56 -16.49
N PRO D 699 17.81 -25.87 -16.76
CA PRO D 699 17.53 -26.34 -18.12
C PRO D 699 16.11 -26.11 -18.55
N GLU D 700 15.23 -25.79 -17.61
CA GLU D 700 13.88 -25.39 -17.97
C GLU D 700 13.86 -24.17 -18.86
N PHE D 701 14.93 -23.40 -18.86
CA PHE D 701 15.03 -22.17 -19.63
C PHE D 701 15.98 -22.27 -20.80
N ILE D 702 16.91 -23.23 -20.77
CA ILE D 702 17.70 -23.47 -21.96
C ILE D 702 16.88 -24.24 -22.98
N ASN D 703 16.01 -25.13 -22.51
CA ASN D 703 15.26 -25.96 -23.42
C ASN D 703 14.20 -25.18 -24.16
N ARG D 704 13.68 -24.13 -23.55
CA ARG D 704 12.65 -23.33 -24.20
C ARG D 704 13.23 -22.57 -25.38
N ILE D 705 14.51 -22.18 -25.27
CA ILE D 705 15.12 -21.31 -26.26
C ILE D 705 15.23 -22.00 -27.60
N ASP D 706 14.95 -21.25 -28.66
CA ASP D 706 15.05 -21.78 -30.01
C ASP D 706 16.51 -22.01 -30.40
N GLU D 707 17.32 -20.96 -30.36
CA GLU D 707 18.65 -21.06 -30.93
C GLU D 707 19.68 -20.46 -29.98
N ILE D 708 20.79 -21.17 -29.83
CA ILE D 708 21.90 -20.75 -28.99
C ILE D 708 23.00 -20.33 -29.95
N ILE D 709 23.17 -19.04 -30.18
CA ILE D 709 24.17 -18.54 -31.10
C ILE D 709 25.42 -18.20 -30.32
N VAL D 710 26.57 -18.67 -30.77
CA VAL D 710 27.85 -18.37 -30.14
C VAL D 710 28.70 -17.59 -31.13
N PHE D 711 29.36 -16.56 -30.63
CA PHE D 711 30.07 -15.61 -31.47
C PHE D 711 31.56 -15.83 -31.38
N HIS D 712 32.18 -16.07 -32.53
CA HIS D 712 33.63 -16.15 -32.56
C HIS D 712 34.22 -14.81 -32.18
N SER D 713 35.43 -14.84 -31.62
CA SER D 713 36.14 -13.60 -31.44
C SER D 713 36.51 -13.02 -32.79
N LEU D 714 36.88 -11.75 -32.80
CA LEU D 714 37.18 -11.07 -34.04
C LEU D 714 38.61 -11.37 -34.47
N GLU D 715 38.87 -11.20 -35.76
CA GLU D 715 40.20 -11.40 -36.31
C GLU D 715 40.63 -10.16 -37.07
N LYS D 716 41.94 -10.04 -37.28
CA LYS D 716 42.49 -8.82 -37.86
C LYS D 716 41.89 -8.52 -39.21
N LYS D 717 41.51 -9.55 -39.97
CA LYS D 717 40.77 -9.32 -41.20
C LYS D 717 39.49 -8.56 -40.91
N HIS D 718 38.68 -9.11 -40.01
CA HIS D 718 37.50 -8.41 -39.56
C HIS D 718 37.85 -7.05 -39.00
N LEU D 719 39.05 -6.89 -38.45
CA LEU D 719 39.40 -5.60 -37.87
C LEU D 719 39.57 -4.55 -38.95
N THR D 720 40.32 -4.86 -40.00
CA THR D 720 40.43 -3.90 -41.09
C THR D 720 39.06 -3.58 -41.66
N GLU D 721 38.22 -4.60 -41.79
CA GLU D 721 36.90 -4.35 -42.34
C GLU D 721 36.08 -3.45 -41.43
N ILE D 722 36.14 -3.72 -40.13
CA ILE D 722 35.38 -2.93 -39.17
C ILE D 722 35.85 -1.50 -39.18
N VAL D 723 37.16 -1.29 -39.35
CA VAL D 723 37.68 0.07 -39.46
C VAL D 723 37.06 0.77 -40.65
N SER D 724 37.03 0.08 -41.80
CA SER D 724 36.40 0.67 -42.97
C SER D 724 34.96 1.06 -42.66
N LEU D 725 34.23 0.16 -42.00
CA LEU D 725 32.82 0.40 -41.75
C LEU D 725 32.60 1.56 -40.80
N MET D 726 33.36 1.60 -39.71
CA MET D 726 33.22 2.70 -38.76
C MET D 726 33.57 4.02 -39.40
N SER D 727 34.64 4.05 -40.20
CA SER D 727 34.99 5.27 -40.90
C SER D 727 33.88 5.72 -41.82
N ASP D 728 33.23 4.79 -42.50
CA ASP D 728 32.10 5.16 -43.35
C ASP D 728 30.98 5.78 -42.54
N GLN D 729 30.61 5.14 -41.44
CA GLN D 729 29.54 5.67 -40.61
C GLN D 729 29.89 7.06 -40.08
N LEU D 730 31.14 7.24 -39.67
CA LEU D 730 31.57 8.54 -39.20
C LEU D 730 31.45 9.59 -40.28
N THR D 731 31.98 9.28 -41.47
CA THR D 731 31.94 10.25 -42.55
C THR D 731 30.52 10.62 -42.90
N LYS D 732 29.59 9.67 -42.77
CA LYS D 732 28.22 10.01 -43.12
C LYS D 732 27.58 10.88 -42.04
N ARG D 733 27.78 10.55 -40.76
CA ARG D 733 27.13 11.40 -39.77
C ARG D 733 27.79 12.76 -39.67
N LEU D 734 29.02 12.90 -40.14
CA LEU D 734 29.63 14.21 -40.19
C LEU D 734 29.29 14.96 -41.47
N LYS D 735 29.05 14.23 -42.56
CA LYS D 735 28.39 14.82 -43.71
C LYS D 735 27.06 15.42 -43.29
N GLU D 736 26.42 14.82 -42.29
CA GLU D 736 25.16 15.35 -41.80
C GLU D 736 25.28 16.78 -41.28
N GLN D 737 26.46 17.17 -40.81
CA GLN D 737 26.67 18.53 -40.32
C GLN D 737 27.50 19.37 -41.28
N ASP D 738 27.44 19.03 -42.56
CA ASP D 738 28.16 19.76 -43.61
C ASP D 738 29.67 19.69 -43.41
N LEU D 739 30.16 18.62 -42.80
CA LEU D 739 31.58 18.38 -42.67
C LEU D 739 31.93 17.15 -43.48
N SER D 740 32.57 17.35 -44.63
CA SER D 740 32.74 16.28 -45.61
C SER D 740 34.08 15.58 -45.43
N ILE D 741 34.28 15.01 -44.25
CA ILE D 741 35.52 14.32 -43.96
C ILE D 741 35.72 13.17 -44.93
N GLU D 742 36.97 12.76 -45.11
CA GLU D 742 37.28 11.54 -45.83
C GLU D 742 38.55 10.94 -45.24
N LEU D 743 38.70 9.63 -45.37
CA LEU D 743 39.84 8.92 -44.83
C LEU D 743 40.55 8.19 -45.96
N THR D 744 41.84 8.38 -46.08
CA THR D 744 42.61 7.63 -47.06
C THR D 744 43.00 6.28 -46.49
N ASP D 745 42.98 5.25 -47.35
CA ASP D 745 43.16 3.88 -46.88
C ASP D 745 44.40 3.71 -46.03
N ALA D 746 45.41 4.54 -46.23
CA ALA D 746 46.55 4.51 -45.33
C ALA D 746 46.13 4.84 -43.91
N ALA D 747 45.20 5.80 -43.76
CA ALA D 747 44.75 6.17 -42.43
C ALA D 747 43.97 5.04 -41.78
N LYS D 748 43.08 4.40 -42.54
CA LYS D 748 42.41 3.21 -42.04
C LYS D 748 43.44 2.17 -41.62
N ALA D 749 44.49 1.99 -42.41
CA ALA D 749 45.52 1.02 -42.06
C ALA D 749 46.16 1.36 -40.72
N LYS D 750 46.52 2.62 -40.53
CA LYS D 750 47.19 2.98 -39.28
C LYS D 750 46.26 2.87 -38.09
N VAL D 751 45.00 3.28 -38.26
CA VAL D 751 44.04 3.16 -37.18
C VAL D 751 43.87 1.71 -36.77
N ALA D 752 43.80 0.82 -37.75
CA ALA D 752 43.71 -0.59 -37.43
C ALA D 752 45.00 -1.07 -36.75
N GLU D 753 46.15 -0.56 -37.20
CA GLU D 753 47.41 -0.97 -36.58
C GLU D 753 47.45 -0.60 -35.12
N GLU D 754 46.84 0.53 -34.78
CA GLU D 754 46.92 1.01 -33.40
C GLU D 754 45.82 0.41 -32.53
N GLY D 755 44.56 0.59 -32.91
CA GLY D 755 43.46 0.13 -32.11
C GLY D 755 43.32 -1.37 -32.03
N VAL D 756 44.32 -2.12 -32.50
CA VAL D 756 44.27 -3.58 -32.38
C VAL D 756 44.40 -3.95 -30.92
N ASP D 757 43.34 -4.51 -30.36
CA ASP D 757 43.33 -5.02 -29.00
C ASP D 757 42.30 -6.15 -28.97
N LEU D 758 42.76 -7.39 -28.98
CA LEU D 758 41.84 -8.50 -29.02
C LEU D 758 41.48 -9.02 -27.64
N GLU D 759 42.00 -8.39 -26.59
CA GLU D 759 41.39 -8.54 -25.27
C GLU D 759 39.91 -8.24 -25.34
N TYR D 760 39.56 -7.13 -25.95
CA TYR D 760 38.20 -6.77 -26.24
C TYR D 760 37.94 -7.03 -27.71
N GLY D 761 36.82 -6.55 -28.20
CA GLY D 761 36.29 -7.03 -29.45
C GLY D 761 35.97 -5.99 -30.51
N ALA D 762 36.90 -5.09 -30.80
CA ALA D 762 36.71 -4.05 -31.79
C ALA D 762 35.79 -2.96 -31.28
N ARG D 763 35.67 -2.85 -29.97
CA ARG D 763 35.32 -1.56 -29.40
C ARG D 763 36.50 -0.61 -29.48
N PRO D 764 37.74 -1.01 -29.17
CA PRO D 764 38.83 -0.04 -29.16
C PRO D 764 38.99 0.74 -30.45
N LEU D 765 38.69 0.13 -31.59
CA LEU D 765 38.78 0.86 -32.84
C LEU D 765 38.00 2.15 -32.75
N ARG D 766 36.77 2.09 -32.25
CA ARG D 766 35.99 3.29 -32.04
C ARG D 766 36.80 4.28 -31.22
N ARG D 767 37.24 3.86 -30.05
CA ARG D 767 38.16 4.67 -29.26
C ARG D 767 39.28 5.22 -30.13
N ALA D 768 39.99 4.33 -30.83
CA ALA D 768 41.07 4.77 -31.70
C ALA D 768 40.61 5.89 -32.61
N ILE D 769 39.53 5.66 -33.36
CA ILE D 769 39.06 6.72 -34.25
C ILE D 769 38.75 7.97 -33.45
N GLN D 770 37.98 7.81 -32.39
CA GLN D 770 37.62 8.96 -31.58
C GLN D 770 38.85 9.67 -31.05
N LYS D 771 39.93 8.92 -30.80
CA LYS D 771 41.13 9.49 -30.22
C LYS D 771 42.06 10.05 -31.28
N HIS D 772 41.87 9.69 -32.54
CA HIS D 772 42.76 10.13 -33.59
C HIS D 772 42.07 11.02 -34.60
N VAL D 773 40.90 10.65 -35.08
CA VAL D 773 40.24 11.49 -36.07
C VAL D 773 39.51 12.64 -35.40
N GLU D 774 38.46 12.31 -34.65
CA GLU D 774 37.55 13.33 -34.15
C GLU D 774 38.30 14.42 -33.39
N ASP D 775 38.96 14.04 -32.31
CA ASP D 775 39.77 14.97 -31.53
C ASP D 775 40.61 15.85 -32.43
N ARG D 776 41.34 15.24 -33.36
CA ARG D 776 42.15 16.01 -34.27
C ARG D 776 41.34 17.11 -34.91
N LEU D 777 40.31 16.74 -35.65
CA LEU D 777 39.49 17.74 -36.32
C LEU D 777 38.96 18.77 -35.34
N SER D 778 38.61 18.32 -34.13
CA SER D 778 38.13 19.25 -33.12
C SER D 778 39.10 20.39 -32.92
N GLU D 779 40.35 20.08 -32.62
CA GLU D 779 41.37 21.12 -32.58
C GLU D 779 41.34 21.91 -33.87
N GLU D 780 41.49 21.21 -35.00
CA GLU D 780 41.57 21.88 -36.28
C GLU D 780 40.35 22.73 -36.55
N LEU D 781 39.25 22.46 -35.86
CA LEU D 781 38.03 23.17 -36.15
C LEU D 781 37.88 24.41 -35.29
N LEU D 782 38.52 24.44 -34.14
CA LEU D 782 38.31 25.52 -33.20
C LEU D 782 39.34 26.61 -33.35
N ARG D 783 40.60 26.25 -33.61
CA ARG D 783 41.61 27.28 -33.80
C ARG D 783 41.33 28.12 -35.03
N GLY D 784 40.55 27.62 -35.97
CA GLY D 784 40.29 28.31 -37.21
C GLY D 784 40.98 27.71 -38.40
N ASN D 785 41.67 26.57 -38.24
CA ASN D 785 42.40 25.99 -39.35
C ASN D 785 41.47 25.48 -40.42
N ILE D 786 40.40 24.80 -40.03
CA ILE D 786 39.50 24.15 -40.98
C ILE D 786 38.27 25.02 -41.13
N HIS D 787 38.30 25.87 -42.16
CA HIS D 787 37.15 26.64 -42.55
C HIS D 787 36.01 25.68 -42.91
N LYS D 788 34.96 25.67 -42.09
CA LYS D 788 33.87 24.73 -42.30
C LYS D 788 33.27 24.88 -43.69
N GLY D 789 32.93 23.76 -44.31
CA GLY D 789 32.41 23.76 -45.65
C GLY D 789 33.39 23.30 -46.70
N GLN D 790 34.57 22.86 -46.31
CA GLN D 790 35.57 22.37 -47.24
C GLN D 790 35.68 20.86 -47.14
N HIS D 791 35.96 20.21 -48.26
CA HIS D 791 36.29 18.80 -48.22
C HIS D 791 37.63 18.62 -47.51
N ILE D 792 37.73 17.58 -46.71
CA ILE D 792 38.88 17.33 -45.86
C ILE D 792 39.28 15.88 -46.00
N VAL D 793 40.58 15.61 -45.90
CA VAL D 793 41.09 14.25 -45.84
C VAL D 793 42.11 14.16 -44.72
N LEU D 794 41.95 13.17 -43.87
CA LEU D 794 42.88 12.90 -42.78
C LEU D 794 43.71 11.71 -43.20
N ASP D 795 44.82 11.96 -43.88
CA ASP D 795 45.56 10.85 -44.46
C ASP D 795 46.92 10.72 -43.81
N VAL D 796 47.54 9.56 -44.04
CA VAL D 796 48.89 9.29 -43.56
C VAL D 796 49.85 9.90 -44.57
N GLU D 797 50.57 10.93 -44.13
CA GLU D 797 51.60 11.47 -45.02
C GLU D 797 52.92 10.75 -44.83
N ASP D 798 53.45 10.76 -43.61
CA ASP D 798 54.80 10.30 -43.34
C ASP D 798 54.82 9.46 -42.08
N GLY D 799 53.88 8.53 -41.98
CA GLY D 799 53.73 7.79 -40.75
C GLY D 799 52.99 8.53 -39.67
N GLU D 800 52.37 9.66 -39.99
CA GLU D 800 51.53 10.38 -39.04
C GLU D 800 50.26 10.82 -39.73
N PHE D 801 49.38 11.44 -38.96
CA PHE D 801 48.06 11.84 -39.42
C PHE D 801 48.11 13.31 -39.79
N VAL D 802 47.97 13.59 -41.08
CA VAL D 802 47.98 14.96 -41.57
C VAL D 802 46.58 15.28 -42.06
N VAL D 803 46.08 16.41 -41.62
CA VAL D 803 44.82 16.95 -42.10
C VAL D 803 45.12 17.77 -43.34
N LYS D 804 44.31 17.58 -44.38
CA LYS D 804 44.51 18.30 -45.62
C LYS D 804 43.15 18.74 -46.16
N THR D 805 42.98 20.04 -46.33
CA THR D 805 41.74 20.60 -46.85
C THR D 805 41.88 20.84 -48.35
N THR D 806 41.03 20.19 -49.13
CA THR D 806 41.05 20.38 -50.57
C THR D 806 40.19 21.57 -51.00
N ALA D 807 39.06 21.77 -50.33
CA ALA D 807 38.14 22.86 -50.67
C ALA D 807 37.73 22.81 -52.14
N ALA E 158 -63.92 4.56 8.69
CA ALA E 158 -63.56 3.24 8.21
C ALA E 158 -63.87 3.11 6.73
N ASN E 159 -63.43 2.02 6.11
CA ASN E 159 -63.67 1.76 4.69
C ASN E 159 -63.19 2.95 3.84
N THR E 160 -61.88 3.16 3.88
CA THR E 160 -61.29 4.31 3.23
C THR E 160 -60.62 3.93 1.92
N PRO E 161 -61.16 4.31 0.78
CA PRO E 161 -60.49 4.07 -0.51
C PRO E 161 -59.31 4.99 -0.78
N THR E 162 -58.82 5.69 0.24
CA THR E 162 -57.72 6.63 0.05
C THR E 162 -56.36 5.95 0.03
N LEU E 163 -56.28 4.69 0.46
CA LEU E 163 -55.02 3.95 0.53
C LEU E 163 -54.99 2.77 -0.40
N ASP E 164 -56.05 1.95 -0.40
CA ASP E 164 -56.13 0.84 -1.35
C ASP E 164 -56.01 1.34 -2.78
N SER E 165 -56.37 2.61 -3.01
CA SER E 165 -56.10 3.22 -4.30
C SER E 165 -54.61 3.26 -4.59
N LEU E 166 -53.80 3.35 -3.55
CA LEU E 166 -52.37 3.62 -3.69
C LEU E 166 -51.50 2.43 -3.32
N ALA E 167 -51.94 1.60 -2.38
CA ALA E 167 -51.18 0.44 -1.96
C ALA E 167 -51.69 -0.80 -2.67
N ARG E 168 -51.10 -1.93 -2.32
CA ARG E 168 -51.51 -3.23 -2.84
C ARG E 168 -51.89 -4.10 -1.65
N ASP E 169 -53.18 -4.41 -1.52
CA ASP E 169 -53.64 -5.19 -0.39
C ASP E 169 -53.38 -6.66 -0.65
N LEU E 170 -52.54 -7.26 0.19
CA LEU E 170 -52.36 -8.70 0.10
C LEU E 170 -53.64 -9.43 0.46
N THR E 171 -54.28 -9.02 1.56
CA THR E 171 -55.41 -9.77 2.07
C THR E 171 -56.57 -9.80 1.09
N ALA E 172 -56.87 -8.64 0.49
CA ALA E 172 -57.93 -8.61 -0.52
C ALA E 172 -57.58 -9.48 -1.71
N ILE E 173 -56.29 -9.73 -1.95
CA ILE E 173 -55.93 -10.68 -3.00
C ILE E 173 -56.15 -12.10 -2.53
N ALA E 174 -55.73 -12.41 -1.31
CA ALA E 174 -55.96 -13.74 -0.78
C ALA E 174 -57.44 -14.05 -0.65
N LYS E 175 -58.29 -13.03 -0.73
CA LYS E 175 -59.71 -13.27 -0.82
C LYS E 175 -60.03 -14.15 -2.02
N GLU E 176 -59.61 -13.73 -3.20
CA GLU E 176 -59.88 -14.47 -4.43
C GLU E 176 -58.80 -15.50 -4.72
N ASP E 177 -57.91 -15.75 -3.76
CA ASP E 177 -56.99 -16.90 -3.82
C ASP E 177 -56.11 -16.83 -5.06
N SER E 178 -55.22 -15.84 -5.06
CA SER E 178 -54.16 -15.73 -6.05
C SER E 178 -52.78 -16.06 -5.50
N LEU E 179 -52.48 -15.59 -4.29
CA LEU E 179 -51.17 -15.84 -3.68
C LEU E 179 -50.89 -17.33 -3.60
N ASP E 180 -49.66 -17.70 -3.93
CA ASP E 180 -49.26 -19.10 -3.85
C ASP E 180 -49.10 -19.51 -2.38
N PRO E 181 -49.56 -20.70 -2.02
CA PRO E 181 -49.56 -21.09 -0.61
C PRO E 181 -48.13 -21.25 -0.09
N VAL E 182 -47.92 -20.82 1.13
CA VAL E 182 -46.61 -20.93 1.77
C VAL E 182 -46.60 -22.18 2.61
N ILE E 183 -45.59 -23.02 2.39
CA ILE E 183 -45.49 -24.30 3.06
C ILE E 183 -44.48 -24.18 4.17
N GLY E 184 -44.81 -24.70 5.34
CA GLY E 184 -43.91 -24.60 6.46
C GLY E 184 -43.84 -23.18 6.97
N ARG E 185 -42.73 -22.89 7.64
CA ARG E 185 -42.50 -21.56 8.23
C ARG E 185 -43.61 -21.19 9.20
N SER E 186 -44.07 -22.16 9.96
CA SER E 186 -45.02 -21.86 11.04
C SER E 186 -44.33 -21.17 12.20
N LYS E 187 -43.08 -21.56 12.49
CA LYS E 187 -42.34 -20.90 13.55
C LYS E 187 -42.17 -19.42 13.26
N GLU E 188 -41.76 -19.09 12.03
CA GLU E 188 -41.48 -17.70 11.70
C GLU E 188 -42.76 -16.88 11.63
N ILE E 189 -43.84 -17.48 11.13
CA ILE E 189 -45.12 -16.76 11.13
C ILE E 189 -45.59 -16.52 12.54
N GLN E 190 -45.52 -17.53 13.40
CA GLN E 190 -45.93 -17.32 14.78
C GLN E 190 -45.05 -16.29 15.46
N ARG E 191 -43.78 -16.21 15.08
CA ARG E 191 -42.91 -15.21 15.68
C ARG E 191 -43.26 -13.82 15.21
N VAL E 192 -43.62 -13.67 13.94
CA VAL E 192 -44.12 -12.38 13.47
C VAL E 192 -45.36 -12.01 14.27
N ILE E 193 -46.21 -12.99 14.55
CA ILE E 193 -47.43 -12.71 15.31
C ILE E 193 -47.08 -12.20 16.70
N GLU E 194 -46.24 -12.95 17.42
CA GLU E 194 -45.85 -12.53 18.76
C GLU E 194 -45.29 -11.12 18.74
N VAL E 195 -44.25 -10.90 17.94
CA VAL E 195 -43.64 -9.58 17.87
C VAL E 195 -44.66 -8.53 17.52
N LEU E 196 -45.71 -8.92 16.79
CA LEU E 196 -46.76 -7.97 16.47
C LEU E 196 -47.62 -7.67 17.68
N SER E 197 -47.52 -8.46 18.75
CA SER E 197 -48.34 -8.24 19.93
C SER E 197 -47.45 -7.86 21.11
N ARG E 198 -46.50 -6.96 20.87
CA ARG E 198 -45.46 -6.67 21.83
C ARG E 198 -45.35 -5.16 22.02
N ARG E 199 -44.83 -4.75 23.18
CA ARG E 199 -44.77 -3.34 23.54
C ARG E 199 -43.37 -2.74 23.48
N THR E 200 -42.32 -3.49 23.82
CA THR E 200 -40.98 -2.93 23.70
C THR E 200 -40.58 -2.73 22.25
N LYS E 201 -40.73 -3.78 21.43
CA LYS E 201 -40.36 -3.77 20.04
C LYS E 201 -41.56 -4.32 19.28
N ASN E 202 -42.49 -3.45 18.91
CA ASN E 202 -43.71 -3.94 18.27
C ASN E 202 -43.47 -4.30 16.81
N ASN E 203 -42.76 -3.45 16.07
CA ASN E 203 -42.65 -3.61 14.61
C ASN E 203 -41.67 -4.70 14.22
N PRO E 204 -42.08 -5.70 13.46
CA PRO E 204 -41.16 -6.74 13.01
C PRO E 204 -40.48 -6.42 11.70
N VAL E 205 -39.26 -6.93 11.57
CA VAL E 205 -38.50 -6.84 10.34
C VAL E 205 -37.86 -8.18 10.07
N LEU E 206 -38.04 -8.68 8.87
CA LEU E 206 -37.45 -9.92 8.41
C LEU E 206 -36.10 -9.62 7.78
N ILE E 207 -35.03 -10.15 8.37
CA ILE E 207 -33.71 -10.05 7.78
C ILE E 207 -33.30 -11.44 7.33
N GLY E 208 -32.73 -11.52 6.15
CA GLY E 208 -32.28 -12.78 5.61
C GLY E 208 -31.85 -12.58 4.17
N GLU E 209 -31.31 -13.65 3.61
CA GLU E 209 -30.77 -13.59 2.27
C GLU E 209 -31.90 -13.34 1.28
N PRO E 210 -31.57 -12.86 0.08
CA PRO E 210 -32.64 -12.47 -0.85
C PRO E 210 -33.56 -13.60 -1.26
N GLY E 211 -33.02 -14.79 -1.52
CA GLY E 211 -33.90 -15.83 -1.98
C GLY E 211 -34.70 -16.53 -0.92
N VAL E 212 -34.35 -16.33 0.36
CA VAL E 212 -34.90 -17.17 1.42
C VAL E 212 -36.40 -17.04 1.48
N GLY E 213 -36.92 -15.86 1.18
CA GLY E 213 -38.35 -15.67 1.11
C GLY E 213 -38.89 -14.84 2.24
N LYS E 214 -38.98 -13.53 2.03
CA LYS E 214 -39.55 -12.63 3.01
C LYS E 214 -40.90 -12.10 2.56
N THR E 215 -41.04 -11.71 1.30
CA THR E 215 -42.38 -11.40 0.80
C THR E 215 -43.32 -12.57 1.01
N ALA E 216 -42.82 -13.80 0.84
CA ALA E 216 -43.69 -14.95 0.97
C ALA E 216 -44.19 -15.13 2.39
N ILE E 217 -43.43 -14.70 3.38
CA ILE E 217 -43.88 -14.86 4.75
C ILE E 217 -45.01 -13.90 5.07
N ALA E 218 -44.93 -12.67 4.60
CA ALA E 218 -46.05 -11.78 4.77
C ALA E 218 -47.26 -12.27 3.99
N GLU E 219 -47.04 -12.87 2.82
CA GLU E 219 -48.16 -13.48 2.12
C GLU E 219 -48.76 -14.61 2.95
N GLY E 220 -47.92 -15.35 3.66
CA GLY E 220 -48.44 -16.36 4.56
C GLY E 220 -49.28 -15.77 5.66
N LEU E 221 -48.86 -14.62 6.20
CA LEU E 221 -49.69 -13.92 7.17
C LEU E 221 -51.04 -13.55 6.58
N ALA E 222 -51.06 -13.05 5.36
CA ALA E 222 -52.33 -12.69 4.75
C ALA E 222 -53.23 -13.91 4.59
N GLN E 223 -52.66 -15.01 4.10
CA GLN E 223 -53.46 -16.23 3.94
C GLN E 223 -53.99 -16.72 5.28
N GLN E 224 -53.19 -16.62 6.33
CA GLN E 224 -53.64 -17.04 7.64
C GLN E 224 -54.76 -16.15 8.14
N ILE E 225 -54.71 -14.86 7.82
CA ILE E 225 -55.81 -13.96 8.18
C ILE E 225 -57.10 -14.38 7.48
N ILE E 226 -57.02 -14.66 6.18
CA ILE E 226 -58.22 -15.09 5.47
C ILE E 226 -58.78 -16.36 6.08
N ASN E 227 -57.91 -17.30 6.44
CA ASN E 227 -58.33 -18.59 6.96
C ASN E 227 -58.45 -18.59 8.48
N ASN E 228 -58.42 -17.42 9.10
CA ASN E 228 -58.66 -17.27 10.54
C ASN E 228 -57.85 -18.25 11.37
N GLU E 229 -56.68 -18.63 10.86
CA GLU E 229 -55.74 -19.38 11.68
C GLU E 229 -55.03 -18.51 12.68
N VAL E 230 -55.22 -17.19 12.58
CA VAL E 230 -54.52 -16.19 13.37
C VAL E 230 -55.16 -16.14 14.75
N PRO E 231 -54.60 -15.40 15.71
CA PRO E 231 -55.31 -15.17 16.96
C PRO E 231 -56.40 -14.14 16.81
N GLU E 232 -57.26 -14.11 17.82
CA GLU E 232 -58.40 -13.19 17.84
C GLU E 232 -57.97 -11.76 17.62
N ILE E 233 -56.99 -11.30 18.40
CA ILE E 233 -56.57 -9.89 18.35
C ILE E 233 -56.26 -9.48 16.92
N LEU E 234 -55.59 -10.36 16.18
CA LEU E 234 -55.23 -10.07 14.80
C LEU E 234 -56.29 -10.49 13.82
N ARG E 235 -57.38 -11.10 14.29
CA ARG E 235 -58.44 -11.50 13.37
C ARG E 235 -58.98 -10.29 12.63
N ASP E 236 -59.17 -10.47 11.32
CA ASP E 236 -59.67 -9.43 10.44
C ASP E 236 -58.86 -8.14 10.55
N LYS E 237 -57.58 -8.26 10.20
CA LYS E 237 -56.74 -7.12 9.91
C LYS E 237 -56.43 -7.12 8.42
N ARG E 238 -55.86 -6.02 7.96
CA ARG E 238 -55.50 -5.89 6.55
C ARG E 238 -54.00 -5.64 6.45
N VAL E 239 -53.34 -6.43 5.62
CA VAL E 239 -51.91 -6.30 5.36
C VAL E 239 -51.76 -5.71 3.97
N MET E 240 -51.31 -4.47 3.89
CA MET E 240 -51.14 -3.81 2.61
C MET E 240 -49.67 -3.49 2.37
N THR E 241 -49.24 -3.70 1.13
CA THR E 241 -47.84 -3.51 0.75
C THR E 241 -47.70 -2.10 0.21
N LEU E 242 -46.95 -1.26 0.92
CA LEU E 242 -46.73 0.10 0.49
C LEU E 242 -45.65 0.14 -0.59
N ASP E 243 -45.91 0.88 -1.65
CA ASP E 243 -45.01 0.97 -2.79
C ASP E 243 -44.52 2.41 -2.86
N MET E 244 -43.32 2.67 -2.35
CA MET E 244 -42.76 4.01 -2.40
C MET E 244 -42.75 4.54 -3.81
N GLY E 245 -42.62 3.66 -4.81
CA GLY E 245 -42.70 4.10 -6.18
C GLY E 245 -44.03 4.76 -6.50
N THR E 246 -45.13 4.13 -6.13
CA THR E 246 -46.43 4.73 -6.38
C THR E 246 -46.66 5.96 -5.53
N VAL E 247 -46.31 5.89 -4.25
CA VAL E 247 -46.51 7.02 -3.35
C VAL E 247 -45.81 8.25 -3.88
N VAL E 248 -44.59 8.08 -4.40
CA VAL E 248 -43.83 9.21 -4.94
C VAL E 248 -44.20 9.51 -6.39
N ALA E 249 -45.05 8.69 -7.00
CA ALA E 249 -45.36 8.84 -8.42
C ALA E 249 -46.41 9.92 -8.61
N GLY E 250 -46.08 10.93 -9.44
CA GLY E 250 -47.01 11.94 -9.83
C GLY E 250 -47.03 13.17 -8.94
N THR E 251 -46.53 13.07 -7.72
CA THR E 251 -46.65 14.14 -6.75
C THR E 251 -45.48 15.09 -6.93
N LYS E 252 -45.76 16.29 -7.46
CA LYS E 252 -44.66 17.17 -7.83
C LYS E 252 -44.92 18.63 -7.48
N TYR E 253 -45.76 18.89 -6.49
CA TYR E 253 -46.00 20.25 -6.05
C TYR E 253 -45.65 20.37 -4.57
N ARG E 254 -45.43 21.60 -4.13
CA ARG E 254 -44.93 21.79 -2.77
C ARG E 254 -45.92 21.26 -1.76
N GLY E 255 -45.44 20.39 -0.87
CA GLY E 255 -46.28 19.79 0.14
C GLY E 255 -47.21 18.72 -0.36
N GLU E 256 -47.13 18.36 -1.63
CA GLU E 256 -48.09 17.39 -2.16
C GLU E 256 -47.76 16.00 -1.63
N PHE E 257 -46.52 15.57 -1.85
CA PHE E 257 -46.09 14.26 -1.38
C PHE E 257 -46.46 14.04 0.07
N GLU E 258 -45.91 14.87 0.96
CA GLU E 258 -46.19 14.70 2.39
C GLU E 258 -47.68 14.66 2.63
N ASP E 259 -48.44 15.47 1.89
CA ASP E 259 -49.89 15.44 1.98
C ASP E 259 -50.38 14.00 1.91
N ARG E 260 -50.16 13.36 0.76
CA ARG E 260 -50.47 11.95 0.60
C ARG E 260 -50.11 11.20 1.86
N LEU E 261 -48.84 11.26 2.24
CA LEU E 261 -48.38 10.43 3.33
C LEU E 261 -49.05 10.81 4.64
N LYS E 262 -49.14 12.11 4.93
CA LYS E 262 -49.86 12.52 6.13
C LYS E 262 -51.29 12.03 6.05
N LYS E 263 -51.92 12.20 4.90
CA LYS E 263 -53.25 11.65 4.70
C LYS E 263 -53.27 10.19 5.12
N VAL E 264 -52.34 9.39 4.60
CA VAL E 264 -52.30 7.96 4.88
C VAL E 264 -52.27 7.70 6.37
N MET E 265 -51.54 8.54 7.12
CA MET E 265 -51.43 8.29 8.56
C MET E 265 -52.79 8.28 9.23
N ASP E 266 -53.69 9.16 8.81
CA ASP E 266 -55.04 9.16 9.35
C ASP E 266 -55.70 7.81 9.13
N GLU E 267 -55.58 7.26 7.93
CA GLU E 267 -56.14 5.94 7.69
C GLU E 267 -55.45 4.88 8.50
N ILE E 268 -54.20 5.10 8.90
CA ILE E 268 -53.56 4.19 9.82
C ILE E 268 -54.26 4.23 11.16
N ARG E 269 -54.64 5.43 11.61
CA ARG E 269 -55.57 5.55 12.72
C ARG E 269 -56.84 4.75 12.44
N GLN E 270 -57.31 4.79 11.20
CA GLN E 270 -58.65 4.33 10.85
C GLN E 270 -58.87 2.88 11.23
N ALA E 271 -59.65 2.67 12.29
CA ALA E 271 -60.02 1.37 12.83
C ALA E 271 -58.82 0.60 13.36
N GLY E 272 -57.60 1.10 13.18
CA GLY E 272 -56.43 0.40 13.68
C GLY E 272 -56.35 -1.08 13.32
N ASN E 273 -57.08 -1.48 12.28
CA ASN E 273 -57.10 -2.87 11.83
C ASN E 273 -56.13 -3.10 10.68
N ILE E 274 -55.16 -2.21 10.50
CA ILE E 274 -54.37 -2.19 9.28
C ILE E 274 -52.93 -2.48 9.64
N ILE E 275 -52.42 -3.61 9.16
CA ILE E 275 -51.01 -3.94 9.29
C ILE E 275 -50.32 -3.56 7.99
N LEU E 276 -49.21 -2.85 8.11
CA LEU E 276 -48.49 -2.33 6.95
C LEU E 276 -47.24 -3.18 6.74
N PHE E 277 -47.17 -3.84 5.60
CA PHE E 277 -45.99 -4.59 5.21
C PHE E 277 -45.25 -3.79 4.16
N ILE E 278 -44.03 -3.37 4.48
CA ILE E 278 -43.24 -2.51 3.60
C ILE E 278 -42.01 -3.29 3.17
N ASP E 279 -41.99 -3.68 1.90
CA ASP E 279 -40.79 -4.27 1.32
C ASP E 279 -39.66 -3.27 1.33
N ALA E 280 -38.44 -3.78 1.40
CA ALA E 280 -37.24 -2.98 1.20
C ALA E 280 -37.29 -1.73 2.07
N LEU E 281 -37.31 -1.99 3.37
CA LEU E 281 -37.39 -0.89 4.33
C LEU E 281 -36.27 0.12 4.12
N HIS E 282 -35.09 -0.35 3.69
CA HIS E 282 -33.98 0.58 3.53
C HIS E 282 -34.28 1.65 2.49
N THR E 283 -35.25 1.42 1.62
CA THR E 283 -35.63 2.45 0.67
C THR E 283 -36.50 3.54 1.27
N LEU E 284 -36.76 3.48 2.57
CA LEU E 284 -37.76 4.38 3.14
C LEU E 284 -37.19 5.75 3.47
N ILE E 285 -35.87 5.87 3.56
CA ILE E 285 -35.24 7.12 4.00
C ILE E 285 -35.01 7.95 2.74
N GLY E 286 -36.09 8.52 2.22
CA GLY E 286 -36.00 9.31 1.01
C GLY E 286 -37.31 9.92 0.58
N ALA E 287 -37.30 11.23 0.34
CA ALA E 287 -38.48 11.98 -0.03
C ALA E 287 -39.00 11.58 -1.40
N ILE E 294 -38.59 16.72 3.18
CA ILE E 294 -38.99 15.82 4.25
C ILE E 294 -39.06 14.37 3.75
N ASP E 295 -38.34 13.48 4.42
CA ASP E 295 -38.31 12.09 4.00
C ASP E 295 -39.59 11.38 4.40
N ALA E 296 -39.89 10.29 3.69
CA ALA E 296 -41.01 9.47 4.11
C ALA E 296 -40.75 8.90 5.50
N SER E 297 -39.50 8.56 5.79
CA SER E 297 -39.17 8.13 7.14
C SER E 297 -39.40 9.24 8.15
N ASN E 298 -39.19 10.49 7.74
CA ASN E 298 -39.47 11.61 8.62
C ASN E 298 -40.94 11.64 9.02
N ILE E 299 -41.81 11.11 8.17
CA ILE E 299 -43.23 11.12 8.48
C ILE E 299 -43.66 9.84 9.21
N LEU E 300 -43.04 8.71 8.89
CA LEU E 300 -43.42 7.48 9.59
C LEU E 300 -42.86 7.45 10.99
N LYS E 301 -41.69 8.04 11.22
CA LYS E 301 -41.03 7.95 12.51
C LYS E 301 -41.84 8.55 13.66
N PRO E 302 -42.53 9.68 13.51
CA PRO E 302 -43.36 10.17 14.63
C PRO E 302 -44.46 9.21 15.04
N SER E 303 -45.15 8.59 14.08
CA SER E 303 -46.22 7.68 14.43
C SER E 303 -45.68 6.50 15.23
N LEU E 304 -44.78 5.74 14.62
CA LEU E 304 -44.15 4.63 15.30
C LEU E 304 -43.62 5.05 16.67
N ALA E 305 -43.09 6.27 16.78
CA ALA E 305 -42.62 6.77 18.06
C ALA E 305 -43.77 6.82 19.07
N ARG E 306 -44.82 7.58 18.75
CA ARG E 306 -45.95 7.67 19.66
C ARG E 306 -46.77 6.39 19.66
N GLY E 307 -46.77 5.65 18.54
CA GLY E 307 -47.52 4.41 18.43
C GLY E 307 -48.61 4.52 17.38
N GLU E 308 -49.77 3.94 17.68
CA GLU E 308 -50.94 3.94 16.81
C GLU E 308 -50.61 3.45 15.39
N LEU E 309 -49.49 2.74 15.23
CA LEU E 309 -49.16 2.13 13.95
C LEU E 309 -48.20 0.97 14.19
N GLN E 310 -48.53 -0.19 13.65
CA GLN E 310 -47.69 -1.37 13.73
C GLN E 310 -47.43 -1.84 12.32
N CYS E 311 -46.16 -1.80 11.91
CA CYS E 311 -45.78 -2.04 10.53
C CYS E 311 -44.79 -3.18 10.45
N ILE E 312 -44.67 -3.76 9.26
CA ILE E 312 -43.72 -4.84 8.99
C ILE E 312 -42.77 -4.39 7.91
N GLY E 313 -41.48 -4.69 8.10
CA GLY E 313 -40.49 -4.43 7.09
C GLY E 313 -39.61 -5.64 6.87
N ALA E 314 -39.10 -5.76 5.64
CA ALA E 314 -38.24 -6.88 5.29
C ALA E 314 -37.07 -6.37 4.47
N THR E 315 -35.85 -6.64 4.91
CA THR E 315 -34.66 -6.25 4.16
C THR E 315 -33.61 -7.34 4.27
N THR E 316 -32.44 -7.04 3.74
CA THR E 316 -31.29 -7.92 3.82
C THR E 316 -30.56 -7.67 5.13
N LEU E 317 -29.87 -8.70 5.62
CA LEU E 317 -29.12 -8.56 6.86
C LEU E 317 -28.18 -7.38 6.79
N ASP E 318 -27.23 -7.42 5.85
CA ASP E 318 -26.27 -6.33 5.72
C ASP E 318 -26.95 -5.01 5.42
N GLU E 319 -28.01 -5.06 4.61
CA GLU E 319 -28.78 -3.85 4.35
C GLU E 319 -29.32 -3.26 5.64
N TYR E 320 -29.95 -4.10 6.46
CA TYR E 320 -30.46 -3.64 7.74
C TYR E 320 -29.34 -3.07 8.59
N ARG E 321 -28.24 -3.82 8.71
CA ARG E 321 -27.07 -3.34 9.45
C ARG E 321 -26.74 -1.91 9.03
N LYS E 322 -26.40 -1.73 7.77
CA LYS E 322 -25.86 -0.46 7.33
C LYS E 322 -26.89 0.66 7.37
N TYR E 323 -28.19 0.35 7.24
CA TYR E 323 -29.12 1.46 7.07
C TYR E 323 -29.99 1.74 8.28
N ILE E 324 -30.19 0.78 9.18
CA ILE E 324 -30.96 1.01 10.40
C ILE E 324 -30.17 0.70 11.65
N GLU E 325 -28.98 0.06 11.54
CA GLU E 325 -28.10 -0.09 12.69
C GLU E 325 -27.87 1.25 13.37
N LYS E 326 -27.75 2.31 12.60
CA LYS E 326 -27.59 3.66 13.12
C LYS E 326 -28.43 4.59 12.26
N ASP E 327 -28.12 5.88 12.31
CA ASP E 327 -28.74 6.91 11.51
C ASP E 327 -30.21 7.11 11.83
N ALA E 328 -30.74 6.43 12.85
CA ALA E 328 -32.15 6.50 13.12
C ALA E 328 -32.41 6.27 14.59
N ALA E 329 -33.50 6.87 15.09
CA ALA E 329 -34.09 6.46 16.35
C ALA E 329 -35.07 5.32 16.09
N LEU E 330 -34.61 4.40 15.26
CA LEU E 330 -35.36 3.21 14.89
C LEU E 330 -34.55 1.96 15.17
N GLU E 331 -33.60 2.05 16.10
CA GLU E 331 -32.83 0.92 16.56
C GLU E 331 -33.47 0.24 17.77
N ARG E 332 -34.43 0.90 18.40
CA ARG E 332 -35.18 0.34 19.50
C ARG E 332 -36.64 0.07 19.14
N ARG E 333 -37.06 0.40 17.92
CA ARG E 333 -38.43 0.09 17.55
C ARG E 333 -38.56 -1.21 16.79
N PHE E 334 -37.90 -1.32 15.63
CA PHE E 334 -38.06 -2.49 14.80
C PHE E 334 -37.36 -3.69 15.39
N GLN E 335 -37.93 -4.87 15.19
CA GLN E 335 -37.35 -6.10 15.73
C GLN E 335 -36.91 -7.00 14.59
N PRO E 336 -35.63 -7.35 14.51
CA PRO E 336 -35.18 -8.23 13.43
C PRO E 336 -35.59 -9.66 13.67
N ILE E 337 -35.94 -10.35 12.60
CA ILE E 337 -36.38 -11.74 12.65
C ILE E 337 -35.54 -12.52 11.68
N GLN E 338 -34.64 -13.35 12.20
CA GLN E 338 -33.73 -14.11 11.35
C GLN E 338 -34.51 -15.21 10.65
N VAL E 339 -34.71 -15.08 9.34
CA VAL E 339 -35.31 -16.13 8.53
C VAL E 339 -34.18 -16.89 7.85
N ASP E 340 -34.04 -18.17 8.18
CA ASP E 340 -33.00 -18.96 7.54
C ASP E 340 -33.59 -19.76 6.39
N GLN E 341 -32.76 -20.05 5.41
CA GLN E 341 -33.24 -20.80 4.26
C GLN E 341 -33.66 -22.19 4.70
N PRO E 342 -34.62 -22.79 4.04
CA PRO E 342 -35.03 -24.14 4.41
C PRO E 342 -33.88 -25.13 4.27
N SER E 343 -34.02 -26.26 4.94
CA SER E 343 -33.14 -27.38 4.68
C SER E 343 -33.54 -27.99 3.34
N VAL E 344 -33.07 -29.20 3.06
CA VAL E 344 -33.48 -29.83 1.80
C VAL E 344 -34.90 -30.39 1.91
N ASP E 345 -35.25 -30.99 3.06
CA ASP E 345 -36.54 -31.67 3.18
C ASP E 345 -37.68 -30.66 3.28
N GLU E 346 -37.53 -29.70 4.19
CA GLU E 346 -38.50 -28.63 4.30
C GLU E 346 -38.78 -28.01 2.94
N SER E 347 -37.72 -27.84 2.15
CA SER E 347 -37.91 -27.29 0.81
C SER E 347 -38.59 -28.28 -0.12
N ILE E 348 -38.36 -29.58 0.05
CA ILE E 348 -39.07 -30.53 -0.81
C ILE E 348 -40.56 -30.40 -0.59
N GLN E 349 -40.97 -30.21 0.65
CA GLN E 349 -42.39 -30.09 0.91
C GLN E 349 -42.93 -28.75 0.40
N ILE E 350 -42.13 -27.70 0.55
CA ILE E 350 -42.44 -26.45 -0.14
C ILE E 350 -42.75 -26.73 -1.60
N LEU E 351 -41.92 -27.57 -2.23
CA LEU E 351 -42.11 -27.84 -3.63
C LEU E 351 -43.35 -28.68 -3.88
N GLN E 352 -43.72 -29.54 -2.94
CA GLN E 352 -44.97 -30.26 -3.08
C GLN E 352 -46.12 -29.28 -3.26
N GLY E 353 -46.22 -28.34 -2.34
CA GLY E 353 -47.27 -27.33 -2.48
C GLY E 353 -47.16 -26.57 -3.78
N LEU E 354 -45.96 -26.07 -4.09
CA LEU E 354 -45.80 -25.25 -5.27
C LEU E 354 -46.07 -26.00 -6.55
N ARG E 355 -45.89 -27.32 -6.57
CA ARG E 355 -46.11 -28.07 -7.79
C ARG E 355 -47.56 -28.42 -7.98
N ASP E 356 -48.29 -28.64 -6.88
CA ASP E 356 -49.73 -28.59 -7.00
C ASP E 356 -50.16 -27.27 -7.60
N ARG E 357 -49.40 -26.20 -7.32
CA ARG E 357 -49.72 -24.90 -7.89
C ARG E 357 -49.27 -24.75 -9.35
N TYR E 358 -48.22 -25.46 -9.76
CA TYR E 358 -47.64 -25.28 -11.09
C TYR E 358 -48.34 -26.06 -12.18
N GLU E 359 -48.96 -27.19 -11.85
CA GLU E 359 -49.69 -27.95 -12.85
C GLU E 359 -50.64 -27.07 -13.63
N ALA E 360 -51.08 -25.96 -13.05
CA ALA E 360 -52.07 -25.11 -13.69
C ALA E 360 -51.49 -24.41 -14.91
N HIS E 361 -50.37 -23.70 -14.73
CA HIS E 361 -49.79 -22.98 -15.85
C HIS E 361 -49.17 -23.95 -16.85
N HIS E 362 -48.15 -24.68 -16.42
CA HIS E 362 -47.57 -25.70 -17.27
C HIS E 362 -48.49 -26.91 -17.30
N ARG E 363 -48.96 -27.27 -18.49
CA ARG E 363 -49.79 -28.44 -18.66
C ARG E 363 -48.91 -29.69 -18.62
N VAL E 364 -48.35 -29.95 -17.44
CA VAL E 364 -47.44 -31.06 -17.26
C VAL E 364 -47.57 -31.54 -15.83
N SER E 365 -47.17 -32.78 -15.58
CA SER E 365 -47.24 -33.39 -14.26
C SER E 365 -45.83 -33.76 -13.82
N ILE E 366 -45.34 -33.09 -12.79
CA ILE E 366 -43.98 -33.32 -12.33
C ILE E 366 -44.02 -34.35 -11.22
N THR E 367 -43.07 -35.26 -11.23
CA THR E 367 -43.13 -36.37 -10.29
C THR E 367 -42.44 -35.99 -8.99
N ASP E 368 -42.74 -36.76 -7.94
CA ASP E 368 -42.17 -36.47 -6.63
C ASP E 368 -40.67 -36.66 -6.64
N ASP E 369 -40.19 -37.73 -7.26
CA ASP E 369 -38.76 -37.93 -7.35
C ASP E 369 -38.10 -36.84 -8.18
N ALA E 370 -38.83 -36.28 -9.14
CA ALA E 370 -38.28 -35.14 -9.87
C ALA E 370 -38.05 -33.96 -8.95
N ILE E 371 -38.99 -33.71 -8.03
CA ILE E 371 -38.80 -32.64 -7.06
C ILE E 371 -37.64 -32.95 -6.13
N GLU E 372 -37.55 -34.19 -5.68
CA GLU E 372 -36.40 -34.59 -4.87
C GLU E 372 -35.11 -34.27 -5.60
N ALA E 373 -35.05 -34.63 -6.88
CA ALA E 373 -33.86 -34.37 -7.68
C ALA E 373 -33.62 -32.88 -7.82
N ALA E 374 -34.67 -32.09 -8.02
CA ALA E 374 -34.49 -30.66 -8.20
C ALA E 374 -33.90 -30.03 -6.96
N VAL E 375 -34.40 -30.41 -5.79
CA VAL E 375 -33.83 -29.88 -4.55
C VAL E 375 -32.38 -30.31 -4.42
N LYS E 376 -32.11 -31.60 -4.59
CA LYS E 376 -30.74 -32.07 -4.39
C LYS E 376 -29.79 -31.37 -5.34
N LEU E 377 -30.21 -31.16 -6.59
CA LEU E 377 -29.34 -30.52 -7.57
C LEU E 377 -29.13 -29.05 -7.24
N SER E 378 -30.21 -28.31 -7.04
CA SER E 378 -30.06 -26.91 -6.69
C SER E 378 -29.16 -26.74 -5.48
N ASP E 379 -29.17 -27.71 -4.58
CA ASP E 379 -28.25 -27.60 -3.46
C ASP E 379 -26.83 -27.91 -3.87
N ARG E 380 -26.64 -28.89 -4.76
CA ARG E 380 -25.29 -29.33 -5.05
C ARG E 380 -24.61 -28.45 -6.08
N TYR E 381 -25.17 -28.37 -7.29
CA TYR E 381 -24.45 -27.85 -8.45
C TYR E 381 -24.81 -26.43 -8.80
N ILE E 382 -25.35 -25.65 -7.87
CA ILE E 382 -25.55 -24.23 -8.11
C ILE E 382 -25.56 -23.50 -6.78
N SER E 383 -24.55 -22.66 -6.55
CA SER E 383 -24.28 -22.17 -5.21
C SER E 383 -24.45 -20.67 -5.05
N ASP E 384 -24.67 -19.92 -6.12
CA ASP E 384 -24.88 -18.49 -5.96
C ASP E 384 -26.18 -18.19 -5.21
N ARG E 385 -27.21 -19.00 -5.43
CA ARG E 385 -28.55 -18.72 -4.94
C ARG E 385 -28.93 -19.65 -3.80
N PHE E 386 -30.17 -19.51 -3.33
CA PHE E 386 -30.65 -20.20 -2.15
C PHE E 386 -31.90 -21.01 -2.44
N LEU E 387 -32.17 -21.95 -1.55
CA LEU E 387 -33.46 -22.59 -1.52
C LEU E 387 -34.47 -21.60 -0.97
N PRO E 388 -35.75 -21.77 -1.28
CA PRO E 388 -36.37 -22.72 -2.19
C PRO E 388 -36.46 -22.09 -3.55
N ASP E 389 -35.93 -20.87 -3.65
CA ASP E 389 -35.99 -20.09 -4.87
C ASP E 389 -35.44 -20.87 -6.05
N LYS E 390 -34.18 -21.30 -5.97
CA LYS E 390 -33.60 -21.98 -7.11
C LYS E 390 -34.27 -23.31 -7.38
N ALA E 391 -34.79 -23.96 -6.34
CA ALA E 391 -35.52 -25.20 -6.56
C ALA E 391 -36.77 -24.96 -7.40
N ILE E 392 -37.61 -24.01 -6.98
CA ILE E 392 -38.80 -23.75 -7.78
C ILE E 392 -38.39 -23.20 -9.13
N ASP E 393 -37.21 -22.63 -9.24
CA ASP E 393 -36.75 -22.16 -10.53
C ASP E 393 -36.53 -23.32 -11.48
N LEU E 394 -35.78 -24.32 -11.03
CA LEU E 394 -35.56 -25.50 -11.85
C LEU E 394 -36.88 -26.14 -12.22
N ILE E 395 -37.80 -26.23 -11.28
CA ILE E 395 -39.11 -26.78 -11.56
C ILE E 395 -39.80 -26.00 -12.67
N ASP E 396 -39.89 -24.68 -12.50
CA ASP E 396 -40.57 -23.84 -13.46
C ASP E 396 -39.98 -24.02 -14.85
N GLU E 397 -38.66 -23.98 -14.92
CA GLU E 397 -38.02 -24.04 -16.23
C GLU E 397 -38.17 -25.41 -16.85
N ALA E 398 -38.11 -26.48 -16.05
CA ALA E 398 -38.32 -27.81 -16.60
C ALA E 398 -39.73 -27.95 -17.13
N GLY E 399 -40.70 -27.41 -16.41
CA GLY E 399 -42.07 -27.45 -16.89
C GLY E 399 -42.20 -26.76 -18.24
N SER E 400 -41.66 -25.55 -18.34
CA SER E 400 -41.72 -24.86 -19.62
C SER E 400 -40.99 -25.62 -20.70
N LYS E 401 -39.88 -26.24 -20.34
CA LYS E 401 -39.09 -26.98 -21.32
C LYS E 401 -39.87 -28.14 -21.88
N VAL E 402 -40.54 -28.89 -21.01
CA VAL E 402 -41.31 -30.04 -21.50
C VAL E 402 -42.55 -29.59 -22.24
N ARG E 403 -43.17 -28.50 -21.81
CA ARG E 403 -44.26 -27.93 -22.61
C ARG E 403 -43.82 -27.71 -24.04
N LEU E 404 -42.65 -27.09 -24.23
CA LEU E 404 -42.18 -26.88 -25.58
C LEU E 404 -41.82 -28.19 -26.26
N ARG E 405 -41.13 -29.07 -25.54
CA ARG E 405 -40.71 -30.36 -26.08
C ARG E 405 -41.88 -31.18 -26.55
N SER E 406 -43.08 -30.90 -26.04
CA SER E 406 -44.28 -31.57 -26.52
C SER E 406 -44.46 -31.38 -28.01
N PHE E 407 -44.32 -30.15 -28.48
CA PHE E 407 -44.58 -29.84 -29.88
C PHE E 407 -43.29 -29.76 -30.69
N GLN E 466 -50.90 -36.42 -20.77
CA GLN E 466 -50.49 -37.70 -21.31
C GLN E 466 -49.04 -38.00 -20.98
N GLU E 467 -48.37 -38.68 -21.91
CA GLU E 467 -46.95 -39.01 -21.75
C GLU E 467 -46.10 -37.75 -21.53
N ASN E 468 -46.51 -36.62 -22.08
CA ASN E 468 -45.69 -35.42 -21.99
C ASN E 468 -45.69 -34.85 -20.58
N SER E 469 -46.70 -35.18 -19.77
CA SER E 469 -46.77 -34.65 -18.41
C SER E 469 -45.84 -35.45 -17.48
N GLU E 470 -44.58 -35.50 -17.85
CA GLU E 470 -43.61 -36.35 -17.16
C GLU E 470 -42.29 -35.62 -16.92
N VAL E 471 -42.38 -34.42 -16.36
CA VAL E 471 -41.16 -33.71 -15.98
C VAL E 471 -40.39 -34.61 -15.03
N THR E 472 -39.28 -35.16 -15.49
CA THR E 472 -38.56 -36.19 -14.76
C THR E 472 -37.16 -35.72 -14.40
N VAL E 473 -36.42 -36.60 -13.74
CA VAL E 473 -35.07 -36.29 -13.28
C VAL E 473 -34.22 -35.79 -14.43
N ASP E 474 -34.43 -36.36 -15.62
CA ASP E 474 -33.62 -35.98 -16.77
C ASP E 474 -33.80 -34.51 -17.10
N ASP E 475 -35.00 -33.99 -16.95
CA ASP E 475 -35.25 -32.61 -17.36
C ASP E 475 -34.73 -31.60 -16.35
N ILE E 476 -34.83 -31.91 -15.06
CA ILE E 476 -34.11 -31.09 -14.09
C ILE E 476 -32.62 -31.17 -14.34
N ALA E 477 -32.11 -32.35 -14.67
CA ALA E 477 -30.70 -32.48 -14.98
C ALA E 477 -30.32 -31.61 -16.16
N MET E 478 -31.19 -31.55 -17.16
CA MET E 478 -30.88 -30.76 -18.34
C MET E 478 -30.91 -29.27 -18.03
N VAL E 479 -31.89 -28.82 -17.26
CA VAL E 479 -31.93 -27.39 -16.99
C VAL E 479 -30.78 -26.99 -16.09
N VAL E 480 -30.32 -27.90 -15.24
CA VAL E 480 -29.11 -27.59 -14.47
C VAL E 480 -27.92 -27.49 -15.40
N SER E 481 -27.61 -28.58 -16.11
CA SER E 481 -26.43 -28.60 -16.95
C SER E 481 -26.44 -27.49 -17.98
N SER E 482 -27.60 -26.93 -18.29
CA SER E 482 -27.62 -25.73 -19.10
C SER E 482 -27.32 -24.50 -18.25
N TRP E 483 -27.95 -24.42 -17.06
CA TRP E 483 -27.74 -23.26 -16.20
C TRP E 483 -26.29 -23.15 -15.77
N THR E 484 -25.83 -24.09 -14.98
CA THR E 484 -24.43 -24.19 -14.66
C THR E 484 -23.75 -25.10 -15.67
N GLY E 485 -22.54 -24.73 -16.08
CA GLY E 485 -21.89 -25.41 -17.18
C GLY E 485 -21.62 -26.87 -16.92
N VAL E 486 -21.70 -27.30 -15.67
CA VAL E 486 -21.27 -28.66 -15.32
C VAL E 486 -22.23 -29.66 -15.95
N PRO E 487 -21.75 -30.77 -16.49
CA PRO E 487 -22.62 -31.73 -17.17
C PRO E 487 -23.18 -32.82 -16.27
N VAL E 488 -24.24 -32.51 -15.55
CA VAL E 488 -24.96 -33.51 -14.78
C VAL E 488 -26.18 -33.94 -15.60
N SER E 489 -26.14 -35.15 -16.12
CA SER E 489 -27.26 -35.73 -16.87
C SER E 489 -26.97 -37.20 -17.06
N LYS E 490 -27.86 -37.88 -17.76
CA LYS E 490 -27.62 -39.27 -18.12
C LYS E 490 -26.77 -39.28 -19.38
N ILE E 491 -25.48 -39.57 -19.22
CA ILE E 491 -24.60 -39.64 -20.38
C ILE E 491 -25.06 -40.74 -21.30
N ALA E 492 -24.79 -40.58 -22.59
CA ALA E 492 -25.27 -41.49 -23.61
C ALA E 492 -24.09 -42.03 -24.42
N GLN E 493 -24.42 -42.76 -25.48
CA GLN E 493 -23.39 -43.16 -26.42
C GLN E 493 -22.72 -41.93 -27.00
N THR E 494 -21.55 -42.14 -27.60
CA THR E 494 -20.67 -41.08 -28.07
C THR E 494 -20.06 -40.37 -26.85
N GLU E 495 -20.43 -40.84 -25.67
CA GLU E 495 -19.85 -40.37 -24.42
C GLU E 495 -19.25 -41.51 -23.61
N THR E 496 -20.05 -42.55 -23.35
CA THR E 496 -19.54 -43.70 -22.61
C THR E 496 -18.44 -44.40 -23.39
N ASP E 497 -18.67 -44.63 -24.67
CA ASP E 497 -17.60 -45.09 -25.54
C ASP E 497 -16.39 -44.17 -25.44
N LYS E 498 -16.64 -42.86 -25.40
CA LYS E 498 -15.54 -41.91 -25.29
C LYS E 498 -14.82 -42.05 -23.97
N LEU E 499 -15.57 -41.96 -22.87
CA LEU E 499 -14.94 -42.03 -21.56
C LEU E 499 -14.14 -43.31 -21.39
N LEU E 500 -14.62 -44.41 -21.98
CA LEU E 500 -13.84 -45.63 -21.93
C LEU E 500 -12.60 -45.51 -22.78
N ASN E 501 -12.74 -44.95 -23.98
CA ASN E 501 -11.63 -44.80 -24.89
C ASN E 501 -10.81 -43.56 -24.63
N MET E 502 -11.11 -42.83 -23.55
CA MET E 502 -10.36 -41.61 -23.28
C MET E 502 -8.90 -41.91 -23.02
N GLU E 503 -8.62 -43.05 -22.37
CA GLU E 503 -7.24 -43.47 -22.22
C GLU E 503 -6.55 -43.58 -23.57
N ASN E 504 -7.24 -44.09 -24.57
CA ASN E 504 -6.62 -44.21 -25.88
C ASN E 504 -6.48 -42.87 -26.57
N ILE E 505 -7.45 -41.97 -26.38
CA ILE E 505 -7.32 -40.63 -26.93
C ILE E 505 -6.08 -39.93 -26.37
N LEU E 506 -5.97 -39.91 -25.05
CA LEU E 506 -4.79 -39.33 -24.42
C LEU E 506 -3.54 -40.00 -24.96
N HIS E 507 -3.44 -41.32 -24.80
CA HIS E 507 -2.24 -42.02 -25.21
C HIS E 507 -1.97 -41.87 -26.69
N SER E 508 -2.93 -41.36 -27.46
CA SER E 508 -2.62 -40.88 -28.80
C SER E 508 -1.92 -39.53 -28.74
N ARG E 509 -2.57 -38.54 -28.13
CA ARG E 509 -1.99 -37.19 -28.09
C ARG E 509 -0.63 -37.19 -27.39
N VAL E 510 -0.57 -37.78 -26.20
CA VAL E 510 0.67 -37.85 -25.43
C VAL E 510 1.24 -39.25 -25.56
N ILE E 511 2.48 -39.35 -26.02
CA ILE E 511 3.13 -40.62 -26.28
C ILE E 511 3.91 -41.00 -25.04
N GLY E 512 3.94 -42.28 -24.72
CA GLY E 512 4.65 -42.71 -23.56
C GLY E 512 3.89 -42.28 -22.33
N GLN E 513 4.57 -42.31 -21.18
CA GLN E 513 3.99 -41.85 -19.93
C GLN E 513 2.64 -42.50 -19.69
N ASP E 514 2.59 -43.81 -19.92
CA ASP E 514 1.32 -44.54 -19.87
C ASP E 514 0.63 -44.40 -18.53
N GLU E 515 1.40 -44.35 -17.46
CA GLU E 515 0.81 -44.41 -16.13
C GLU E 515 -0.07 -43.21 -15.85
N ALA E 516 0.37 -42.02 -16.22
CA ALA E 516 -0.35 -40.79 -15.90
C ALA E 516 -1.74 -40.79 -16.50
N VAL E 517 -1.80 -40.90 -17.83
CA VAL E 517 -3.07 -40.89 -18.52
C VAL E 517 -4.03 -41.90 -17.92
N VAL E 518 -3.50 -43.02 -17.41
CA VAL E 518 -4.37 -44.00 -16.76
C VAL E 518 -5.07 -43.37 -15.57
N ALA E 519 -4.30 -42.70 -14.70
CA ALA E 519 -4.89 -42.15 -13.49
C ALA E 519 -5.80 -40.97 -13.79
N VAL E 520 -5.46 -40.16 -14.77
CA VAL E 520 -6.31 -39.03 -15.12
C VAL E 520 -7.62 -39.51 -15.70
N ALA E 521 -7.57 -40.48 -16.61
CA ALA E 521 -8.78 -41.04 -17.16
C ALA E 521 -9.60 -41.71 -16.08
N LYS E 522 -8.94 -42.37 -15.14
CA LYS E 522 -9.68 -43.01 -14.05
C LYS E 522 -10.46 -41.99 -13.26
N ALA E 523 -9.81 -40.89 -12.88
CA ALA E 523 -10.49 -39.87 -12.09
C ALA E 523 -11.63 -39.24 -12.86
N VAL E 524 -11.42 -38.94 -14.15
CA VAL E 524 -12.48 -38.31 -14.91
C VAL E 524 -13.66 -39.26 -15.04
N ARG E 525 -13.39 -40.55 -15.20
CA ARG E 525 -14.48 -41.53 -15.30
C ARG E 525 -15.26 -41.59 -14.00
N ARG E 526 -14.59 -41.89 -12.89
CA ARG E 526 -15.31 -42.02 -11.62
C ARG E 526 -16.14 -40.78 -11.35
N ALA E 527 -15.57 -39.60 -11.58
CA ALA E 527 -16.36 -38.38 -11.41
C ALA E 527 -17.58 -38.39 -12.33
N ARG E 528 -17.41 -38.85 -13.56
CA ARG E 528 -18.48 -38.78 -14.54
C ARG E 528 -19.45 -39.94 -14.45
N ALA E 529 -19.11 -40.97 -13.70
CA ALA E 529 -19.97 -42.15 -13.60
C ALA E 529 -20.96 -42.07 -12.46
N GLY E 530 -21.10 -40.92 -11.83
CA GLY E 530 -22.00 -40.79 -10.71
C GLY E 530 -21.37 -41.11 -9.38
N LEU E 531 -20.10 -41.49 -9.37
CA LEU E 531 -19.35 -41.73 -8.14
C LEU E 531 -18.81 -40.38 -7.67
N LYS E 532 -17.75 -40.31 -6.87
CA LYS E 532 -17.21 -39.05 -6.42
C LYS E 532 -18.26 -38.35 -5.55
N ASP E 533 -18.76 -39.11 -4.57
CA ASP E 533 -19.62 -38.50 -3.56
C ASP E 533 -19.01 -37.27 -2.91
N PRO E 534 -17.71 -37.19 -2.62
CA PRO E 534 -17.22 -36.05 -1.85
C PRO E 534 -17.62 -34.72 -2.49
N LYS E 535 -17.74 -33.72 -1.62
CA LYS E 535 -17.80 -32.33 -2.05
C LYS E 535 -16.45 -31.77 -2.41
N ARG E 536 -15.40 -32.58 -2.48
CA ARG E 536 -14.09 -32.08 -2.86
C ARG E 536 -13.88 -32.22 -4.36
N PRO E 537 -12.92 -31.47 -4.95
CA PRO E 537 -12.80 -31.43 -6.42
C PRO E 537 -12.66 -32.78 -7.09
N ILE E 538 -12.83 -32.80 -8.41
CA ILE E 538 -12.78 -34.07 -9.14
C ILE E 538 -11.44 -34.74 -8.93
N GLY E 539 -10.36 -34.02 -9.19
CA GLY E 539 -9.04 -34.61 -9.11
C GLY E 539 -8.07 -33.63 -8.49
N SER E 540 -6.85 -34.09 -8.31
CA SER E 540 -5.79 -33.26 -7.78
C SER E 540 -4.49 -33.97 -8.09
N PHE E 541 -3.75 -33.48 -9.07
CA PHE E 541 -2.57 -34.17 -9.54
C PHE E 541 -1.38 -33.25 -9.47
N ILE E 542 -0.23 -33.81 -9.12
CA ILE E 542 1.03 -33.10 -9.20
C ILE E 542 1.90 -33.87 -10.18
N PHE E 543 2.18 -33.27 -11.33
CA PHE E 543 3.00 -33.90 -12.33
C PHE E 543 4.44 -33.50 -12.11
N LEU E 544 5.30 -34.46 -11.83
CA LEU E 544 6.72 -34.22 -11.69
C LEU E 544 7.49 -35.01 -12.72
N GLY E 545 8.71 -34.58 -12.99
CA GLY E 545 9.55 -35.26 -13.92
C GLY E 545 10.52 -34.32 -14.58
N PRO E 546 11.22 -34.81 -15.57
CA PRO E 546 12.18 -33.96 -16.28
C PRO E 546 11.46 -32.91 -17.10
N THR E 547 12.20 -32.05 -17.78
CA THR E 547 11.58 -31.13 -18.72
C THR E 547 11.27 -31.83 -20.02
N GLY E 548 10.35 -31.24 -20.78
CA GLY E 548 10.00 -31.77 -22.08
C GLY E 548 9.55 -33.21 -22.03
N VAL E 549 8.70 -33.56 -21.08
CA VAL E 549 8.17 -34.91 -20.98
C VAL E 549 6.68 -34.98 -21.21
N GLY E 550 5.93 -33.93 -20.89
CA GLY E 550 4.50 -33.94 -21.12
C GLY E 550 3.67 -33.37 -19.98
N LYS E 551 4.35 -32.99 -18.88
CA LYS E 551 3.63 -32.52 -17.70
C LYS E 551 2.66 -31.40 -18.04
N THR E 552 2.94 -30.63 -19.09
CA THR E 552 1.97 -29.68 -19.59
C THR E 552 1.21 -30.25 -20.77
N GLU E 553 1.86 -31.10 -21.57
CA GLU E 553 1.18 -31.62 -22.74
C GLU E 553 0.04 -32.53 -22.35
N LEU E 554 0.19 -33.26 -21.26
CA LEU E 554 -0.90 -34.10 -20.82
C LEU E 554 -2.12 -33.28 -20.44
N ALA E 555 -1.91 -32.18 -19.70
CA ALA E 555 -3.03 -31.35 -19.31
C ALA E 555 -3.69 -30.72 -20.51
N ARG E 556 -2.89 -30.29 -21.48
CA ARG E 556 -3.48 -29.72 -22.68
C ARG E 556 -4.30 -30.76 -23.42
N ALA E 557 -3.75 -31.97 -23.57
CA ALA E 557 -4.50 -33.05 -24.20
C ALA E 557 -5.80 -33.31 -23.47
N LEU E 558 -5.75 -33.30 -22.14
CA LEU E 558 -6.94 -33.63 -21.37
C LEU E 558 -8.02 -32.59 -21.54
N ALA E 559 -7.66 -31.30 -21.42
CA ALA E 559 -8.67 -30.27 -21.60
C ALA E 559 -9.22 -30.30 -23.01
N GLU E 560 -8.40 -30.63 -23.99
CA GLU E 560 -8.88 -30.68 -25.36
C GLU E 560 -9.86 -31.84 -25.55
N SER E 561 -9.52 -33.02 -25.04
CA SER E 561 -10.40 -34.16 -25.21
C SER E 561 -11.70 -33.97 -24.43
N ILE E 562 -11.62 -33.29 -23.29
CA ILE E 562 -12.81 -33.07 -22.46
C ILE E 562 -13.74 -32.09 -23.13
N PHE E 563 -13.21 -30.99 -23.65
CA PHE E 563 -14.04 -30.00 -24.33
C PHE E 563 -13.74 -29.93 -25.82
N GLY E 564 -12.50 -29.66 -26.19
CA GLY E 564 -12.20 -29.28 -27.55
C GLY E 564 -11.51 -27.94 -27.59
N ASP E 565 -10.50 -27.81 -28.45
CA ASP E 565 -9.76 -26.57 -28.65
C ASP E 565 -8.84 -26.27 -27.48
N GLU E 566 -9.00 -27.01 -26.37
CA GLU E 566 -8.19 -26.88 -25.16
C GLU E 566 -8.06 -25.44 -24.69
N GLU E 567 -8.86 -24.53 -25.24
CA GLU E 567 -8.74 -23.13 -24.89
C GLU E 567 -9.70 -22.73 -23.78
N SER E 568 -10.63 -23.59 -23.42
CA SER E 568 -11.38 -23.37 -22.19
C SER E 568 -10.55 -23.68 -20.96
N MET E 569 -9.39 -24.29 -21.14
CA MET E 569 -8.54 -24.61 -20.02
C MET E 569 -8.13 -23.36 -19.27
N ILE E 570 -8.30 -23.37 -17.95
CA ILE E 570 -7.77 -22.31 -17.10
C ILE E 570 -6.28 -22.57 -16.95
N ARG E 571 -5.46 -21.64 -17.43
CA ARG E 571 -4.02 -21.77 -17.30
C ARG E 571 -3.51 -20.65 -16.42
N ILE E 572 -2.88 -21.02 -15.32
CA ILE E 572 -2.36 -20.05 -14.37
C ILE E 572 -0.88 -20.34 -14.22
N ASP E 573 -0.04 -19.43 -14.71
CA ASP E 573 1.40 -19.62 -14.65
C ASP E 573 1.87 -19.25 -13.26
N MET E 574 1.75 -20.21 -12.35
CA MET E 574 2.12 -19.94 -10.97
C MET E 574 3.56 -19.50 -10.81
N SER E 575 4.38 -19.62 -11.86
CA SER E 575 5.73 -19.08 -11.82
C SER E 575 5.74 -17.57 -11.83
N GLU E 576 4.59 -16.94 -11.93
CA GLU E 576 4.50 -15.49 -11.90
C GLU E 576 4.21 -14.94 -10.51
N TYR E 577 3.59 -15.74 -9.65
CA TYR E 577 3.23 -15.30 -8.31
C TYR E 577 4.37 -15.57 -7.33
N MET E 578 5.56 -15.08 -7.65
CA MET E 578 6.67 -15.28 -6.75
C MET E 578 6.65 -14.32 -5.58
N GLU E 579 5.97 -13.20 -5.71
CA GLU E 579 5.97 -12.22 -4.65
C GLU E 579 5.03 -12.64 -3.53
N LYS E 580 5.13 -11.94 -2.41
CA LYS E 580 4.19 -12.19 -1.32
C LYS E 580 2.84 -11.58 -1.61
N HIS E 581 2.82 -10.39 -2.21
CA HIS E 581 1.57 -9.68 -2.38
C HIS E 581 0.83 -10.04 -3.66
N SER E 582 1.51 -10.66 -4.63
CA SER E 582 0.82 -11.07 -5.84
C SER E 582 -0.28 -12.08 -5.55
N THR E 583 -0.28 -12.69 -4.38
CA THR E 583 -1.39 -13.56 -4.00
C THR E 583 -2.72 -12.82 -4.03
N SER E 584 -2.68 -11.50 -4.20
CA SER E 584 -3.92 -10.77 -4.41
C SER E 584 -4.64 -11.28 -5.64
N ARG E 585 -3.94 -11.37 -6.77
CA ARG E 585 -4.67 -11.62 -8.00
C ARG E 585 -4.93 -13.11 -8.22
N LEU E 586 -5.39 -13.78 -7.18
CA LEU E 586 -6.03 -15.06 -7.32
C LEU E 586 -7.38 -14.90 -6.66
N VAL E 587 -7.41 -14.07 -5.63
CA VAL E 587 -8.59 -13.87 -4.84
C VAL E 587 -9.16 -12.48 -4.96
N GLY E 588 -8.47 -11.56 -5.60
CA GLY E 588 -8.94 -10.21 -5.79
C GLY E 588 -8.21 -9.25 -4.88
N SER E 589 -8.69 -8.04 -4.87
CA SER E 589 -8.13 -7.02 -4.02
C SER E 589 -9.16 -6.57 -3.00
N PRO E 590 -8.78 -6.40 -1.74
CA PRO E 590 -9.77 -6.25 -0.67
C PRO E 590 -10.66 -5.05 -0.93
N PRO E 591 -11.90 -5.08 -0.45
CA PRO E 591 -12.86 -4.04 -0.81
C PRO E 591 -12.38 -2.66 -0.42
N GLY E 592 -12.69 -1.70 -1.28
CA GLY E 592 -12.22 -0.33 -1.15
C GLY E 592 -10.96 -0.05 -1.94
N TYR E 593 -10.04 -1.00 -1.98
CA TYR E 593 -8.73 -0.76 -2.56
C TYR E 593 -8.80 -0.80 -4.08
N VAL E 594 -7.79 -0.17 -4.70
CA VAL E 594 -7.76 -0.02 -6.15
C VAL E 594 -7.77 -1.38 -6.82
N GLY E 595 -8.57 -1.50 -7.87
CA GLY E 595 -8.73 -2.78 -8.52
C GLY E 595 -9.70 -3.71 -7.84
N TYR E 596 -10.57 -3.17 -6.99
CA TYR E 596 -11.51 -4.01 -6.26
C TYR E 596 -12.53 -4.64 -7.18
N ASP E 597 -12.97 -3.90 -8.20
CA ASP E 597 -14.00 -4.41 -9.08
C ASP E 597 -13.48 -5.55 -9.94
N GLU E 598 -12.45 -5.29 -10.72
CA GLU E 598 -11.81 -6.36 -11.50
C GLU E 598 -10.86 -7.13 -10.60
N GLY E 599 -11.44 -7.98 -9.76
CA GLY E 599 -10.67 -8.81 -8.85
C GLY E 599 -10.91 -10.28 -9.15
N GLY E 600 -9.90 -11.09 -8.92
CA GLY E 600 -10.11 -12.51 -9.07
C GLY E 600 -9.61 -13.10 -10.38
N GLN E 601 -8.36 -12.83 -10.73
CA GLN E 601 -7.80 -13.40 -11.96
C GLN E 601 -8.06 -14.90 -12.07
N LEU E 602 -8.15 -15.60 -10.95
CA LEU E 602 -8.56 -17.00 -10.98
C LEU E 602 -10.03 -17.18 -10.61
N THR E 603 -10.45 -16.60 -9.49
CA THR E 603 -11.80 -16.84 -9.01
C THR E 603 -12.84 -16.51 -10.05
N GLU E 604 -12.71 -15.37 -10.72
CA GLU E 604 -13.69 -15.05 -11.74
C GLU E 604 -13.66 -16.07 -12.87
N LYS E 605 -12.51 -16.67 -13.12
CA LYS E 605 -12.46 -17.64 -14.20
C LYS E 605 -13.22 -18.89 -13.84
N VAL E 606 -13.30 -19.23 -12.55
CA VAL E 606 -14.04 -20.43 -12.18
C VAL E 606 -15.52 -20.12 -12.03
N ARG E 607 -15.87 -18.95 -11.51
CA ARG E 607 -17.27 -18.56 -11.49
C ARG E 607 -17.81 -18.34 -12.90
N ARG E 608 -16.93 -18.08 -13.86
CA ARG E 608 -17.39 -18.03 -15.25
C ARG E 608 -17.69 -19.42 -15.78
N LYS E 609 -16.75 -20.35 -15.64
CA LYS E 609 -16.88 -21.70 -16.17
C LYS E 609 -16.52 -22.70 -15.11
N PRO E 610 -17.50 -23.18 -14.34
CA PRO E 610 -17.17 -24.02 -13.18
C PRO E 610 -16.65 -25.40 -13.53
N TYR E 611 -16.96 -25.93 -14.70
CA TYR E 611 -16.51 -27.26 -15.08
C TYR E 611 -15.38 -27.12 -16.09
N SER E 612 -14.16 -26.99 -15.59
CA SER E 612 -13.00 -26.83 -16.46
C SER E 612 -11.82 -27.51 -15.78
N VAL E 613 -10.64 -27.33 -16.36
CA VAL E 613 -9.43 -27.95 -15.84
C VAL E 613 -8.47 -26.84 -15.44
N VAL E 614 -8.43 -26.53 -14.14
CA VAL E 614 -7.50 -25.52 -13.67
C VAL E 614 -6.11 -26.11 -13.67
N LEU E 615 -5.22 -25.49 -14.41
CA LEU E 615 -3.83 -25.93 -14.54
C LEU E 615 -2.94 -24.88 -13.91
N LEU E 616 -2.10 -25.30 -12.98
CA LEU E 616 -1.20 -24.40 -12.27
C LEU E 616 0.22 -24.72 -12.69
N ASP E 617 0.73 -24.02 -13.68
CA ASP E 617 2.03 -24.33 -14.25
C ASP E 617 3.14 -23.93 -13.29
N ALA E 618 4.18 -24.77 -13.23
CA ALA E 618 5.37 -24.50 -12.45
C ALA E 618 5.00 -24.06 -11.04
N ILE E 619 4.42 -24.99 -10.30
CA ILE E 619 3.87 -24.62 -9.01
C ILE E 619 4.95 -24.26 -8.02
N GLU E 620 6.16 -24.82 -8.16
CA GLU E 620 7.15 -24.64 -7.11
C GLU E 620 7.66 -23.21 -7.04
N LYS E 621 7.58 -22.47 -8.14
CA LYS E 621 8.08 -21.11 -8.15
C LYS E 621 7.29 -20.20 -7.24
N ALA E 622 6.08 -20.61 -6.87
CA ALA E 622 5.18 -19.73 -6.15
C ALA E 622 5.67 -19.48 -4.74
N HIS E 623 5.12 -18.43 -4.15
CA HIS E 623 5.32 -18.07 -2.76
C HIS E 623 4.33 -18.84 -1.90
N PRO E 624 4.80 -19.38 -0.77
CA PRO E 624 3.98 -20.31 0.01
C PRO E 624 2.58 -19.83 0.29
N ASP E 625 2.38 -18.51 0.41
CA ASP E 625 1.05 -18.00 0.69
C ASP E 625 0.05 -18.49 -0.35
N VAL E 626 0.49 -18.62 -1.59
CA VAL E 626 -0.36 -19.21 -2.61
C VAL E 626 -0.72 -20.63 -2.25
N PHE E 627 0.22 -21.39 -1.70
CA PHE E 627 -0.09 -22.76 -1.32
C PHE E 627 -1.09 -22.79 -0.18
N ASN E 628 -1.02 -21.81 0.71
CA ASN E 628 -2.03 -21.69 1.75
C ASN E 628 -3.41 -21.51 1.12
N ILE E 629 -3.51 -20.55 0.21
CA ILE E 629 -4.80 -20.25 -0.39
C ILE E 629 -5.34 -21.45 -1.14
N LEU E 630 -4.47 -22.21 -1.81
CA LEU E 630 -4.95 -23.37 -2.55
C LEU E 630 -5.26 -24.54 -1.63
N LEU E 631 -4.57 -24.64 -0.51
CA LEU E 631 -4.94 -25.66 0.46
C LEU E 631 -6.35 -25.44 0.93
N GLN E 632 -6.81 -24.19 0.96
CA GLN E 632 -8.23 -24.00 1.25
C GLN E 632 -9.12 -24.72 0.24
N VAL E 633 -8.70 -24.76 -1.02
CA VAL E 633 -9.46 -25.51 -2.03
C VAL E 633 -9.38 -27.00 -1.75
N LEU E 634 -8.17 -27.51 -1.57
CA LEU E 634 -8.01 -28.94 -1.42
C LEU E 634 -8.72 -29.47 -0.19
N GLU E 635 -8.84 -28.68 0.86
CA GLU E 635 -9.48 -29.17 2.07
C GLU E 635 -10.96 -29.37 1.86
N ASP E 636 -11.69 -28.29 1.56
CA ASP E 636 -13.13 -28.34 1.39
C ASP E 636 -13.52 -28.49 -0.07
N GLY E 637 -13.00 -27.63 -0.93
CA GLY E 637 -13.35 -27.68 -2.34
C GLY E 637 -13.79 -26.34 -2.85
N ARG E 638 -13.47 -25.25 -2.14
CA ARG E 638 -13.87 -23.95 -2.63
C ARG E 638 -13.00 -22.88 -2.01
N LEU E 639 -12.76 -21.82 -2.76
CA LEU E 639 -12.02 -20.67 -2.30
C LEU E 639 -12.99 -19.64 -1.73
N THR E 640 -12.51 -18.84 -0.81
CA THR E 640 -13.21 -17.62 -0.44
C THR E 640 -12.64 -16.45 -1.22
N ASP E 641 -13.50 -15.74 -1.93
CA ASP E 641 -13.12 -14.60 -2.73
C ASP E 641 -12.91 -13.38 -1.84
N SER E 642 -12.38 -12.31 -2.42
CA SER E 642 -12.18 -11.09 -1.63
C SER E 642 -13.50 -10.48 -1.19
N LYS E 643 -14.44 -10.33 -2.10
CA LYS E 643 -15.71 -9.71 -1.76
C LYS E 643 -16.56 -10.55 -0.86
N GLY E 644 -16.04 -11.64 -0.28
CA GLY E 644 -16.80 -12.49 0.60
C GLY E 644 -17.44 -13.69 -0.04
N ARG E 645 -17.50 -13.75 -1.37
CA ARG E 645 -18.11 -14.88 -2.03
C ARG E 645 -17.25 -16.13 -1.82
N THR E 646 -17.77 -17.27 -2.28
CA THR E 646 -17.05 -18.55 -2.23
C THR E 646 -17.21 -19.24 -3.58
N VAL E 647 -16.26 -19.00 -4.49
CA VAL E 647 -16.22 -19.77 -5.71
C VAL E 647 -15.94 -21.22 -5.35
N ASP E 648 -16.56 -22.16 -6.06
CA ASP E 648 -16.44 -23.56 -5.70
C ASP E 648 -15.62 -24.33 -6.74
N PHE E 649 -14.54 -24.93 -6.29
CA PHE E 649 -13.74 -25.84 -7.09
C PHE E 649 -14.12 -27.28 -6.84
N ARG E 650 -15.41 -27.58 -6.88
CA ARG E 650 -15.86 -28.95 -6.67
C ARG E 650 -16.16 -29.66 -7.97
N ASN E 651 -15.94 -29.00 -9.09
CA ASN E 651 -16.04 -29.63 -10.39
C ASN E 651 -14.77 -29.52 -11.21
N THR E 652 -13.94 -28.53 -10.94
CA THR E 652 -12.69 -28.36 -11.67
C THR E 652 -11.73 -29.49 -11.35
N ILE E 653 -11.09 -30.03 -12.35
CA ILE E 653 -9.93 -30.89 -12.11
C ILE E 653 -8.76 -29.98 -11.83
N LEU E 654 -7.94 -30.35 -10.86
CA LEU E 654 -6.85 -29.51 -10.42
C LEU E 654 -5.55 -30.16 -10.84
N ILE E 655 -4.87 -29.55 -11.80
CA ILE E 655 -3.64 -30.10 -12.36
C ILE E 655 -2.50 -29.17 -12.01
N MET E 656 -1.40 -29.74 -11.53
CA MET E 656 -0.22 -28.95 -11.21
C MET E 656 0.99 -29.56 -11.87
N THR E 657 1.97 -28.72 -12.17
CA THR E 657 3.21 -29.16 -12.80
C THR E 657 4.36 -28.64 -11.98
N SER E 658 5.40 -29.44 -11.85
CA SER E 658 6.63 -29.05 -11.18
C SER E 658 7.70 -30.03 -11.60
N ASN E 659 8.95 -29.66 -11.35
CA ASN E 659 10.07 -30.55 -11.65
C ASN E 659 11.12 -30.46 -10.57
N VAL E 660 10.72 -30.73 -9.33
CA VAL E 660 11.69 -30.92 -8.27
C VAL E 660 12.35 -32.29 -8.35
N GLY E 661 11.79 -33.22 -9.12
CA GLY E 661 12.46 -34.47 -9.40
C GLY E 661 13.50 -34.31 -10.49
N ALA E 662 14.78 -34.35 -10.12
CA ALA E 662 15.87 -34.13 -11.05
C ALA E 662 16.94 -35.19 -10.84
N SER E 663 17.54 -35.62 -11.95
CA SER E 663 18.53 -36.70 -11.96
C SER E 663 18.00 -37.97 -11.30
N GLU E 664 16.70 -38.23 -11.47
CA GLU E 664 16.10 -39.44 -10.96
C GLU E 664 14.71 -39.63 -11.57
N GLN E 680 10.26 -52.27 -9.22
CA GLN E 680 10.47 -52.35 -7.78
C GLN E 680 11.06 -51.05 -7.25
N ASN E 681 11.99 -50.46 -8.00
CA ASN E 681 12.60 -49.19 -7.60
C ASN E 681 11.60 -48.04 -7.64
N HIS E 682 10.42 -48.25 -8.22
CA HIS E 682 9.42 -47.21 -8.29
C HIS E 682 9.12 -46.65 -6.91
N LYS E 683 8.97 -47.53 -5.91
CA LYS E 683 8.64 -47.06 -4.57
C LYS E 683 9.75 -46.22 -3.98
N ASP E 684 11.00 -46.58 -4.25
CA ASP E 684 12.11 -45.84 -3.67
C ASP E 684 12.26 -44.47 -4.32
N MET E 685 12.11 -44.40 -5.65
CA MET E 685 12.12 -43.09 -6.29
C MET E 685 10.94 -42.25 -5.83
N LYS E 686 9.79 -42.89 -5.64
CA LYS E 686 8.60 -42.19 -5.12
C LYS E 686 8.89 -41.58 -3.77
N ASP E 687 9.48 -42.37 -2.87
CA ASP E 687 9.81 -41.84 -1.54
C ASP E 687 10.84 -40.72 -1.65
N LYS E 688 11.80 -40.86 -2.55
CA LYS E 688 12.78 -39.81 -2.77
C LYS E 688 12.09 -38.50 -3.09
N VAL E 689 11.29 -38.50 -4.16
CA VAL E 689 10.65 -37.27 -4.60
C VAL E 689 9.65 -36.78 -3.57
N MET E 690 9.06 -37.69 -2.80
CA MET E 690 8.16 -37.26 -1.74
C MET E 690 8.91 -36.51 -0.67
N GLY E 691 10.11 -36.97 -0.34
CA GLY E 691 10.94 -36.24 0.60
C GLY E 691 11.31 -34.87 0.07
N GLU E 692 11.75 -34.81 -1.18
CA GLU E 692 12.09 -33.50 -1.75
C GLU E 692 10.86 -32.60 -1.81
N LEU E 693 9.70 -33.21 -2.01
CA LEU E 693 8.48 -32.43 -2.16
C LEU E 693 8.07 -31.81 -0.83
N LYS E 694 7.96 -32.65 0.20
CA LYS E 694 7.72 -32.11 1.52
C LYS E 694 8.86 -31.21 1.99
N ARG E 695 10.01 -31.27 1.33
CA ARG E 695 11.06 -30.32 1.63
C ARG E 695 10.76 -28.96 1.01
N ALA E 696 10.22 -28.95 -0.21
CA ALA E 696 9.91 -27.68 -0.85
C ALA E 696 8.53 -27.15 -0.46
N PHE E 697 7.58 -28.03 -0.17
CA PHE E 697 6.22 -27.59 0.16
C PHE E 697 5.93 -27.91 1.61
N ARG E 698 4.73 -27.55 2.04
CA ARG E 698 4.47 -28.01 3.39
C ARG E 698 3.58 -29.24 3.37
N PRO E 699 3.77 -30.17 4.31
CA PRO E 699 3.12 -31.48 4.17
C PRO E 699 1.61 -31.42 4.07
N GLU E 700 0.98 -30.50 4.78
CA GLU E 700 -0.48 -30.39 4.77
C GLU E 700 -1.00 -30.24 3.35
N PHE E 701 -0.27 -29.52 2.51
CA PHE E 701 -0.66 -29.42 1.11
C PHE E 701 -0.56 -30.78 0.43
N ILE E 702 0.60 -31.42 0.51
CA ILE E 702 0.86 -32.61 -0.29
C ILE E 702 -0.09 -33.73 0.11
N ASN E 703 -0.36 -33.86 1.41
CA ASN E 703 -1.18 -34.97 1.87
C ASN E 703 -2.55 -34.95 1.21
N ARG E 704 -3.16 -33.78 1.11
CA ARG E 704 -4.50 -33.70 0.59
C ARG E 704 -4.57 -33.86 -0.92
N ILE E 705 -3.43 -33.97 -1.58
CA ILE E 705 -3.41 -34.17 -3.02
C ILE E 705 -3.77 -35.61 -3.33
N ASP E 706 -4.63 -35.79 -4.34
CA ASP E 706 -4.99 -37.14 -4.76
C ASP E 706 -3.77 -37.90 -5.26
N GLU E 707 -3.20 -37.47 -6.38
CA GLU E 707 -2.22 -38.28 -7.08
C GLU E 707 -0.95 -37.50 -7.35
N ILE E 708 0.18 -38.12 -6.99
CA ILE E 708 1.49 -37.56 -7.28
C ILE E 708 2.03 -38.35 -8.46
N ILE E 709 1.76 -37.85 -9.66
CA ILE E 709 2.21 -38.53 -10.85
C ILE E 709 3.64 -38.13 -11.12
N VAL E 710 4.50 -39.12 -11.35
CA VAL E 710 5.89 -38.88 -11.70
C VAL E 710 6.12 -39.39 -13.10
N PHE E 711 6.73 -38.58 -13.94
CA PHE E 711 6.95 -38.92 -15.34
C PHE E 711 8.35 -39.51 -15.48
N HIS E 712 8.42 -40.75 -15.95
CA HIS E 712 9.71 -41.34 -16.21
C HIS E 712 10.20 -40.84 -17.57
N SER E 713 11.47 -40.47 -17.61
CA SER E 713 12.00 -39.69 -18.71
C SER E 713 11.79 -40.38 -20.05
N LEU E 714 11.87 -39.60 -21.12
CA LEU E 714 11.79 -40.18 -22.45
C LEU E 714 13.00 -41.05 -22.72
N GLU E 715 12.84 -41.98 -23.65
CA GLU E 715 13.95 -42.86 -24.03
C GLU E 715 14.13 -42.88 -25.53
N LYS E 716 14.92 -43.83 -26.02
CA LYS E 716 15.13 -43.94 -27.46
C LYS E 716 13.85 -44.36 -28.18
N LYS E 717 13.09 -45.28 -27.58
CA LYS E 717 11.97 -45.89 -28.29
C LYS E 717 10.90 -44.86 -28.62
N HIS E 718 10.39 -44.17 -27.60
CA HIS E 718 9.28 -43.25 -27.84
C HIS E 718 9.67 -42.08 -28.71
N LEU E 719 10.96 -41.91 -28.97
CA LEU E 719 11.38 -40.81 -29.83
C LEU E 719 10.81 -40.96 -31.23
N THR E 720 10.89 -42.16 -31.80
CA THR E 720 10.37 -42.37 -33.14
C THR E 720 8.88 -42.09 -33.21
N GLU E 721 8.15 -42.52 -32.19
CA GLU E 721 6.72 -42.24 -32.15
C GLU E 721 6.47 -40.75 -32.07
N ILE E 722 7.22 -40.05 -31.23
CA ILE E 722 6.99 -38.61 -31.10
C ILE E 722 7.29 -37.92 -32.41
N VAL E 723 8.28 -38.42 -33.14
CA VAL E 723 8.60 -37.83 -34.43
C VAL E 723 7.43 -38.03 -35.39
N SER E 724 6.94 -39.26 -35.49
CA SER E 724 5.80 -39.52 -36.36
C SER E 724 4.64 -38.60 -36.00
N LEU E 725 4.38 -38.44 -34.72
CA LEU E 725 3.27 -37.63 -34.26
C LEU E 725 3.45 -36.16 -34.64
N MET E 726 4.63 -35.62 -34.35
CA MET E 726 4.88 -34.22 -34.66
C MET E 726 4.80 -33.97 -36.15
N SER E 727 5.24 -34.93 -36.96
CA SER E 727 5.17 -34.73 -38.39
C SER E 727 3.73 -34.75 -38.87
N ASP E 728 2.92 -35.67 -38.35
CA ASP E 728 1.51 -35.66 -38.71
C ASP E 728 0.89 -34.32 -38.35
N GLN E 729 1.29 -33.78 -37.21
CA GLN E 729 0.75 -32.50 -36.77
C GLN E 729 1.20 -31.38 -37.69
N LEU E 730 2.43 -31.43 -38.17
CA LEU E 730 2.87 -30.48 -39.20
C LEU E 730 1.99 -30.58 -40.43
N THR E 731 1.82 -31.81 -40.94
CA THR E 731 1.01 -31.99 -42.13
C THR E 731 -0.36 -31.36 -41.95
N LYS E 732 -0.98 -31.60 -40.79
CA LYS E 732 -2.29 -31.02 -40.54
C LYS E 732 -2.22 -29.50 -40.53
N ARG E 733 -1.24 -28.94 -39.84
CA ARG E 733 -1.18 -27.49 -39.73
C ARG E 733 -1.01 -26.84 -41.08
N LEU E 734 0.00 -27.27 -41.83
CA LEU E 734 0.24 -26.66 -43.14
C LEU E 734 -0.84 -27.02 -44.15
N LYS E 735 -1.55 -28.12 -43.92
CA LYS E 735 -2.62 -28.48 -44.85
C LYS E 735 -3.62 -27.35 -44.98
N GLU E 736 -3.93 -26.68 -43.88
CA GLU E 736 -4.85 -25.55 -43.97
C GLU E 736 -4.33 -24.47 -44.90
N GLN E 737 -3.01 -24.35 -45.01
CA GLN E 737 -2.42 -23.32 -45.85
C GLN E 737 -2.16 -23.81 -47.27
N ASP E 738 -2.98 -24.74 -47.76
CA ASP E 738 -2.95 -25.18 -49.15
C ASP E 738 -1.59 -25.75 -49.51
N LEU E 739 -0.99 -26.46 -48.58
CA LEU E 739 0.35 -27.01 -48.79
C LEU E 739 0.32 -28.45 -48.29
N SER E 740 0.38 -29.39 -49.21
CA SER E 740 0.44 -30.79 -48.86
C SER E 740 1.89 -31.18 -48.62
N ILE E 741 2.21 -31.56 -47.39
CA ILE E 741 3.54 -31.99 -47.01
C ILE E 741 3.43 -33.36 -46.37
N GLU E 742 4.21 -34.30 -46.88
CA GLU E 742 4.19 -35.67 -46.38
C GLU E 742 5.63 -36.18 -46.30
N LEU E 743 6.18 -36.16 -45.09
CA LEU E 743 7.53 -36.67 -44.91
C LEU E 743 7.52 -38.19 -45.06
N THR E 744 8.45 -38.72 -45.83
CA THR E 744 8.57 -40.15 -45.96
C THR E 744 9.27 -40.74 -44.75
N ASP E 745 9.08 -42.04 -44.57
CA ASP E 745 9.52 -42.69 -43.35
C ASP E 745 11.02 -42.53 -43.13
N ALA E 746 11.78 -42.43 -44.21
CA ALA E 746 13.22 -42.21 -44.08
C ALA E 746 13.50 -40.84 -43.49
N ALA E 747 12.69 -39.83 -43.81
CA ALA E 747 12.85 -38.51 -43.22
C ALA E 747 12.58 -38.54 -41.73
N LYS E 748 11.55 -39.28 -41.31
CA LYS E 748 11.32 -39.47 -39.89
C LYS E 748 12.52 -40.11 -39.23
N ALA E 749 13.02 -41.20 -39.80
CA ALA E 749 14.18 -41.86 -39.23
C ALA E 749 15.37 -40.90 -39.15
N LYS E 750 15.47 -39.98 -40.10
CA LYS E 750 16.60 -39.06 -40.09
C LYS E 750 16.48 -38.06 -38.96
N VAL E 751 15.35 -37.35 -38.88
CA VAL E 751 15.21 -36.36 -37.83
C VAL E 751 15.30 -37.01 -36.46
N ALA E 752 14.64 -38.17 -36.30
CA ALA E 752 14.75 -38.90 -35.04
C ALA E 752 16.20 -39.26 -34.75
N GLU E 753 16.94 -39.65 -35.78
CA GLU E 753 18.36 -39.87 -35.60
C GLU E 753 19.05 -38.62 -35.09
N GLU E 754 18.60 -37.45 -35.55
CA GLU E 754 19.23 -36.21 -35.14
C GLU E 754 18.97 -35.92 -33.66
N GLY E 755 17.76 -36.20 -33.18
CA GLY E 755 17.42 -35.84 -31.82
C GLY E 755 18.02 -36.79 -30.81
N VAL E 756 19.33 -36.68 -30.57
CA VAL E 756 20.02 -37.58 -29.66
C VAL E 756 20.01 -37.07 -28.23
N ASP E 757 19.51 -35.85 -28.00
CA ASP E 757 19.58 -35.24 -26.67
C ASP E 757 18.49 -35.81 -25.79
N LEU E 758 18.86 -36.73 -24.91
CA LEU E 758 17.95 -37.29 -23.94
C LEU E 758 17.76 -36.39 -22.73
N GLU E 759 18.54 -35.34 -22.62
CA GLU E 759 18.40 -34.44 -21.48
C GLU E 759 17.10 -33.66 -21.57
N TYR E 760 16.77 -33.15 -22.76
CA TYR E 760 15.63 -32.26 -22.91
C TYR E 760 14.40 -32.96 -23.46
N GLY E 761 14.30 -34.27 -23.27
CA GLY E 761 13.05 -34.93 -23.58
C GLY E 761 12.66 -34.79 -25.04
N ALA E 762 11.45 -34.31 -25.26
CA ALA E 762 10.87 -34.30 -26.59
C ALA E 762 10.99 -32.96 -27.29
N ARG E 763 11.59 -31.96 -26.67
CA ARG E 763 11.68 -30.66 -27.30
C ARG E 763 12.68 -30.62 -28.45
N PRO E 764 13.90 -31.14 -28.33
CA PRO E 764 14.82 -31.07 -29.46
C PRO E 764 14.24 -31.55 -30.76
N LEU E 765 13.30 -32.49 -30.73
CA LEU E 765 12.65 -32.89 -31.98
C LEU E 765 11.96 -31.73 -32.64
N ARG E 766 11.25 -30.90 -31.87
CA ARG E 766 10.64 -29.72 -32.45
C ARG E 766 11.69 -28.84 -33.09
N ARG E 767 12.84 -28.72 -32.43
CA ARG E 767 13.93 -27.91 -32.96
C ARG E 767 14.43 -28.47 -34.28
N ALA E 768 14.72 -29.78 -34.30
CA ALA E 768 15.25 -30.39 -35.50
C ALA E 768 14.24 -30.36 -36.63
N ILE E 769 12.96 -30.41 -36.31
CA ILE E 769 11.94 -30.30 -37.35
C ILE E 769 11.95 -28.91 -37.95
N GLN E 770 11.95 -27.89 -37.10
CA GLN E 770 11.99 -26.54 -37.62
C GLN E 770 13.25 -26.31 -38.45
N LYS E 771 14.36 -26.90 -38.04
CA LYS E 771 15.62 -26.65 -38.73
C LYS E 771 15.70 -27.38 -40.06
N HIS E 772 15.53 -28.70 -40.04
CA HIS E 772 15.72 -29.45 -41.27
C HIS E 772 14.52 -29.42 -42.20
N VAL E 773 13.34 -29.11 -41.69
CA VAL E 773 12.14 -29.24 -42.51
C VAL E 773 11.48 -27.90 -42.76
N GLU E 774 11.13 -27.18 -41.70
CA GLU E 774 10.49 -25.89 -41.88
C GLU E 774 11.37 -24.97 -42.72
N ASP E 775 12.69 -25.03 -42.50
CA ASP E 775 13.59 -24.16 -43.23
C ASP E 775 13.55 -24.45 -44.72
N ARG E 776 14.01 -25.64 -45.13
CA ARG E 776 14.08 -25.99 -46.53
C ARG E 776 12.82 -25.55 -47.24
N LEU E 777 11.67 -25.81 -46.62
CA LEU E 777 10.41 -25.42 -47.20
C LEU E 777 10.31 -23.91 -47.36
N SER E 778 10.67 -23.16 -46.32
CA SER E 778 10.52 -21.72 -46.40
C SER E 778 11.48 -21.11 -47.42
N GLU E 779 12.74 -21.52 -47.36
CA GLU E 779 13.74 -21.07 -48.32
C GLU E 779 13.25 -21.31 -49.74
N GLU E 780 12.85 -22.55 -50.05
CA GLU E 780 12.47 -22.86 -51.41
C GLU E 780 11.19 -22.16 -51.81
N LEU E 781 10.20 -22.15 -50.92
CA LEU E 781 8.95 -21.45 -51.21
C LEU E 781 9.20 -19.99 -51.53
N LEU E 782 10.20 -19.39 -50.90
CA LEU E 782 10.52 -18.01 -51.26
C LEU E 782 11.24 -17.94 -52.59
N ARG E 783 12.10 -18.90 -52.89
CA ARG E 783 12.75 -18.90 -54.19
C ARG E 783 11.81 -19.31 -55.30
N GLY E 784 10.56 -19.63 -54.98
CA GLY E 784 9.60 -20.03 -55.98
C GLY E 784 9.77 -21.44 -56.50
N ASN E 785 10.77 -22.18 -56.00
CA ASN E 785 11.00 -23.52 -56.51
C ASN E 785 9.80 -24.43 -56.29
N ILE E 786 9.19 -24.36 -55.11
CA ILE E 786 7.95 -25.09 -54.91
C ILE E 786 6.78 -24.18 -55.26
N HIS E 787 5.62 -24.80 -55.48
CA HIS E 787 4.43 -24.12 -55.94
C HIS E 787 3.31 -24.40 -54.97
N LYS E 788 2.72 -23.35 -54.40
CA LYS E 788 1.62 -23.53 -53.47
C LYS E 788 0.49 -24.29 -54.15
N GLY E 789 -0.14 -25.19 -53.40
CA GLY E 789 -1.19 -26.02 -53.94
C GLY E 789 -0.73 -27.31 -54.59
N GLN E 790 0.58 -27.55 -54.64
CA GLN E 790 1.09 -28.78 -55.21
C GLN E 790 1.36 -29.78 -54.10
N HIS E 791 1.84 -30.95 -54.49
CA HIS E 791 2.19 -32.00 -53.55
C HIS E 791 3.69 -32.00 -53.35
N ILE E 792 4.13 -32.17 -52.10
CA ILE E 792 5.52 -31.97 -51.72
C ILE E 792 5.88 -32.98 -50.65
N VAL E 793 7.01 -33.67 -50.82
CA VAL E 793 7.47 -34.67 -49.86
C VAL E 793 8.91 -34.39 -49.49
N LEU E 794 9.41 -35.17 -48.54
CA LEU E 794 10.81 -35.15 -48.16
C LEU E 794 11.39 -36.56 -48.23
N ASP E 795 12.69 -36.63 -48.47
CA ASP E 795 13.37 -37.91 -48.61
C ASP E 795 14.79 -37.79 -48.08
N VAL E 796 15.50 -38.91 -48.12
CA VAL E 796 16.89 -38.98 -47.72
C VAL E 796 17.70 -39.52 -48.91
N GLU E 797 17.30 -39.13 -50.12
CA GLU E 797 17.81 -39.74 -51.34
C GLU E 797 19.34 -39.82 -51.33
N ASP E 798 19.99 -38.67 -51.19
CA ASP E 798 21.45 -38.62 -51.20
C ASP E 798 22.05 -38.92 -49.84
N GLY E 799 21.33 -39.63 -48.98
CA GLY E 799 21.70 -39.69 -47.59
C GLY E 799 21.37 -38.43 -46.84
N GLU E 800 20.57 -37.54 -47.41
CA GLU E 800 20.28 -36.26 -46.77
C GLU E 800 18.98 -35.73 -47.33
N PHE E 801 18.50 -34.62 -46.76
CA PHE E 801 17.14 -34.16 -46.99
C PHE E 801 16.97 -33.69 -48.42
N VAL E 802 16.12 -34.39 -49.17
CA VAL E 802 15.79 -34.03 -50.55
C VAL E 802 14.32 -33.68 -50.62
N VAL E 803 14.02 -32.56 -51.28
CA VAL E 803 12.65 -32.11 -51.48
C VAL E 803 12.26 -32.41 -52.92
N LYS E 804 11.12 -33.09 -53.09
CA LYS E 804 10.57 -33.28 -54.42
C LYS E 804 9.06 -33.09 -54.40
N THR E 805 8.57 -32.49 -55.48
CA THR E 805 7.16 -32.22 -55.68
C THR E 805 6.63 -33.22 -56.67
N THR E 806 5.81 -34.15 -56.19
CA THR E 806 5.12 -35.05 -57.11
C THR E 806 4.17 -34.28 -58.01
N ALA E 807 3.56 -33.22 -57.49
CA ALA E 807 2.65 -32.37 -58.25
C ALA E 807 1.47 -33.16 -58.80
N ASN F 159 -37.06 29.44 27.03
CA ASN F 159 -38.16 29.33 26.09
C ASN F 159 -38.37 27.90 25.62
N THR F 160 -39.27 27.20 26.31
CA THR F 160 -39.58 25.80 26.04
C THR F 160 -40.11 25.50 24.64
N PRO F 161 -40.92 26.39 24.00
CA PRO F 161 -41.60 25.99 22.76
C PRO F 161 -40.72 25.34 21.70
N THR F 162 -39.69 26.04 21.24
CA THR F 162 -38.93 25.57 20.10
C THR F 162 -38.21 24.27 20.40
N LEU F 163 -37.36 24.27 21.43
CA LEU F 163 -36.58 23.07 21.70
C LEU F 163 -37.44 21.92 22.20
N ASP F 164 -38.64 22.21 22.73
CA ASP F 164 -39.57 21.14 23.04
C ASP F 164 -40.22 20.60 21.77
N SER F 165 -40.37 21.46 20.77
CA SER F 165 -40.74 20.99 19.44
C SER F 165 -39.61 20.22 18.79
N LEU F 166 -38.36 20.43 19.23
CA LEU F 166 -37.27 19.62 18.72
C LEU F 166 -37.37 18.20 19.25
N ALA F 167 -37.34 18.03 20.56
CA ALA F 167 -37.50 16.70 21.14
C ALA F 167 -38.08 16.80 22.52
N ARG F 168 -38.68 15.70 22.96
CA ARG F 168 -39.33 15.67 24.27
C ARG F 168 -38.29 15.64 25.38
N ASP F 169 -38.66 16.23 26.51
CA ASP F 169 -37.79 16.30 27.68
C ASP F 169 -37.89 15.00 28.47
N LEU F 170 -36.78 14.61 29.09
CA LEU F 170 -36.82 13.41 29.92
C LEU F 170 -37.47 13.67 31.27
N THR F 171 -37.32 14.86 31.83
CA THR F 171 -38.00 15.14 33.09
C THR F 171 -39.51 15.20 32.90
N ALA F 172 -39.97 15.54 31.70
CA ALA F 172 -41.39 15.45 31.41
C ALA F 172 -41.90 14.04 31.61
N ILE F 173 -41.15 13.04 31.13
CA ILE F 173 -41.52 11.66 31.39
C ILE F 173 -41.35 11.31 32.86
N ALA F 174 -40.28 11.79 33.48
CA ALA F 174 -40.02 11.47 34.87
C ALA F 174 -41.05 12.07 35.82
N LYS F 175 -41.85 13.03 35.34
CA LYS F 175 -42.92 13.58 36.17
C LYS F 175 -43.77 12.47 36.78
N GLU F 176 -44.37 11.64 35.93
CA GLU F 176 -45.06 10.45 36.40
C GLU F 176 -44.17 9.23 36.39
N ASP F 177 -42.90 9.40 36.01
CA ASP F 177 -41.92 8.31 35.97
C ASP F 177 -42.44 7.14 35.13
N SER F 178 -42.89 7.47 33.91
CA SER F 178 -43.37 6.46 32.97
C SER F 178 -42.34 5.37 32.76
N LEU F 179 -41.08 5.75 32.56
CA LEU F 179 -40.00 4.78 32.46
C LEU F 179 -39.89 3.97 33.74
N ASP F 180 -39.53 2.70 33.60
CA ASP F 180 -39.29 1.90 34.79
C ASP F 180 -38.08 2.42 35.54
N PRO F 181 -38.11 2.46 36.86
CA PRO F 181 -36.91 2.83 37.59
C PRO F 181 -35.80 1.83 37.34
N VAL F 182 -34.64 2.33 36.94
CA VAL F 182 -33.52 1.49 36.58
C VAL F 182 -33.00 0.79 37.83
N ILE F 183 -32.53 -0.44 37.66
CA ILE F 183 -32.10 -1.26 38.78
C ILE F 183 -30.58 -1.24 38.87
N GLY F 184 -30.06 -0.92 40.04
CA GLY F 184 -28.63 -0.81 40.21
C GLY F 184 -28.10 0.40 39.47
N ARG F 185 -26.90 0.25 38.90
CA ARG F 185 -26.24 1.32 38.15
C ARG F 185 -25.98 2.55 39.01
N SER F 186 -26.19 2.44 40.32
CA SER F 186 -26.07 3.60 41.19
C SER F 186 -24.63 4.11 41.21
N LYS F 187 -23.66 3.21 41.21
CA LYS F 187 -22.26 3.62 41.12
C LYS F 187 -21.96 4.28 39.79
N GLU F 188 -22.47 3.72 38.69
CA GLU F 188 -22.20 4.31 37.39
C GLU F 188 -22.90 5.66 37.24
N ILE F 189 -24.13 5.76 37.73
CA ILE F 189 -24.80 7.06 37.71
C ILE F 189 -24.06 8.05 38.59
N GLN F 190 -23.51 7.57 39.71
CA GLN F 190 -22.67 8.43 40.53
C GLN F 190 -21.46 8.93 39.76
N ARG F 191 -20.88 8.06 38.93
CA ARG F 191 -19.79 8.50 38.06
C ARG F 191 -20.27 9.58 37.11
N VAL F 192 -21.46 9.41 36.55
CA VAL F 192 -22.01 10.42 35.66
C VAL F 192 -22.16 11.74 36.40
N ILE F 193 -22.61 11.68 37.65
CA ILE F 193 -22.76 12.91 38.42
C ILE F 193 -21.40 13.54 38.68
N GLU F 194 -20.39 12.71 38.93
CA GLU F 194 -19.04 13.21 39.09
C GLU F 194 -18.62 14.02 37.88
N VAL F 195 -18.73 13.43 36.70
CA VAL F 195 -18.22 14.10 35.51
C VAL F 195 -19.06 15.33 35.19
N LEU F 196 -20.38 15.24 35.34
CA LEU F 196 -21.19 16.42 35.11
C LEU F 196 -20.91 17.52 36.11
N SER F 197 -20.34 17.16 37.26
CA SER F 197 -19.98 18.16 38.24
C SER F 197 -18.74 18.93 37.84
N ARG F 198 -17.87 18.34 37.03
CA ARG F 198 -16.60 18.98 36.70
C ARG F 198 -16.85 20.20 35.82
N ARG F 199 -15.80 20.99 35.61
CA ARG F 199 -15.93 22.18 34.78
C ARG F 199 -15.06 22.19 33.54
N THR F 200 -13.99 21.39 33.51
CA THR F 200 -13.19 21.31 32.30
C THR F 200 -13.78 20.30 31.31
N LYS F 201 -13.75 19.03 31.66
CA LYS F 201 -14.32 17.97 30.82
C LYS F 201 -15.56 17.48 31.55
N ASN F 202 -16.67 18.18 31.32
CA ASN F 202 -17.87 17.98 32.11
C ASN F 202 -18.89 17.09 31.42
N ASN F 203 -19.02 17.20 30.10
CA ASN F 203 -20.04 16.46 29.38
C ASN F 203 -19.54 15.07 28.98
N PRO F 204 -20.09 14.00 29.52
CA PRO F 204 -19.51 12.68 29.31
C PRO F 204 -20.04 11.99 28.08
N VAL F 205 -19.49 10.83 27.78
CA VAL F 205 -20.01 9.97 26.73
C VAL F 205 -20.01 8.55 27.24
N LEU F 206 -21.15 7.89 27.18
CA LEU F 206 -21.31 6.54 27.72
C LEU F 206 -20.93 5.53 26.65
N ILE F 207 -19.90 4.75 26.93
CA ILE F 207 -19.42 3.73 26.00
C ILE F 207 -19.92 2.38 26.45
N GLY F 208 -20.48 1.63 25.51
CA GLY F 208 -20.93 0.27 25.79
C GLY F 208 -21.51 -0.36 24.55
N GLU F 209 -21.70 -1.67 24.63
CA GLU F 209 -22.34 -2.37 23.54
C GLU F 209 -23.81 -1.98 23.47
N PRO F 210 -24.47 -2.24 22.34
CA PRO F 210 -25.90 -1.91 22.25
C PRO F 210 -26.74 -2.75 23.19
N GLY F 211 -27.86 -2.17 23.61
CA GLY F 211 -28.78 -2.88 24.47
C GLY F 211 -28.29 -3.13 25.87
N VAL F 212 -27.09 -2.68 26.23
CA VAL F 212 -26.60 -2.85 27.59
C VAL F 212 -27.29 -1.90 28.56
N GLY F 213 -28.01 -0.91 28.05
CA GLY F 213 -28.74 -0.04 28.93
C GLY F 213 -28.00 1.24 29.21
N LYS F 214 -27.32 1.76 28.21
CA LYS F 214 -26.63 3.03 28.39
C LYS F 214 -27.63 4.17 28.54
N THR F 215 -28.62 4.22 27.65
CA THR F 215 -29.68 5.22 27.78
C THR F 215 -30.51 5.01 29.03
N ALA F 216 -30.59 3.78 29.52
CA ALA F 216 -31.24 3.55 30.81
C ALA F 216 -30.52 4.31 31.91
N ILE F 217 -29.21 4.47 31.79
CA ILE F 217 -28.47 5.22 32.79
C ILE F 217 -28.84 6.69 32.74
N ALA F 218 -28.95 7.25 31.54
CA ALA F 218 -29.42 8.63 31.43
C ALA F 218 -30.83 8.78 31.97
N GLU F 219 -31.66 7.76 31.78
CA GLU F 219 -33.03 7.85 32.29
C GLU F 219 -33.05 7.85 33.81
N GLY F 220 -32.38 6.88 34.42
CA GLY F 220 -32.23 6.90 35.87
C GLY F 220 -31.57 8.16 36.37
N LEU F 221 -30.73 8.76 35.55
CA LEU F 221 -30.16 10.06 35.92
C LEU F 221 -31.24 11.11 36.00
N ALA F 222 -32.09 11.20 34.98
CA ALA F 222 -33.19 12.15 35.05
C ALA F 222 -34.06 11.86 36.27
N GLN F 223 -34.21 10.59 36.61
CA GLN F 223 -34.96 10.22 37.80
C GLN F 223 -34.31 10.81 39.05
N GLN F 224 -33.02 10.53 39.24
CA GLN F 224 -32.31 11.08 40.40
C GLN F 224 -32.24 12.59 40.35
N ILE F 225 -32.48 13.18 39.18
CA ILE F 225 -32.55 14.63 39.06
C ILE F 225 -33.85 15.14 39.64
N ILE F 226 -34.96 14.47 39.31
CA ILE F 226 -36.24 14.85 39.87
C ILE F 226 -36.20 14.76 41.39
N ASN F 227 -35.53 13.75 41.92
CA ASN F 227 -35.36 13.61 43.35
C ASN F 227 -34.26 14.56 43.83
N ASN F 228 -33.76 14.33 45.04
CA ASN F 228 -32.76 15.19 45.62
C ASN F 228 -31.36 14.58 45.63
N GLU F 229 -31.20 13.38 45.06
CA GLU F 229 -29.89 12.74 45.07
C GLU F 229 -28.85 13.62 44.39
N VAL F 230 -29.27 14.44 43.44
CA VAL F 230 -28.35 15.30 42.70
C VAL F 230 -27.93 16.46 43.58
N PRO F 231 -26.67 16.87 43.55
CA PRO F 231 -26.27 18.06 44.30
C PRO F 231 -26.87 19.34 43.74
N GLU F 232 -26.54 20.47 44.34
CA GLU F 232 -27.24 21.71 44.05
C GLU F 232 -26.81 22.32 42.73
N ILE F 233 -25.53 22.26 42.39
CA ILE F 233 -25.07 22.86 41.14
C ILE F 233 -25.79 22.24 39.96
N LEU F 234 -26.01 20.93 40.00
CA LEU F 234 -26.75 20.26 38.95
C LEU F 234 -28.25 20.28 39.18
N ARG F 235 -28.72 20.90 40.26
CA ARG F 235 -30.14 21.01 40.48
C ARG F 235 -30.77 21.89 39.40
N ASP F 236 -32.06 21.68 39.16
CA ASP F 236 -32.80 22.41 38.13
C ASP F 236 -32.13 22.23 36.77
N LYS F 237 -32.12 21.00 36.30
CA LYS F 237 -31.51 20.66 35.02
C LYS F 237 -32.45 19.73 34.26
N ARG F 238 -32.92 20.19 33.11
CA ARG F 238 -33.83 19.42 32.28
C ARG F 238 -33.03 18.64 31.26
N VAL F 239 -33.16 17.33 31.27
CA VAL F 239 -32.46 16.47 30.33
C VAL F 239 -33.38 16.20 29.14
N MET F 240 -32.88 16.50 27.95
CA MET F 240 -33.69 16.35 26.76
C MET F 240 -33.00 15.44 25.75
N THR F 241 -33.52 15.37 24.54
CA THR F 241 -32.92 14.57 23.48
C THR F 241 -33.06 15.36 22.18
N LEU F 242 -32.96 14.67 21.06
CA LEU F 242 -32.95 15.32 19.75
C LEU F 242 -33.70 14.46 18.74
N ASP F 243 -34.73 15.03 18.12
CA ASP F 243 -35.42 14.39 17.00
C ASP F 243 -34.95 15.07 15.72
N MET F 244 -34.03 14.40 15.02
CA MET F 244 -33.49 14.96 13.78
C MET F 244 -34.54 15.07 12.69
N GLY F 245 -35.62 14.30 12.77
CA GLY F 245 -36.65 14.35 11.76
C GLY F 245 -37.59 15.53 11.90
N THR F 246 -38.15 15.72 13.09
CA THR F 246 -39.18 16.75 13.28
C THR F 246 -38.60 18.16 13.21
N VAL F 247 -37.31 18.32 13.44
CA VAL F 247 -36.70 19.63 13.37
C VAL F 247 -36.26 19.91 11.94
N GLY F 255 -32.41 23.67 4.48
CA GLY F 255 -32.73 25.05 4.24
C GLY F 255 -33.23 25.78 5.48
N GLU F 256 -34.07 25.10 6.27
CA GLU F 256 -34.64 25.68 7.47
C GLU F 256 -34.27 24.94 8.73
N PHE F 257 -33.90 23.66 8.65
CA PHE F 257 -33.50 22.92 9.84
C PHE F 257 -32.36 23.64 10.56
N GLU F 258 -31.45 24.25 9.80
CA GLU F 258 -30.40 25.03 10.43
C GLU F 258 -30.99 26.20 11.21
N ASP F 259 -32.04 26.83 10.67
CA ASP F 259 -32.67 27.94 11.38
C ASP F 259 -33.26 27.47 12.70
N ARG F 260 -34.00 26.36 12.66
CA ARG F 260 -34.60 25.85 13.89
C ARG F 260 -33.54 25.42 14.88
N LEU F 261 -32.46 24.80 14.41
CA LEU F 261 -31.42 24.33 15.32
C LEU F 261 -30.68 25.50 15.95
N LYS F 262 -30.44 26.55 15.16
CA LYS F 262 -29.83 27.76 15.74
C LYS F 262 -30.76 28.40 16.75
N LYS F 263 -32.07 28.35 16.50
CA LYS F 263 -33.03 28.81 17.49
C LYS F 263 -32.89 28.00 18.77
N VAL F 264 -32.77 26.68 18.65
CA VAL F 264 -32.54 25.84 19.80
C VAL F 264 -31.31 26.30 20.55
N MET F 265 -30.26 26.67 19.83
CA MET F 265 -29.05 27.14 20.48
C MET F 265 -29.29 28.46 21.19
N ASP F 266 -30.13 29.32 20.62
CA ASP F 266 -30.51 30.54 21.33
C ASP F 266 -31.16 30.20 22.66
N GLU F 267 -32.09 29.24 22.66
CA GLU F 267 -32.72 28.89 23.93
C GLU F 267 -31.74 28.23 24.89
N ILE F 268 -30.75 27.50 24.38
CA ILE F 268 -29.72 26.97 25.26
C ILE F 268 -28.96 28.11 25.91
N ARG F 269 -28.70 29.18 25.16
CA ARG F 269 -28.07 30.36 25.73
C ARG F 269 -28.98 31.06 26.73
N GLN F 270 -30.30 30.98 26.53
CA GLN F 270 -31.24 31.65 27.42
C GLN F 270 -31.11 31.11 28.84
N ALA F 271 -31.38 29.84 29.03
CA ALA F 271 -31.29 29.19 30.32
C ALA F 271 -30.15 28.18 30.28
N GLY F 272 -29.16 28.37 31.14
CA GLY F 272 -28.04 27.46 31.18
C GLY F 272 -28.25 26.28 32.11
N ASN F 273 -29.39 25.61 31.97
CA ASN F 273 -29.72 24.49 32.84
C ASN F 273 -30.34 23.34 32.06
N ILE F 274 -29.93 23.18 30.81
CA ILE F 274 -30.55 22.23 29.91
C ILE F 274 -29.46 21.23 29.52
N ILE F 275 -29.31 20.18 30.32
CA ILE F 275 -28.37 19.13 29.98
C ILE F 275 -28.96 18.31 28.84
N LEU F 276 -28.33 18.38 27.69
CA LEU F 276 -28.92 17.68 26.55
C LEU F 276 -28.38 16.25 26.51
N PHE F 277 -29.10 15.38 25.83
CA PHE F 277 -28.65 14.01 25.65
C PHE F 277 -28.58 13.68 24.17
N ILE F 278 -27.58 12.90 23.78
CA ILE F 278 -27.36 12.50 22.40
C ILE F 278 -27.10 11.02 22.36
N ASP F 279 -27.97 10.28 21.70
CA ASP F 279 -27.66 8.92 21.31
C ASP F 279 -27.00 8.95 19.93
N ALA F 280 -26.21 7.92 19.66
CA ALA F 280 -25.50 7.80 18.39
C ALA F 280 -24.73 9.09 18.10
N LEU F 281 -23.88 9.43 19.06
CA LEU F 281 -23.22 10.73 19.03
C LEU F 281 -22.26 10.85 17.86
N HIS F 282 -21.65 9.73 17.45
CA HIS F 282 -20.68 9.78 16.37
C HIS F 282 -21.33 10.21 15.07
N THR F 283 -22.46 9.60 14.72
CA THR F 283 -23.13 9.96 13.48
C THR F 283 -23.82 11.31 13.56
N LEU F 284 -23.85 11.94 14.72
CA LEU F 284 -24.41 13.27 14.82
C LEU F 284 -23.37 14.36 14.60
N ILE F 285 -22.14 14.14 15.09
CA ILE F 285 -21.07 15.12 14.94
C ILE F 285 -19.79 14.45 14.49
N ASP F 295 -24.14 19.10 8.91
CA ASP F 295 -25.28 18.70 9.72
C ASP F 295 -25.35 19.51 10.99
N ALA F 296 -25.67 18.84 12.10
CA ALA F 296 -25.82 19.55 13.36
C ALA F 296 -24.47 19.98 13.92
N SER F 297 -23.43 19.15 13.71
CA SER F 297 -22.10 19.49 14.20
C SER F 297 -21.73 20.92 13.81
N ASN F 298 -22.16 21.35 12.63
CA ASN F 298 -21.87 22.69 12.12
C ASN F 298 -22.10 23.77 13.15
N ILE F 299 -23.06 23.58 14.05
CA ILE F 299 -23.27 24.54 15.14
C ILE F 299 -23.23 23.89 16.51
N LEU F 300 -23.08 22.57 16.59
CA LEU F 300 -22.96 21.97 17.91
C LEU F 300 -21.52 22.02 18.40
N LYS F 301 -20.61 21.41 17.64
CA LYS F 301 -19.17 21.49 17.94
C LYS F 301 -18.68 22.91 18.18
N PRO F 302 -19.08 23.92 17.42
CA PRO F 302 -18.74 25.29 17.85
C PRO F 302 -19.37 25.63 19.18
N SER F 303 -20.65 25.33 19.35
CA SER F 303 -21.33 25.70 20.59
C SER F 303 -20.77 24.94 21.77
N LEU F 304 -20.23 23.75 21.54
CA LEU F 304 -19.49 23.08 22.60
C LEU F 304 -18.30 23.92 23.06
N ALA F 305 -17.53 24.44 22.12
CA ALA F 305 -16.34 25.19 22.48
C ALA F 305 -16.70 26.42 23.30
N ARG F 306 -17.68 27.18 22.83
CA ARG F 306 -18.12 28.35 23.58
C ARG F 306 -18.61 27.94 24.96
N GLY F 307 -19.31 26.83 25.05
CA GLY F 307 -19.74 26.28 26.32
C GLY F 307 -21.25 26.29 26.45
N GLU F 308 -21.69 25.76 27.59
CA GLU F 308 -23.09 25.73 28.01
C GLU F 308 -23.95 24.88 27.09
N LEU F 309 -23.36 23.88 26.46
CA LEU F 309 -24.12 22.84 25.78
C LEU F 309 -24.00 21.50 26.48
N GLN F 310 -23.72 21.51 27.78
CA GLN F 310 -23.41 20.30 28.51
C GLN F 310 -24.40 19.20 28.19
N CYS F 311 -23.89 18.07 27.70
CA CYS F 311 -24.74 17.01 27.18
C CYS F 311 -24.15 15.68 27.60
N ILE F 312 -24.82 14.61 27.21
CA ILE F 312 -24.36 13.26 27.48
C ILE F 312 -24.33 12.54 26.14
N GLY F 313 -23.43 11.59 26.00
CA GLY F 313 -23.24 10.87 24.75
C GLY F 313 -23.37 9.37 24.95
N ALA F 314 -24.01 8.72 23.98
CA ALA F 314 -24.17 7.26 24.03
C ALA F 314 -23.71 6.68 22.70
N THR F 315 -22.49 6.13 22.67
CA THR F 315 -22.02 5.39 21.52
C THR F 315 -21.37 4.07 21.92
N THR F 316 -20.76 3.40 20.96
CA THR F 316 -20.09 2.13 21.19
C THR F 316 -18.64 2.43 21.56
N LEU F 317 -17.80 1.40 21.60
CA LEU F 317 -16.38 1.61 21.80
C LEU F 317 -15.71 2.10 20.52
N ASP F 318 -15.81 1.31 19.44
CA ASP F 318 -15.12 1.65 18.20
C ASP F 318 -15.57 3.00 17.68
N GLU F 319 -16.84 3.33 17.85
CA GLU F 319 -17.30 4.64 17.42
C GLU F 319 -16.76 5.73 18.35
N TYR F 320 -16.50 5.39 19.61
CA TYR F 320 -15.80 6.35 20.44
C TYR F 320 -14.37 6.55 19.97
N ARG F 321 -13.76 5.52 19.40
CA ARG F 321 -12.44 5.71 18.80
C ARG F 321 -12.54 6.63 17.59
N LYS F 322 -13.54 6.38 16.74
CA LYS F 322 -13.83 7.26 15.62
C LYS F 322 -14.05 8.70 16.10
N TYR F 323 -14.59 8.86 17.30
CA TYR F 323 -14.77 10.20 17.82
C TYR F 323 -13.46 10.82 18.28
N ILE F 324 -12.72 10.11 19.14
CA ILE F 324 -11.48 10.67 19.68
C ILE F 324 -10.46 10.91 18.58
N GLU F 325 -10.63 10.29 17.40
CA GLU F 325 -9.84 10.71 16.25
C GLU F 325 -10.11 12.15 15.85
N LYS F 326 -11.04 12.83 16.51
CA LYS F 326 -11.16 14.29 16.45
C LYS F 326 -10.63 14.92 17.72
N ASP F 327 -9.57 14.34 18.29
CA ASP F 327 -9.09 14.79 19.59
C ASP F 327 -8.72 16.27 19.59
N ALA F 328 -8.51 16.84 18.41
CA ALA F 328 -8.03 18.22 18.32
C ALA F 328 -8.94 19.16 19.09
N ALA F 329 -10.23 19.15 18.81
CA ALA F 329 -11.16 20.06 19.46
C ALA F 329 -12.19 19.36 20.31
N LEU F 330 -12.17 18.02 20.39
CA LEU F 330 -13.23 17.27 21.03
C LEU F 330 -12.74 16.37 22.15
N GLU F 331 -11.45 16.06 22.21
CA GLU F 331 -10.95 15.28 23.32
C GLU F 331 -10.92 16.09 24.61
N ARG F 332 -10.63 17.39 24.49
CA ARG F 332 -10.53 18.21 25.69
C ARG F 332 -11.85 18.23 26.44
N ARG F 333 -12.96 18.25 25.71
CA ARG F 333 -14.24 18.53 26.37
C ARG F 333 -14.91 17.25 26.86
N PHE F 334 -14.91 16.19 26.06
CA PHE F 334 -15.66 14.99 26.39
C PHE F 334 -14.94 14.15 27.44
N GLN F 335 -15.61 13.06 27.86
CA GLN F 335 -15.12 12.17 28.92
C GLN F 335 -15.68 10.77 28.78
N PRO F 336 -14.87 9.73 28.92
CA PRO F 336 -15.36 8.36 28.76
C PRO F 336 -15.91 7.76 30.03
N ILE F 337 -16.99 6.99 29.88
CA ILE F 337 -17.59 6.29 31.01
C ILE F 337 -17.96 4.88 30.56
N GLN F 338 -17.12 3.91 30.86
CA GLN F 338 -17.36 2.56 30.37
C GLN F 338 -18.57 1.95 31.05
N VAL F 339 -19.58 1.58 30.26
CA VAL F 339 -20.82 1.00 30.75
C VAL F 339 -20.96 -0.38 30.15
N ASP F 340 -21.02 -1.40 31.00
CA ASP F 340 -20.85 -2.79 30.58
C ASP F 340 -22.01 -3.64 31.06
N GLN F 341 -22.00 -4.90 30.64
CA GLN F 341 -23.10 -5.82 30.90
C GLN F 341 -23.33 -5.95 32.40
N PRO F 342 -24.58 -5.97 32.85
CA PRO F 342 -24.84 -6.39 34.22
C PRO F 342 -24.52 -7.87 34.37
N SER F 343 -24.25 -8.27 35.61
CA SER F 343 -23.94 -9.67 35.82
C SER F 343 -25.16 -10.54 35.52
N VAL F 344 -24.87 -11.78 35.12
CA VAL F 344 -25.92 -12.78 34.94
C VAL F 344 -26.72 -12.94 36.22
N ASP F 345 -26.11 -12.63 37.36
CA ASP F 345 -26.86 -12.56 38.60
C ASP F 345 -27.64 -11.25 38.69
N GLU F 346 -26.95 -10.12 38.48
CA GLU F 346 -27.57 -8.81 38.59
C GLU F 346 -28.78 -8.68 37.69
N SER F 347 -28.73 -9.31 36.52
CA SER F 347 -29.84 -9.21 35.58
C SER F 347 -31.11 -9.77 36.18
N ILE F 348 -30.99 -10.75 37.06
CA ILE F 348 -32.16 -11.35 37.68
C ILE F 348 -32.90 -10.32 38.51
N GLN F 349 -32.16 -9.55 39.31
CA GLN F 349 -32.80 -8.50 40.10
C GLN F 349 -33.29 -7.38 39.20
N ILE F 350 -32.57 -7.09 38.12
CA ILE F 350 -33.06 -6.14 37.13
C ILE F 350 -34.48 -6.51 36.71
N LEU F 351 -34.62 -7.72 36.19
CA LEU F 351 -35.91 -8.16 35.66
C LEU F 351 -36.95 -8.23 36.78
N GLN F 352 -36.60 -8.86 37.90
CA GLN F 352 -37.50 -8.94 39.04
C GLN F 352 -38.00 -7.56 39.45
N GLY F 353 -37.18 -6.54 39.24
CA GLY F 353 -37.64 -5.19 39.48
C GLY F 353 -38.60 -4.74 38.42
N LEU F 354 -38.30 -5.02 37.16
CA LEU F 354 -39.10 -4.47 36.07
C LEU F 354 -40.07 -5.48 35.45
N ARG F 355 -40.12 -6.71 35.96
CA ARG F 355 -41.08 -7.68 35.44
C ARG F 355 -42.51 -7.23 35.65
N ASP F 356 -42.72 -6.27 36.55
CA ASP F 356 -44.06 -5.79 36.85
C ASP F 356 -44.70 -5.12 35.64
N ARG F 357 -43.95 -4.26 34.94
CA ARG F 357 -44.56 -3.46 33.90
C ARG F 357 -45.10 -4.32 32.76
N TYR F 358 -44.31 -5.30 32.32
CA TYR F 358 -44.75 -6.14 31.22
C TYR F 358 -45.92 -7.02 31.64
N GLU F 359 -45.85 -7.60 32.83
CA GLU F 359 -46.94 -8.46 33.27
C GLU F 359 -48.23 -7.67 33.41
N ALA F 360 -48.11 -6.39 33.75
CA ALA F 360 -49.27 -5.51 33.69
C ALA F 360 -49.75 -5.33 32.25
N HIS F 361 -48.83 -5.01 31.35
CA HIS F 361 -49.21 -4.74 29.95
C HIS F 361 -49.96 -5.91 29.34
N HIS F 362 -49.41 -7.11 29.45
CA HIS F 362 -49.98 -8.30 28.84
C HIS F 362 -51.05 -8.96 29.69
N ARG F 363 -51.29 -8.47 30.91
CA ARG F 363 -52.28 -9.05 31.82
C ARG F 363 -51.95 -10.51 32.13
N VAL F 364 -50.68 -10.77 32.40
CA VAL F 364 -50.20 -12.08 32.83
C VAL F 364 -49.37 -11.88 34.09
N SER F 365 -48.74 -12.96 34.54
CA SER F 365 -47.81 -12.89 35.66
C SER F 365 -46.60 -13.76 35.34
N ILE F 366 -45.45 -13.32 35.81
CA ILE F 366 -44.17 -13.92 35.44
C ILE F 366 -43.51 -14.50 36.69
N THR F 367 -43.32 -15.81 36.69
CA THR F 367 -42.65 -16.45 37.81
C THR F 367 -41.17 -16.17 37.75
N ASP F 368 -40.55 -16.08 38.93
CA ASP F 368 -39.15 -15.67 39.01
C ASP F 368 -38.21 -16.76 38.54
N ASP F 369 -38.60 -18.03 38.68
CA ASP F 369 -37.82 -19.10 38.08
C ASP F 369 -37.81 -18.97 36.57
N ALA F 370 -38.94 -18.56 35.98
CA ALA F 370 -38.96 -18.29 34.55
C ALA F 370 -37.98 -17.18 34.19
N ILE F 371 -37.87 -16.17 35.05
CA ILE F 371 -36.95 -15.06 34.80
C ILE F 371 -35.50 -15.55 34.85
N GLU F 372 -35.13 -16.28 35.89
CA GLU F 372 -33.76 -16.76 35.98
C GLU F 372 -33.44 -17.69 34.82
N ALA F 373 -34.42 -18.50 34.40
CA ALA F 373 -34.19 -19.41 33.28
C ALA F 373 -34.02 -18.64 31.98
N ALA F 374 -34.81 -17.59 31.79
CA ALA F 374 -34.66 -16.76 30.60
C ALA F 374 -33.28 -16.13 30.57
N VAL F 375 -32.80 -15.65 31.72
CA VAL F 375 -31.45 -15.08 31.75
C VAL F 375 -30.41 -16.14 31.46
N LYS F 376 -30.60 -17.35 32.00
CA LYS F 376 -29.60 -18.39 31.84
C LYS F 376 -29.58 -18.95 30.43
N LEU F 377 -30.69 -18.85 29.70
CA LEU F 377 -30.68 -19.23 28.29
C LEU F 377 -30.27 -18.08 27.39
N SER F 378 -30.43 -16.84 27.85
CA SER F 378 -29.99 -15.70 27.07
C SER F 378 -28.48 -15.60 27.06
N ASP F 379 -27.85 -15.68 28.23
CA ASP F 379 -26.40 -15.52 28.26
C ASP F 379 -25.69 -16.66 27.55
N ARG F 380 -26.37 -17.80 27.36
CA ARG F 380 -25.75 -18.98 26.79
C ARG F 380 -26.11 -19.19 25.32
N TYR F 381 -27.39 -19.30 25.01
CA TYR F 381 -27.82 -19.89 23.75
C TYR F 381 -28.17 -18.89 22.67
N ILE F 382 -27.99 -17.59 22.88
CA ILE F 382 -28.33 -16.64 21.83
C ILE F 382 -27.08 -15.84 21.42
N SER F 383 -26.43 -15.19 22.39
CA SER F 383 -25.11 -14.59 22.23
C SER F 383 -25.04 -13.46 21.21
N ASP F 384 -26.11 -13.22 20.45
CA ASP F 384 -26.05 -12.21 19.40
C ASP F 384 -26.15 -10.81 19.99
N ARG F 385 -27.03 -10.63 20.96
CA ARG F 385 -27.26 -9.35 21.61
C ARG F 385 -26.66 -9.41 23.00
N PHE F 386 -26.93 -8.40 23.81
CA PHE F 386 -26.29 -8.28 25.12
C PHE F 386 -27.33 -8.17 26.22
N LEU F 387 -26.85 -8.38 27.45
CA LEU F 387 -27.70 -8.21 28.61
C LEU F 387 -27.94 -6.73 28.84
N PRO F 388 -29.12 -6.36 29.37
CA PRO F 388 -30.25 -7.23 29.69
C PRO F 388 -31.23 -7.31 28.54
N ASP F 389 -30.84 -6.76 27.40
CA ASP F 389 -31.73 -6.75 26.23
C ASP F 389 -32.22 -8.14 25.89
N LYS F 390 -31.31 -9.12 25.89
CA LYS F 390 -31.68 -10.49 25.60
C LYS F 390 -32.86 -10.94 26.48
N ALA F 391 -32.64 -10.89 27.79
CA ALA F 391 -33.63 -11.42 28.72
C ALA F 391 -34.92 -10.63 28.66
N ILE F 392 -34.84 -9.32 28.52
CA ILE F 392 -36.07 -8.53 28.47
C ILE F 392 -36.87 -8.89 27.23
N ASP F 393 -36.19 -9.06 26.10
CA ASP F 393 -36.90 -9.48 24.90
C ASP F 393 -37.56 -10.83 25.12
N LEU F 394 -36.86 -11.75 25.76
CA LEU F 394 -37.45 -13.07 25.99
C LEU F 394 -38.68 -12.97 26.87
N ILE F 395 -38.60 -12.16 27.92
CA ILE F 395 -39.74 -11.98 28.80
C ILE F 395 -40.93 -11.47 28.00
N ASP F 396 -40.70 -10.49 27.12
CA ASP F 396 -41.82 -9.93 26.38
C ASP F 396 -42.36 -10.90 25.34
N GLU F 397 -41.48 -11.68 24.71
CA GLU F 397 -41.97 -12.65 23.73
C GLU F 397 -42.82 -13.71 24.41
N ALA F 398 -42.41 -14.16 25.60
CA ALA F 398 -43.25 -15.10 26.34
C ALA F 398 -44.55 -14.45 26.77
N GLY F 399 -44.48 -13.21 27.26
CA GLY F 399 -45.67 -12.55 27.70
C GLY F 399 -46.63 -12.17 26.60
N SER F 400 -46.22 -12.30 25.35
CA SER F 400 -47.16 -12.18 24.24
C SER F 400 -47.62 -13.54 23.73
N LYS F 401 -46.71 -14.52 23.70
CA LYS F 401 -47.09 -15.86 23.26
C LYS F 401 -48.14 -16.46 24.16
N VAL F 402 -47.96 -16.37 25.47
CA VAL F 402 -48.92 -16.97 26.39
C VAL F 402 -50.25 -16.25 26.29
N ARG F 403 -50.22 -14.93 26.13
CA ARG F 403 -51.46 -14.19 25.93
C ARG F 403 -52.22 -14.70 24.72
N LEU F 404 -51.55 -14.75 23.57
CA LEU F 404 -52.22 -15.24 22.37
C LEU F 404 -52.67 -16.69 22.55
N ARG F 405 -51.93 -17.48 23.34
CA ARG F 405 -52.36 -18.84 23.63
C ARG F 405 -53.68 -18.83 24.39
N SER F 406 -53.85 -17.90 25.32
CA SER F 406 -55.13 -17.78 26.02
C SER F 406 -56.20 -17.19 25.11
N PHE F 407 -55.96 -15.98 24.60
CA PHE F 407 -56.84 -15.35 23.64
C PHE F 407 -56.02 -14.70 22.54
N SER F 469 -52.02 -17.34 30.90
CA SER F 469 -52.10 -16.83 32.27
C SER F 469 -50.71 -16.63 32.86
N GLU F 470 -50.06 -17.72 33.23
CA GLU F 470 -48.76 -17.69 33.88
C GLU F 470 -47.70 -18.23 32.95
N VAL F 471 -46.61 -17.50 32.80
CA VAL F 471 -45.51 -17.90 31.94
C VAL F 471 -44.54 -18.74 32.75
N THR F 472 -43.87 -19.69 32.10
CA THR F 472 -43.02 -20.61 32.81
C THR F 472 -41.76 -20.88 31.99
N VAL F 473 -40.91 -21.78 32.52
CA VAL F 473 -39.68 -22.14 31.84
C VAL F 473 -39.97 -22.79 30.50
N ASP F 474 -41.10 -23.50 30.40
CA ASP F 474 -41.45 -24.17 29.16
C ASP F 474 -41.58 -23.17 28.03
N ASP F 475 -42.33 -22.09 28.25
CA ASP F 475 -42.50 -21.10 27.20
C ASP F 475 -41.18 -20.45 26.84
N ILE F 476 -40.31 -20.23 27.82
CA ILE F 476 -39.05 -19.56 27.54
C ILE F 476 -38.15 -20.46 26.70
N ALA F 477 -38.05 -21.73 27.08
CA ALA F 477 -37.31 -22.68 26.26
C ALA F 477 -37.89 -22.73 24.85
N MET F 478 -39.22 -22.67 24.73
CA MET F 478 -39.83 -22.74 23.41
C MET F 478 -39.49 -21.50 22.58
N VAL F 479 -39.54 -20.31 23.18
CA VAL F 479 -39.29 -19.12 22.38
C VAL F 479 -37.81 -19.02 22.04
N VAL F 480 -36.92 -19.48 22.92
CA VAL F 480 -35.52 -19.55 22.54
C VAL F 480 -35.31 -20.53 21.40
N SER F 481 -35.97 -21.69 21.46
CA SER F 481 -35.86 -22.66 20.39
C SER F 481 -36.33 -22.07 19.08
N SER F 482 -37.41 -21.28 19.12
CA SER F 482 -37.87 -20.60 17.93
C SER F 482 -36.85 -19.58 17.44
N TRP F 483 -36.18 -18.90 18.37
CA TRP F 483 -35.19 -17.91 18.00
C TRP F 483 -34.00 -18.54 17.30
N THR F 484 -33.24 -19.35 18.04
CA THR F 484 -31.96 -19.83 17.55
C THR F 484 -32.11 -21.03 16.64
N GLY F 485 -33.13 -21.85 16.85
CA GLY F 485 -33.37 -22.99 16.00
C GLY F 485 -32.91 -24.31 16.56
N VAL F 486 -32.46 -24.33 17.81
CA VAL F 486 -32.06 -25.57 18.46
C VAL F 486 -33.31 -26.25 19.01
N PRO F 487 -33.33 -27.57 19.18
CA PRO F 487 -34.52 -28.23 19.72
C PRO F 487 -34.71 -27.93 21.19
N VAL F 488 -35.97 -27.71 21.57
CA VAL F 488 -36.30 -27.36 22.94
C VAL F 488 -35.82 -28.43 23.91
N SER F 489 -35.83 -29.69 23.48
CA SER F 489 -35.35 -30.76 24.35
C SER F 489 -33.88 -30.57 24.69
N LYS F 490 -33.06 -30.26 23.69
CA LYS F 490 -31.65 -30.07 23.95
C LYS F 490 -31.41 -28.85 24.82
N ILE F 491 -32.26 -27.84 24.70
CA ILE F 491 -32.21 -26.71 25.62
C ILE F 491 -32.55 -27.16 27.03
N ALA F 492 -33.43 -28.15 27.15
CA ALA F 492 -34.04 -28.48 28.42
C ALA F 492 -33.18 -29.45 29.22
N GLN F 493 -33.03 -30.68 28.73
CA GLN F 493 -32.54 -31.73 29.60
C GLN F 493 -31.04 -31.72 29.81
N THR F 494 -30.28 -31.25 28.85
CA THR F 494 -28.84 -31.48 28.85
C THR F 494 -28.07 -30.76 29.98
N GLU F 495 -28.70 -30.25 31.06
CA GLU F 495 -27.94 -29.48 32.04
C GLU F 495 -26.99 -30.36 32.84
N THR F 496 -27.43 -31.53 33.31
CA THR F 496 -26.63 -32.31 34.23
C THR F 496 -26.69 -33.80 33.90
N ASP F 497 -27.36 -34.18 32.82
CA ASP F 497 -27.47 -35.57 32.43
C ASP F 497 -26.76 -35.90 31.12
N LYS F 498 -26.51 -34.89 30.28
CA LYS F 498 -25.74 -35.11 29.07
C LYS F 498 -24.34 -35.62 29.37
N LEU F 499 -23.84 -35.33 30.57
CA LEU F 499 -22.52 -35.79 30.96
C LEU F 499 -22.47 -37.32 31.02
N LEU F 500 -23.62 -37.95 31.26
CA LEU F 500 -23.67 -39.41 31.24
C LEU F 500 -23.54 -39.94 29.83
N ASN F 501 -24.23 -39.31 28.88
CA ASN F 501 -24.19 -39.76 27.50
C ASN F 501 -22.85 -39.44 26.85
N MET F 502 -22.14 -38.46 27.39
CA MET F 502 -20.92 -38.00 26.76
C MET F 502 -19.88 -39.09 26.70
N GLU F 503 -19.69 -39.81 27.80
CA GLU F 503 -18.66 -40.85 27.81
C GLU F 503 -19.03 -41.99 26.90
N ASN F 504 -20.32 -42.30 26.76
CA ASN F 504 -20.74 -43.32 25.80
C ASN F 504 -20.40 -42.86 24.39
N ILE F 505 -20.68 -41.60 24.08
CA ILE F 505 -20.40 -41.08 22.75
C ILE F 505 -18.90 -41.15 22.47
N LEU F 506 -18.08 -40.71 23.42
CA LEU F 506 -16.64 -40.74 23.24
C LEU F 506 -16.13 -42.17 23.07
N HIS F 507 -16.57 -43.06 23.97
CA HIS F 507 -16.20 -44.47 23.91
C HIS F 507 -16.56 -45.10 22.57
N SER F 508 -17.71 -44.71 22.02
CA SER F 508 -18.16 -45.22 20.72
C SER F 508 -18.52 -44.02 19.86
N ARG F 509 -17.49 -43.31 19.40
CA ARG F 509 -17.54 -42.50 18.19
C ARG F 509 -16.27 -42.56 17.39
N VAL F 510 -15.14 -42.88 18.03
CA VAL F 510 -13.86 -43.08 17.39
C VAL F 510 -13.38 -44.47 17.79
N ILE F 511 -12.62 -45.09 16.90
CA ILE F 511 -12.21 -46.47 17.07
C ILE F 511 -10.73 -46.47 17.42
N GLY F 512 -10.36 -47.25 18.42
CA GLY F 512 -9.05 -47.10 18.99
C GLY F 512 -9.08 -46.06 20.10
N GLN F 513 -7.87 -45.69 20.53
CA GLN F 513 -7.66 -44.74 21.63
C GLN F 513 -8.60 -45.02 22.79
N ASP F 514 -8.61 -46.28 23.21
CA ASP F 514 -9.48 -46.76 24.28
C ASP F 514 -9.22 -46.01 25.59
N GLU F 515 -8.01 -46.13 26.13
CA GLU F 515 -7.70 -45.44 27.36
C GLU F 515 -7.74 -43.94 27.19
N ALA F 516 -7.66 -43.45 25.95
CA ALA F 516 -7.70 -42.02 25.71
C ALA F 516 -9.08 -41.45 26.02
N VAL F 517 -10.13 -42.09 25.50
CA VAL F 517 -11.47 -41.60 25.82
C VAL F 517 -11.75 -41.75 27.31
N VAL F 518 -11.28 -42.84 27.92
CA VAL F 518 -11.41 -42.97 29.37
C VAL F 518 -10.76 -41.77 30.05
N ALA F 519 -9.54 -41.43 29.62
CA ALA F 519 -8.81 -40.35 30.23
C ALA F 519 -9.59 -39.04 30.14
N VAL F 520 -9.93 -38.64 28.91
CA VAL F 520 -10.55 -37.33 28.72
C VAL F 520 -11.93 -37.29 29.36
N ALA F 521 -12.70 -38.38 29.23
CA ALA F 521 -14.03 -38.42 29.83
C ALA F 521 -13.94 -38.22 31.33
N LYS F 522 -13.06 -38.99 31.99
CA LYS F 522 -12.80 -38.72 33.39
C LYS F 522 -12.45 -37.26 33.60
N ALA F 523 -11.61 -36.70 32.74
CA ALA F 523 -11.08 -35.36 32.96
C ALA F 523 -12.18 -34.31 32.99
N VAL F 524 -13.00 -34.27 31.93
CA VAL F 524 -13.99 -33.21 31.84
C VAL F 524 -15.01 -33.34 32.95
N ARG F 525 -15.33 -34.56 33.36
CA ARG F 525 -16.18 -34.74 34.52
C ARG F 525 -15.53 -34.15 35.77
N ARG F 526 -14.20 -34.19 35.86
CA ARG F 526 -13.53 -33.56 36.97
C ARG F 526 -13.70 -32.04 36.92
N ALA F 527 -13.51 -31.45 35.75
CA ALA F 527 -13.54 -29.99 35.66
C ALA F 527 -14.98 -29.47 35.58
N ARG F 528 -15.71 -29.86 34.54
CA ARG F 528 -17.02 -29.28 34.29
C ARG F 528 -18.00 -29.65 35.41
N ALA F 529 -18.20 -30.94 35.62
CA ALA F 529 -19.05 -31.37 36.72
C ALA F 529 -18.49 -30.91 38.06
N GLY F 530 -17.17 -30.95 38.21
CA GLY F 530 -16.57 -30.54 39.46
C GLY F 530 -16.68 -29.05 39.70
N LEU F 531 -16.60 -28.68 40.97
CA LEU F 531 -16.55 -27.26 41.36
C LEU F 531 -15.08 -26.89 41.47
N LYS F 532 -14.48 -26.59 40.32
CA LYS F 532 -13.05 -26.39 40.19
C LYS F 532 -12.81 -25.54 38.97
N ASP F 533 -11.63 -24.92 38.91
CA ASP F 533 -11.22 -24.11 37.77
C ASP F 533 -12.24 -23.06 37.38
N PRO F 534 -12.68 -22.21 38.31
CA PRO F 534 -13.71 -21.24 37.94
C PRO F 534 -13.21 -20.20 36.95
N LYS F 535 -11.96 -19.78 37.11
CA LYS F 535 -11.42 -18.73 36.26
C LYS F 535 -10.95 -19.29 34.93
N ARG F 536 -10.23 -20.40 34.94
CA ARG F 536 -9.69 -20.98 33.72
C ARG F 536 -10.81 -21.53 32.87
N PRO F 537 -10.52 -21.91 31.62
CA PRO F 537 -11.52 -22.62 30.82
C PRO F 537 -11.57 -24.08 31.20
N ILE F 538 -12.27 -24.92 30.43
CA ILE F 538 -12.35 -26.34 30.79
C ILE F 538 -10.96 -26.94 30.98
N GLY F 539 -9.99 -26.52 30.21
CA GLY F 539 -8.60 -26.85 30.47
C GLY F 539 -7.91 -27.45 29.27
N SER F 540 -6.62 -27.70 29.45
CA SER F 540 -5.74 -28.10 28.37
C SER F 540 -5.78 -29.59 28.12
N PHE F 541 -5.66 -29.98 26.85
CA PHE F 541 -5.52 -31.38 26.47
C PHE F 541 -4.52 -31.42 25.31
N ILE F 542 -3.27 -31.69 25.62
CA ILE F 542 -2.27 -31.82 24.56
C ILE F 542 -2.30 -33.25 24.05
N PHE F 543 -2.73 -33.43 22.80
CA PHE F 543 -2.84 -34.75 22.22
C PHE F 543 -1.49 -35.16 21.63
N LEU F 544 -0.98 -36.31 22.04
CA LEU F 544 0.32 -36.78 21.63
C LEU F 544 0.22 -38.12 20.94
N GLY F 545 1.24 -38.43 20.15
CA GLY F 545 1.27 -39.65 19.38
C GLY F 545 1.46 -39.35 17.92
N PRO F 546 1.20 -40.33 17.06
CA PRO F 546 1.29 -40.10 15.61
C PRO F 546 0.11 -39.27 15.13
N THR F 547 0.42 -38.19 14.41
CA THR F 547 -0.60 -37.34 13.84
C THR F 547 -1.31 -38.05 12.69
N GLY F 548 -2.64 -38.07 12.75
CA GLY F 548 -3.40 -38.74 11.71
C GLY F 548 -3.87 -40.12 12.10
N VAL F 549 -4.45 -40.23 13.29
CA VAL F 549 -5.01 -41.47 13.79
C VAL F 549 -6.39 -41.30 14.37
N GLY F 550 -6.85 -40.07 14.58
CA GLY F 550 -8.16 -39.83 15.15
C GLY F 550 -8.19 -38.66 16.10
N LYS F 551 -7.09 -37.91 16.17
CA LYS F 551 -7.04 -36.74 17.03
C LYS F 551 -8.13 -35.74 16.67
N THR F 552 -8.12 -35.26 15.42
CA THR F 552 -9.16 -34.36 14.96
C THR F 552 -10.53 -34.99 15.09
N GLU F 553 -10.62 -36.30 14.87
CA GLU F 553 -11.91 -36.98 14.97
C GLU F 553 -12.36 -37.09 16.42
N LEU F 554 -11.43 -37.40 17.34
CA LEU F 554 -11.79 -37.37 18.75
C LEU F 554 -12.24 -35.98 19.15
N ALA F 555 -11.55 -34.96 18.67
CA ALA F 555 -11.92 -33.60 18.99
C ALA F 555 -13.34 -33.30 18.53
N ARG F 556 -13.67 -33.65 17.29
CA ARG F 556 -15.01 -33.36 16.78
C ARG F 556 -16.06 -34.16 17.54
N ALA F 557 -15.76 -35.41 17.89
CA ALA F 557 -16.70 -36.21 18.65
C ALA F 557 -16.95 -35.60 20.02
N LEU F 558 -15.91 -35.07 20.64
CA LEU F 558 -16.10 -34.42 21.92
C LEU F 558 -16.90 -33.15 21.76
N ALA F 559 -16.63 -32.39 20.69
CA ALA F 559 -17.39 -31.18 20.41
C ALA F 559 -18.87 -31.49 20.32
N GLU F 560 -19.22 -32.46 19.48
CA GLU F 560 -20.61 -32.90 19.40
C GLU F 560 -21.13 -33.35 20.76
N SER F 561 -20.28 -33.98 21.57
CA SER F 561 -20.75 -34.51 22.84
C SER F 561 -21.19 -33.40 23.77
N ILE F 562 -20.27 -32.50 24.11
CA ILE F 562 -20.54 -31.55 25.17
C ILE F 562 -21.41 -30.42 24.68
N PHE F 563 -21.20 -29.96 23.44
CA PHE F 563 -21.92 -28.81 22.91
C PHE F 563 -22.78 -29.14 21.70
N GLY F 564 -22.50 -30.22 20.99
CA GLY F 564 -23.32 -30.60 19.87
C GLY F 564 -22.89 -29.94 18.58
N ASP F 565 -23.70 -30.21 17.56
CA ASP F 565 -23.67 -29.50 16.27
C ASP F 565 -22.46 -29.81 15.43
N GLU F 566 -21.42 -30.42 16.01
CA GLU F 566 -20.17 -30.67 15.30
C GLU F 566 -19.55 -29.38 14.80
N GLU F 567 -20.16 -28.24 15.16
CA GLU F 567 -19.68 -26.92 14.76
C GLU F 567 -19.12 -26.12 15.93
N SER F 568 -19.05 -26.70 17.11
CA SER F 568 -18.42 -26.03 18.23
C SER F 568 -16.89 -26.00 18.09
N MET F 569 -16.31 -26.82 17.23
CA MET F 569 -14.86 -26.93 17.14
C MET F 569 -14.30 -25.89 16.20
N ILE F 570 -13.41 -25.06 16.73
CA ILE F 570 -12.63 -24.12 15.93
C ILE F 570 -11.23 -24.69 15.79
N ARG F 571 -10.66 -24.59 14.60
CA ARG F 571 -9.33 -25.11 14.33
C ARG F 571 -8.39 -23.96 13.99
N ILE F 572 -7.19 -24.00 14.54
CA ILE F 572 -6.14 -23.04 14.24
C ILE F 572 -4.90 -23.82 13.85
N ASP F 573 -4.54 -23.77 12.58
CA ASP F 573 -3.41 -24.51 12.03
C ASP F 573 -2.12 -23.79 12.38
N MET F 574 -1.48 -24.24 13.46
CA MET F 574 -0.28 -23.57 13.93
C MET F 574 0.92 -23.74 13.00
N SER F 575 0.83 -24.63 12.01
CA SER F 575 1.88 -24.65 10.99
C SER F 575 1.94 -23.35 10.22
N GLU F 576 0.81 -22.68 10.02
CA GLU F 576 0.82 -21.37 9.40
C GLU F 576 1.48 -20.33 10.27
N TYR F 577 1.50 -20.54 11.59
CA TYR F 577 2.10 -19.61 12.52
C TYR F 577 3.57 -19.90 12.75
N MET F 578 4.22 -20.55 11.78
CA MET F 578 5.66 -20.83 11.83
C MET F 578 6.49 -19.55 11.79
N GLU F 579 5.85 -18.38 11.76
CA GLU F 579 6.54 -17.11 11.78
C GLU F 579 6.24 -16.38 13.07
N LYS F 580 7.24 -15.71 13.61
CA LYS F 580 7.08 -14.97 14.85
C LYS F 580 6.32 -13.67 14.67
N HIS F 581 6.01 -13.29 13.44
CA HIS F 581 5.12 -12.18 13.16
C HIS F 581 3.69 -12.63 12.92
N SER F 582 3.48 -13.91 12.58
CA SER F 582 2.16 -14.41 12.24
C SER F 582 1.14 -14.07 13.31
N THR F 583 1.56 -13.95 14.57
CA THR F 583 0.66 -13.49 15.62
C THR F 583 -0.01 -12.17 15.29
N SER F 584 0.54 -11.42 14.32
CA SER F 584 -0.13 -10.22 13.86
C SER F 584 -1.55 -10.51 13.39
N ARG F 585 -1.72 -11.56 12.59
CA ARG F 585 -3.08 -11.85 12.15
C ARG F 585 -3.96 -12.36 13.27
N LEU F 586 -3.38 -12.61 14.44
CA LEU F 586 -4.17 -12.73 15.64
C LEU F 586 -4.59 -11.37 16.16
N VAL F 587 -3.70 -10.38 16.04
CA VAL F 587 -3.94 -9.02 16.50
C VAL F 587 -3.99 -8.05 15.32
N GLY F 599 -8.48 -9.49 14.50
CA GLY F 599 -7.79 -10.29 13.50
C GLY F 599 -8.63 -11.47 13.06
N GLY F 600 -8.48 -11.85 11.80
CA GLY F 600 -9.30 -12.91 11.25
C GLY F 600 -8.85 -14.30 11.65
N GLN F 601 -8.84 -14.56 12.94
CA GLN F 601 -8.34 -15.83 13.47
C GLN F 601 -9.15 -16.17 14.72
N LEU F 602 -8.60 -17.05 15.55
CA LEU F 602 -9.30 -17.56 16.73
C LEU F 602 -9.98 -16.46 17.54
N THR F 603 -9.42 -15.25 17.54
CA THR F 603 -10.02 -14.16 18.29
C THR F 603 -11.43 -13.86 17.80
N GLU F 604 -11.59 -13.66 16.49
CA GLU F 604 -12.93 -13.45 15.95
C GLU F 604 -13.82 -14.67 16.17
N LYS F 605 -13.24 -15.87 16.12
CA LYS F 605 -14.02 -17.08 16.27
C LYS F 605 -14.66 -17.15 17.65
N VAL F 606 -13.84 -17.02 18.70
CA VAL F 606 -14.40 -17.01 20.04
C VAL F 606 -15.23 -15.76 20.28
N ARG F 607 -14.97 -14.68 19.54
CA ARG F 607 -15.82 -13.51 19.62
C ARG F 607 -17.23 -13.84 19.14
N ARG F 608 -17.34 -14.68 18.11
CA ARG F 608 -18.64 -14.99 17.52
C ARG F 608 -19.43 -15.96 18.40
N LYS F 609 -18.74 -16.88 19.07
CA LYS F 609 -19.40 -17.90 19.88
C LYS F 609 -18.52 -18.25 21.07
N PRO F 610 -18.83 -17.74 22.25
CA PRO F 610 -18.09 -18.18 23.44
C PRO F 610 -18.68 -19.45 24.02
N TYR F 611 -19.01 -20.39 23.14
CA TYR F 611 -19.65 -21.64 23.53
C TYR F 611 -19.23 -22.67 22.48
N SER F 612 -18.07 -23.28 22.69
CA SER F 612 -17.37 -23.88 21.56
C SER F 612 -16.13 -24.63 22.05
N VAL F 613 -15.52 -25.37 21.12
CA VAL F 613 -14.26 -26.06 21.34
C VAL F 613 -13.21 -25.41 20.45
N VAL F 614 -11.96 -25.41 20.90
CA VAL F 614 -10.86 -24.87 20.12
C VAL F 614 -9.73 -25.88 20.08
N LEU F 615 -9.22 -26.15 18.87
CA LEU F 615 -8.16 -27.13 18.66
C LEU F 615 -6.97 -26.45 18.00
N LEU F 616 -5.78 -26.68 18.55
CA LEU F 616 -4.54 -26.16 18.00
C LEU F 616 -3.70 -27.33 17.53
N ASP F 617 -3.53 -27.44 16.22
CA ASP F 617 -2.74 -28.52 15.63
C ASP F 617 -1.41 -28.00 15.12
N ALA F 618 -0.38 -28.84 15.28
CA ALA F 618 1.00 -28.48 14.95
C ALA F 618 1.48 -27.31 15.81
N ILE F 619 1.13 -27.35 17.09
CA ILE F 619 1.59 -26.34 18.04
C ILE F 619 3.11 -26.32 18.13
N GLU F 620 3.76 -27.46 17.88
CA GLU F 620 5.22 -27.48 17.85
C GLU F 620 5.76 -26.50 16.83
N LYS F 621 5.03 -26.29 15.74
CA LYS F 621 5.41 -25.32 14.72
C LYS F 621 5.25 -23.88 15.19
N ALA F 622 4.74 -23.65 16.39
CA ALA F 622 4.59 -22.30 16.90
C ALA F 622 5.95 -21.75 17.31
N HIS F 623 5.93 -20.54 17.84
CA HIS F 623 7.13 -19.84 18.25
C HIS F 623 6.94 -19.27 19.65
N PRO F 624 8.02 -19.03 20.37
CA PRO F 624 7.91 -18.65 21.78
C PRO F 624 7.02 -17.45 22.06
N ASP F 625 6.80 -16.58 21.08
CA ASP F 625 5.94 -15.43 21.29
C ASP F 625 4.46 -15.81 21.21
N VAL F 626 4.04 -16.45 20.12
CA VAL F 626 2.68 -16.98 20.07
C VAL F 626 2.50 -18.03 21.15
N PHE F 627 3.58 -18.70 21.54
CA PHE F 627 3.51 -19.68 22.61
C PHE F 627 3.20 -19.01 23.94
N ASN F 628 3.91 -17.93 24.27
CA ASN F 628 3.59 -17.17 25.47
C ASN F 628 2.18 -16.61 25.40
N ILE F 629 1.73 -16.24 24.21
CA ILE F 629 0.36 -15.78 24.02
C ILE F 629 -0.63 -16.85 24.48
N LEU F 630 -0.55 -18.02 23.85
CA LEU F 630 -1.46 -19.10 24.22
C LEU F 630 -1.23 -19.59 25.64
N LEU F 631 -0.05 -19.35 26.21
CA LEU F 631 0.19 -19.75 27.59
C LEU F 631 -0.59 -18.86 28.55
N GLN F 632 -0.50 -17.54 28.39
CA GLN F 632 -1.31 -16.67 29.23
C GLN F 632 -2.80 -16.85 28.95
N VAL F 633 -3.17 -17.24 27.73
CA VAL F 633 -4.55 -17.64 27.49
C VAL F 633 -4.92 -18.82 28.38
N LEU F 634 -4.25 -19.95 28.18
CA LEU F 634 -4.48 -21.14 29.00
C LEU F 634 -4.47 -20.79 30.49
N GLU F 635 -3.77 -19.72 30.86
CA GLU F 635 -3.85 -19.24 32.23
C GLU F 635 -5.23 -18.67 32.54
N ASP F 636 -5.74 -17.82 31.68
CA ASP F 636 -7.05 -17.23 31.95
C ASP F 636 -7.98 -17.14 30.76
N GLY F 637 -7.53 -17.57 29.57
CA GLY F 637 -8.31 -17.41 28.37
C GLY F 637 -8.41 -15.99 27.87
N ARG F 638 -8.09 -15.01 28.71
CA ARG F 638 -8.26 -13.61 28.36
C ARG F 638 -7.14 -13.24 27.39
N LEU F 639 -7.48 -13.19 26.12
CA LEU F 639 -6.62 -12.58 25.11
C LEU F 639 -7.21 -11.23 24.73
N THR F 640 -6.37 -10.33 24.25
CA THR F 640 -6.76 -8.98 23.91
C THR F 640 -6.05 -8.57 22.62
N ASP F 641 -6.76 -8.65 21.49
CA ASP F 641 -6.13 -8.47 20.18
C ASP F 641 -6.87 -7.41 19.38
N SER F 642 -6.10 -6.47 18.83
CA SER F 642 -6.50 -5.47 17.84
C SER F 642 -7.37 -4.34 18.40
N LYS F 643 -7.91 -4.52 19.59
CA LYS F 643 -8.55 -3.41 20.27
C LYS F 643 -8.39 -3.50 21.78
N GLY F 644 -7.58 -4.41 22.28
CA GLY F 644 -7.60 -4.68 23.71
C GLY F 644 -8.84 -5.38 24.18
N ARG F 645 -9.52 -6.08 23.26
CA ARG F 645 -10.78 -6.73 23.59
C ARG F 645 -10.55 -7.83 24.63
N THR F 646 -11.08 -7.63 25.83
CA THR F 646 -10.93 -8.60 26.91
C THR F 646 -11.86 -9.79 26.65
N VAL F 647 -11.48 -10.59 25.66
CA VAL F 647 -12.32 -11.72 25.29
C VAL F 647 -12.22 -12.80 26.36
N ASP F 648 -13.37 -13.36 26.71
CA ASP F 648 -13.48 -14.34 27.79
C ASP F 648 -13.41 -15.75 27.22
N PHE F 649 -12.80 -16.65 27.97
CA PHE F 649 -12.80 -18.07 27.63
C PHE F 649 -13.55 -18.77 28.76
N ARG F 650 -14.87 -18.76 28.65
CA ARG F 650 -15.75 -19.26 29.70
C ARG F 650 -15.92 -20.77 29.61
N ASN F 651 -16.46 -21.25 28.49
CA ASN F 651 -16.74 -22.66 28.30
C ASN F 651 -16.00 -23.23 27.10
N THR F 652 -14.96 -22.55 26.65
CA THR F 652 -14.19 -23.09 25.55
C THR F 652 -13.37 -24.30 26.00
N ILE F 653 -12.91 -25.06 25.03
CA ILE F 653 -11.98 -26.16 25.26
C ILE F 653 -10.68 -25.80 24.57
N LEU F 654 -9.57 -26.05 25.25
CA LEU F 654 -8.25 -25.84 24.67
C LEU F 654 -7.60 -27.20 24.53
N ILE F 655 -7.50 -27.69 23.30
CA ILE F 655 -6.89 -28.96 23.01
C ILE F 655 -5.76 -28.73 22.01
N MET F 656 -4.54 -29.01 22.44
CA MET F 656 -3.38 -28.84 21.58
C MET F 656 -2.96 -30.20 21.04
N THR F 657 -2.51 -30.20 19.80
CA THR F 657 -2.15 -31.42 19.12
C THR F 657 -0.78 -31.27 18.48
N SER F 658 0.06 -32.27 18.65
CA SER F 658 1.37 -32.30 18.01
C SER F 658 1.96 -33.70 18.19
N ASN F 659 3.15 -33.90 17.63
CA ASN F 659 3.87 -35.16 17.71
C ASN F 659 5.25 -34.89 18.31
N VAL F 660 5.38 -35.13 19.60
CA VAL F 660 6.71 -35.25 20.19
C VAL F 660 7.17 -36.71 20.22
N GLY F 661 6.23 -37.65 20.25
CA GLY F 661 6.57 -39.05 20.20
C GLY F 661 7.28 -39.40 18.91
N ALA F 662 6.54 -39.41 17.81
CA ALA F 662 7.13 -39.59 16.48
C ALA F 662 8.13 -40.73 16.40
N HIS F 682 5.58 -48.29 25.15
CA HIS F 682 4.64 -47.91 26.20
C HIS F 682 5.31 -47.05 27.26
N LYS F 683 5.83 -47.69 28.31
CA LYS F 683 6.43 -46.95 29.42
C LYS F 683 7.61 -46.12 28.96
N ASP F 684 8.44 -46.67 28.08
CA ASP F 684 9.52 -45.89 27.50
C ASP F 684 8.97 -44.66 26.76
N MET F 685 7.87 -44.84 26.03
CA MET F 685 7.17 -43.70 25.46
C MET F 685 6.54 -42.83 26.54
N LYS F 686 5.99 -43.47 27.58
CA LYS F 686 5.42 -42.74 28.70
C LYS F 686 6.43 -41.78 29.31
N ASP F 687 7.71 -42.10 29.21
CA ASP F 687 8.76 -41.22 29.70
C ASP F 687 9.22 -40.22 28.65
N LYS F 688 9.44 -40.70 27.43
CA LYS F 688 9.95 -39.83 26.38
C LYS F 688 9.00 -38.68 26.10
N VAL F 689 7.70 -38.87 26.29
CA VAL F 689 6.77 -37.78 26.04
C VAL F 689 7.09 -36.60 26.95
N MET F 690 7.17 -36.83 28.26
CA MET F 690 7.56 -35.74 29.15
C MET F 690 8.96 -35.25 28.83
N GLY F 691 9.83 -36.16 28.41
CA GLY F 691 11.18 -35.78 28.04
C GLY F 691 11.16 -34.68 27.01
N GLU F 692 10.55 -34.96 25.86
CA GLU F 692 10.52 -33.97 24.79
C GLU F 692 9.56 -32.83 25.06
N LEU F 693 8.63 -32.95 26.00
CA LEU F 693 7.87 -31.76 26.38
C LEU F 693 8.73 -30.79 27.16
N LYS F 694 9.23 -31.20 28.32
CA LYS F 694 10.11 -30.35 29.11
C LYS F 694 11.37 -29.97 28.33
N ARG F 695 11.67 -30.70 27.26
CA ARG F 695 12.82 -30.43 26.43
C ARG F 695 12.52 -29.56 25.22
N ALA F 696 11.25 -29.48 24.80
CA ALA F 696 10.86 -28.73 23.62
C ALA F 696 10.31 -27.35 23.95
N PHE F 697 9.86 -27.12 25.18
CA PHE F 697 9.33 -25.84 25.60
C PHE F 697 9.31 -25.81 27.13
N ARG F 698 8.78 -24.74 27.69
CA ARG F 698 8.91 -24.51 29.12
C ARG F 698 8.01 -25.46 29.92
N PRO F 699 8.41 -25.80 31.14
CA PRO F 699 7.59 -26.69 31.96
C PRO F 699 6.36 -26.04 32.54
N GLU F 700 6.32 -24.72 32.65
CA GLU F 700 5.14 -24.07 33.20
C GLU F 700 3.93 -24.31 32.32
N PHE F 701 4.11 -24.27 31.00
CA PHE F 701 3.00 -24.51 30.09
C PHE F 701 2.47 -25.93 30.24
N ILE F 702 3.36 -26.89 30.49
CA ILE F 702 2.93 -28.22 30.86
C ILE F 702 2.15 -28.18 32.16
N ASN F 703 2.61 -27.38 33.12
CA ASN F 703 2.01 -27.38 34.44
C ASN F 703 0.62 -26.78 34.45
N ARG F 704 0.25 -26.03 33.40
CA ARG F 704 -1.15 -25.67 33.18
C ARG F 704 -1.88 -26.82 32.48
N ILE F 705 -1.81 -27.98 33.11
CA ILE F 705 -2.42 -29.19 32.61
C ILE F 705 -3.85 -29.26 33.12
N ASP F 706 -4.76 -29.66 32.24
CA ASP F 706 -6.00 -30.27 32.70
C ASP F 706 -5.87 -31.78 32.60
N GLU F 707 -5.48 -32.27 31.42
CA GLU F 707 -5.16 -33.68 31.23
C GLU F 707 -4.38 -33.80 29.93
N ILE F 708 -3.55 -34.82 29.84
CA ILE F 708 -2.74 -35.06 28.66
C ILE F 708 -3.14 -36.40 28.06
N ILE F 709 -3.60 -36.37 26.82
CA ILE F 709 -4.12 -37.54 26.12
C ILE F 709 -3.04 -38.03 25.17
N VAL F 710 -2.55 -39.24 25.39
CA VAL F 710 -1.52 -39.82 24.54
C VAL F 710 -1.95 -41.22 24.10
N PHE F 711 -1.93 -41.44 22.80
CA PHE F 711 -2.14 -42.76 22.21
C PHE F 711 -0.96 -43.07 21.31
N HIS F 712 -0.30 -44.19 21.56
CA HIS F 712 0.89 -44.53 20.79
C HIS F 712 0.57 -45.46 19.63
N SER F 713 0.00 -46.62 19.94
CA SER F 713 -0.37 -47.56 18.89
C SER F 713 -1.36 -46.90 17.93
N LEU F 714 -1.12 -47.10 16.64
CA LEU F 714 -1.98 -46.58 15.60
C LEU F 714 -2.59 -47.65 14.72
N GLU F 715 -2.10 -48.89 14.78
CA GLU F 715 -2.59 -50.00 13.96
C GLU F 715 -3.17 -51.07 14.86
N LYS F 716 -4.39 -51.51 14.57
CA LYS F 716 -5.01 -52.61 15.29
C LYS F 716 -6.21 -53.10 14.48
N LYS F 717 -6.90 -54.10 15.03
CA LYS F 717 -8.21 -54.47 14.50
C LYS F 717 -9.15 -53.27 14.45
N HIS F 718 -9.01 -52.35 15.42
CA HIS F 718 -9.73 -51.08 15.37
C HIS F 718 -9.63 -50.45 13.99
N LEU F 719 -8.43 -50.47 13.42
CA LEU F 719 -8.22 -49.92 12.09
C LEU F 719 -9.19 -50.51 11.08
N THR F 720 -9.28 -51.84 11.04
CA THR F 720 -10.21 -52.49 10.12
C THR F 720 -11.62 -52.01 10.35
N GLU F 721 -12.00 -51.85 11.63
CA GLU F 721 -13.34 -51.35 11.93
C GLU F 721 -13.56 -50.00 11.28
N ILE F 722 -12.57 -49.11 11.36
CA ILE F 722 -12.69 -47.81 10.72
C ILE F 722 -13.03 -48.00 9.26
N VAL F 723 -12.33 -48.92 8.60
CA VAL F 723 -12.59 -49.17 7.19
C VAL F 723 -14.02 -49.60 6.99
N SER F 724 -14.50 -50.50 7.86
CA SER F 724 -15.90 -50.86 7.83
C SER F 724 -16.77 -49.62 7.93
N LEU F 725 -16.49 -48.77 8.93
CA LEU F 725 -17.23 -47.51 9.03
C LEU F 725 -17.15 -46.74 7.74
N MET F 726 -15.95 -46.65 7.17
CA MET F 726 -15.79 -45.90 5.93
C MET F 726 -16.63 -46.52 4.82
N SER F 727 -16.61 -47.84 4.72
CA SER F 727 -17.47 -48.49 3.73
C SER F 727 -18.92 -48.08 3.94
N ASP F 728 -19.34 -48.05 5.21
CA ASP F 728 -20.69 -47.62 5.52
C ASP F 728 -20.96 -46.24 4.97
N GLN F 729 -20.00 -45.32 5.15
CA GLN F 729 -20.13 -43.98 4.63
C GLN F 729 -20.35 -44.01 3.13
N LEU F 730 -19.58 -44.84 2.42
CA LEU F 730 -19.73 -44.97 0.98
C LEU F 730 -21.11 -45.49 0.63
N THR F 731 -21.66 -46.37 1.46
CA THR F 731 -23.02 -46.78 1.24
C THR F 731 -23.99 -45.64 1.52
N LYS F 732 -23.70 -44.83 2.54
CA LYS F 732 -24.59 -43.76 2.97
C LYS F 732 -24.91 -42.84 1.81
N ARG F 733 -23.86 -42.18 1.31
CA ARG F 733 -23.98 -41.27 0.19
C ARG F 733 -24.72 -41.87 -1.00
N LEU F 734 -24.74 -43.19 -1.10
CA LEU F 734 -25.50 -43.78 -2.21
C LEU F 734 -26.96 -43.92 -1.86
N LYS F 735 -27.26 -44.48 -0.68
CA LYS F 735 -28.61 -44.43 -0.19
C LYS F 735 -29.13 -43.00 -0.18
N GLU F 736 -28.20 -42.03 -0.14
CA GLU F 736 -28.57 -40.64 -0.34
C GLU F 736 -29.07 -40.40 -1.77
N GLN F 737 -28.20 -40.58 -2.76
CA GLN F 737 -28.63 -40.30 -4.13
C GLN F 737 -29.40 -41.47 -4.72
N ASP F 738 -28.70 -42.55 -5.04
CA ASP F 738 -29.28 -43.88 -5.20
C ASP F 738 -28.16 -44.89 -5.44
N LEU F 739 -28.15 -45.97 -4.68
CA LEU F 739 -27.55 -47.26 -5.02
C LEU F 739 -27.74 -48.15 -3.82
N SER F 740 -27.36 -49.42 -3.96
CA SER F 740 -27.57 -50.39 -2.88
C SER F 740 -26.30 -51.19 -2.67
N ILE F 741 -25.17 -50.50 -2.52
CA ILE F 741 -23.91 -51.19 -2.32
C ILE F 741 -23.86 -51.86 -0.96
N GLU F 742 -23.26 -53.06 -0.93
CA GLU F 742 -22.94 -53.76 0.30
C GLU F 742 -21.59 -54.43 0.09
N LEU F 743 -20.66 -54.15 0.97
CA LEU F 743 -19.35 -54.79 0.92
C LEU F 743 -19.38 -56.04 1.80
N THR F 744 -19.28 -57.21 1.19
CA THR F 744 -19.14 -58.43 1.96
C THR F 744 -17.85 -58.40 2.76
N ASP F 745 -17.93 -58.82 4.03
CA ASP F 745 -16.79 -58.71 4.93
C ASP F 745 -15.57 -59.44 4.41
N ALA F 746 -15.74 -60.44 3.56
CA ALA F 746 -14.59 -61.04 2.91
C ALA F 746 -13.86 -60.01 2.06
N ALA F 747 -14.62 -59.24 1.28
CA ALA F 747 -14.00 -58.17 0.49
C ALA F 747 -13.48 -57.06 1.37
N LYS F 748 -14.19 -56.75 2.46
CA LYS F 748 -13.69 -55.76 3.40
C LYS F 748 -12.33 -56.18 3.96
N ALA F 749 -12.18 -57.47 4.27
CA ALA F 749 -10.90 -57.96 4.76
C ALA F 749 -9.86 -57.96 3.65
N LYS F 750 -10.27 -58.31 2.42
CA LYS F 750 -9.35 -58.25 1.30
C LYS F 750 -8.77 -56.86 1.13
N VAL F 751 -9.62 -55.84 1.23
CA VAL F 751 -9.16 -54.47 1.16
C VAL F 751 -8.30 -54.14 2.37
N ALA F 752 -8.73 -54.57 3.55
CA ALA F 752 -8.08 -54.17 4.78
C ALA F 752 -6.73 -54.84 4.97
N GLU F 753 -6.45 -55.93 4.24
CA GLU F 753 -5.20 -56.65 4.41
C GLU F 753 -3.96 -55.76 4.25
N GLU F 754 -4.14 -54.52 3.81
CA GLU F 754 -3.06 -53.55 3.86
C GLU F 754 -2.76 -53.15 5.30
N GLY F 761 2.68 -50.16 7.70
CA GLY F 761 2.71 -49.40 6.47
C GLY F 761 2.24 -47.97 6.62
N ALA F 762 1.13 -47.65 5.96
CA ALA F 762 0.55 -46.32 6.04
C ALA F 762 -0.94 -46.42 6.34
N ARG F 763 -1.45 -45.39 7.01
CA ARG F 763 -2.83 -45.32 7.44
C ARG F 763 -3.84 -45.03 6.32
N PRO F 764 -3.54 -44.16 5.34
CA PRO F 764 -4.65 -43.77 4.41
C PRO F 764 -5.11 -44.90 3.50
N LEU F 765 -5.97 -45.75 4.07
CA LEU F 765 -6.54 -46.88 3.38
C LEU F 765 -7.77 -46.51 2.57
N ARG F 766 -8.42 -45.38 2.90
CA ARG F 766 -9.54 -44.92 2.08
C ARG F 766 -9.13 -44.76 0.63
N ARG F 767 -7.89 -44.33 0.39
CA ARG F 767 -7.41 -44.27 -0.98
C ARG F 767 -7.51 -45.63 -1.67
N ALA F 768 -7.13 -46.69 -0.96
CA ALA F 768 -7.26 -48.03 -1.51
C ALA F 768 -8.73 -48.42 -1.67
N ILE F 769 -9.56 -47.98 -0.73
CA ILE F 769 -11.01 -48.18 -0.88
C ILE F 769 -11.46 -47.59 -2.20
N GLN F 770 -11.13 -46.33 -2.42
CA GLN F 770 -11.42 -45.66 -3.69
C GLN F 770 -10.97 -46.52 -4.86
N LYS F 771 -9.68 -46.89 -4.87
CA LYS F 771 -9.13 -47.68 -5.94
C LYS F 771 -9.94 -48.94 -6.20
N HIS F 772 -9.99 -49.83 -5.21
CA HIS F 772 -10.56 -51.15 -5.43
C HIS F 772 -12.06 -51.10 -5.70
N VAL F 773 -12.79 -50.28 -4.94
CA VAL F 773 -14.25 -50.31 -5.01
C VAL F 773 -14.78 -49.23 -5.94
N GLU F 774 -14.52 -47.96 -5.60
CA GLU F 774 -15.21 -46.88 -6.27
C GLU F 774 -14.86 -46.86 -7.75
N ASP F 775 -13.56 -46.85 -8.05
CA ASP F 775 -13.13 -46.86 -9.45
C ASP F 775 -13.70 -48.07 -10.18
N ARG F 776 -13.26 -49.26 -9.78
CA ARG F 776 -13.67 -50.48 -10.46
C ARG F 776 -15.16 -50.51 -10.72
N LEU F 777 -15.95 -50.16 -9.70
CA LEU F 777 -17.39 -50.13 -9.86
C LEU F 777 -17.81 -49.11 -10.91
N SER F 778 -17.17 -47.94 -10.94
CA SER F 778 -17.56 -46.94 -11.91
C SER F 778 -17.21 -47.37 -13.33
N GLU F 779 -16.03 -47.94 -13.51
CA GLU F 779 -15.68 -48.50 -14.81
C GLU F 779 -16.69 -49.54 -15.26
N GLU F 780 -17.10 -50.42 -14.34
CA GLU F 780 -18.01 -51.50 -14.73
C GLU F 780 -19.43 -51.01 -14.93
N LEU F 781 -19.83 -49.97 -14.20
CA LEU F 781 -21.15 -49.38 -14.35
C LEU F 781 -21.25 -48.58 -15.64
N LEU F 782 -20.16 -47.94 -16.05
CA LEU F 782 -20.21 -47.15 -17.26
C LEU F 782 -20.51 -48.01 -18.47
N ARG F 783 -20.03 -49.25 -18.48
CA ARG F 783 -20.16 -50.11 -19.64
C ARG F 783 -21.42 -50.97 -19.62
N GLY F 784 -22.22 -50.90 -18.56
CA GLY F 784 -23.53 -51.50 -18.55
C GLY F 784 -23.69 -52.68 -17.61
N ASN F 785 -22.59 -53.23 -17.11
CA ASN F 785 -22.66 -54.39 -16.23
C ASN F 785 -23.36 -54.10 -14.91
N ILE F 786 -23.85 -52.87 -14.72
CA ILE F 786 -24.61 -52.48 -13.55
C ILE F 786 -25.60 -51.40 -13.97
N HIS F 787 -26.79 -51.43 -13.39
CA HIS F 787 -27.74 -50.34 -13.56
C HIS F 787 -28.31 -49.95 -12.21
N LYS F 788 -29.07 -48.87 -12.19
CA LYS F 788 -29.57 -48.33 -10.93
C LYS F 788 -30.59 -49.27 -10.30
N GLY F 789 -30.86 -49.01 -9.03
CA GLY F 789 -31.88 -49.77 -8.31
C GLY F 789 -31.51 -51.23 -8.14
N GLN F 790 -30.23 -51.51 -7.91
CA GLN F 790 -29.76 -52.87 -7.75
C GLN F 790 -28.94 -53.00 -6.49
N HIS F 791 -29.12 -54.11 -5.78
CA HIS F 791 -28.33 -54.40 -4.61
C HIS F 791 -26.97 -54.91 -5.06
N ILE F 792 -25.98 -54.03 -5.02
CA ILE F 792 -24.67 -54.32 -5.56
C ILE F 792 -23.82 -54.89 -4.42
N VAL F 793 -23.73 -56.20 -4.38
CA VAL F 793 -22.90 -56.88 -3.40
C VAL F 793 -21.51 -57.06 -3.98
N LEU F 794 -20.52 -56.54 -3.27
CA LEU F 794 -19.12 -56.72 -3.61
C LEU F 794 -18.55 -57.74 -2.63
N ASP F 795 -18.03 -58.85 -3.17
CA ASP F 795 -17.63 -59.96 -2.33
C ASP F 795 -16.38 -60.63 -2.88
N VAL F 796 -15.61 -61.22 -1.97
CA VAL F 796 -14.45 -62.03 -2.34
C VAL F 796 -14.92 -63.47 -2.45
N GLU F 797 -15.02 -63.96 -3.68
CA GLU F 797 -15.48 -65.32 -3.93
C GLU F 797 -14.34 -66.30 -4.12
N ASP F 798 -13.25 -65.88 -4.78
CA ASP F 798 -12.10 -66.75 -5.01
C ASP F 798 -10.82 -66.11 -4.52
N GLY F 799 -10.91 -65.13 -3.63
CA GLY F 799 -9.77 -64.29 -3.31
C GLY F 799 -9.67 -63.07 -4.20
N GLU F 800 -10.80 -62.52 -4.64
CA GLU F 800 -10.79 -61.47 -5.64
C GLU F 800 -12.18 -60.82 -5.71
N PHE F 801 -12.19 -59.53 -6.03
CA PHE F 801 -13.42 -58.75 -6.02
C PHE F 801 -14.42 -59.26 -7.05
N VAL F 802 -15.65 -59.46 -6.63
CA VAL F 802 -16.74 -59.90 -7.49
C VAL F 802 -17.94 -59.01 -7.23
N VAL F 803 -18.61 -58.60 -8.28
CA VAL F 803 -19.77 -57.73 -8.19
C VAL F 803 -21.02 -58.50 -8.59
N LYS F 804 -22.11 -58.29 -7.85
CA LYS F 804 -23.40 -58.82 -8.26
C LYS F 804 -24.49 -57.82 -7.91
N THR F 805 -25.64 -57.98 -8.56
CA THR F 805 -26.81 -57.15 -8.31
C THR F 805 -27.96 -58.02 -7.85
N THR F 806 -28.71 -57.53 -6.87
CA THR F 806 -29.81 -58.30 -6.30
C THR F 806 -31.13 -57.55 -6.39
N ALA F 807 -31.05 -56.22 -6.35
CA ALA F 807 -32.22 -55.35 -6.47
C ALA F 807 -33.28 -55.68 -5.42
N UNK G 1 -48.68 29.34 -9.27
CA UNK G 1 -48.20 28.16 -8.56
C UNK G 1 -46.94 27.61 -9.23
N UNK G 2 -45.96 27.24 -8.41
CA UNK G 2 -44.72 26.65 -8.90
C UNK G 2 -44.59 25.22 -8.39
N UNK G 3 -43.90 24.39 -9.18
CA UNK G 3 -43.72 22.98 -8.88
C UNK G 3 -42.40 22.74 -8.16
N UNK G 4 -42.29 21.53 -7.58
CA UNK G 4 -41.04 21.10 -6.99
C UNK G 4 -40.14 20.49 -8.05
N UNK G 5 -38.84 20.56 -7.82
CA UNK G 5 -37.86 20.06 -8.76
C UNK G 5 -36.84 19.23 -8.02
N UNK G 6 -36.35 18.18 -8.68
CA UNK G 6 -35.36 17.28 -8.11
C UNK G 6 -34.03 17.54 -8.76
N UNK G 7 -33.01 17.82 -7.95
CA UNK G 7 -31.69 18.22 -8.43
C UNK G 7 -30.76 17.01 -8.47
N UNK G 8 -29.78 17.07 -9.37
CA UNK G 8 -28.91 15.92 -9.62
C UNK G 8 -27.86 15.75 -8.53
N UNK G 9 -27.19 16.84 -8.15
CA UNK G 9 -26.29 16.86 -7.00
C UNK G 9 -25.15 15.83 -7.15
N UNK G 10 -24.19 16.18 -7.99
CA UNK G 10 -23.01 15.36 -8.17
C UNK G 10 -22.27 15.15 -6.87
N UNK G 11 -21.67 13.97 -6.70
CA UNK G 11 -20.99 13.59 -5.48
C UNK G 11 -19.63 12.98 -5.81
N UNK G 12 -18.81 12.78 -4.80
CA UNK G 12 -17.43 12.38 -4.98
C UNK G 12 -17.23 10.90 -4.65
N UNK G 13 -16.08 10.37 -5.04
CA UNK G 13 -15.68 9.00 -4.73
C UNK G 13 -14.17 8.88 -4.83
N UNK G 14 -13.58 8.09 -3.94
CA UNK G 14 -12.12 7.98 -3.85
C UNK G 14 -11.73 6.53 -3.65
N UNK G 15 -10.44 6.25 -3.83
CA UNK G 15 -9.89 4.89 -3.70
C UNK G 15 -8.70 4.92 -2.72
N UNK G 16 -8.09 3.75 -2.55
CA UNK G 16 -6.95 3.62 -1.67
C UNK G 16 -6.00 2.58 -2.26
N UNK G 17 -4.71 2.74 -1.96
CA UNK G 17 -3.68 1.89 -2.54
C UNK G 17 -2.64 1.54 -1.50
N UNK G 18 -2.28 0.27 -1.43
CA UNK G 18 -1.31 -0.22 -0.48
C UNK G 18 0.08 -0.15 -1.09
N UNK G 19 1.10 -0.15 -0.24
CA UNK G 19 2.48 0.00 -0.68
C UNK G 19 3.36 -1.03 0.02
N UNK G 20 3.80 -2.05 -0.69
CA UNK G 20 4.55 -3.14 -0.07
C UNK G 20 5.99 -2.73 0.15
N UNK G 21 6.66 -3.43 1.07
CA UNK G 21 8.04 -3.14 1.42
C UNK G 21 8.81 -4.45 1.55
N UNK G 22 9.70 -4.72 0.62
CA UNK G 22 10.40 -6.00 0.65
C UNK G 22 11.39 -6.05 1.80
N UNK G 23 11.92 -7.23 2.06
CA UNK G 23 12.91 -7.44 3.10
C UNK G 23 14.17 -8.04 2.50
N UNK G 24 15.31 -7.81 3.13
CA UNK G 24 16.59 -8.16 2.51
C UNK G 24 16.82 -9.65 2.46
N UNK G 25 16.31 -10.41 3.43
CA UNK G 25 16.46 -11.87 3.49
C UNK G 25 17.93 -12.28 3.48
N UNK G 26 18.64 -11.86 4.53
CA UNK G 26 20.06 -12.17 4.68
C UNK G 26 20.51 -12.00 6.13
PB ADP H . -3.28 21.08 24.05
O1B ADP H . -1.88 21.57 23.90
O2B ADP H . -4.32 22.01 23.49
O3B ADP H . -3.51 19.63 23.74
PA ADP H . -3.87 22.68 26.15
O1A ADP H . -2.88 23.61 25.54
O2A ADP H . -5.35 22.87 25.90
O3A ADP H . -3.49 21.22 25.63
O5' ADP H . -3.68 22.59 27.75
C5' ADP H . -4.54 21.69 28.43
C4' ADP H . -4.86 22.16 29.84
O4' ADP H . -3.68 22.52 30.55
C3' ADP H . -5.73 23.39 29.78
O3' ADP H . -6.95 23.11 30.45
C2' ADP H . -5.00 24.42 30.58
O2' ADP H . -5.87 25.08 31.48
C1' ADP H . -3.95 23.66 31.36
N9 ADP H . -2.73 24.49 31.53
C8 ADP H . -1.47 24.01 31.58
N7 ADP H . -0.60 25.06 31.73
C5 ADP H . -1.31 26.19 31.82
C6 ADP H . -1.01 27.61 32.01
N6 ADP H . 0.25 28.05 32.13
N1 ADP H . -2.03 28.48 32.05
C2 ADP H . -3.30 28.06 31.92
N3 ADP H . -3.64 26.78 31.75
C4 ADP H . -2.71 25.81 31.68
PB ADP I . 12.77 -20.71 38.95
O1B ADP I . 12.94 -19.34 39.57
O2B ADP I . 13.92 -21.63 39.20
O3B ADP I . 12.28 -20.68 37.53
PA ADP I . 10.12 -20.62 39.74
O1A ADP I . 10.31 -19.25 40.31
O2A ADP I . 9.51 -20.77 38.36
O3A ADP I . 11.54 -21.37 39.76
O5' ADP I . 9.21 -21.43 40.78
C5' ADP I . 8.64 -20.65 41.83
C4' ADP I . 7.92 -21.51 42.84
O4' ADP I . 8.82 -21.83 43.90
C3' ADP I . 6.79 -20.70 43.44
O3' ADP I . 5.60 -21.49 43.41
C2' ADP I . 7.21 -20.43 44.86
O2' ADP I . 6.12 -20.61 45.77
C1' ADP I . 8.27 -21.48 45.17
N9 ADP I . 9.33 -20.90 46.01
C8 ADP I . 10.64 -21.06 45.81
N7 ADP I . 11.36 -20.43 46.76
C5 ADP I . 10.49 -19.84 47.61
C6 ADP I . 10.58 -19.02 48.82
N6 ADP I . 11.78 -18.69 49.33
N1 ADP I . 9.44 -18.61 49.40
C2 ADP I . 8.25 -18.94 48.89
N3 ADP I . 8.09 -19.69 47.79
C4 ADP I . 9.15 -20.16 47.10
PG ATP J . 5.77 29.12 -2.70
O1G ATP J . 4.69 29.47 -3.68
O2G ATP J . 5.37 29.06 -1.24
O3G ATP J . 6.61 27.98 -3.19
PB ATP J . 6.83 31.11 -4.21
O1B ATP J . 5.49 31.73 -4.42
O2B ATP J . 7.36 30.10 -5.18
O3B ATP J . 6.80 30.32 -2.82
PA ATP J . 7.36 33.46 -3.02
O1A ATP J . 6.15 34.11 -3.60
O2A ATP J . 7.27 32.91 -1.64
O3A ATP J . 7.87 32.30 -3.98
O5' ATP J . 8.53 34.54 -3.00
C5' ATP J . 9.48 34.36 -1.97
C4' ATP J . 9.84 35.71 -1.37
O4' ATP J . 11.00 36.19 -2.02
C3' ATP J . 8.74 36.70 -1.60
O3' ATP J . 8.52 37.34 -0.36
C2' ATP J . 9.32 37.71 -2.55
O2' ATP J . 9.02 39.04 -2.12
C1' ATP J . 10.81 37.51 -2.49
N9 ATP J . 11.32 37.54 -3.85
C8 ATP J . 11.52 36.44 -4.59
N7 ATP J . 12.00 36.74 -5.81
C5 ATP J . 12.12 38.08 -5.85
C6 ATP J . 12.57 39.04 -6.86
N6 ATP J . 13.00 38.61 -8.07
N1 ATP J . 12.54 40.33 -6.53
C2 ATP J . 12.11 40.73 -5.32
N3 ATP J . 11.69 39.91 -4.36
C4 ATP J . 11.67 38.59 -4.57
PB ADP K . 37.22 2.37 27.10
O1B ADP K . 38.50 1.95 26.42
O2B ADP K . 36.55 1.21 27.80
O3B ADP K . 36.29 3.09 26.15
PA ADP K . 37.04 4.87 28.59
O1A ADP K . 37.77 5.86 27.74
O2A ADP K . 35.55 4.83 28.51
O3A ADP K . 37.62 3.41 28.25
O5' ADP K . 37.47 5.07 30.12
C5' ADP K . 36.95 6.25 30.76
C4' ADP K . 36.41 5.90 32.13
O4' ADP K . 37.44 6.17 33.12
C3' ADP K . 35.24 6.75 32.62
O3' ADP K . 34.60 6.12 33.73
C2' ADP K . 35.96 8.02 33.05
O2' ADP K . 35.23 8.79 33.98
C1' ADP K . 37.24 7.46 33.67
N9 ADP K . 38.45 8.24 33.40
C8 ADP K . 39.61 7.73 32.90
N7 ADP K . 40.56 8.62 32.76
C5 ADP K . 39.97 9.81 33.17
C6 ADP K . 40.48 11.12 33.24
N6 ADP K . 41.72 11.44 32.90
N1 ADP K . 39.65 12.07 33.72
C2 ADP K . 38.41 11.73 34.07
N3 ADP K . 37.83 10.52 34.04
C4 ADP K . 38.67 9.59 33.58
PG ATP L . -2.97 16.04 -28.80
O1G ATP L . -2.62 16.59 -27.45
O2G ATP L . -2.54 14.64 -29.03
O3G ATP L . -4.35 16.36 -29.28
PB ATP L . -1.36 16.17 -31.11
O1B ATP L . -2.51 15.47 -31.77
O2B ATP L . 0.01 15.51 -30.91
O3B ATP L . -1.99 16.83 -29.78
PA ATP L . -2.25 18.37 -32.43
O1A ATP L . -2.99 17.55 -33.43
O2A ATP L . -2.92 18.92 -31.22
O3A ATP L . -1.04 17.47 -31.95
O5' ATP L . -1.42 19.53 -33.12
C5' ATP L . -0.07 19.73 -32.77
C4' ATP L . 0.50 20.85 -33.62
O4' ATP L . 1.17 20.25 -34.71
C3' ATP L . -0.62 21.68 -34.19
O3' ATP L . -0.22 23.05 -34.21
C2' ATP L . -0.76 21.23 -35.62
O2' ATP L . -1.06 22.36 -36.44
C1' ATP L . 0.60 20.66 -35.93
N9 ATP L . 0.53 19.46 -36.76
C8 ATP L . 0.63 18.21 -36.31
N7 ATP L . 0.55 17.33 -37.33
C5 ATP L . 0.39 18.04 -38.44
C6 ATP L . 0.23 17.71 -39.85
N6 ATP L . 0.22 16.45 -40.27
N1 ATP L . 0.08 18.74 -40.71
C2 ATP L . 0.09 20.01 -40.29
N3 ATP L . 0.23 20.37 -39.01
C4 ATP L . 0.37 19.43 -38.06
PG ATP M . 41.24 9.92 -2.82
O1G ATP M . 41.27 10.29 -1.37
O2G ATP M . 42.01 8.68 -3.19
O3G ATP M . 39.88 10.04 -3.47
PB ATP M . 41.22 12.36 -3.81
O1B ATP M . 40.68 12.22 -5.19
O2B ATP M . 40.28 12.51 -2.65
O3B ATP M . 42.09 11.07 -3.52
PA ATP M . 41.52 15.00 -3.95
O1A ATP M . 41.32 15.23 -5.41
O2A ATP M . 40.33 15.08 -3.05
O3A ATP M . 42.23 13.58 -3.81
O5' ATP M . 42.59 16.04 -3.40
C5' ATP M . 42.88 16.04 -2.02
C4' ATP M . 43.47 17.39 -1.71
O4' ATP M . 44.78 17.46 -2.26
C3' ATP M . 42.63 18.43 -2.39
O3' ATP M . 42.19 19.36 -1.41
C2' ATP M . 43.54 19.15 -3.32
O2' ATP M . 43.49 20.53 -3.02
C1' ATP M . 44.93 18.63 -3.03
N9 ATP M . 45.58 18.28 -4.30
C8 ATP M . 46.02 17.07 -4.65
N7 ATP M . 46.56 17.08 -5.89
C5 ATP M . 46.45 18.33 -6.34
C6 ATP M . 46.81 19.04 -7.56
N6 ATP M . 47.40 18.39 -8.57
N1 ATP M . 46.52 20.34 -7.62
C2 ATP M . 45.92 20.98 -6.62
N3 ATP M . 45.57 20.41 -5.48
C4 ATP M . 45.81 19.11 -5.29
PG ATP N . -22.48 -6.11 -27.07
O1G ATP N . -23.90 -6.10 -26.62
O2G ATP N . -21.49 -5.95 -25.98
O3G ATP N . -22.21 -5.20 -28.23
PB ATP N . -23.24 -8.21 -28.73
O1B ATP N . -23.03 -9.69 -28.98
O2B ATP N . -24.60 -7.63 -28.54
O3B ATP N . -22.25 -7.59 -27.64
PA ATP N . -23.75 -7.32 -31.20
O1A ATP N . -24.09 -5.86 -31.30
O2A ATP N . -24.84 -8.34 -31.05
O3A ATP N . -22.68 -7.51 -30.04
O5' ATP N . -22.85 -7.75 -32.43
C5' ATP N . -22.61 -6.80 -33.44
C4' ATP N . -22.60 -7.54 -34.74
O4' ATP N . -22.34 -8.91 -34.44
C3' ATP N . -23.99 -7.46 -35.32
O3' ATP N . -23.91 -6.93 -36.64
C2' ATP N . -24.46 -8.89 -35.38
O2' ATP N . -25.12 -9.17 -36.62
C1' ATP N . -23.18 -9.67 -35.29
N9 ATP N . -23.50 -11.00 -34.76
C8 ATP N . -23.14 -11.53 -33.59
N7 ATP N . -23.63 -12.79 -33.46
C5 ATP N . -24.30 -13.05 -34.57
C6 ATP N . -25.07 -14.18 -35.08
N6 ATP N . -25.19 -15.30 -34.35
N1 ATP N . -25.63 -14.07 -36.29
C2 ATP N . -25.51 -12.95 -37.02
N3 ATP N . -24.82 -11.88 -36.61
C4 ATP N . -24.22 -11.87 -35.41
PG ATP O . 28.12 -6.32 -25.65
O1G ATP O . 29.50 -6.74 -25.23
O2G ATP O . 27.32 -7.40 -26.31
O3G ATP O . 27.36 -5.47 -24.68
PB ATP O . 29.04 -5.87 -28.20
O1B ATP O . 29.14 -7.36 -28.08
O2B ATP O . 30.25 -5.05 -28.52
O3B ATP O . 28.36 -5.33 -26.86
PA ATP O . 27.84 -3.89 -29.54
O1A ATP O . 28.19 -3.21 -28.26
O2A ATP O . 26.50 -3.57 -30.12
O3A ATP O . 27.97 -5.46 -29.29
O5' ATP O . 29.01 -3.48 -30.53
C5' ATP O . 29.75 -2.35 -30.08
C4' ATP O . 30.20 -1.49 -31.25
O4' ATP O . 31.25 -2.16 -31.91
C3' ATP O . 29.06 -1.30 -32.22
O3' ATP O . 28.85 0.09 -32.45
C2' ATP O . 29.52 -1.97 -33.50
O2' ATP O . 29.36 -1.07 -34.60
C1' ATP O . 30.97 -2.29 -33.29
N9 ATP O . 31.18 -3.72 -33.57
C8 ATP O . 31.67 -4.59 -32.70
N7 ATP O . 31.74 -5.81 -33.26
C5 ATP O . 31.30 -5.70 -34.50
C6 ATP O . 31.12 -6.62 -35.62
N6 ATP O . 31.44 -7.91 -35.49
N1 ATP O . 30.62 -6.11 -36.75
C2 ATP O . 30.31 -4.82 -36.87
N3 ATP O . 30.46 -3.93 -35.89
C4 ATP O . 30.93 -4.32 -34.71
PG ATP P . 8.62 -27.80 -18.96
O1G ATP P . 9.55 -28.71 -18.22
O2G ATP P . 9.23 -26.57 -19.64
O3G ATP P . 7.32 -27.62 -18.21
PB ATP P . 6.99 -29.71 -19.99
O1B ATP P . 5.75 -28.92 -19.80
O2B ATP P . 7.38 -30.75 -19.00
O3B ATP P . 8.20 -28.72 -20.17
PA ATP P . 5.65 -30.08 -22.26
O1A ATP P . 5.46 -28.60 -22.35
O2A ATP P . 4.55 -30.92 -21.70
O3A ATP P . 6.95 -30.37 -21.42
O5' ATP P . 6.06 -30.51 -23.74
C5' ATP P . 5.54 -29.71 -24.79
C4' ATP P . 6.20 -30.17 -26.07
O4' ATP P . 6.87 -31.39 -25.78
C3' ATP P . 5.19 -30.47 -27.13
O3' ATP P . 5.80 -30.19 -28.39
C2' ATP P . 5.00 -31.95 -27.05
O2' ATP P . 4.71 -32.49 -28.34
C1' ATP P . 6.36 -32.40 -26.62
N9 ATP P . 6.26 -33.64 -25.82
C8 ATP P . 6.82 -33.82 -24.63
N7 ATP P . 6.56 -35.07 -24.17
C5 ATP P . 5.81 -35.68 -25.09
C6 ATP P . 5.21 -37.00 -25.23
N6 ATP P . 5.35 -37.91 -24.25
N1 ATP P . 4.50 -37.25 -26.34
C2 ATP P . 4.35 -36.33 -27.30
N3 ATP P . 4.88 -35.11 -27.25
C4 ATP P . 5.61 -34.74 -26.19
PG ATP Q . -36.04 -10.77 -2.06
O1G ATP Q . -35.66 -10.72 -0.61
O2G ATP Q . -35.00 -11.30 -2.98
O3G ATP Q . -36.80 -9.57 -2.56
PB ATP Q . -38.14 -11.79 -0.85
O1B ATP Q . -37.57 -12.62 0.26
O2B ATP Q . -38.48 -10.35 -0.69
O3B ATP Q . -37.13 -11.91 -2.06
PA ATP Q . -39.05 -13.88 -2.21
O1A ATP Q . -37.86 -14.54 -1.60
O2A ATP Q . -39.08 -13.54 -3.67
O3A ATP Q . -39.40 -12.56 -1.42
O5' ATP Q . -40.33 -14.77 -1.94
C5' ATP Q . -40.87 -15.34 -3.11
C4' ATP Q . -40.21 -16.68 -3.23
O4' ATP Q . -39.96 -17.23 -1.95
C3' ATP Q . -41.14 -17.60 -3.95
O3' ATP Q . -40.59 -17.87 -5.23
C2' ATP Q . -41.16 -18.85 -3.12
O2' ATP Q . -40.67 -19.92 -3.92
C1' ATP Q . -40.19 -18.65 -1.99
N9 ATP Q . -40.71 -19.15 -0.69
C8 ATP Q . -40.19 -18.82 0.51
N7 ATP Q . -40.83 -19.44 1.52
C5 ATP Q . -41.78 -20.19 0.99
C6 ATP Q . -42.81 -21.09 1.51
N6 ATP Q . -42.93 -21.30 2.83
N1 ATP Q . -43.61 -21.70 0.63
C2 ATP Q . -43.50 -21.50 -0.68
N3 ATP Q . -42.59 -20.70 -1.22
C4 ATP Q . -41.70 -20.02 -0.46
PB ADP R . -28.87 1.05 24.61
O1B ADP R . -28.09 1.56 25.77
O2B ADP R . -29.68 2.09 23.86
O3B ADP R . -28.13 0.10 23.70
PA ADP R . -31.12 0.87 26.16
O1A ADP R . -30.47 1.75 27.19
O2A ADP R . -32.09 1.48 25.18
O3A ADP R . -29.98 0.14 25.32
O5' ADP R . -31.86 -0.35 26.88
C5' ADP R . -33.27 -0.29 26.94
C4' ADP R . -33.84 -1.24 27.98
O4' ADP R . -32.84 -1.76 28.84
C3' ADP R . -34.81 -0.46 28.84
O3' ADP R . -36.11 -1.05 28.74
C2' ADP R . -34.26 -0.56 30.25
O2' ADP R . -35.28 -0.74 31.22
C1' ADP R . -33.35 -1.77 30.17
N9 ADP R . -32.28 -1.65 31.18
C8 ADP R . -30.96 -1.67 30.93
N7 ADP R . -30.24 -1.56 32.06
C5 ADP R . -31.10 -1.48 33.08
C6 ADP R . -31.01 -1.35 34.55
N6 ADP R . -29.81 -1.29 35.15
N1 ADP R . -32.16 -1.30 35.25
C2 ADP R . -33.35 -1.37 34.66
N3 ADP R . -33.51 -1.49 33.33
C4 ADP R . -32.44 -1.55 32.49
#